data_7R5S
#
_entry.id   7R5S
#
_cell.length_a   1.00
_cell.length_b   1.00
_cell.length_c   1.00
_cell.angle_alpha   90.00
_cell.angle_beta   90.00
_cell.angle_gamma   90.00
#
_symmetry.space_group_name_H-M   'P 1'
#
loop_
_entity.id
_entity.type
_entity.pdbx_description
1 polymer 'Centromere protein H'
2 polymer 'Centromere protein I'
3 polymer 'DNA (66-MER)'
4 polymer 'Centromere protein K'
5 polymer 'Centromere protein L'
6 polymer 'Centromere protein M'
7 polymer 'Centromere protein N'
8 polymer 'Centromere protein O'
9 polymer 'Centromere protein P'
10 polymer 'Centromere protein Q'
11 polymer 'Centromere protein U'
12 polymer 'Centromere protein R'
13 polymer 'Centromere protein T'
14 polymer 'Centromere protein W'
15 polymer 'Centromere protein S'
16 polymer 'Centromere protein X'
17 polymer 'DNA (66-MER)'
18 water water
#
loop_
_entity_poly.entity_id
_entity_poly.type
_entity_poly.pdbx_seq_one_letter_code
_entity_poly.pdbx_strand_id
1 'polypeptide(L)'
;MEEQPQMQDADEPADSGGEGRAGGPPQVAGAQAACSEDRMTLLLRLRAQTKQQLLEYKSMVDASEEKTPEQIMQEKQIEA
KIEDLENEIEEVKVAFEIKKLALDRMRLSTALKKNLEKISRQSSVLMDNMKHLLELNKLIMKSQQESWDLEEKLLDIRKK
RLQLKQASESKLLEIQTEKNKQKIDLDSMENSERIKIIRQNLQMEIKITTVIQHVFQNLILGSKVNWAEDPALKEIVLQL
EKNVDMM
;
H
2 'polypeptide(L)'
;MSPQKRVKNVQAQNRTSQGSSSFQTTLSAWKVKQDPSNSKNISKHGQNNPVGDYEHADDQAEEDALQMAVGYFEKGPIKA
SQNKDKTLEKHLKTVENVAWKNGLASEEIDILLNIALSGKFGNAVNTRILKCMIPATVISEDSVVKAVSWLCVGKCSGST
KVLFYRWLVAMFDFIDRKEQINLLYGFFFASLQDDALCPYVCHLLYLLTKKENVKPFRVRKLLDLQAKMGMQPHLQALLS
LYKFFAPALISVSLPVRKKIYFKNSENLWKTALLAVKQRNRGPSPEPLKLMLGPANVRPLKRKWNSLSVIPVLNSSSYTK
ECGKKEMSLSDCLNRSGSFPLEQLQSFPQLLQNIHCLELPSQMGSVLNNSLLLHYINCVRDEPVLLRFYYWLSQTLQEEC
IWYKVNNYEHGKEFTNFLDTIIRAECFLQEGFYSCEAFLYKSLPLWDGLCCRSQFLQLVSWIPFSSFSEVKPLLFDHLAQ
LFFTSTIYFKCSVLQSLKELLQNWLLWLSMDIHMKPVTNSPLETTLGGSMNSVSKLIHYVGWLSTTAMRLESNNTFLLHF
ILDFYEKVCDIYINYNLPLVVLFPPGIFYSALLSLDTSILNQLCFIMHRYRKNLTAAKKNELVQKTKSEFNFSSKTYQEF
NHYLTSMVGCLWTSKPFGKGIYIDPEILEKTGVAEYKNSLNVVHHPSFLSYAVSFLLQESPEERTVNVSSIRGKKWSWYL
DYLFSQGLQGLKLFIRSSVHHSSIPRAEGINCNNQY
;
I
3 'polydeoxyribonucleotide'
;(DA)(DA)(DT)(DC)(DT)(DG)(DC)(DA)(DA)(DG)(DT)(DG)(DG)(DA)(DT)(DA)(DT)(DT)(DT)(DG)
(DG)(DA)(DC)(DC)(DG)(DC)(DT)(DT)(DT)(DG)(DA)(DG)(DG)(DC)(DC)(DT)(DT)(DC)(DG)(DT)
(DT)(DG)(DG)(DA)(DA)(DA)(DC)(DG)(DG)(DG)(DA)(DA)(DT)
;
J
4 'polypeptide(L)'
;MNQEDLDPDSTTDVGDVTNTEEELIRECEEMWKDMEECQNKLSLIGTETLTDSNAQLSLLIMQVKCLTAELSQWQKKTPE
TIPLTEDVLITLGKEEFQKLRQDLEMVLSTKESKNEKLKEDLEREQRWLDEQQQIMESLNVLHSELKNKVETFSESRIFN
ELKTKMLNIKEYKEKLLSTLGEFLEDHFPLPDRSVKKKKKNIQESSVNLITLHEMLEILINRLFDVPHDPYVKISDSFWP
PYVELLLRNGIALRHPEDPTRIRLEAFHQ
;
K
5 'polypeptide(L)'
;MDSYSAPESTPSASSRPEDYFIGATPLQKRLESVRKQSSFILTPPRRKIPQCSQLQEDVDPQKVAFLLHKQWTLYSLTPL
YKFSYSNLKEYSRLLNAFIVAEKQKGLAVEVGEDFNIKVIFSTLLGMKGTQRDPEAFLVQIVSKSQLPSENREGKVLWTG
WFCCVFGDSLLETVSEDFTCLPLFLANGAESNTAIIGTWFQKTFDCYFSPLAINAFNLSWMAAMWTACKMDHYVATTEFL
WSVPCSPQSLDISFAIHPEDAKALWDSVHKTPGEVTQEEVDLFMDCLYSHFHRHFKIHLSATRLVRVSTSVASAHTDGKI
KILCHKYLIGVLAYLTELAIFQIE
;
L
6 'polypeptide(L)'
;MSVLRPLDKLPGLNTATILLVGTEDALLQQLADSMLKEDCASELKVHLAKSLPLPSSVNRPRIDLIVFVVNLHSKYSLQN
TEESLRHVDASFFLGKVCFLATGAGRESHCSIHRHTVVKLAHTYQSPLLYCDLEVEGFRATMAQRLVRVLQICAGHVPGV
SALNLLSLLRSSEGPSLEDL
;
M
7 'polypeptide(L)'
;MDETVAEFIKRTILKIPMNELTTILKAWDFLSENQLQTVNFRQRKESVVQHLIHLCEEKRASISDAALLDIIYMQFHQHQ
KVWEVFQMSKGPGEDVDLFDMKQFKNSFKKILQRALKNVTVSFRETEENAVWIRIAWGTQYTKPNQYKPTYVVYYSQTPY
AFTSSSMLRRNTPLLGQALTIASKHHQIVKMDLRSRYLDSLKAIVFKQYNQTFETHNSTTPLQERSLGLDINMDSRIIHE
NIVEKERVQRITQETFGDYPQPQLEFAQYKLETKFKSGLNGSILAEREEPLRCLIKFSSPHLLEALKSLAPAGIADAPLS
PLLTCIPNKRMNYFKIRDK
;
N
8 'polypeptide(L)'
;MEQANPLRPDGESKGGVLAHLERLETQVSRSRKQSEELQSVQAQEGALGTKIHKLRRLRDELRAVVRHRRASVKACIANV
EPNQTVEINEQEALEEKLENVKAILQAYHFTGLSGKLTSRGVCVCISTAFEGNLLDSYFVDLVIQKPLRIHHHSVPVFIP
LEEIAAKYLQTNIQHFLFSLCEYLNAYSGRKYQADRLQSDFAALLTGPLQRNPLCNLLSFTYKLDPGGQSFPFCARLLYK
DLTATLPTDVTVTCQGVEVLSTSWEEQRASHETLFCTKPLHQVFASFTRKGEKLDMSLVS
;
O
9 'polypeptide(L)'
;MDAELAEVRALQAEIAALRRACEDPPAPWEEKSRVQKSFQAIHQFNLEGWKSSKDLKNQLGHLESELSFLSTLTGINIRN
HSKQTEDLTSTEMTEKSIRKVLQRHRLSGNCHMVTFQLEFQILEIQNKERLSSAVTDLNIIMEPTECSELSEFVSRAEER
KDLFMFFRSLHFFVEWFEYRKRTFKHLKEKYPDAVYLSEGPSSCSMGIRSASRPGFELVIVWRIQIDEDGKVFPKLDLLT
KVPQRALELDKNRAIETAPLSFRTLVGLLGIEAALESLIKSLCAEENN
;
P
10 'polypeptide(L)'
;MSGKANASKKNAQQLKRNPKRKKDNEEVVLSENKVRNTVKKNKNHLKDLSSEGQTKHTNLKHGKTAASKRKTWQPLSKST
RDHLQTMMESVIMTILSNSIKEKEEIQYHLNFLKKRLLQQCETLKVPPKKMEDLTNVSSLLNMERARDKANEEGLALLQE
EIDKMVETTELMTGNIQSLKNKIQILASEVEEEEERVKQMHQINSSGVLSLPELSQKTLKAPTLQKEILALIPNQNALLK
DLDILHNSSQMKSMSTFIEEAYKKLDAS
;
Q
11 'polypeptide(L)'
;MAPRGRRRPRPHRSEGARRSKNTLERTHSMKDKAGQKCKPIDVFDFPDNSDVSSIGRLGENEKDEETYETFDPPLHSTAI
YADEEEFSKHCGLSLSSTPPGKEAKRSSDTSGNEASEIESVKISAKKPGRKLRPISDDSESIEESDTRRKVKSAEKISTQ
RHEVIRTTASSELSEKPAESVTSKKTGPLSAQPSVEKENLAIESQSKTQKKGKISHDKRKKSRSKAIGSDTSDIVHIWCP
EGMKTSDIKELNIVLPEFEKTHLEHQQRIESKVCKAAIATFYVNVKEQFIKMLKESQMLTNLKRKNAKMISDIEKKRQRM
IEVQDELLRLEPQLKQLQTKYDELKERKSSLRNAAYFLSNLKQLYQDYSDVQAQEPNVKETYDSSSLPALLFKARTLLGA
ESHLRNINHQLEKLLDQG
;
U
12 'polypeptide(L)'
;MPVKRSLKLDGLLEENSFDPSKITRKKSVITYSPTTGTCQMSLFASPTSSEEQKHRNGLSNEKRKKLNHPSLTESKESTT
KDNDEFMMLLSKVEKLSEEIMEIMQNLSSIQALEGSRELENLIGISCASHFLKREMQKTKELMTKVNKQKLFEKSTGLPH
KASRHLDSYEFLKAILN
;
R
13 'polypeptide(L)'
;MADHNPDSDSTPRTLLRRVLDTADPRTPRRPRSARAGARRALLETASPRKLSGQTRTIARGRSHGARSVGRSAHIQASGH
LEEQTPRTLLKNILLTAPESSILMPESVVKPVPAPQAVQPSRQESSCGSLELQLPELEPPTTLAPGLLAPGRRKQRLRLS
VFQQGVDQGLSLSQEPQGNADASSLTRSLNLTFATPLQPQSVQRPGLARRPPARRAVDVGAFLRDLRDTSLAPPNIVLED
TQPFSQPMVGSPNVYHSLPCTPHTGAEDAEQAAGRKTQSSGPGLQKNSPGKPAQFLAGEAEEVNAFALGFLSTSSGVSGE
DEVEPLHDGVEEAEKKMEEEGVSVSEMEATGAQGPSRVEEAEGHTEVTEAEGSQGTAEADGPGASSGDEDASGRAASPES
ASSTPESLQARRHHQFLEPAPAPGAAVLSSEPAEPLLVRHPPRPRTTGPRPRQDPHKAGLSHYVKLFSFYAKMPMERKAL
EMVEKCLDKYFQHLCDDLEVFAAHAGRKTVKPEDLELLMRRQGLVTDQVSLHVLVERHLPLEYRQLLIPCAYSGNSVFPA
Q
;
T
14 'polypeptide(L)'
;MALSTIVSQRKQIKRKAPRGFLKRVFKRKKPQLRLEKSGDLLVHLNCLLFVHRLAEESRTNACASKCRVINKEHVLAAAK
VILKKSRG
;
W
15 'polypeptide(L)'
;MEEEAETEEQQRFSYQQRLKAAVHYTVGCLCEEVALDKEMQFSKQTIAAISELTFRQCENFAKDLEMFARHAKRTTINTE
DVKLLARRSNSLLKYITDKSEEIAQINLERKAQKKKKSEDGSKNSRQPAEAGVVESEN
;
S
16 'polypeptide(L)'
;MEGAGAGSGFRKELVSRLLHLHFKDDKTKVSGDALQLMVELLKVFVVEAAVRGVRQAQAEDALRVDVDQLEKVLPQLLLD
F
;
X
17 'polydeoxyribonucleotide'
;(DA)(DT)(DT)(DC)(DC)(DC)(DG)(DT)(DT)(DT)(DC)(DC)(DA)(DA)(DC)(DG)(DA)(DA)(DG)(DG)
(DC)(DC)(DT)(DC)(DA)(DA)(DA)(DG)(DC)(DG)(DG)(DT)(DC)(DC)(DA)(DA)(DA)(DT)(DA)(DT)
(DC)(DC)(DA)(DC)(DT)(DT)(DG)(DC)(DA)(DG)(DA)(DT)(DT)
;
i
#
# COMPACT_ATOMS: atom_id res chain seq x y z
N CYS A 35 -1.14 -69.64 8.19
CA CYS A 35 0.07 -69.43 7.41
C CYS A 35 -0.18 -69.69 5.93
N SER A 36 -0.87 -70.80 5.64
CA SER A 36 -1.17 -71.16 4.27
C SER A 36 -2.22 -70.24 3.64
N GLU A 37 -3.04 -69.58 4.47
CA GLU A 37 -4.06 -68.67 3.93
C GLU A 37 -3.42 -67.49 3.23
N ASP A 38 -2.29 -66.99 3.74
CA ASP A 38 -1.59 -65.89 3.08
C ASP A 38 -1.16 -66.28 1.68
N ARG A 39 -0.49 -67.43 1.55
CA ARG A 39 -0.08 -67.90 0.23
C ARG A 39 -1.27 -68.16 -0.67
N MET A 40 -2.36 -68.69 -0.12
CA MET A 40 -3.56 -68.94 -0.90
C MET A 40 -4.12 -67.65 -1.48
N THR A 41 -4.27 -66.63 -0.64
CA THR A 41 -4.79 -65.35 -1.10
C THR A 41 -3.85 -64.70 -2.11
N LEU A 42 -2.54 -64.79 -1.87
CA LEU A 42 -1.57 -64.22 -2.81
C LEU A 42 -1.66 -64.90 -4.17
N LEU A 43 -1.75 -66.23 -4.18
CA LEU A 43 -1.85 -66.95 -5.45
C LEU A 43 -3.16 -66.64 -6.16
N LEU A 44 -4.26 -66.53 -5.41
CA LEU A 44 -5.54 -66.19 -6.02
C LEU A 44 -5.48 -64.81 -6.68
N ARG A 45 -4.93 -63.82 -5.97
CA ARG A 45 -4.82 -62.48 -6.53
C ARG A 45 -3.89 -62.46 -7.74
N LEU A 46 -2.77 -63.19 -7.67
CA LEU A 46 -1.84 -63.25 -8.78
C LEU A 46 -2.49 -63.86 -10.01
N ARG A 47 -3.25 -64.94 -9.82
CA ARG A 47 -3.94 -65.58 -10.96
C ARG A 47 -5.00 -64.65 -11.53
N ALA A 48 -5.76 -63.98 -10.66
CA ALA A 48 -6.80 -63.08 -11.13
C ALA A 48 -6.22 -61.92 -11.94
N GLN A 49 -5.04 -61.42 -11.55
CA GLN A 49 -4.41 -60.36 -12.33
C GLN A 49 -3.78 -60.89 -13.60
N THR A 50 -3.18 -62.08 -13.55
CA THR A 50 -2.51 -62.64 -14.72
C THR A 50 -3.50 -62.97 -15.82
N LYS A 51 -4.69 -63.46 -15.45
CA LYS A 51 -5.71 -63.74 -16.46
C LYS A 51 -6.11 -62.47 -17.19
N GLN A 52 -6.37 -61.39 -16.45
CA GLN A 52 -6.77 -60.13 -17.06
C GLN A 52 -5.66 -59.54 -17.91
N GLN A 53 -4.40 -59.72 -17.52
CA GLN A 53 -3.31 -59.20 -18.33
C GLN A 53 -3.08 -60.03 -19.60
N LEU A 54 -3.18 -61.36 -19.49
CA LEU A 54 -3.03 -62.22 -20.65
C LEU A 54 -4.15 -62.02 -21.66
N LEU A 55 -5.37 -61.76 -21.19
CA LEU A 55 -6.47 -61.46 -22.11
C LEU A 55 -6.15 -60.22 -22.95
N GLU A 56 -5.66 -59.17 -22.31
CA GLU A 56 -5.32 -57.96 -23.04
C GLU A 56 -4.16 -58.20 -24.00
N TYR A 57 -3.15 -58.97 -23.57
CA TYR A 57 -2.04 -59.28 -24.46
C TYR A 57 -2.51 -60.02 -25.71
N LYS A 58 -3.34 -61.04 -25.52
CA LYS A 58 -3.84 -61.83 -26.64
C LYS A 58 -4.71 -60.98 -27.56
N SER A 59 -5.53 -60.09 -26.97
CA SER A 59 -6.37 -59.22 -27.79
C SER A 59 -5.52 -58.27 -28.62
N MET A 60 -4.46 -57.71 -28.03
CA MET A 60 -3.59 -56.82 -28.78
C MET A 60 -2.88 -57.55 -29.91
N VAL A 61 -2.40 -58.77 -29.64
CA VAL A 61 -1.72 -59.53 -30.69
C VAL A 61 -2.68 -59.91 -31.80
N ASP A 62 -3.93 -60.23 -31.45
CA ASP A 62 -4.91 -60.59 -32.47
C ASP A 62 -5.30 -59.38 -33.30
N ALA A 63 -5.40 -58.20 -32.67
CA ALA A 63 -5.74 -56.98 -33.40
C ALA A 63 -4.59 -56.44 -34.23
N SER A 64 -3.34 -56.79 -33.88
CA SER A 64 -2.20 -56.31 -34.65
C SER A 64 -2.19 -56.90 -36.05
N GLU A 65 -2.61 -58.16 -36.19
CA GLU A 65 -2.65 -58.82 -37.50
C GLU A 65 -3.77 -58.27 -38.36
N GLU A 75 -17.58 -40.91 -41.10
CA GLU A 75 -17.25 -40.96 -39.68
C GLU A 75 -18.46 -41.34 -38.85
N LYS A 76 -19.65 -40.98 -39.33
CA LYS A 76 -20.88 -41.31 -38.61
C LYS A 76 -21.26 -42.77 -38.75
N GLN A 77 -20.75 -43.46 -39.77
CA GLN A 77 -21.06 -44.87 -39.97
C GLN A 77 -20.15 -45.81 -39.20
N ILE A 78 -19.27 -45.27 -38.35
CA ILE A 78 -18.31 -46.08 -37.60
C ILE A 78 -18.77 -46.20 -36.16
N GLU A 79 -19.39 -45.14 -35.64
CA GLU A 79 -19.84 -45.15 -34.25
C GLU A 79 -20.93 -46.19 -34.02
N ALA A 80 -21.76 -46.45 -35.03
CA ALA A 80 -22.78 -47.49 -34.90
C ALA A 80 -22.15 -48.86 -34.73
N LYS A 81 -21.14 -49.17 -35.55
CA LYS A 81 -20.44 -50.44 -35.40
C LYS A 81 -19.74 -50.52 -34.06
N ILE A 82 -19.16 -49.42 -33.60
CA ILE A 82 -18.47 -49.41 -32.32
C ILE A 82 -19.43 -49.72 -31.18
N GLU A 83 -20.59 -49.06 -31.18
CA GLU A 83 -21.56 -49.29 -30.11
C GLU A 83 -22.17 -50.69 -30.20
N ASP A 84 -22.37 -51.22 -31.41
CA ASP A 84 -22.85 -52.59 -31.52
C ASP A 84 -21.84 -53.58 -30.95
N LEU A 85 -20.56 -53.38 -31.27
CA LEU A 85 -19.52 -54.27 -30.74
C LEU A 85 -19.46 -54.20 -29.21
N GLU A 86 -19.52 -53.00 -28.65
CA GLU A 86 -19.45 -52.88 -27.20
C GLU A 86 -20.70 -53.47 -26.53
N ASN A 87 -21.86 -53.34 -27.16
CA ASN A 87 -23.06 -53.97 -26.62
C ASN A 87 -22.94 -55.49 -26.62
N GLU A 88 -22.41 -56.06 -27.71
CA GLU A 88 -22.19 -57.50 -27.75
C GLU A 88 -21.21 -57.95 -26.66
N ILE A 89 -20.14 -57.18 -26.46
CA ILE A 89 -19.17 -57.51 -25.42
C ILE A 89 -19.82 -57.51 -24.05
N GLU A 90 -20.62 -56.47 -23.77
CA GLU A 90 -21.34 -56.41 -22.50
C GLU A 90 -22.27 -57.61 -22.34
N GLU A 91 -22.99 -57.97 -23.40
CA GLU A 91 -23.96 -59.05 -23.31
C GLU A 91 -23.29 -60.39 -23.03
N VAL A 92 -22.11 -60.63 -23.63
CA VAL A 92 -21.45 -61.91 -23.37
C VAL A 92 -20.78 -61.89 -21.99
N LYS A 93 -20.24 -60.74 -21.56
CA LYS A 93 -19.59 -60.66 -20.26
C LYS A 93 -20.59 -60.88 -19.13
N VAL A 94 -21.80 -60.33 -19.26
CA VAL A 94 -22.81 -60.53 -18.23
C VAL A 94 -23.15 -62.00 -18.07
N ALA A 95 -23.32 -62.70 -19.19
CA ALA A 95 -23.66 -64.12 -19.13
C ALA A 95 -22.52 -64.93 -18.51
N PHE A 96 -21.27 -64.63 -18.89
CA PHE A 96 -20.14 -65.33 -18.31
C PHE A 96 -20.09 -65.14 -16.79
N GLU A 97 -20.28 -63.89 -16.34
CA GLU A 97 -20.24 -63.61 -14.91
C GLU A 97 -21.37 -64.33 -14.18
N ILE A 98 -22.57 -64.34 -14.77
CA ILE A 98 -23.70 -65.01 -14.14
C ILE A 98 -23.42 -66.51 -13.99
N LYS A 99 -22.89 -67.13 -15.05
CA LYS A 99 -22.59 -68.56 -14.98
C LYS A 99 -21.55 -68.85 -13.90
N LYS A 100 -20.49 -68.04 -13.85
CA LYS A 100 -19.44 -68.25 -12.86
C LYS A 100 -20.00 -68.11 -11.44
N LEU A 101 -20.81 -67.07 -11.20
CA LEU A 101 -21.37 -66.86 -9.88
C LEU A 101 -22.29 -68.00 -9.47
N ALA A 102 -23.12 -68.49 -10.41
CA ALA A 102 -24.03 -69.59 -10.10
C ALA A 102 -23.25 -70.85 -9.76
N LEU A 103 -22.20 -71.16 -10.53
CA LEU A 103 -21.40 -72.34 -10.24
C LEU A 103 -20.74 -72.24 -8.87
N ASP A 104 -20.15 -71.07 -8.56
CA ASP A 104 -19.51 -70.91 -7.26
C ASP A 104 -20.52 -71.02 -6.12
N ARG A 105 -21.72 -70.46 -6.30
CA ARG A 105 -22.73 -70.54 -5.25
C ARG A 105 -23.19 -71.98 -5.03
N MET A 106 -23.37 -72.74 -6.11
CA MET A 106 -23.77 -74.15 -5.96
C MET A 106 -22.68 -74.95 -5.26
N ARG A 107 -21.42 -74.71 -5.61
CA ARG A 107 -20.32 -75.40 -4.95
C ARG A 107 -20.29 -75.08 -3.46
N LEU A 108 -20.40 -73.80 -3.11
CA LEU A 108 -20.41 -73.41 -1.70
C LEU A 108 -21.60 -74.04 -0.98
N SER A 109 -22.76 -74.08 -1.64
CA SER A 109 -23.96 -74.63 -0.99
C SER A 109 -23.79 -76.11 -0.68
N THR A 110 -23.29 -76.89 -1.65
CA THR A 110 -23.13 -78.31 -1.38
C THR A 110 -22.03 -78.58 -0.36
N ALA A 111 -20.94 -77.81 -0.42
CA ALA A 111 -19.86 -77.99 0.54
C ALA A 111 -20.29 -77.61 1.95
N LEU A 112 -21.21 -76.63 2.08
CA LEU A 112 -21.71 -76.25 3.38
C LEU A 112 -22.76 -77.22 3.90
N LYS A 113 -23.58 -77.79 3.01
CA LYS A 113 -24.56 -78.78 3.42
C LYS A 113 -23.89 -80.08 3.86
N LYS A 114 -22.75 -80.43 3.25
CA LYS A 114 -22.09 -81.69 3.59
C LYS A 114 -21.60 -81.75 5.02
N ASN A 115 -21.38 -80.60 5.67
CA ASN A 115 -20.78 -80.54 7.01
C ASN A 115 -21.66 -79.72 7.95
N LEU A 116 -22.96 -80.01 7.97
CA LEU A 116 -23.88 -79.20 8.76
C LEU A 116 -23.69 -79.42 10.26
N GLU A 117 -23.56 -80.68 10.69
CA GLU A 117 -23.53 -80.98 12.12
C GLU A 117 -22.29 -80.41 12.81
N LYS A 118 -21.17 -80.34 12.08
CA LYS A 118 -19.96 -79.75 12.67
C LYS A 118 -20.14 -78.28 12.96
N ILE A 119 -20.95 -77.57 12.16
CA ILE A 119 -21.25 -76.17 12.41
C ILE A 119 -22.42 -76.02 13.38
N SER A 120 -22.85 -77.09 14.04
CA SER A 120 -23.82 -77.00 15.12
C SER A 120 -23.30 -77.49 16.45
N ARG A 121 -22.37 -78.45 16.46
CA ARG A 121 -21.89 -79.00 17.73
C ARG A 121 -20.95 -78.05 18.46
N GLN A 122 -19.80 -77.73 17.86
CA GLN A 122 -18.80 -76.84 18.44
C GLN A 122 -18.54 -75.63 17.53
N SER A 123 -19.62 -75.08 16.96
CA SER A 123 -19.58 -74.45 15.64
C SER A 123 -18.41 -73.51 15.38
N SER A 124 -18.47 -72.30 15.95
CA SER A 124 -17.51 -71.24 15.65
C SER A 124 -17.92 -69.94 16.33
N VAL A 125 -17.12 -68.89 16.16
CA VAL A 125 -17.65 -67.54 16.28
C VAL A 125 -18.63 -67.23 15.15
N LEU A 126 -18.66 -68.06 14.11
CA LEU A 126 -19.67 -67.97 13.07
C LEU A 126 -21.08 -67.99 13.65
N MET A 127 -21.27 -68.69 14.77
CA MET A 127 -22.59 -68.66 15.42
C MET A 127 -22.93 -67.27 15.93
N ASP A 128 -21.94 -66.56 16.49
CA ASP A 128 -22.16 -65.18 16.90
C ASP A 128 -22.46 -64.30 15.68
N ASN A 129 -21.72 -64.51 14.58
CA ASN A 129 -22.01 -63.76 13.36
C ASN A 129 -23.43 -64.02 12.89
N MET A 130 -23.88 -65.27 12.95
CA MET A 130 -25.22 -65.62 12.49
C MET A 130 -26.29 -64.99 13.39
N LYS A 131 -26.07 -65.00 14.70
CA LYS A 131 -27.05 -64.39 15.59
C LYS A 131 -27.11 -62.88 15.39
N HIS A 132 -25.96 -62.25 15.09
CA HIS A 132 -25.97 -60.81 14.81
C HIS A 132 -26.71 -60.51 13.51
N LEU A 133 -26.48 -61.32 12.47
CA LEU A 133 -27.21 -61.14 11.22
C LEU A 133 -28.70 -61.33 11.42
N LEU A 134 -29.08 -62.34 12.22
CA LEU A 134 -30.49 -62.60 12.49
C LEU A 134 -31.12 -61.44 13.26
N GLU A 135 -30.35 -60.81 14.15
CA GLU A 135 -30.87 -59.64 14.86
C GLU A 135 -31.02 -58.44 13.94
N LEU A 136 -30.12 -58.29 12.97
CA LEU A 136 -30.15 -57.12 12.10
C LEU A 136 -31.24 -57.20 11.05
N ASN A 137 -31.48 -58.40 10.51
CA ASN A 137 -32.40 -58.54 9.37
C ASN A 137 -33.82 -58.12 9.75
N LYS A 138 -34.28 -58.49 10.94
CA LYS A 138 -35.64 -58.18 11.35
C LYS A 138 -35.85 -56.66 11.46
N LEU A 139 -34.89 -55.97 12.08
CA LEU A 139 -35.00 -54.52 12.18
C LEU A 139 -34.97 -53.88 10.80
N ILE A 140 -34.13 -54.39 9.90
CA ILE A 140 -34.06 -53.84 8.54
C ILE A 140 -35.42 -53.98 7.85
N MET A 141 -36.03 -55.15 7.96
CA MET A 141 -37.32 -55.38 7.30
C MET A 141 -38.42 -54.51 7.91
N LYS A 142 -38.41 -54.34 9.23
CA LYS A 142 -39.40 -53.46 9.87
C LYS A 142 -39.25 -52.02 9.39
N SER A 143 -38.01 -51.54 9.31
CA SER A 143 -37.79 -50.19 8.78
C SER A 143 -38.26 -50.07 7.34
N GLN A 144 -38.04 -51.13 6.54
CA GLN A 144 -38.52 -51.12 5.16
C GLN A 144 -40.03 -50.98 5.09
N GLN A 145 -40.76 -51.73 5.92
CA GLN A 145 -42.22 -51.63 5.92
C GLN A 145 -42.68 -50.24 6.34
N GLU A 146 -42.05 -49.67 7.39
CA GLU A 146 -42.41 -48.33 7.82
C GLU A 146 -42.18 -47.31 6.70
N SER A 147 -41.06 -47.43 5.99
CA SER A 147 -40.79 -46.52 4.88
C SER A 147 -41.82 -46.67 3.77
N TRP A 148 -42.23 -47.92 3.49
CA TRP A 148 -43.28 -48.15 2.52
C TRP A 148 -44.54 -47.36 2.88
N ASP A 149 -45.00 -47.50 4.12
CA ASP A 149 -46.22 -46.81 4.54
C ASP A 149 -46.07 -45.30 4.43
N LEU A 150 -44.93 -44.76 4.90
CA LEU A 150 -44.73 -43.31 4.88
C LEU A 150 -44.75 -42.77 3.46
N GLU A 151 -44.07 -43.44 2.54
CA GLU A 151 -44.07 -43.00 1.14
C GLU A 151 -45.46 -43.10 0.54
N GLU A 152 -46.20 -44.16 0.90
CA GLU A 152 -47.56 -44.31 0.39
C GLU A 152 -48.44 -43.13 0.79
N LYS A 153 -48.26 -42.61 2.01
CA LYS A 153 -49.03 -41.44 2.43
C LYS A 153 -48.55 -40.18 1.72
N LEU A 154 -47.22 -39.99 1.65
CA LEU A 154 -46.65 -38.78 1.09
C LEU A 154 -47.07 -38.60 -0.37
N LEU A 155 -47.18 -39.70 -1.11
CA LEU A 155 -47.55 -39.60 -2.52
C LEU A 155 -48.90 -38.91 -2.70
N ASP A 156 -49.93 -39.40 -2.00
CA ASP A 156 -51.26 -38.81 -2.12
C ASP A 156 -51.28 -37.38 -1.60
N ILE A 157 -50.55 -37.10 -0.51
CA ILE A 157 -50.52 -35.73 0.00
C ILE A 157 -49.98 -34.77 -1.06
N ARG A 158 -48.86 -35.13 -1.68
CA ARG A 158 -48.25 -34.28 -2.69
C ARG A 158 -49.14 -34.15 -3.93
N LYS A 159 -49.85 -35.22 -4.30
CA LYS A 159 -50.75 -35.16 -5.44
C LYS A 159 -51.87 -34.16 -5.19
N LYS A 160 -52.48 -34.21 -4.01
CA LYS A 160 -53.54 -33.26 -3.68
C LYS A 160 -53.02 -31.84 -3.67
N ARG A 161 -51.82 -31.63 -3.11
CA ARG A 161 -51.23 -30.29 -3.12
C ARG A 161 -51.05 -29.77 -4.55
N LEU A 162 -50.55 -30.62 -5.44
CA LEU A 162 -50.33 -30.19 -6.82
C LEU A 162 -51.65 -29.84 -7.51
N GLN A 163 -52.70 -30.64 -7.27
CA GLN A 163 -54.00 -30.32 -7.86
C GLN A 163 -54.51 -28.97 -7.37
N LEU A 164 -54.39 -28.72 -6.06
CA LEU A 164 -54.85 -27.45 -5.51
C LEU A 164 -54.08 -26.28 -6.11
N LYS A 165 -52.76 -26.42 -6.26
CA LYS A 165 -51.96 -25.37 -6.88
C LYS A 165 -52.41 -25.10 -8.32
N GLN A 166 -52.61 -26.18 -9.09
CA GLN A 166 -53.03 -26.04 -10.48
C GLN A 166 -54.35 -25.30 -10.60
N ALA A 167 -55.29 -25.57 -9.68
CA ALA A 167 -56.57 -24.87 -9.74
C ALA A 167 -56.43 -23.41 -9.35
N SER A 168 -55.74 -23.15 -8.22
CA SER A 168 -55.61 -21.77 -7.73
C SER A 168 -54.89 -20.88 -8.73
N GLU A 169 -53.96 -21.44 -9.51
CA GLU A 169 -53.26 -20.64 -10.51
C GLU A 169 -54.24 -19.97 -11.47
N SER A 170 -55.05 -20.79 -12.15
CA SER A 170 -56.01 -20.24 -13.12
C SER A 170 -57.05 -19.37 -12.44
N LYS A 171 -57.48 -19.74 -11.22
CA LYS A 171 -58.47 -18.92 -10.53
C LYS A 171 -57.94 -17.50 -10.30
N LEU A 172 -56.76 -17.39 -9.70
CA LEU A 172 -56.19 -16.07 -9.43
C LEU A 172 -55.87 -15.33 -10.72
N LEU A 173 -55.44 -16.05 -11.76
CA LEU A 173 -55.16 -15.39 -13.04
C LEU A 173 -56.41 -14.71 -13.60
N GLU A 174 -57.53 -15.45 -13.64
CA GLU A 174 -58.75 -14.86 -14.19
C GLU A 174 -59.26 -13.72 -13.30
N ILE A 175 -59.13 -13.86 -11.98
CA ILE A 175 -59.54 -12.77 -11.09
C ILE A 175 -58.73 -11.51 -11.38
N GLN A 176 -57.41 -11.65 -11.49
CA GLN A 176 -56.55 -10.49 -11.72
C GLN A 176 -56.85 -9.85 -13.07
N THR A 177 -57.03 -10.66 -14.12
CA THR A 177 -57.28 -10.08 -15.43
C THR A 177 -58.64 -9.37 -15.47
N GLU A 178 -59.64 -9.91 -14.77
CA GLU A 178 -60.93 -9.24 -14.71
C GLU A 178 -60.82 -7.91 -13.97
N LYS A 179 -60.09 -7.90 -12.86
CA LYS A 179 -59.92 -6.65 -12.11
C LYS A 179 -59.21 -5.60 -12.95
N ASN A 180 -58.15 -6.00 -13.66
CA ASN A 180 -57.42 -5.04 -14.49
C ASN A 180 -58.28 -4.52 -15.63
N LYS A 181 -59.05 -5.40 -16.27
CA LYS A 181 -59.94 -4.96 -17.34
C LYS A 181 -60.99 -4.00 -16.82
N GLN A 182 -61.48 -4.23 -15.60
CA GLN A 182 -62.46 -3.31 -15.03
C GLN A 182 -61.84 -1.98 -14.63
N LYS A 183 -60.55 -1.97 -14.28
CA LYS A 183 -59.95 -0.75 -13.76
C LYS A 183 -59.42 0.15 -14.88
N ILE A 184 -58.81 -0.42 -15.91
CA ILE A 184 -58.08 0.42 -16.87
C ILE A 184 -59.01 1.32 -17.67
N ASP A 185 -60.16 0.80 -18.11
CA ASP A 185 -61.04 1.64 -18.92
C ASP A 185 -61.65 2.77 -18.10
N LEU A 186 -62.04 2.49 -16.86
CA LEU A 186 -62.58 3.53 -16.01
C LEU A 186 -61.52 4.55 -15.64
N ASP A 187 -60.26 4.14 -15.58
CA ASP A 187 -59.20 5.11 -15.31
C ASP A 187 -58.90 5.96 -16.54
N SER A 188 -58.97 5.38 -17.73
CA SER A 188 -58.60 6.06 -18.96
C SER A 188 -59.78 6.66 -19.71
N MET A 189 -60.97 6.68 -19.10
CA MET A 189 -62.12 7.33 -19.72
C MET A 189 -61.84 8.82 -19.93
N GLU A 190 -61.71 9.55 -18.83
CA GLU A 190 -61.26 10.95 -18.81
C GLU A 190 -61.93 11.77 -19.92
N ASN A 191 -63.24 11.95 -19.78
CA ASN A 191 -63.97 12.85 -20.67
C ASN A 191 -63.72 14.30 -20.26
N SER A 192 -63.51 15.15 -21.26
CA SER A 192 -63.16 16.55 -21.01
C SER A 192 -64.33 17.50 -21.24
N GLU A 193 -65.57 17.06 -20.96
CA GLU A 193 -66.71 17.95 -21.13
C GLU A 193 -67.04 18.70 -19.84
N ARG A 194 -67.04 17.99 -18.70
CA ARG A 194 -67.32 18.63 -17.42
C ARG A 194 -66.39 18.20 -16.29
N ILE A 195 -65.50 17.22 -16.50
CA ILE A 195 -64.66 16.73 -15.42
C ILE A 195 -63.46 17.64 -15.20
N LYS A 196 -62.86 18.12 -16.29
CA LYS A 196 -61.68 18.97 -16.18
C LYS A 196 -61.98 20.30 -15.48
N ILE A 197 -63.25 20.70 -15.43
CA ILE A 197 -63.63 21.93 -14.76
C ILE A 197 -63.99 21.68 -13.29
N ILE A 198 -64.44 20.47 -12.95
CA ILE A 198 -64.90 20.18 -11.60
C ILE A 198 -63.73 19.68 -10.75
N ARG A 199 -62.71 19.11 -11.41
CA ARG A 199 -61.57 18.58 -10.66
C ARG A 199 -60.78 19.70 -9.98
N GLN A 200 -60.56 20.82 -10.68
CA GLN A 200 -59.85 21.94 -10.09
C GLN A 200 -60.65 22.55 -8.94
N ASN A 201 -61.98 22.63 -9.10
CA ASN A 201 -62.81 23.11 -8.01
C ASN A 201 -62.74 22.20 -6.79
N LEU A 202 -62.73 20.88 -7.02
CA LEU A 202 -62.57 19.93 -5.93
C LEU A 202 -61.24 20.15 -5.21
N GLN A 203 -60.15 20.30 -5.97
CA GLN A 203 -58.84 20.52 -5.37
C GLN A 203 -58.81 21.80 -4.55
N MET A 204 -59.36 22.88 -5.09
CA MET A 204 -59.35 24.16 -4.37
C MET A 204 -60.19 24.07 -3.10
N GLU A 205 -61.35 23.45 -3.17
CA GLU A 205 -62.20 23.31 -1.98
C GLU A 205 -61.51 22.45 -0.93
N ILE A 206 -60.82 21.39 -1.35
CA ILE A 206 -60.10 20.54 -0.40
C ILE A 206 -59.01 21.34 0.30
N LYS A 207 -58.25 22.12 -0.47
CA LYS A 207 -57.18 22.92 0.13
C LYS A 207 -57.74 23.95 1.10
N ILE A 208 -58.79 24.66 0.71
CA ILE A 208 -59.38 25.68 1.59
C ILE A 208 -59.92 25.04 2.86
N THR A 209 -60.57 23.89 2.74
CA THR A 209 -61.14 23.22 3.91
C THR A 209 -60.03 22.74 4.85
N THR A 210 -58.93 22.22 4.29
CA THR A 210 -57.81 21.81 5.13
C THR A 210 -57.22 22.99 5.88
N VAL A 211 -57.03 24.12 5.19
CA VAL A 211 -56.48 25.31 5.83
C VAL A 211 -57.40 25.78 6.96
N ILE A 212 -58.71 25.83 6.69
CA ILE A 212 -59.65 26.30 7.70
C ILE A 212 -59.68 25.34 8.90
N GLN A 213 -59.62 24.03 8.63
CA GLN A 213 -59.58 23.05 9.71
C GLN A 213 -58.37 23.28 10.62
N HIS A 214 -57.18 23.42 10.02
CA HIS A 214 -55.99 23.58 10.83
C HIS A 214 -56.00 24.91 11.58
N VAL A 215 -56.48 25.97 10.95
CA VAL A 215 -56.56 27.27 11.63
C VAL A 215 -57.50 27.19 12.82
N PHE A 216 -58.67 26.56 12.64
CA PHE A 216 -59.63 26.44 13.73
C PHE A 216 -59.06 25.59 14.86
N GLN A 217 -58.37 24.51 14.52
CA GLN A 217 -57.78 23.66 15.56
C GLN A 217 -56.74 24.43 16.37
N ASN A 218 -55.85 25.15 15.68
CA ASN A 218 -54.83 25.92 16.39
C ASN A 218 -55.44 27.03 17.24
N LEU A 219 -56.50 27.67 16.74
CA LEU A 219 -57.16 28.71 17.52
C LEU A 219 -57.80 28.15 18.77
N ILE A 220 -58.51 27.01 18.64
CA ILE A 220 -59.14 26.39 19.80
C ILE A 220 -58.09 25.95 20.81
N LEU A 221 -56.93 25.48 20.31
CA LEU A 221 -55.86 25.08 21.21
C LEU A 221 -55.29 26.28 21.96
N GLY A 222 -55.02 27.38 21.24
CA GLY A 222 -54.39 28.53 21.86
C GLY A 222 -55.31 29.39 22.69
N SER A 223 -56.63 29.25 22.52
CA SER A 223 -57.57 30.04 23.30
C SER A 223 -57.65 29.61 24.76
N LYS A 224 -57.14 28.42 25.09
CA LYS A 224 -57.14 27.90 26.46
C LYS A 224 -58.56 27.86 27.04
N VAL A 225 -59.43 27.12 26.37
CA VAL A 225 -60.80 26.94 26.80
C VAL A 225 -61.09 25.45 26.92
N ASN A 226 -62.02 25.12 27.81
CA ASN A 226 -62.43 23.73 28.03
C ASN A 226 -63.56 23.41 27.05
N TRP A 227 -63.26 22.59 26.05
CA TRP A 227 -64.24 22.25 25.02
C TRP A 227 -65.04 21.00 25.32
N ALA A 228 -64.58 20.18 26.27
CA ALA A 228 -65.30 18.95 26.60
C ALA A 228 -66.63 19.23 27.30
N GLU A 229 -66.76 20.39 27.97
CA GLU A 229 -68.00 20.70 28.65
C GLU A 229 -69.11 21.10 27.67
N ASP A 230 -68.74 21.76 26.57
CA ASP A 230 -69.72 22.17 25.57
C ASP A 230 -69.75 21.15 24.45
N PRO A 231 -70.83 20.37 24.30
CA PRO A 231 -70.86 19.37 23.22
C PRO A 231 -70.89 19.98 21.83
N ALA A 232 -71.46 21.17 21.67
CA ALA A 232 -71.51 21.81 20.36
C ALA A 232 -70.11 22.06 19.81
N LEU A 233 -69.17 22.45 20.68
CA LEU A 233 -67.79 22.59 20.26
C LEU A 233 -67.07 21.25 20.25
N LYS A 234 -67.54 20.29 21.04
CA LYS A 234 -66.90 18.97 21.06
C LYS A 234 -67.08 18.26 19.73
N GLU A 235 -68.26 18.36 19.13
CA GLU A 235 -68.47 17.77 17.81
C GLU A 235 -67.52 18.38 16.78
N ILE A 236 -67.30 19.69 16.86
CA ILE A 236 -66.42 20.35 15.91
C ILE A 236 -64.97 19.89 16.11
N VAL A 237 -64.51 19.88 17.36
CA VAL A 237 -63.13 19.50 17.62
C VAL A 237 -62.90 18.01 17.36
N LEU A 238 -63.95 17.20 17.34
CA LEU A 238 -63.83 15.80 16.95
C LEU A 238 -63.90 15.60 15.45
N GLN A 239 -64.59 16.48 14.72
CA GLN A 239 -64.66 16.41 13.27
C GLN A 239 -63.54 17.16 12.57
N LEU A 240 -62.72 17.90 13.32
CA LEU A 240 -61.68 18.71 12.68
C LEU A 240 -60.54 17.85 12.15
N GLU A 241 -60.13 16.82 12.91
CA GLU A 241 -58.92 16.09 12.56
C GLU A 241 -59.12 15.16 11.37
N LYS A 242 -60.34 14.66 11.16
CA LYS A 242 -60.58 13.69 10.11
C LYS A 242 -60.33 14.31 8.73
N ASN A 243 -60.06 13.44 7.76
CA ASN A 243 -59.73 13.89 6.42
C ASN A 243 -60.96 14.49 5.73
N VAL A 244 -60.72 15.18 4.62
CA VAL A 244 -61.75 15.90 3.89
C VAL A 244 -62.04 15.25 2.54
N ASP A 245 -61.02 14.72 1.87
CA ASP A 245 -61.22 14.16 0.54
C ASP A 245 -61.94 12.82 0.57
N MET A 246 -61.82 12.07 1.66
CA MET A 246 -62.45 10.76 1.76
C MET A 246 -63.92 10.83 2.15
N MET A 247 -64.51 12.02 2.18
CA MET A 247 -65.91 12.17 2.53
C MET A 247 -66.82 11.65 1.41
N ALA B 61 -69.30 -3.93 53.40
CA ALA B 61 -67.98 -3.93 53.99
C ALA B 61 -67.32 -2.56 53.87
N GLU B 62 -66.42 -2.42 52.90
CA GLU B 62 -65.71 -1.16 52.68
C GLU B 62 -66.07 -0.50 51.34
N GLU B 63 -66.87 -1.16 50.51
CA GLU B 63 -67.27 -0.56 49.24
C GLU B 63 -68.14 0.66 49.45
N ASP B 64 -68.99 0.66 50.47
CA ASP B 64 -69.75 1.85 50.81
C ASP B 64 -68.81 2.98 51.24
N ALA B 65 -67.73 2.64 51.95
CA ALA B 65 -66.72 3.63 52.29
C ALA B 65 -66.04 4.19 51.06
N LEU B 66 -65.78 3.33 50.06
CA LEU B 66 -65.21 3.82 48.80
C LEU B 66 -66.18 4.77 48.08
N GLN B 67 -67.46 4.43 48.06
CA GLN B 67 -68.45 5.32 47.43
C GLN B 67 -68.52 6.64 48.17
N MET B 68 -68.48 6.62 49.50
CA MET B 68 -68.48 7.86 50.26
C MET B 68 -67.21 8.66 49.99
N ALA B 69 -66.08 7.98 49.80
CA ALA B 69 -64.82 8.67 49.51
C ALA B 69 -64.87 9.36 48.15
N VAL B 70 -65.41 8.67 47.13
CA VAL B 70 -65.50 9.32 45.82
C VAL B 70 -66.54 10.43 45.83
N GLY B 71 -67.60 10.29 46.63
CA GLY B 71 -68.54 11.39 46.79
C GLY B 71 -67.89 12.60 47.43
N TYR B 72 -67.09 12.38 48.47
CA TYR B 72 -66.37 13.49 49.09
C TYR B 72 -65.37 14.10 48.12
N PHE B 73 -64.73 13.29 47.29
CA PHE B 73 -63.90 13.82 46.22
C PHE B 73 -64.71 14.72 45.29
N GLU B 74 -65.96 14.32 45.02
CA GLU B 74 -66.83 15.14 44.18
C GLU B 74 -67.24 16.44 44.86
N LYS B 75 -67.34 16.46 46.19
CA LYS B 75 -67.71 17.70 46.88
C LYS B 75 -66.67 18.79 46.65
N GLY B 76 -65.45 18.57 47.14
CA GLY B 76 -64.40 19.56 47.02
C GLY B 76 -63.52 19.66 48.24
N PRO B 77 -62.59 20.62 48.22
CA PRO B 77 -61.65 20.75 49.33
C PRO B 77 -62.30 21.33 50.58
N ILE B 78 -61.51 21.37 51.66
CA ILE B 78 -61.95 21.86 52.96
C ILE B 78 -60.98 22.94 53.42
N LYS B 79 -61.50 23.91 54.17
CA LYS B 79 -60.71 25.08 54.56
C LYS B 79 -60.26 25.03 56.02
N ALA B 80 -61.19 24.75 56.94
CA ALA B 80 -60.93 24.89 58.36
C ALA B 80 -60.63 23.57 59.07
N SER B 81 -61.41 22.52 58.79
CA SER B 81 -61.25 21.24 59.49
C SER B 81 -60.17 20.41 58.80
N GLN B 82 -58.92 20.68 59.21
CA GLN B 82 -57.77 20.00 58.65
C GLN B 82 -57.60 18.58 59.17
N ASN B 83 -58.39 18.16 60.16
CA ASN B 83 -58.39 16.76 60.56
C ASN B 83 -59.24 15.91 59.62
N LYS B 84 -60.28 16.51 59.04
CA LYS B 84 -60.97 15.88 57.92
C LYS B 84 -60.03 15.66 56.74
N ASP B 85 -58.94 16.44 56.64
CA ASP B 85 -57.91 16.15 55.66
C ASP B 85 -57.22 14.82 55.97
N LYS B 86 -56.96 14.55 57.25
CA LYS B 86 -56.42 13.24 57.62
C LYS B 86 -57.45 12.14 57.43
N THR B 87 -58.74 12.46 57.57
CA THR B 87 -59.79 11.49 57.28
C THR B 87 -59.80 11.13 55.80
N LEU B 88 -59.71 12.12 54.92
CA LEU B 88 -59.62 11.81 53.50
C LEU B 88 -58.29 11.16 53.16
N GLU B 89 -57.25 11.38 53.95
CA GLU B 89 -56.01 10.63 53.77
C GLU B 89 -56.22 9.15 54.09
N LYS B 90 -56.96 8.85 55.15
CA LYS B 90 -57.36 7.47 55.42
C LYS B 90 -58.19 6.93 54.25
N HIS B 91 -59.03 7.77 53.66
CA HIS B 91 -59.80 7.36 52.49
C HIS B 91 -58.86 7.00 51.33
N LEU B 92 -57.85 7.83 51.08
CA LEU B 92 -56.84 7.51 50.06
C LEU B 92 -56.13 6.20 50.38
N LYS B 93 -55.88 5.95 51.67
CA LYS B 93 -55.28 4.68 52.07
C LYS B 93 -56.18 3.51 51.68
N THR B 94 -57.49 3.64 51.93
CA THR B 94 -58.43 2.59 51.52
C THR B 94 -58.43 2.42 50.00
N VAL B 95 -58.39 3.53 49.26
CA VAL B 95 -58.37 3.45 47.80
C VAL B 95 -57.11 2.74 47.31
N GLU B 96 -55.97 3.06 47.92
CA GLU B 96 -54.73 2.38 47.56
C GLU B 96 -54.80 0.90 47.87
N ASN B 97 -55.36 0.55 49.03
CA ASN B 97 -55.47 -0.86 49.40
C ASN B 97 -56.35 -1.62 48.41
N VAL B 98 -57.53 -1.07 48.09
CA VAL B 98 -58.43 -1.78 47.19
C VAL B 98 -57.87 -1.82 45.77
N ALA B 99 -57.06 -0.82 45.40
CA ALA B 99 -56.43 -0.84 44.08
C ALA B 99 -55.28 -1.84 44.03
N TRP B 100 -54.63 -2.09 45.16
CA TRP B 100 -53.55 -3.07 45.19
C TRP B 100 -54.08 -4.49 45.24
N LYS B 101 -55.18 -4.73 45.95
CA LYS B 101 -55.65 -6.10 46.11
C LYS B 101 -56.46 -6.57 44.89
N ASN B 102 -57.36 -5.74 44.38
CA ASN B 102 -58.18 -6.12 43.24
C ASN B 102 -58.32 -5.05 42.17
N GLY B 103 -57.98 -3.79 42.46
CA GLY B 103 -58.04 -2.74 41.47
C GLY B 103 -59.25 -1.83 41.63
N LEU B 104 -59.54 -1.10 40.56
CA LEU B 104 -60.65 -0.16 40.54
C LEU B 104 -61.54 -0.45 39.33
N ALA B 105 -62.81 -0.06 39.45
CA ALA B 105 -63.77 -0.26 38.38
C ALA B 105 -63.65 0.86 37.35
N SER B 106 -64.47 0.77 36.30
CA SER B 106 -64.43 1.75 35.21
C SER B 106 -65.35 2.94 35.46
N GLU B 107 -66.21 2.89 36.46
CA GLU B 107 -67.16 3.98 36.68
C GLU B 107 -66.52 5.16 37.39
N GLU B 108 -65.55 4.91 38.27
CA GLU B 108 -64.92 5.98 39.03
C GLU B 108 -63.65 6.51 38.37
N ILE B 109 -63.19 5.87 37.29
CA ILE B 109 -61.96 6.30 36.63
C ILE B 109 -62.10 7.72 36.10
N ASP B 110 -63.20 7.99 35.40
CA ASP B 110 -63.42 9.32 34.86
C ASP B 110 -63.49 10.38 35.96
N ILE B 111 -64.23 10.09 37.03
CA ILE B 111 -64.38 11.06 38.11
C ILE B 111 -63.04 11.34 38.77
N LEU B 112 -62.28 10.29 39.08
CA LEU B 112 -61.00 10.50 39.77
C LEU B 112 -60.00 11.20 38.87
N LEU B 113 -60.00 10.90 37.57
CA LEU B 113 -59.09 11.58 36.65
C LEU B 113 -59.45 13.05 36.52
N ASN B 114 -60.74 13.36 36.39
CA ASN B 114 -61.16 14.76 36.30
C ASN B 114 -60.84 15.52 37.58
N ILE B 115 -61.00 14.87 38.74
CA ILE B 115 -60.69 15.53 40.01
C ILE B 115 -59.19 15.76 40.13
N ALA B 116 -58.38 14.79 39.72
CA ALA B 116 -56.93 14.93 39.82
C ALA B 116 -56.41 16.00 38.87
N LEU B 117 -56.96 16.08 37.66
CA LEU B 117 -56.50 17.04 36.68
C LEU B 117 -57.22 18.38 36.76
N SER B 118 -58.21 18.52 37.64
CA SER B 118 -58.87 19.81 37.79
C SER B 118 -58.00 20.79 38.57
N GLY B 119 -57.29 20.32 39.59
CA GLY B 119 -56.42 21.17 40.37
C GLY B 119 -57.05 21.78 41.59
N LYS B 120 -57.96 21.07 42.26
CA LYS B 120 -58.64 21.60 43.44
C LYS B 120 -58.05 21.09 44.75
N PHE B 121 -57.39 19.94 44.76
CA PHE B 121 -56.86 19.34 45.97
C PHE B 121 -55.36 19.58 46.15
N GLY B 122 -54.76 20.38 45.29
CA GLY B 122 -53.34 20.67 45.38
C GLY B 122 -52.48 19.58 44.77
N ASN B 123 -51.20 19.93 44.56
CA ASN B 123 -50.27 19.00 43.94
C ASN B 123 -49.93 17.84 44.88
N ALA B 124 -49.81 18.12 46.17
CA ALA B 124 -49.43 17.08 47.13
C ALA B 124 -50.46 15.96 47.21
N VAL B 125 -51.73 16.25 46.92
CA VAL B 125 -52.77 15.22 46.95
C VAL B 125 -52.94 14.59 45.57
N ASN B 126 -52.85 15.39 44.51
CA ASN B 126 -53.02 14.85 43.16
C ASN B 126 -51.83 14.02 42.70
N THR B 127 -50.69 14.13 43.38
CA THR B 127 -49.51 13.37 42.97
C THR B 127 -49.69 11.88 43.21
N ARG B 128 -50.41 11.50 44.27
CA ARG B 128 -50.58 10.09 44.61
C ARG B 128 -51.84 9.49 44.00
N ILE B 129 -52.80 10.31 43.58
CA ILE B 129 -53.99 9.78 42.92
C ILE B 129 -53.63 9.11 41.61
N LEU B 130 -52.72 9.74 40.84
CA LEU B 130 -52.27 9.13 39.60
C LEU B 130 -51.43 7.87 39.86
N LYS B 131 -50.71 7.84 40.98
CA LYS B 131 -49.90 6.67 41.30
C LYS B 131 -50.79 5.49 41.68
N CYS B 132 -51.85 5.75 42.45
CA CYS B 132 -52.78 4.70 42.86
C CYS B 132 -53.82 4.37 41.79
N MET B 133 -53.67 4.91 40.59
CA MET B 133 -54.61 4.65 39.49
C MET B 133 -54.29 3.28 38.90
N ILE B 134 -55.08 2.28 39.27
CA ILE B 134 -54.84 0.91 38.83
C ILE B 134 -56.04 0.45 38.01
N PRO B 135 -55.93 0.42 36.68
CA PRO B 135 -57.09 0.04 35.86
C PRO B 135 -57.35 -1.46 35.84
N ALA B 136 -58.08 -1.95 36.85
CA ALA B 136 -58.43 -3.37 36.88
C ALA B 136 -59.33 -3.74 35.71
N THR B 137 -60.15 -2.82 35.22
CA THR B 137 -61.02 -3.03 34.08
C THR B 137 -60.51 -2.21 32.89
N VAL B 138 -61.28 -2.24 31.81
CA VAL B 138 -60.92 -1.48 30.61
C VAL B 138 -61.20 0.00 30.84
N ILE B 139 -60.40 0.84 30.21
CA ILE B 139 -60.53 2.29 30.34
C ILE B 139 -61.38 2.83 29.20
N SER B 140 -62.32 3.71 29.53
CA SER B 140 -63.16 4.32 28.52
C SER B 140 -62.40 5.42 27.78
N GLU B 141 -62.90 5.78 26.60
CA GLU B 141 -62.25 6.79 25.78
C GLU B 141 -62.68 8.20 26.16
N ASP B 142 -63.94 8.37 26.57
CA ASP B 142 -64.43 9.68 26.97
C ASP B 142 -63.66 10.22 28.18
N SER B 143 -63.25 9.33 29.08
CA SER B 143 -62.44 9.76 30.22
C SER B 143 -61.10 10.33 29.76
N VAL B 144 -60.46 9.67 28.80
CA VAL B 144 -59.19 10.16 28.29
C VAL B 144 -59.39 11.47 27.53
N VAL B 145 -60.52 11.61 26.83
CA VAL B 145 -60.81 12.86 26.13
C VAL B 145 -60.98 14.00 27.13
N LYS B 146 -61.72 13.75 28.22
CA LYS B 146 -61.90 14.77 29.24
C LYS B 146 -60.57 15.10 29.91
N ALA B 147 -59.71 14.11 30.10
CA ALA B 147 -58.39 14.36 30.68
C ALA B 147 -57.55 15.24 29.77
N VAL B 148 -57.59 14.97 28.46
CA VAL B 148 -56.84 15.79 27.51
C VAL B 148 -57.38 17.21 27.50
N SER B 149 -58.71 17.36 27.59
CA SER B 149 -59.28 18.70 27.66
C SER B 149 -58.84 19.44 28.93
N TRP B 150 -58.82 18.73 30.07
CA TRP B 150 -58.39 19.36 31.31
C TRP B 150 -56.91 19.74 31.25
N LEU B 151 -56.10 18.94 30.55
CA LEU B 151 -54.70 19.31 30.33
C LEU B 151 -54.62 20.56 29.46
N CYS B 152 -55.45 20.64 28.41
CA CYS B 152 -55.47 21.80 27.56
C CYS B 152 -56.01 23.04 28.26
N VAL B 153 -56.72 22.87 29.38
CA VAL B 153 -57.17 24.03 30.16
C VAL B 153 -55.98 24.82 30.68
N GLY B 154 -55.00 24.14 31.26
CA GLY B 154 -53.78 24.78 31.72
C GLY B 154 -53.67 25.00 33.21
N LYS B 155 -54.56 24.44 34.01
CA LYS B 155 -54.50 24.62 35.45
C LYS B 155 -53.52 23.67 36.14
N CYS B 156 -53.03 22.66 35.43
CA CYS B 156 -52.15 21.67 36.03
C CYS B 156 -50.72 22.20 36.11
N SER B 157 -49.90 21.48 36.87
CA SER B 157 -48.48 21.78 37.00
C SER B 157 -47.68 20.85 36.09
N GLY B 158 -46.35 20.92 36.18
CA GLY B 158 -45.50 20.12 35.33
C GLY B 158 -45.36 18.68 35.78
N SER B 159 -45.23 18.48 37.09
CA SER B 159 -45.06 17.12 37.62
C SER B 159 -46.29 16.27 37.36
N THR B 160 -47.48 16.82 37.57
CA THR B 160 -48.70 16.07 37.30
C THR B 160 -48.88 15.78 35.82
N LYS B 161 -48.45 16.70 34.95
CA LYS B 161 -48.53 16.45 33.51
C LYS B 161 -47.58 15.32 33.12
N VAL B 162 -46.36 15.34 33.65
CA VAL B 162 -45.40 14.25 33.37
C VAL B 162 -45.97 12.92 33.87
N LEU B 163 -46.55 12.92 35.07
CA LEU B 163 -47.12 11.68 35.60
C LEU B 163 -48.27 11.18 34.75
N PHE B 164 -49.15 12.09 34.31
CA PHE B 164 -50.27 11.67 33.46
C PHE B 164 -49.78 11.11 32.13
N TYR B 165 -48.77 11.75 31.54
CA TYR B 165 -48.26 11.24 30.26
C TYR B 165 -47.59 9.88 30.43
N ARG B 166 -46.84 9.69 31.51
CA ARG B 166 -46.23 8.39 31.76
C ARG B 166 -47.30 7.32 32.01
N TRP B 167 -48.36 7.67 32.72
CA TRP B 167 -49.44 6.72 32.95
C TRP B 167 -50.16 6.36 31.64
N LEU B 168 -50.38 7.36 30.79
CA LEU B 168 -51.03 7.09 29.50
C LEU B 168 -50.15 6.24 28.60
N VAL B 169 -48.83 6.42 28.68
CA VAL B 169 -47.91 5.59 27.90
C VAL B 169 -47.91 4.16 28.44
N ALA B 170 -47.95 4.01 29.77
CA ALA B 170 -47.89 2.67 30.37
C ALA B 170 -49.21 1.92 30.17
N MET B 171 -50.34 2.62 30.29
CA MET B 171 -51.67 2.01 30.19
C MET B 171 -52.29 2.23 28.82
N PHE B 172 -51.48 2.20 27.76
CA PHE B 172 -51.99 2.48 26.42
C PHE B 172 -52.84 1.32 25.90
N ASP B 173 -52.37 0.09 26.06
CA ASP B 173 -53.07 -1.06 25.51
C ASP B 173 -54.28 -1.49 26.34
N PHE B 174 -54.51 -0.87 27.49
CA PHE B 174 -55.65 -1.19 28.32
C PHE B 174 -56.91 -0.43 27.93
N ILE B 175 -56.85 0.41 26.89
CA ILE B 175 -58.01 1.16 26.43
C ILE B 175 -58.72 0.35 25.35
N ASP B 176 -60.05 0.40 25.37
CA ASP B 176 -60.83 -0.39 24.42
C ASP B 176 -60.78 0.22 23.02
N ARG B 177 -61.17 1.48 22.89
CA ARG B 177 -61.19 2.17 21.62
C ARG B 177 -59.98 3.09 21.50
N LYS B 178 -59.41 3.17 20.30
CA LYS B 178 -58.23 3.99 20.05
C LYS B 178 -58.38 4.89 18.83
N GLU B 179 -59.58 5.02 18.26
CA GLU B 179 -59.74 5.89 17.10
C GLU B 179 -59.94 7.35 17.50
N GLN B 180 -60.70 7.60 18.58
CA GLN B 180 -60.84 8.96 19.07
C GLN B 180 -59.58 9.45 19.74
N ILE B 181 -58.70 8.55 20.17
CA ILE B 181 -57.40 8.96 20.69
C ILE B 181 -56.52 9.46 19.55
N ASN B 182 -56.51 8.74 18.42
CA ASN B 182 -55.80 9.21 17.24
C ASN B 182 -56.44 10.45 16.63
N LEU B 183 -57.74 10.65 16.86
CA LEU B 183 -58.42 11.86 16.40
C LEU B 183 -57.99 13.10 17.17
N LEU B 184 -57.15 12.96 18.20
CA LEU B 184 -56.61 14.08 18.96
C LEU B 184 -55.09 14.16 18.82
N TYR B 185 -54.60 13.96 17.60
CA TYR B 185 -53.15 13.94 17.37
C TYR B 185 -52.55 15.34 17.47
N GLY B 186 -53.30 16.37 17.07
CA GLY B 186 -52.75 17.71 17.09
C GLY B 186 -52.50 18.23 18.50
N PHE B 187 -53.41 17.92 19.43
CA PHE B 187 -53.25 18.37 20.80
C PHE B 187 -52.03 17.72 21.47
N PHE B 188 -51.69 16.50 21.05
CA PHE B 188 -50.50 15.84 21.58
C PHE B 188 -49.24 16.37 20.88
N PHE B 189 -49.33 16.65 19.58
CA PHE B 189 -48.15 17.11 18.85
C PHE B 189 -47.78 18.54 19.23
N ALA B 190 -48.76 19.35 19.64
CA ALA B 190 -48.47 20.74 19.97
C ALA B 190 -47.70 20.88 21.28
N SER B 191 -47.73 19.87 22.14
CA SER B 191 -47.05 19.93 23.43
C SER B 191 -45.56 19.61 23.33
N LEU B 192 -45.03 19.44 22.12
CA LEU B 192 -43.60 19.18 21.95
C LEU B 192 -42.74 20.41 22.19
N GLN B 193 -43.35 21.59 22.32
CA GLN B 193 -42.58 22.81 22.53
C GLN B 193 -41.92 22.83 23.91
N ASP B 194 -42.53 22.20 24.90
CA ASP B 194 -41.97 22.18 26.24
C ASP B 194 -40.86 21.15 26.34
N ASP B 195 -39.71 21.55 26.88
CA ASP B 195 -38.56 20.67 27.00
C ASP B 195 -38.73 19.63 28.11
N ALA B 196 -39.66 19.85 29.04
CA ALA B 196 -39.86 18.91 30.13
C ALA B 196 -40.72 17.72 29.72
N LEU B 197 -41.67 17.93 28.80
CA LEU B 197 -42.57 16.87 28.36
C LEU B 197 -42.18 16.28 27.01
N CYS B 198 -40.98 16.60 26.52
CA CYS B 198 -40.61 16.14 25.17
C CYS B 198 -40.47 14.64 25.08
N PRO B 199 -39.71 13.95 25.95
CA PRO B 199 -39.51 12.50 25.73
C PRO B 199 -40.79 11.68 25.87
N TYR B 200 -41.63 11.99 26.86
CA TYR B 200 -42.84 11.20 27.06
C TYR B 200 -43.84 11.41 25.93
N VAL B 201 -43.99 12.65 25.47
CA VAL B 201 -44.88 12.92 24.35
C VAL B 201 -44.33 12.28 23.07
N CYS B 202 -43.02 12.26 22.91
CA CYS B 202 -42.42 11.59 21.77
C CYS B 202 -42.70 10.09 21.82
N HIS B 203 -42.59 9.49 23.00
CA HIS B 203 -42.88 8.06 23.14
C HIS B 203 -44.35 7.77 22.85
N LEU B 204 -45.24 8.67 23.27
CA LEU B 204 -46.67 8.48 22.98
C LEU B 204 -46.95 8.60 21.50
N LEU B 205 -46.34 9.59 20.83
CA LEU B 205 -46.55 9.75 19.40
C LEU B 205 -45.93 8.60 18.61
N TYR B 206 -44.87 7.99 19.13
CA TYR B 206 -44.29 6.83 18.48
C TYR B 206 -45.26 5.65 18.41
N LEU B 207 -46.26 5.63 19.30
CA LEU B 207 -47.30 4.61 19.28
C LEU B 207 -48.58 5.07 18.60
N LEU B 208 -48.89 6.37 18.66
CA LEU B 208 -50.12 6.89 18.07
C LEU B 208 -49.96 7.32 16.61
N THR B 209 -48.78 7.15 16.02
CA THR B 209 -48.54 7.64 14.67
C THR B 209 -49.12 6.70 13.63
N LYS B 210 -49.83 7.25 12.66
CA LYS B 210 -50.33 6.49 11.52
C LYS B 210 -49.90 7.16 10.21
N LYS B 211 -50.41 6.68 9.09
CA LYS B 211 -49.99 7.23 7.80
C LYS B 211 -50.69 8.56 7.49
N GLU B 212 -51.96 8.70 7.88
CA GLU B 212 -52.70 9.93 7.59
C GLU B 212 -52.29 11.09 8.49
N ASN B 213 -51.41 10.87 9.46
CA ASN B 213 -50.99 11.92 10.38
C ASN B 213 -49.70 12.61 9.94
N VAL B 214 -48.85 11.93 9.17
CA VAL B 214 -47.60 12.54 8.71
C VAL B 214 -47.92 13.61 7.67
N LYS B 215 -47.51 14.84 7.94
CA LYS B 215 -47.78 15.98 7.08
C LYS B 215 -46.52 16.83 7.00
N PRO B 216 -46.37 17.60 5.91
CA PRO B 216 -45.11 18.34 5.72
C PRO B 216 -44.83 19.40 6.79
N PHE B 217 -45.87 20.10 7.28
CA PHE B 217 -45.62 21.13 8.27
C PHE B 217 -45.17 20.54 9.60
N ARG B 218 -45.70 19.36 9.97
CA ARG B 218 -45.20 18.68 11.15
C ARG B 218 -43.77 18.21 10.95
N VAL B 219 -43.41 17.83 9.72
CA VAL B 219 -42.03 17.50 9.41
C VAL B 219 -41.13 18.71 9.63
N ARG B 220 -41.58 19.89 9.19
CA ARG B 220 -40.80 21.10 9.39
C ARG B 220 -40.69 21.44 10.88
N LYS B 221 -41.76 21.21 11.64
CA LYS B 221 -41.71 21.42 13.08
C LYS B 221 -40.67 20.52 13.72
N LEU B 222 -40.67 19.24 13.36
CA LEU B 222 -39.67 18.32 13.91
C LEU B 222 -38.27 18.73 13.49
N LEU B 223 -38.10 19.21 12.26
CA LEU B 223 -36.79 19.63 11.80
C LEU B 223 -36.28 20.83 12.59
N ASP B 224 -37.14 21.82 12.85
CA ASP B 224 -36.69 22.98 13.62
C ASP B 224 -36.44 22.60 15.08
N LEU B 225 -37.23 21.68 15.63
CA LEU B 225 -36.96 21.20 16.98
C LEU B 225 -35.60 20.51 17.06
N GLN B 226 -35.28 19.69 16.05
CA GLN B 226 -33.97 19.03 16.03
C GLN B 226 -32.85 20.05 15.88
N ALA B 227 -33.06 21.07 15.05
CA ALA B 227 -32.04 22.11 14.89
C ALA B 227 -31.84 22.89 16.18
N LYS B 228 -32.90 23.09 16.97
CA LYS B 228 -32.77 23.84 18.21
C LYS B 228 -32.18 23.01 19.35
N MET B 229 -32.49 21.71 19.40
CA MET B 229 -32.05 20.87 20.51
C MET B 229 -30.89 19.95 20.19
N GLY B 230 -30.78 19.47 18.94
CA GLY B 230 -29.69 18.60 18.58
C GLY B 230 -30.09 17.15 18.36
N MET B 231 -29.17 16.23 18.61
CA MET B 231 -29.39 14.80 18.37
C MET B 231 -29.99 14.19 19.63
N GLN B 232 -31.32 14.07 19.66
CA GLN B 232 -32.02 13.44 20.76
C GLN B 232 -32.59 12.10 20.30
N PRO B 233 -32.39 11.03 21.07
CA PRO B 233 -32.91 9.72 20.62
C PRO B 233 -34.43 9.68 20.50
N HIS B 234 -35.14 10.31 21.44
CA HIS B 234 -36.60 10.36 21.33
C HIS B 234 -37.06 11.15 20.12
N LEU B 235 -36.21 12.03 19.58
CA LEU B 235 -36.50 12.70 18.32
C LEU B 235 -36.02 11.89 17.11
N GLN B 236 -34.90 11.18 17.25
CA GLN B 236 -34.41 10.37 16.14
C GLN B 236 -35.37 9.23 15.82
N ALA B 237 -35.96 8.62 16.84
CA ALA B 237 -36.92 7.54 16.61
C ALA B 237 -38.15 8.07 15.87
N LEU B 238 -38.67 9.22 16.30
CA LEU B 238 -39.84 9.80 15.63
C LEU B 238 -39.50 10.21 14.20
N LEU B 239 -38.29 10.71 13.96
CA LEU B 239 -37.89 11.07 12.61
C LEU B 239 -37.78 9.84 11.73
N SER B 240 -37.24 8.74 12.28
CA SER B 240 -37.16 7.49 11.52
C SER B 240 -38.54 6.97 11.18
N LEU B 241 -39.48 7.06 12.13
CA LEU B 241 -40.85 6.62 11.86
C LEU B 241 -41.50 7.49 10.78
N TYR B 242 -41.31 8.81 10.85
CA TYR B 242 -41.87 9.71 9.85
C TYR B 242 -41.26 9.44 8.48
N LYS B 243 -39.97 9.09 8.44
CA LYS B 243 -39.35 8.74 7.17
C LYS B 243 -39.92 7.44 6.62
N PHE B 244 -40.15 6.45 7.49
CA PHE B 244 -40.73 5.20 7.05
C PHE B 244 -42.15 5.42 6.51
N PHE B 245 -42.90 6.34 7.11
CA PHE B 245 -44.25 6.61 6.64
C PHE B 245 -44.28 7.55 5.44
N ALA B 246 -43.23 8.36 5.23
CA ALA B 246 -43.18 9.28 4.11
C ALA B 246 -41.74 9.44 3.67
N PRO B 247 -41.26 8.53 2.81
CA PRO B 247 -39.85 8.60 2.38
C PRO B 247 -39.54 9.70 1.39
N ALA B 248 -40.55 10.30 0.76
CA ALA B 248 -40.35 11.34 -0.23
C ALA B 248 -40.27 12.74 0.37
N LEU B 249 -40.19 12.84 1.69
CA LEU B 249 -40.14 14.15 2.34
C LEU B 249 -38.97 14.25 3.31
N ILE B 250 -38.53 13.11 3.85
CA ILE B 250 -37.49 13.07 4.87
C ILE B 250 -36.51 11.96 4.54
N SER B 251 -35.22 12.26 4.65
CA SER B 251 -34.15 11.29 4.41
C SER B 251 -33.30 11.22 5.67
N VAL B 252 -33.32 10.06 6.33
CA VAL B 252 -32.60 9.85 7.59
C VAL B 252 -31.91 8.50 7.54
N SER B 253 -30.64 8.46 7.94
CA SER B 253 -29.87 7.23 8.03
C SER B 253 -29.30 7.14 9.45
N LEU B 254 -29.94 6.34 10.31
CA LEU B 254 -29.57 6.25 11.72
C LEU B 254 -28.45 5.25 11.91
N PRO B 255 -27.41 5.60 12.70
CA PRO B 255 -26.34 4.64 12.99
C PRO B 255 -26.64 3.84 14.25
N VAL B 256 -26.15 2.60 14.25
CA VAL B 256 -26.31 1.72 15.41
C VAL B 256 -24.94 1.27 15.91
N LYS B 258 -29.91 -3.21 18.15
CA LYS B 258 -30.37 -1.83 18.11
C LYS B 258 -30.15 -1.15 19.47
N LYS B 259 -29.66 0.09 19.44
CA LYS B 259 -29.45 0.84 20.66
C LYS B 259 -30.79 1.23 21.28
N ILE B 260 -30.73 1.63 22.55
CA ILE B 260 -31.92 1.98 23.31
C ILE B 260 -32.24 3.44 23.03
N TYR B 261 -33.31 3.69 22.27
CA TYR B 261 -33.73 5.05 21.95
C TYR B 261 -34.64 5.61 23.04
N PHE B 262 -35.77 4.96 23.28
CA PHE B 262 -36.68 5.33 24.36
C PHE B 262 -36.23 4.64 25.64
N LYS B 263 -36.16 5.40 26.73
CA LYS B 263 -35.70 4.85 28.00
C LYS B 263 -36.66 3.76 28.48
N ASN B 264 -36.09 2.62 28.87
CA ASN B 264 -36.89 1.51 29.40
C ASN B 264 -37.00 1.59 30.91
N SER B 265 -37.43 2.75 31.40
CA SER B 265 -37.60 2.97 32.84
C SER B 265 -38.92 2.35 33.27
N GLU B 266 -38.83 1.34 34.14
CA GLU B 266 -40.03 0.72 34.69
C GLU B 266 -40.88 1.75 35.42
N ASN B 267 -42.17 1.79 35.08
CA ASN B 267 -43.06 2.78 35.67
C ASN B 267 -43.39 2.41 37.12
N LEU B 268 -44.07 3.33 37.80
CA LEU B 268 -44.46 3.10 39.18
C LEU B 268 -45.50 1.99 39.33
N TRP B 269 -46.11 1.54 38.23
CA TRP B 269 -47.15 0.52 38.25
C TRP B 269 -46.64 -0.82 37.75
N LYS B 270 -45.34 -1.09 37.86
CA LYS B 270 -44.81 -2.38 37.44
C LYS B 270 -45.38 -3.51 38.30
N THR B 271 -45.44 -3.31 39.62
CA THR B 271 -46.13 -4.25 40.48
C THR B 271 -47.62 -4.31 40.18
N ALA B 272 -48.18 -3.25 39.58
CA ALA B 272 -49.56 -3.25 39.11
C ALA B 272 -49.69 -3.81 37.70
N LEU B 273 -48.68 -3.61 36.86
CA LEU B 273 -48.66 -4.27 35.56
C LEU B 273 -48.66 -5.78 35.72
N LEU B 274 -47.78 -6.31 36.57
CA LEU B 274 -47.79 -7.74 36.84
C LEU B 274 -49.10 -8.19 37.47
N ALA B 275 -49.72 -7.33 38.29
CA ALA B 275 -50.99 -7.67 38.91
C ALA B 275 -52.09 -7.82 37.86
N VAL B 276 -52.16 -6.88 36.91
CA VAL B 276 -53.20 -6.98 35.89
C VAL B 276 -52.89 -8.12 34.93
N LYS B 277 -51.61 -8.45 34.72
CA LYS B 277 -51.29 -9.63 33.92
C LYS B 277 -51.78 -10.91 34.59
N GLN B 278 -51.45 -11.10 35.88
CA GLN B 278 -51.91 -12.28 36.58
C GLN B 278 -53.42 -12.29 36.77
N ARG B 279 -54.08 -11.13 36.70
CA ARG B 279 -55.54 -11.10 36.70
C ARG B 279 -56.10 -11.54 35.36
N ASN B 280 -55.45 -11.10 34.27
CA ASN B 280 -55.87 -11.48 32.92
C ASN B 280 -55.43 -12.87 32.51
N ARG B 281 -54.66 -13.57 33.36
CA ARG B 281 -54.32 -14.96 33.08
C ARG B 281 -55.57 -15.79 32.81
N GLY B 282 -56.54 -15.73 33.73
CA GLY B 282 -57.77 -16.47 33.57
C GLY B 282 -58.80 -15.76 32.71
N SER B 308 -25.78 -8.44 3.95
CA SER B 308 -26.62 -9.64 3.92
C SER B 308 -26.78 -10.15 2.49
N VAL B 309 -26.83 -11.46 2.34
CA VAL B 309 -27.00 -12.05 1.01
C VAL B 309 -28.41 -11.81 0.50
N ILE B 310 -29.41 -12.00 1.34
CA ILE B 310 -30.81 -11.79 0.97
C ILE B 310 -31.21 -10.36 1.31
N PRO B 311 -31.82 -9.63 0.39
CA PRO B 311 -32.21 -8.24 0.67
C PRO B 311 -33.23 -8.18 1.81
N VAL B 312 -33.34 -6.98 2.40
CA VAL B 312 -34.25 -6.75 3.50
C VAL B 312 -35.63 -6.44 2.96
N LEU B 313 -36.65 -6.66 3.80
CA LEU B 313 -38.03 -6.44 3.40
C LEU B 313 -38.35 -4.95 3.47
N ASN B 314 -38.66 -4.36 2.32
CA ASN B 314 -39.00 -2.94 2.25
C ASN B 314 -40.18 -2.75 1.31
N SER B 315 -40.85 -1.63 1.46
CA SER B 315 -41.98 -1.31 0.59
C SER B 315 -41.49 -1.01 -0.82
N SER B 316 -42.44 -0.80 -1.72
CA SER B 316 -42.11 -0.48 -3.11
C SER B 316 -41.38 0.86 -3.17
N SER B 317 -40.60 1.03 -4.24
CA SER B 317 -39.85 2.26 -4.42
C SER B 317 -40.79 3.45 -4.56
N TYR B 318 -40.36 4.59 -4.01
CA TYR B 318 -41.18 5.80 -4.05
C TYR B 318 -41.25 6.44 -5.43
N THR B 319 -40.64 5.82 -6.44
CA THR B 319 -40.72 6.34 -7.81
C THR B 319 -42.08 6.08 -8.45
N LYS B 320 -42.96 5.33 -7.81
CA LYS B 320 -44.30 5.13 -8.34
C LYS B 320 -45.10 6.42 -8.21
N GLU B 321 -45.73 6.82 -9.31
CA GLU B 321 -46.48 8.09 -9.38
C GLU B 321 -45.59 9.27 -8.99
N CYS B 322 -44.31 9.21 -9.39
CA CYS B 322 -43.37 10.29 -9.06
C CYS B 322 -43.75 11.57 -9.79
N GLY B 323 -43.79 11.52 -11.12
CA GLY B 323 -44.20 12.68 -11.91
C GLY B 323 -45.67 12.65 -12.23
N LYS B 324 -46.47 13.39 -11.46
CA LYS B 324 -47.91 13.43 -11.64
C LYS B 324 -48.37 14.89 -11.71
N LYS B 325 -49.21 15.20 -12.69
CA LYS B 325 -49.73 16.55 -12.84
C LYS B 325 -51.03 16.77 -12.08
N GLU B 326 -51.89 15.76 -12.03
CA GLU B 326 -53.17 15.85 -11.32
C GLU B 326 -53.47 14.51 -10.68
N MET B 327 -54.51 14.49 -9.86
CA MET B 327 -54.94 13.26 -9.18
C MET B 327 -55.67 12.36 -10.15
N SER B 328 -55.38 11.06 -10.08
CA SER B 328 -55.99 10.10 -10.98
C SER B 328 -57.50 10.01 -10.72
N LEU B 329 -58.21 9.44 -11.69
CA LEU B 329 -59.65 9.30 -11.57
C LEU B 329 -60.06 8.20 -10.59
N SER B 330 -59.12 7.31 -10.24
CA SER B 330 -59.45 6.21 -9.34
C SER B 330 -59.66 6.72 -7.91
N ASP B 331 -58.66 7.40 -7.35
CA ASP B 331 -58.73 7.84 -5.96
C ASP B 331 -59.71 8.99 -5.76
N CYS B 332 -60.06 9.73 -6.82
CA CYS B 332 -61.11 10.73 -6.68
C CYS B 332 -62.47 10.09 -6.41
N LEU B 333 -62.70 8.89 -6.95
CA LEU B 333 -63.93 8.15 -6.71
C LEU B 333 -63.81 7.14 -5.58
N ASN B 334 -62.65 7.08 -4.90
CA ASN B 334 -62.43 6.20 -3.76
C ASN B 334 -62.66 4.73 -4.13
N ARG B 335 -61.82 4.25 -5.04
CA ARG B 335 -61.91 2.87 -5.50
C ARG B 335 -61.05 1.97 -4.61
N SER B 336 -60.82 0.74 -5.06
CA SER B 336 -60.10 -0.24 -4.24
C SER B 336 -58.67 0.21 -3.95
N GLY B 337 -57.85 0.30 -4.99
CA GLY B 337 -56.46 0.68 -4.81
C GLY B 337 -55.58 -0.54 -4.63
N SER B 338 -54.89 -0.60 -3.48
CA SER B 338 -53.99 -1.72 -3.19
C SER B 338 -53.92 -1.89 -1.67
N PHE B 339 -53.16 -2.91 -1.25
CA PHE B 339 -53.00 -3.23 0.15
C PHE B 339 -51.55 -3.04 0.57
N PRO B 340 -51.30 -2.31 1.66
CA PRO B 340 -49.92 -2.06 2.08
C PRO B 340 -49.20 -3.35 2.48
N LEU B 341 -47.87 -3.26 2.51
CA LEU B 341 -47.03 -4.42 2.81
C LEU B 341 -46.76 -4.58 4.30
N GLU B 342 -46.72 -3.49 5.05
CA GLU B 342 -46.46 -3.57 6.49
C GLU B 342 -47.64 -4.11 7.27
N GLN B 343 -48.86 -4.01 6.74
CA GLN B 343 -50.03 -4.52 7.44
C GLN B 343 -50.18 -6.03 7.29
N LEU B 344 -49.48 -6.64 6.33
CA LEU B 344 -49.55 -8.09 6.12
C LEU B 344 -48.67 -8.77 7.16
N GLN B 345 -49.29 -9.28 8.22
CA GLN B 345 -48.57 -9.92 9.31
C GLN B 345 -49.13 -11.27 9.72
N SER B 346 -50.31 -11.66 9.23
CA SER B 346 -50.93 -12.92 9.61
C SER B 346 -51.54 -13.59 8.39
N PHE B 347 -52.02 -14.81 8.58
CA PHE B 347 -52.61 -15.60 7.51
C PHE B 347 -54.00 -15.10 7.11
N PRO B 348 -54.89 -14.76 8.05
CA PRO B 348 -56.19 -14.20 7.62
C PRO B 348 -56.06 -12.90 6.84
N GLN B 349 -55.09 -12.06 7.18
CA GLN B 349 -54.87 -10.83 6.42
C GLN B 349 -54.42 -11.14 5.00
N LEU B 350 -53.70 -12.24 4.79
CA LEU B 350 -53.37 -12.67 3.44
C LEU B 350 -54.59 -13.25 2.73
N LEU B 351 -55.44 -13.97 3.47
CA LEU B 351 -56.64 -14.54 2.87
C LEU B 351 -57.59 -13.46 2.39
N GLN B 352 -57.74 -12.39 3.16
CA GLN B 352 -58.70 -11.35 2.80
C GLN B 352 -58.22 -10.51 1.62
N ASN B 353 -56.91 -10.38 1.44
CA ASN B 353 -56.32 -9.52 0.42
C ASN B 353 -55.34 -10.29 -0.45
N ILE B 354 -55.75 -11.47 -0.90
CA ILE B 354 -54.87 -12.28 -1.75
C ILE B 354 -54.84 -11.77 -3.18
N HIS B 355 -55.96 -11.22 -3.67
CA HIS B 355 -56.03 -10.76 -5.05
C HIS B 355 -55.32 -9.44 -5.27
N CYS B 356 -55.18 -8.62 -4.23
CA CYS B 356 -54.49 -7.33 -4.32
C CYS B 356 -53.40 -7.29 -3.26
N LEU B 357 -52.14 -7.16 -3.70
CA LEU B 357 -51.01 -7.11 -2.79
C LEU B 357 -49.97 -6.15 -3.34
N GLU B 358 -49.11 -5.66 -2.44
CA GLU B 358 -48.01 -4.78 -2.79
C GLU B 358 -46.73 -5.60 -2.90
N LEU B 359 -46.09 -5.54 -4.05
CA LEU B 359 -44.86 -6.29 -4.26
C LEU B 359 -43.67 -5.52 -3.70
N PRO B 360 -42.67 -6.23 -3.17
CA PRO B 360 -41.49 -5.55 -2.60
C PRO B 360 -40.68 -4.84 -3.67
N SER B 361 -39.75 -4.01 -3.20
CA SER B 361 -38.85 -3.32 -4.12
C SER B 361 -37.78 -4.26 -4.66
N GLN B 362 -37.36 -5.25 -3.87
CA GLN B 362 -36.42 -6.26 -4.29
C GLN B 362 -37.06 -7.63 -4.08
N MET B 363 -37.14 -8.41 -5.16
CA MET B 363 -37.85 -9.69 -5.11
C MET B 363 -37.13 -10.73 -4.25
N GLY B 364 -35.82 -10.57 -4.03
CA GLY B 364 -35.11 -11.53 -3.22
C GLY B 364 -35.65 -11.68 -1.82
N SER B 365 -36.21 -10.60 -1.26
CA SER B 365 -36.79 -10.66 0.07
C SER B 365 -37.97 -11.60 0.15
N VAL B 366 -38.56 -11.99 -0.99
CA VAL B 366 -39.63 -12.96 -0.99
C VAL B 366 -39.12 -14.36 -0.64
N LEU B 367 -37.81 -14.59 -0.76
CA LEU B 367 -37.26 -15.93 -0.57
C LEU B 367 -37.46 -16.44 0.86
N ASN B 368 -37.52 -15.54 1.85
CA ASN B 368 -37.65 -15.97 3.23
C ASN B 368 -38.90 -15.42 3.89
N ASN B 369 -40.04 -15.50 3.20
CA ASN B 369 -41.33 -15.07 3.74
C ASN B 369 -42.40 -16.02 3.24
N SER B 370 -43.09 -16.69 4.16
CA SER B 370 -44.07 -17.70 3.78
C SER B 370 -45.32 -17.06 3.19
N LEU B 371 -45.74 -15.90 3.72
CA LEU B 371 -46.94 -15.25 3.21
C LEU B 371 -46.78 -14.77 1.78
N LEU B 372 -45.55 -14.39 1.40
CA LEU B 372 -45.29 -14.01 0.02
C LEU B 372 -45.04 -15.23 -0.87
N LEU B 373 -44.50 -16.31 -0.30
CA LEU B 373 -44.37 -17.55 -1.05
C LEU B 373 -45.73 -18.10 -1.44
N HIS B 374 -46.71 -17.99 -0.53
CA HIS B 374 -48.06 -18.44 -0.84
C HIS B 374 -48.67 -17.63 -1.99
N TYR B 375 -48.27 -16.36 -2.13
CA TYR B 375 -48.77 -15.55 -3.23
C TYR B 375 -48.06 -15.89 -4.54
N ILE B 376 -46.73 -15.97 -4.51
CA ILE B 376 -45.98 -16.28 -5.72
C ILE B 376 -46.10 -17.73 -6.15
N ASN B 377 -46.75 -18.57 -5.33
CA ASN B 377 -46.99 -19.95 -5.73
C ASN B 377 -47.85 -20.01 -6.98
N CYS B 378 -48.85 -19.13 -7.08
CA CYS B 378 -49.73 -19.06 -8.25
C CYS B 378 -49.80 -17.60 -8.71
N VAL B 379 -48.80 -17.18 -9.50
CA VAL B 379 -48.82 -15.86 -10.13
C VAL B 379 -48.51 -16.00 -11.61
N ARG B 380 -47.39 -16.64 -11.94
CA ARG B 380 -46.92 -16.82 -13.31
C ARG B 380 -46.88 -15.48 -14.06
N ASP B 381 -46.15 -14.53 -13.51
CA ASP B 381 -45.95 -13.22 -14.13
C ASP B 381 -44.54 -13.12 -14.70
N GLU B 382 -44.42 -12.41 -15.81
CA GLU B 382 -43.16 -12.31 -16.53
C GLU B 382 -42.17 -11.36 -15.87
N PRO B 383 -42.56 -10.13 -15.50
CA PRO B 383 -41.57 -9.23 -14.87
C PRO B 383 -41.03 -9.76 -13.54
N VAL B 384 -41.91 -10.32 -12.70
CA VAL B 384 -41.47 -10.86 -11.41
C VAL B 384 -40.49 -12.01 -11.63
N LEU B 385 -40.82 -12.91 -12.57
CA LEU B 385 -39.93 -14.03 -12.86
C LEU B 385 -38.59 -13.54 -13.40
N LEU B 386 -38.60 -12.53 -14.26
CA LEU B 386 -37.34 -12.00 -14.80
C LEU B 386 -36.48 -11.38 -13.69
N ARG B 387 -37.10 -10.57 -12.82
CA ARG B 387 -36.35 -9.95 -11.73
C ARG B 387 -35.75 -11.01 -10.81
N PHE B 388 -36.56 -11.99 -10.42
CA PHE B 388 -36.06 -13.05 -9.54
C PHE B 388 -34.95 -13.84 -10.22
N TYR B 389 -35.10 -14.13 -11.51
CA TYR B 389 -34.08 -14.87 -12.24
C TYR B 389 -32.77 -14.11 -12.24
N TYR B 390 -32.80 -12.82 -12.59
CA TYR B 390 -31.57 -12.03 -12.64
C TYR B 390 -30.91 -11.97 -11.27
N TRP B 391 -31.69 -11.68 -10.23
CA TRP B 391 -31.12 -11.57 -8.89
C TRP B 391 -30.49 -12.89 -8.45
N LEU B 392 -31.22 -13.99 -8.59
CA LEU B 392 -30.73 -15.27 -8.13
C LEU B 392 -29.53 -15.74 -8.94
N SER B 393 -29.53 -15.48 -10.25
CA SER B 393 -28.39 -15.88 -11.07
C SER B 393 -27.14 -15.11 -10.68
N GLN B 394 -27.27 -13.79 -10.49
CA GLN B 394 -26.11 -13.01 -10.07
C GLN B 394 -25.61 -13.45 -8.70
N THR B 395 -26.53 -13.73 -7.78
CA THR B 395 -26.13 -14.14 -6.43
C THR B 395 -25.40 -15.48 -6.46
N LEU B 396 -25.95 -16.46 -7.19
CA LEU B 396 -25.32 -17.77 -7.28
C LEU B 396 -23.96 -17.67 -7.97
N GLN B 397 -23.84 -16.79 -8.98
CA GLN B 397 -22.58 -16.65 -9.68
C GLN B 397 -21.52 -16.00 -8.79
N GLU B 398 -21.93 -15.04 -7.95
CA GLU B 398 -20.94 -14.33 -7.14
C GLU B 398 -20.60 -15.09 -5.86
N GLU B 399 -21.51 -15.91 -5.35
CA GLU B 399 -21.31 -16.57 -4.06
C GLU B 399 -20.74 -17.98 -4.17
N CYS B 400 -20.52 -18.49 -5.39
CA CYS B 400 -20.02 -19.84 -5.54
C CYS B 400 -18.56 -19.92 -5.08
N ILE B 401 -18.15 -21.13 -4.73
CA ILE B 401 -16.83 -21.35 -4.14
C ILE B 401 -15.79 -21.81 -5.17
N TRP B 402 -16.20 -22.49 -6.23
CA TRP B 402 -15.26 -23.04 -7.21
C TRP B 402 -15.51 -22.51 -8.63
N TYR B 403 -16.38 -21.52 -8.80
CA TYR B 403 -16.75 -21.02 -10.11
C TYR B 403 -16.46 -19.53 -10.18
N LYS B 404 -15.64 -19.13 -11.15
CA LYS B 404 -15.28 -17.76 -11.48
C LYS B 404 -14.42 -17.07 -10.42
N VAL B 405 -14.16 -17.72 -9.29
CA VAL B 405 -13.34 -17.13 -8.24
C VAL B 405 -12.91 -18.22 -7.26
N ASN B 406 -11.73 -18.06 -6.67
CA ASN B 406 -11.22 -18.96 -5.64
C ASN B 406 -11.39 -18.25 -4.30
N ASN B 407 -12.58 -18.37 -3.72
CA ASN B 407 -12.94 -17.70 -2.48
C ASN B 407 -13.62 -18.71 -1.55
N TYR B 408 -12.83 -19.39 -0.74
CA TYR B 408 -13.36 -20.31 0.27
C TYR B 408 -13.81 -19.60 1.53
N GLU B 409 -13.72 -18.27 1.58
CA GLU B 409 -14.11 -17.54 2.78
C GLU B 409 -15.60 -17.64 3.06
N HIS B 410 -16.41 -17.81 2.00
CA HIS B 410 -17.85 -17.93 2.16
C HIS B 410 -18.20 -19.17 2.98
N GLY B 411 -17.84 -20.35 2.48
CA GLY B 411 -18.00 -21.59 3.21
C GLY B 411 -19.43 -21.92 3.60
N LYS B 412 -19.72 -21.82 4.91
CA LYS B 412 -21.03 -22.22 5.41
C LYS B 412 -22.14 -21.28 4.94
N GLU B 413 -21.79 -20.06 4.53
CA GLU B 413 -22.79 -19.12 4.03
C GLU B 413 -23.44 -19.65 2.76
N PHE B 414 -22.63 -20.15 1.82
CA PHE B 414 -23.18 -20.72 0.60
C PHE B 414 -24.01 -21.95 0.89
N THR B 415 -23.61 -22.75 1.87
CA THR B 415 -24.38 -23.93 2.24
C THR B 415 -25.74 -23.53 2.81
N ASN B 416 -25.77 -22.52 3.67
CA ASN B 416 -27.04 -22.06 4.23
C ASN B 416 -27.93 -21.45 3.15
N PHE B 417 -27.34 -20.72 2.21
CA PHE B 417 -28.12 -20.17 1.10
C PHE B 417 -28.72 -21.28 0.25
N LEU B 418 -27.94 -22.31 -0.04
CA LEU B 418 -28.45 -23.44 -0.81
C LEU B 418 -29.53 -24.19 -0.05
N ASP B 419 -29.38 -24.32 1.27
CA ASP B 419 -30.42 -24.96 2.07
C ASP B 419 -31.72 -24.16 2.03
N THR B 420 -31.61 -22.84 2.12
CA THR B 420 -32.81 -22.00 2.01
C THR B 420 -33.45 -22.14 0.65
N ILE B 421 -32.65 -22.17 -0.42
CA ILE B 421 -33.20 -22.33 -1.76
C ILE B 421 -33.90 -23.67 -1.91
N ILE B 422 -33.31 -24.73 -1.36
CA ILE B 422 -33.91 -26.05 -1.45
C ILE B 422 -35.21 -26.11 -0.66
N ARG B 423 -35.23 -25.51 0.53
CA ARG B 423 -36.46 -25.49 1.32
C ARG B 423 -37.54 -24.67 0.65
N ALA B 424 -37.17 -23.63 -0.11
CA ALA B 424 -38.15 -22.83 -0.82
C ALA B 424 -38.68 -23.55 -2.05
N GLU B 425 -37.82 -24.29 -2.76
CA GLU B 425 -38.23 -24.99 -3.96
C GLU B 425 -38.88 -26.34 -3.69
N CYS B 426 -38.76 -26.85 -2.46
CA CYS B 426 -39.62 -27.97 -2.06
C CYS B 426 -41.07 -27.54 -2.03
N PHE B 427 -41.34 -26.36 -1.49
CA PHE B 427 -42.60 -25.67 -1.73
C PHE B 427 -42.66 -25.22 -3.19
N LEU B 428 -43.87 -24.91 -3.65
CA LEU B 428 -44.16 -24.50 -5.02
C LEU B 428 -44.05 -25.68 -5.98
N GLN B 429 -43.54 -26.81 -5.49
CA GLN B 429 -43.44 -28.06 -6.25
C GLN B 429 -42.81 -27.85 -7.63
N GLU B 430 -41.77 -27.03 -7.68
CA GLU B 430 -41.04 -26.78 -8.93
C GLU B 430 -39.74 -26.07 -8.58
N GLY B 431 -38.87 -25.97 -9.59
CA GLY B 431 -37.58 -25.32 -9.41
C GLY B 431 -37.41 -24.08 -10.26
N PHE B 432 -36.42 -23.26 -9.93
CA PHE B 432 -36.17 -22.04 -10.67
C PHE B 432 -35.22 -22.30 -11.84
N TYR B 433 -35.26 -21.40 -12.82
CA TYR B 433 -34.37 -21.52 -13.98
C TYR B 433 -32.95 -21.09 -13.67
N SER B 434 -32.77 -20.21 -12.68
CA SER B 434 -31.42 -19.78 -12.30
C SER B 434 -30.62 -20.96 -11.76
N CYS B 435 -31.26 -21.84 -10.99
CA CYS B 435 -30.57 -23.02 -10.49
C CYS B 435 -30.16 -23.95 -11.62
N GLU B 436 -31.03 -24.10 -12.63
CA GLU B 436 -30.69 -24.94 -13.78
C GLU B 436 -29.51 -24.36 -14.56
N ALA B 437 -29.51 -23.03 -14.77
CA ALA B 437 -28.40 -22.41 -15.46
C ALA B 437 -27.10 -22.54 -14.67
N PHE B 438 -27.17 -22.36 -13.35
CA PHE B 438 -25.98 -22.53 -12.52
C PHE B 438 -25.46 -23.95 -12.56
N LEU B 439 -26.38 -24.93 -12.57
CA LEU B 439 -25.97 -26.33 -12.68
C LEU B 439 -25.28 -26.60 -14.03
N TYR B 440 -25.86 -26.07 -15.11
CA TYR B 440 -25.24 -26.27 -16.42
C TYR B 440 -23.88 -25.59 -16.52
N LYS B 441 -23.70 -24.48 -15.80
CA LYS B 441 -22.45 -23.74 -15.91
C LYS B 441 -21.34 -24.35 -15.04
N SER B 442 -21.65 -24.68 -13.80
CA SER B 442 -20.63 -25.04 -12.82
C SER B 442 -20.42 -26.54 -12.67
N LEU B 443 -21.10 -27.36 -13.47
CA LEU B 443 -20.96 -28.81 -13.34
C LEU B 443 -19.61 -29.32 -13.84
N PRO B 444 -19.11 -28.89 -15.01
CA PRO B 444 -17.81 -29.41 -15.47
C PRO B 444 -16.65 -29.08 -14.54
N LEU B 445 -16.77 -28.06 -13.69
CA LEU B 445 -15.70 -27.67 -12.79
C LEU B 445 -15.85 -28.24 -11.39
N TRP B 446 -16.93 -28.95 -11.11
CA TRP B 446 -17.16 -29.51 -9.78
C TRP B 446 -16.23 -30.69 -9.53
N ASP B 447 -15.87 -30.87 -8.25
CA ASP B 447 -15.03 -31.99 -7.85
C ASP B 447 -15.80 -33.13 -7.21
N GLY B 448 -16.98 -32.86 -6.66
CA GLY B 448 -17.81 -33.90 -6.09
C GLY B 448 -17.80 -34.01 -4.58
N LEU B 449 -17.21 -33.04 -3.88
CA LEU B 449 -17.13 -33.12 -2.42
C LEU B 449 -17.46 -31.81 -1.70
N CYS B 450 -17.51 -30.67 -2.41
CA CYS B 450 -17.69 -29.39 -1.73
C CYS B 450 -19.07 -29.28 -1.09
N CYS B 451 -20.12 -29.34 -1.91
CA CYS B 451 -21.50 -29.18 -1.46
C CYS B 451 -22.36 -30.32 -2.00
N ARG B 452 -21.88 -31.56 -1.82
CA ARG B 452 -22.50 -32.72 -2.45
C ARG B 452 -24.00 -32.80 -2.15
N SER B 453 -24.37 -32.64 -0.89
CA SER B 453 -25.78 -32.80 -0.51
C SER B 453 -26.66 -31.77 -1.20
N GLN B 454 -26.33 -30.48 -1.03
CA GLN B 454 -27.16 -29.43 -1.61
C GLN B 454 -27.14 -29.46 -3.13
N PHE B 455 -25.97 -29.75 -3.72
CA PHE B 455 -25.88 -29.82 -5.18
C PHE B 455 -26.76 -30.94 -5.72
N LEU B 456 -26.66 -32.14 -5.13
CA LEU B 456 -27.44 -33.26 -5.62
C LEU B 456 -28.93 -33.11 -5.31
N GLN B 457 -29.28 -32.35 -4.28
CA GLN B 457 -30.69 -32.03 -4.07
C GLN B 457 -31.20 -31.02 -5.08
N LEU B 458 -30.34 -30.09 -5.51
CA LEU B 458 -30.73 -29.16 -6.57
C LEU B 458 -30.84 -29.86 -7.91
N VAL B 459 -30.08 -30.94 -8.11
CA VAL B 459 -30.17 -31.68 -9.37
C VAL B 459 -31.55 -32.34 -9.51
N SER B 460 -32.17 -32.72 -8.40
CA SER B 460 -33.44 -33.43 -8.47
C SER B 460 -34.57 -32.56 -9.01
N TRP B 461 -34.46 -31.25 -8.86
CA TRP B 461 -35.51 -30.32 -9.31
C TRP B 461 -35.16 -29.74 -10.68
N ILE B 462 -35.13 -30.62 -11.68
CA ILE B 462 -34.88 -30.25 -13.07
C ILE B 462 -36.18 -30.41 -13.84
N PRO B 463 -36.60 -29.41 -14.63
CA PRO B 463 -37.86 -29.53 -15.35
C PRO B 463 -37.83 -30.67 -16.36
N PHE B 464 -39.02 -31.17 -16.69
CA PHE B 464 -39.13 -32.29 -17.62
C PHE B 464 -38.75 -31.86 -19.03
N SER B 465 -37.82 -32.59 -19.63
CA SER B 465 -37.38 -32.32 -20.99
C SER B 465 -36.97 -33.63 -21.64
N SER B 466 -36.65 -33.56 -22.93
CA SER B 466 -36.21 -34.74 -23.66
C SER B 466 -34.85 -35.19 -23.17
N PHE B 467 -34.66 -36.52 -23.12
CA PHE B 467 -33.42 -37.06 -22.59
C PHE B 467 -32.24 -36.77 -23.51
N SER B 468 -32.47 -36.75 -24.83
CA SER B 468 -31.38 -36.54 -25.78
C SER B 468 -30.81 -35.14 -25.68
N GLU B 469 -31.62 -34.15 -25.28
CA GLU B 469 -31.14 -32.79 -25.17
C GLU B 469 -30.46 -32.54 -23.83
N VAL B 470 -30.98 -33.12 -22.75
CA VAL B 470 -30.42 -32.91 -21.42
C VAL B 470 -29.27 -33.84 -21.10
N LYS B 471 -29.02 -34.85 -21.94
CA LYS B 471 -27.94 -35.79 -21.65
C LYS B 471 -26.56 -35.13 -21.73
N PRO B 472 -26.17 -34.48 -22.85
CA PRO B 472 -24.79 -33.97 -22.94
C PRO B 472 -24.48 -32.85 -21.97
N LEU B 473 -25.49 -32.19 -21.42
CA LEU B 473 -25.23 -31.07 -20.51
C LEU B 473 -24.99 -31.53 -19.08
N LEU B 474 -25.71 -32.57 -18.64
CA LEU B 474 -25.66 -33.02 -17.26
C LEU B 474 -25.15 -34.44 -17.12
N PHE B 475 -25.72 -35.40 -17.86
CA PHE B 475 -25.49 -36.80 -17.55
C PHE B 475 -24.10 -37.27 -17.95
N ASP B 476 -23.50 -36.67 -18.98
CA ASP B 476 -22.13 -37.05 -19.34
C ASP B 476 -21.16 -36.72 -18.22
N HIS B 477 -21.22 -35.48 -17.71
CA HIS B 477 -20.37 -35.10 -16.59
C HIS B 477 -20.70 -35.91 -15.34
N LEU B 478 -21.99 -36.18 -15.11
CA LEU B 478 -22.37 -36.98 -13.96
C LEU B 478 -21.77 -38.38 -14.02
N ALA B 479 -21.80 -39.00 -15.20
CA ALA B 479 -21.23 -40.34 -15.34
C ALA B 479 -19.71 -40.31 -15.23
N GLN B 480 -19.07 -39.27 -15.80
CA GLN B 480 -17.62 -39.18 -15.70
C GLN B 480 -17.17 -39.00 -14.26
N LEU B 481 -17.95 -38.27 -13.46
CA LEU B 481 -17.65 -38.13 -12.04
C LEU B 481 -18.07 -39.36 -11.24
N PHE B 482 -19.02 -40.14 -11.76
CA PHE B 482 -19.56 -41.31 -11.07
C PHE B 482 -18.62 -42.51 -11.19
N PHE B 483 -18.05 -42.73 -12.37
CA PHE B 483 -17.24 -43.91 -12.62
C PHE B 483 -15.86 -43.85 -11.98
N THR B 484 -15.49 -42.73 -11.35
CA THR B 484 -14.17 -42.59 -10.76
C THR B 484 -14.21 -42.16 -9.30
N SER B 485 -15.38 -42.15 -8.67
CA SER B 485 -15.52 -41.72 -7.29
C SER B 485 -15.75 -42.93 -6.38
N THR B 486 -15.99 -42.65 -5.10
CA THR B 486 -16.20 -43.68 -4.11
C THR B 486 -17.61 -44.24 -4.20
N ILE B 487 -17.93 -45.19 -3.32
CA ILE B 487 -19.24 -45.83 -3.34
C ILE B 487 -20.32 -44.92 -2.76
N TYR B 488 -19.96 -44.05 -1.82
CA TYR B 488 -20.95 -43.15 -1.24
C TYR B 488 -21.45 -42.14 -2.28
N PHE B 489 -20.56 -41.68 -3.15
CA PHE B 489 -20.99 -40.83 -4.26
C PHE B 489 -21.96 -41.57 -5.17
N LYS B 490 -21.71 -42.85 -5.41
CA LYS B 490 -22.62 -43.65 -6.23
C LYS B 490 -24.00 -43.75 -5.58
N CYS B 491 -24.03 -44.03 -4.27
CA CYS B 491 -25.31 -44.11 -3.58
C CYS B 491 -26.04 -42.77 -3.60
N SER B 492 -25.29 -41.67 -3.44
CA SER B 492 -25.90 -40.34 -3.45
C SER B 492 -26.51 -40.02 -4.80
N VAL B 493 -25.78 -40.31 -5.89
CA VAL B 493 -26.33 -40.00 -7.20
C VAL B 493 -27.48 -40.94 -7.55
N LEU B 494 -27.47 -42.17 -7.03
CA LEU B 494 -28.63 -43.04 -7.22
C LEU B 494 -29.86 -42.49 -6.51
N GLN B 495 -29.69 -42.01 -5.28
CA GLN B 495 -30.81 -41.38 -4.57
C GLN B 495 -31.31 -40.16 -5.33
N SER B 496 -30.39 -39.34 -5.85
CA SER B 496 -30.79 -38.15 -6.59
C SER B 496 -31.56 -38.52 -7.86
N LEU B 497 -31.11 -39.55 -8.56
CA LEU B 497 -31.82 -39.99 -9.77
C LEU B 497 -33.19 -40.54 -9.43
N LYS B 498 -33.31 -41.26 -8.31
CA LYS B 498 -34.62 -41.75 -7.89
C LYS B 498 -35.57 -40.59 -7.60
N GLU B 499 -35.09 -39.56 -6.89
CA GLU B 499 -35.93 -38.41 -6.60
C GLU B 499 -36.32 -37.67 -7.88
N LEU B 500 -35.39 -37.56 -8.83
CA LEU B 500 -35.69 -36.92 -10.10
C LEU B 500 -36.76 -37.68 -10.87
N LEU B 501 -36.65 -39.01 -10.91
CA LEU B 501 -37.66 -39.82 -11.58
C LEU B 501 -39.02 -39.67 -10.91
N GLN B 502 -39.04 -39.64 -9.57
CA GLN B 502 -40.30 -39.45 -8.85
C GLN B 502 -40.93 -38.11 -9.19
N ASN B 503 -40.13 -37.04 -9.22
CA ASN B 503 -40.67 -35.73 -9.55
C ASN B 503 -41.18 -35.67 -10.98
N TRP B 504 -40.45 -36.27 -11.92
CA TRP B 504 -40.90 -36.29 -13.31
C TRP B 504 -42.21 -37.04 -13.46
N LEU B 505 -42.33 -38.20 -12.80
CA LEU B 505 -43.58 -38.96 -12.86
C LEU B 505 -44.73 -38.20 -12.23
N LEU B 506 -44.47 -37.54 -11.10
CA LEU B 506 -45.54 -36.77 -10.45
C LEU B 506 -46.02 -35.62 -11.34
N TRP B 507 -45.09 -34.95 -12.02
CA TRP B 507 -45.50 -33.84 -12.88
C TRP B 507 -46.15 -34.34 -14.17
N LEU B 508 -45.79 -35.54 -14.63
CA LEU B 508 -46.41 -36.07 -15.84
C LEU B 508 -47.78 -36.68 -15.58
N SER B 509 -48.03 -37.13 -14.35
CA SER B 509 -49.32 -37.76 -14.06
C SER B 509 -50.48 -36.78 -14.13
N MET B 510 -50.20 -35.48 -13.93
CA MET B 510 -51.27 -34.49 -13.93
C MET B 510 -51.59 -33.96 -15.32
N ASP B 511 -50.68 -34.11 -16.27
CA ASP B 511 -50.91 -33.58 -17.62
C ASP B 511 -51.94 -34.39 -18.38
N ILE B 512 -52.05 -35.70 -18.10
CA ILE B 512 -53.01 -36.53 -18.81
C ILE B 512 -54.44 -36.19 -18.42
N HIS B 513 -54.64 -35.55 -17.27
CA HIS B 513 -55.98 -35.15 -16.86
C HIS B 513 -56.45 -33.87 -17.56
N MET B 514 -55.52 -33.07 -18.09
CA MET B 514 -55.87 -31.84 -18.78
C MET B 514 -56.52 -32.13 -20.13
N THR B 524 -45.48 -32.08 -27.55
CA THR B 524 -45.22 -33.51 -27.62
C THR B 524 -46.28 -34.28 -26.84
N THR B 525 -46.81 -35.34 -27.46
CA THR B 525 -47.85 -36.15 -26.84
C THR B 525 -47.22 -37.12 -25.84
N LEU B 526 -48.02 -38.05 -25.31
CA LEU B 526 -47.51 -38.99 -24.32
C LEU B 526 -46.56 -40.01 -24.94
N GLY B 527 -46.74 -40.32 -26.22
CA GLY B 527 -45.85 -41.27 -26.87
C GLY B 527 -44.41 -40.81 -26.88
N GLY B 528 -44.18 -39.53 -27.17
CA GLY B 528 -42.84 -38.97 -27.09
C GLY B 528 -42.37 -38.67 -25.69
N SER B 529 -43.28 -38.68 -24.71
CA SER B 529 -42.90 -38.40 -23.34
C SER B 529 -42.45 -39.67 -22.60
N MET B 530 -43.10 -40.80 -22.89
CA MET B 530 -42.70 -42.04 -22.23
C MET B 530 -41.33 -42.52 -22.71
N ASN B 531 -40.94 -42.15 -23.93
CA ASN B 531 -39.64 -42.56 -24.44
C ASN B 531 -38.52 -41.94 -23.62
N SER B 532 -38.71 -40.71 -23.13
CA SER B 532 -37.68 -40.06 -22.34
C SER B 532 -37.46 -40.79 -21.01
N VAL B 533 -38.53 -41.14 -20.31
CA VAL B 533 -38.36 -41.84 -19.04
C VAL B 533 -37.87 -43.27 -19.27
N SER B 534 -38.24 -43.88 -20.39
CA SER B 534 -37.69 -45.20 -20.71
C SER B 534 -36.19 -45.14 -20.93
N LYS B 535 -35.72 -44.12 -21.67
CA LYS B 535 -34.29 -43.95 -21.88
C LYS B 535 -33.58 -43.64 -20.58
N LEU B 536 -34.20 -42.85 -19.70
CA LEU B 536 -33.60 -42.58 -18.41
C LEU B 536 -33.46 -43.84 -17.57
N ILE B 537 -34.49 -44.69 -17.57
CA ILE B 537 -34.42 -45.94 -16.81
C ILE B 537 -33.35 -46.85 -17.38
N HIS B 538 -33.25 -46.93 -18.70
CA HIS B 538 -32.21 -47.77 -19.30
C HIS B 538 -30.82 -47.22 -18.98
N TYR B 539 -30.66 -45.89 -18.98
CA TYR B 539 -29.37 -45.30 -18.67
C TYR B 539 -28.96 -45.59 -17.22
N VAL B 540 -29.89 -45.44 -16.29
CA VAL B 540 -29.54 -45.69 -14.89
C VAL B 540 -29.33 -47.19 -14.66
N GLY B 541 -30.00 -48.05 -15.42
CA GLY B 541 -29.72 -49.47 -15.32
C GLY B 541 -28.34 -49.83 -15.82
N TRP B 542 -27.91 -49.22 -16.92
CA TRP B 542 -26.54 -49.40 -17.40
C TRP B 542 -25.53 -48.91 -16.37
N LEU B 543 -25.80 -47.74 -15.77
CA LEU B 543 -24.95 -47.22 -14.70
C LEU B 543 -24.85 -48.22 -13.56
N SER B 544 -25.99 -48.78 -13.14
CA SER B 544 -26.00 -49.71 -12.01
C SER B 544 -25.23 -50.98 -12.34
N THR B 545 -25.38 -51.50 -13.56
CA THR B 545 -24.65 -52.70 -13.95
C THR B 545 -23.14 -52.45 -13.94
N THR B 546 -22.71 -51.33 -14.53
CA THR B 546 -21.28 -51.04 -14.55
C THR B 546 -20.75 -50.80 -13.15
N ALA B 547 -21.53 -50.17 -12.28
CA ALA B 547 -21.08 -49.92 -10.91
C ALA B 547 -20.98 -51.22 -10.12
N MET B 548 -21.92 -52.15 -10.35
CA MET B 548 -21.83 -53.45 -9.70
C MET B 548 -20.61 -54.22 -10.18
N ARG B 549 -20.28 -54.10 -11.48
CA ARG B 549 -19.07 -54.74 -11.97
C ARG B 549 -17.81 -54.10 -11.39
N LEU B 550 -17.83 -52.78 -11.17
CA LEU B 550 -16.64 -52.09 -10.67
C LEU B 550 -16.41 -52.32 -9.19
N GLU B 551 -17.46 -52.19 -8.38
CA GLU B 551 -17.33 -52.24 -6.92
C GLU B 551 -17.26 -53.67 -6.37
N SER B 552 -17.08 -54.68 -7.23
CA SER B 552 -16.88 -56.06 -6.81
C SER B 552 -18.07 -56.59 -6.01
N ASN B 553 -19.28 -56.30 -6.49
CA ASN B 553 -20.53 -56.85 -5.95
C ASN B 553 -20.68 -56.52 -4.46
N ASN B 554 -20.80 -55.23 -4.17
CA ASN B 554 -21.04 -54.77 -2.81
C ASN B 554 -22.55 -54.66 -2.58
N THR B 555 -23.01 -55.20 -1.46
CA THR B 555 -24.44 -55.19 -1.16
C THR B 555 -24.94 -53.81 -0.79
N PHE B 556 -24.05 -52.94 -0.28
CA PHE B 556 -24.45 -51.59 0.10
C PHE B 556 -24.96 -50.81 -1.11
N LEU B 557 -24.45 -51.12 -2.30
CA LEU B 557 -24.93 -50.49 -3.53
C LEU B 557 -26.13 -51.21 -4.11
N LEU B 558 -26.19 -52.54 -3.98
CA LEU B 558 -27.34 -53.29 -4.43
C LEU B 558 -28.60 -52.89 -3.67
N HIS B 559 -28.45 -52.48 -2.41
CA HIS B 559 -29.60 -51.98 -1.66
C HIS B 559 -30.20 -50.75 -2.32
N PHE B 560 -29.35 -49.79 -2.71
CA PHE B 560 -29.86 -48.58 -3.37
C PHE B 560 -30.42 -48.91 -4.75
N ILE B 561 -29.80 -49.85 -5.47
CA ILE B 561 -30.32 -50.24 -6.78
C ILE B 561 -31.73 -50.82 -6.65
N LEU B 562 -31.92 -51.72 -5.68
CA LEU B 562 -33.23 -52.28 -5.46
C LEU B 562 -34.22 -51.25 -4.95
N ASP B 563 -33.76 -50.28 -4.17
CA ASP B 563 -34.64 -49.19 -3.72
C ASP B 563 -35.13 -48.38 -4.91
N PHE B 564 -34.27 -48.13 -5.89
CA PHE B 564 -34.69 -47.43 -7.10
C PHE B 564 -35.69 -48.26 -7.91
N TYR B 565 -35.39 -49.54 -8.10
CA TYR B 565 -36.28 -50.38 -8.89
C TYR B 565 -37.61 -50.62 -8.18
N GLU B 566 -37.66 -50.49 -6.86
CA GLU B 566 -38.94 -50.56 -6.15
C GLU B 566 -39.86 -49.44 -6.61
N LYS B 567 -39.36 -48.20 -6.68
CA LYS B 567 -40.15 -47.11 -7.20
C LYS B 567 -40.44 -47.27 -8.67
N VAL B 568 -39.52 -47.90 -9.41
CA VAL B 568 -39.73 -48.07 -10.85
C VAL B 568 -40.88 -49.04 -11.14
N CYS B 569 -40.98 -50.11 -10.34
CA CYS B 569 -41.86 -51.23 -10.71
C CYS B 569 -43.35 -50.93 -10.56
N ASP B 570 -43.74 -49.83 -9.92
CA ASP B 570 -45.15 -49.58 -9.61
C ASP B 570 -45.68 -48.34 -10.34
N ILE B 571 -45.10 -48.03 -11.50
CA ILE B 571 -45.46 -46.79 -12.20
C ILE B 571 -46.90 -46.83 -12.67
N TYR B 572 -47.29 -47.92 -13.34
CA TYR B 572 -48.63 -47.99 -13.92
C TYR B 572 -49.71 -47.96 -12.85
N ILE B 573 -49.43 -48.47 -11.66
CA ILE B 573 -50.43 -48.47 -10.60
C ILE B 573 -50.46 -47.14 -9.87
N ASN B 574 -49.29 -46.53 -9.64
CA ASN B 574 -49.27 -45.28 -8.87
C ASN B 574 -49.73 -44.09 -9.69
N TYR B 575 -49.22 -43.96 -10.92
CA TYR B 575 -49.45 -42.75 -11.72
C TYR B 575 -50.36 -42.99 -12.92
N ASN B 576 -50.84 -44.22 -13.13
CA ASN B 576 -51.76 -44.54 -14.22
C ASN B 576 -51.15 -44.21 -15.59
N LEU B 577 -49.85 -44.44 -15.72
CA LEU B 577 -49.15 -44.24 -16.98
C LEU B 577 -48.72 -45.58 -17.54
N PRO B 578 -49.05 -45.90 -18.80
CA PRO B 578 -48.70 -47.21 -19.34
C PRO B 578 -47.20 -47.33 -19.62
N LEU B 579 -46.49 -48.05 -18.75
CA LEU B 579 -45.07 -48.29 -18.90
C LEU B 579 -44.60 -49.37 -17.95
N VAL B 580 -43.95 -50.40 -18.48
CA VAL B 580 -43.39 -51.48 -17.68
C VAL B 580 -41.98 -51.76 -18.18
N VAL B 581 -40.98 -51.45 -17.36
CA VAL B 581 -39.58 -51.68 -17.70
C VAL B 581 -38.97 -52.57 -16.63
N LEU B 582 -38.32 -53.65 -17.05
CA LEU B 582 -37.71 -54.60 -16.15
C LEU B 582 -36.22 -54.33 -16.00
N PHE B 583 -35.66 -54.79 -14.87
CA PHE B 583 -34.24 -54.64 -14.64
C PHE B 583 -33.45 -55.60 -15.54
N PRO B 584 -32.22 -55.24 -15.88
CA PRO B 584 -31.39 -56.14 -16.69
C PRO B 584 -31.11 -57.44 -15.96
N PRO B 585 -30.80 -58.52 -16.68
CA PRO B 585 -30.57 -59.81 -16.02
C PRO B 585 -29.39 -59.81 -15.06
N GLY B 586 -28.41 -58.92 -15.26
CA GLY B 586 -27.29 -58.88 -14.34
C GLY B 586 -27.69 -58.57 -12.92
N ILE B 587 -28.51 -57.53 -12.74
CA ILE B 587 -28.96 -57.15 -11.40
C ILE B 587 -29.83 -58.24 -10.80
N PHE B 588 -30.72 -58.83 -11.61
CA PHE B 588 -31.61 -59.87 -11.10
C PHE B 588 -30.82 -61.09 -10.62
N TYR B 589 -29.88 -61.57 -11.43
CA TYR B 589 -29.11 -62.74 -11.05
C TYR B 589 -28.03 -62.44 -10.02
N SER B 590 -27.69 -61.16 -9.81
CA SER B 590 -26.80 -60.82 -8.71
C SER B 590 -27.56 -60.71 -7.40
N ALA B 591 -28.84 -60.32 -7.45
CA ALA B 591 -29.65 -60.26 -6.24
C ALA B 591 -30.19 -61.63 -5.85
N LEU B 592 -30.43 -62.51 -6.82
CA LEU B 592 -30.97 -63.83 -6.50
C LEU B 592 -29.92 -64.73 -5.88
N LEU B 593 -28.65 -64.57 -6.24
CA LEU B 593 -27.57 -65.41 -5.76
C LEU B 593 -26.73 -64.73 -4.69
N SER B 594 -27.33 -63.85 -3.89
CA SER B 594 -26.62 -63.14 -2.84
C SER B 594 -26.75 -63.87 -1.50
N LEU B 595 -25.89 -63.49 -0.57
CA LEU B 595 -25.93 -64.04 0.78
C LEU B 595 -26.88 -63.28 1.70
N ASP B 596 -27.29 -62.08 1.32
CA ASP B 596 -28.18 -61.28 2.15
C ASP B 596 -29.61 -61.78 2.02
N THR B 597 -30.31 -61.82 3.16
CA THR B 597 -31.72 -62.23 3.17
C THR B 597 -32.67 -61.09 2.86
N SER B 598 -32.34 -59.87 3.31
CA SER B 598 -33.16 -58.72 2.98
C SER B 598 -33.18 -58.47 1.47
N ILE B 599 -32.08 -58.78 0.79
CA ILE B 599 -32.05 -58.66 -0.67
C ILE B 599 -33.06 -59.63 -1.29
N LEU B 600 -33.10 -60.87 -0.82
CA LEU B 600 -34.05 -61.83 -1.34
C LEU B 600 -35.49 -61.40 -1.05
N ASN B 601 -35.73 -60.87 0.15
CA ASN B 601 -37.07 -60.39 0.50
C ASN B 601 -37.51 -59.26 -0.42
N GLN B 602 -36.63 -58.29 -0.64
CA GLN B 602 -36.95 -57.18 -1.53
C GLN B 602 -37.14 -57.65 -2.96
N LEU B 603 -36.37 -58.64 -3.39
CA LEU B 603 -36.53 -59.17 -4.74
C LEU B 603 -37.89 -59.85 -4.90
N CYS B 604 -38.30 -60.63 -3.90
CA CYS B 604 -39.63 -61.25 -3.94
C CYS B 604 -40.72 -60.20 -3.97
N PHE B 605 -40.58 -59.14 -3.16
CA PHE B 605 -41.58 -58.07 -3.16
C PHE B 605 -41.65 -57.38 -4.52
N ILE B 606 -40.49 -57.12 -5.13
CA ILE B 606 -40.45 -56.45 -6.43
C ILE B 606 -41.09 -57.33 -7.50
N MET B 607 -40.83 -58.64 -7.46
CA MET B 607 -41.44 -59.54 -8.43
C MET B 607 -42.94 -59.61 -8.25
N HIS B 608 -43.41 -59.62 -7.00
CA HIS B 608 -44.85 -59.61 -6.75
C HIS B 608 -45.49 -58.34 -7.30
N ARG B 609 -44.86 -57.18 -7.06
CA ARG B 609 -45.40 -55.93 -7.57
C ARG B 609 -45.38 -55.90 -9.09
N TYR B 610 -44.34 -56.46 -9.71
CA TYR B 610 -44.27 -56.52 -11.16
C TYR B 610 -45.41 -57.37 -11.72
N ARG B 611 -45.65 -58.54 -11.12
CA ARG B 611 -46.75 -59.39 -11.57
C ARG B 611 -48.09 -58.69 -11.40
N LYS B 612 -48.28 -57.99 -10.28
CA LYS B 612 -49.52 -57.26 -10.06
C LYS B 612 -49.73 -56.20 -11.13
N ASN B 613 -48.69 -55.41 -11.42
CA ASN B 613 -48.81 -54.37 -12.43
C ASN B 613 -49.09 -54.95 -13.81
N LEU B 614 -48.44 -56.08 -14.13
CA LEU B 614 -48.65 -56.69 -15.43
C LEU B 614 -50.07 -57.22 -15.58
N THR B 615 -50.59 -57.91 -14.56
CA THR B 615 -51.94 -58.45 -14.68
C THR B 615 -52.98 -57.34 -14.58
N ALA B 616 -52.63 -56.19 -14.00
CA ALA B 616 -53.55 -55.06 -14.00
C ALA B 616 -53.57 -54.36 -15.34
N ALA B 617 -52.42 -54.27 -16.00
CA ALA B 617 -52.35 -53.60 -17.31
C ALA B 617 -52.90 -54.47 -18.43
N LYS B 618 -52.78 -55.79 -18.30
CA LYS B 618 -53.23 -56.67 -19.38
C LYS B 618 -54.74 -56.63 -19.55
N LYS B 619 -55.47 -56.52 -18.43
CA LYS B 619 -56.93 -56.47 -18.52
C LYS B 619 -57.43 -55.12 -19.01
N ASN B 620 -56.69 -54.04 -18.70
CA ASN B 620 -57.07 -52.72 -19.18
C ASN B 620 -56.66 -52.47 -20.62
N GLU B 621 -55.68 -53.22 -21.14
CA GLU B 621 -55.35 -53.12 -22.56
C GLU B 621 -56.51 -53.57 -23.43
N LEU B 622 -57.32 -54.52 -22.94
CA LEU B 622 -58.51 -54.92 -23.70
C LEU B 622 -59.52 -53.79 -23.79
N VAL B 623 -59.57 -52.92 -22.79
CA VAL B 623 -60.45 -51.76 -22.85
C VAL B 623 -59.83 -50.66 -23.70
N GLN B 624 -58.51 -50.54 -23.68
CA GLN B 624 -57.85 -49.52 -24.49
C GLN B 624 -57.92 -49.86 -25.98
N LYS B 625 -57.76 -51.13 -26.32
CA LYS B 625 -57.83 -51.56 -27.72
C LYS B 625 -59.27 -51.67 -28.18
N ASN B 631 -49.51 -50.00 -27.34
CA ASN B 631 -49.67 -51.42 -27.08
C ASN B 631 -48.45 -51.97 -26.35
N PHE B 632 -48.70 -52.79 -25.33
CA PHE B 632 -47.61 -53.39 -24.56
C PHE B 632 -46.91 -54.45 -25.40
N SER B 633 -45.59 -54.37 -25.47
CA SER B 633 -44.81 -55.34 -26.22
C SER B 633 -44.89 -56.70 -25.56
N SER B 634 -45.20 -57.73 -26.35
CA SER B 634 -45.33 -59.08 -25.81
C SER B 634 -44.00 -59.62 -25.31
N LYS B 635 -42.90 -59.27 -25.99
CA LYS B 635 -41.57 -59.72 -25.61
C LYS B 635 -41.32 -59.59 -24.12
N THR B 636 -41.47 -58.37 -23.60
CA THR B 636 -41.30 -58.11 -22.17
C THR B 636 -42.03 -59.16 -21.34
N TYR B 637 -43.32 -59.38 -21.64
CA TYR B 637 -44.10 -60.41 -20.95
C TYR B 637 -43.32 -61.71 -20.86
N GLN B 638 -42.96 -62.28 -22.02
CA GLN B 638 -42.20 -63.52 -22.04
C GLN B 638 -40.96 -63.42 -21.15
N GLU B 639 -40.20 -62.33 -21.32
CA GLU B 639 -39.01 -62.13 -20.51
C GLU B 639 -39.34 -62.24 -19.03
N PHE B 640 -40.37 -61.51 -18.59
CA PHE B 640 -40.78 -61.58 -17.20
C PHE B 640 -41.03 -63.03 -16.78
N ASN B 641 -41.80 -63.75 -17.60
CA ASN B 641 -42.10 -65.15 -17.31
C ASN B 641 -40.82 -65.92 -17.03
N HIS B 642 -39.82 -65.76 -17.91
CA HIS B 642 -38.55 -66.44 -17.72
C HIS B 642 -38.02 -66.21 -16.32
N TYR B 643 -37.89 -64.93 -15.93
CA TYR B 643 -37.45 -64.59 -14.58
C TYR B 643 -38.23 -65.39 -13.55
N LEU B 644 -39.57 -65.27 -13.59
CA LEU B 644 -40.42 -65.97 -12.64
C LEU B 644 -40.06 -67.45 -12.58
N THR B 645 -39.97 -68.08 -13.76
CA THR B 645 -39.59 -69.49 -13.81
C THR B 645 -38.33 -69.74 -13.00
N SER B 646 -37.25 -69.04 -13.36
CA SER B 646 -35.99 -69.21 -12.65
C SER B 646 -36.20 -69.11 -11.15
N MET B 647 -36.97 -68.10 -10.72
CA MET B 647 -37.21 -67.91 -9.30
C MET B 647 -37.78 -69.18 -8.67
N VAL B 648 -38.91 -69.66 -9.20
CA VAL B 648 -39.50 -70.84 -8.60
C VAL B 648 -38.57 -72.03 -8.81
N GLY B 649 -37.80 -72.04 -9.90
CA GLY B 649 -36.85 -73.10 -10.13
C GLY B 649 -35.84 -73.27 -9.03
N CYS B 650 -35.65 -72.23 -8.21
CA CYS B 650 -34.76 -72.34 -7.06
C CYS B 650 -35.50 -72.43 -5.73
N LEU B 651 -36.79 -72.06 -5.69
CA LEU B 651 -37.45 -71.95 -4.41
C LEU B 651 -37.99 -73.30 -3.93
N TRP B 652 -38.95 -73.87 -4.66
CA TRP B 652 -39.56 -75.12 -4.24
C TRP B 652 -39.80 -76.11 -5.37
N THR B 653 -39.47 -75.76 -6.62
CA THR B 653 -39.73 -76.62 -7.76
C THR B 653 -38.58 -77.58 -8.06
N SER B 654 -37.38 -77.29 -7.55
CA SER B 654 -36.19 -78.13 -7.76
C SER B 654 -35.88 -78.28 -9.24
N LYS B 655 -35.94 -77.16 -9.96
CA LYS B 655 -35.58 -77.09 -11.38
C LYS B 655 -34.79 -75.81 -11.62
N PRO B 656 -33.58 -75.71 -11.05
CA PRO B 656 -32.86 -74.43 -11.12
C PRO B 656 -32.26 -74.13 -12.48
N PHE B 657 -32.18 -75.11 -13.37
CA PHE B 657 -31.54 -74.91 -14.69
C PHE B 657 -32.58 -74.40 -15.68
N GLY B 658 -32.85 -73.10 -15.58
CA GLY B 658 -33.73 -72.41 -16.49
C GLY B 658 -33.01 -71.90 -17.72
N LYS B 659 -33.49 -70.77 -18.24
CA LYS B 659 -32.85 -70.15 -19.40
C LYS B 659 -31.58 -69.39 -19.01
N GLY B 660 -31.52 -68.87 -17.79
CA GLY B 660 -30.38 -68.10 -17.35
C GLY B 660 -29.20 -68.94 -16.92
N ILE B 661 -29.41 -69.83 -15.96
CA ILE B 661 -28.34 -70.71 -15.47
C ILE B 661 -28.35 -71.94 -16.36
N TYR B 662 -27.69 -71.83 -17.51
CA TYR B 662 -27.61 -72.92 -18.47
C TYR B 662 -26.28 -73.65 -18.30
N ILE B 663 -26.15 -74.32 -17.15
CA ILE B 663 -24.98 -75.10 -16.81
C ILE B 663 -25.33 -76.57 -17.00
N ASP B 664 -24.65 -77.24 -17.93
CA ASP B 664 -24.90 -78.63 -18.21
C ASP B 664 -24.27 -79.51 -17.12
N PRO B 665 -24.81 -80.72 -16.90
CA PRO B 665 -24.44 -81.47 -15.69
C PRO B 665 -23.06 -82.12 -15.74
N GLU B 666 -22.32 -82.06 -16.84
CA GLU B 666 -21.02 -82.71 -16.86
C GLU B 666 -20.04 -81.97 -15.96
N ILE B 667 -20.15 -80.65 -15.86
CA ILE B 667 -19.31 -79.91 -14.92
C ILE B 667 -19.67 -80.26 -13.49
N LEU B 668 -20.97 -80.39 -13.20
CA LEU B 668 -21.40 -80.80 -11.87
C LEU B 668 -20.86 -82.17 -11.53
N GLU B 669 -20.78 -83.06 -12.52
CA GLU B 669 -20.34 -84.43 -12.26
C GLU B 669 -18.83 -84.53 -12.10
N LYS B 670 -18.05 -83.79 -12.89
CA LYS B 670 -16.60 -83.82 -12.68
C LYS B 670 -16.22 -83.08 -11.41
N THR B 671 -17.01 -82.07 -11.02
CA THR B 671 -16.73 -81.36 -9.79
C THR B 671 -17.06 -82.22 -8.57
N GLY B 672 -18.20 -82.90 -8.58
CA GLY B 672 -18.58 -83.76 -7.47
C GLY B 672 -19.90 -83.37 -6.83
N VAL B 673 -20.74 -82.66 -7.57
CA VAL B 673 -22.05 -82.24 -7.08
C VAL B 673 -23.06 -83.29 -7.50
N ALA B 674 -23.54 -84.09 -6.55
CA ALA B 674 -24.48 -85.16 -6.84
C ALA B 674 -25.92 -84.72 -6.70
N GLU B 675 -26.24 -83.97 -5.65
CA GLU B 675 -27.60 -83.47 -5.39
C GLU B 675 -27.61 -81.97 -5.67
N TYR B 676 -27.89 -81.62 -6.93
CA TYR B 676 -27.94 -80.22 -7.34
C TYR B 676 -29.36 -79.71 -7.53
N LYS B 677 -30.36 -80.60 -7.55
CA LYS B 677 -31.73 -80.17 -7.78
C LYS B 677 -32.27 -79.30 -6.67
N ASN B 678 -31.91 -79.61 -5.42
CA ASN B 678 -32.36 -78.86 -4.25
C ASN B 678 -31.18 -78.25 -3.52
N SER B 679 -30.21 -77.71 -4.27
CA SER B 679 -29.03 -77.11 -3.66
C SER B 679 -29.28 -75.66 -3.24
N LEU B 680 -30.13 -74.94 -3.97
CA LEU B 680 -30.42 -73.54 -3.67
C LEU B 680 -31.85 -73.34 -3.22
N ASN B 681 -32.43 -74.32 -2.53
CA ASN B 681 -33.81 -74.23 -2.07
C ASN B 681 -33.86 -73.34 -0.82
N VAL B 682 -35.03 -73.28 -0.17
CA VAL B 682 -35.20 -72.43 0.99
C VAL B 682 -34.40 -72.93 2.19
N VAL B 683 -34.03 -74.21 2.19
CA VAL B 683 -33.33 -74.80 3.33
C VAL B 683 -31.83 -74.75 3.15
N HIS B 684 -31.33 -75.15 1.98
CA HIS B 684 -29.91 -75.30 1.74
C HIS B 684 -29.26 -74.08 1.09
N HIS B 685 -30.01 -72.99 0.91
CA HIS B 685 -29.42 -71.78 0.37
C HIS B 685 -28.42 -71.20 1.36
N PRO B 686 -27.25 -70.74 0.89
CA PRO B 686 -26.27 -70.16 1.81
C PRO B 686 -26.74 -68.90 2.51
N SER B 687 -27.83 -68.28 2.05
CA SER B 687 -28.35 -67.10 2.72
C SER B 687 -29.21 -67.47 3.93
N PHE B 688 -30.02 -68.51 3.81
CA PHE B 688 -30.88 -68.95 4.91
C PHE B 688 -30.15 -69.83 5.92
N LEU B 689 -28.85 -70.06 5.73
CA LEU B 689 -28.10 -70.98 6.58
C LEU B 689 -28.34 -70.72 8.06
N SER B 690 -28.09 -69.49 8.50
CA SER B 690 -28.29 -69.13 9.90
C SER B 690 -29.68 -69.54 10.38
N TYR B 691 -30.72 -69.19 9.60
CA TYR B 691 -32.08 -69.57 9.96
C TYR B 691 -32.18 -71.07 10.20
N ALA B 692 -31.65 -71.87 9.26
CA ALA B 692 -31.66 -73.32 9.42
C ALA B 692 -30.99 -73.72 10.73
N VAL B 693 -29.85 -73.11 11.05
CA VAL B 693 -29.18 -73.41 12.31
C VAL B 693 -30.09 -73.07 13.48
N SER B 694 -30.76 -71.91 13.40
CA SER B 694 -31.69 -71.52 14.46
C SER B 694 -32.84 -72.51 14.60
N PHE B 695 -33.13 -73.28 13.55
CA PHE B 695 -34.15 -74.32 13.62
C PHE B 695 -33.57 -75.69 13.94
N LEU B 696 -32.25 -75.87 13.83
CA LEU B 696 -31.65 -77.17 14.08
C LEU B 696 -31.49 -77.44 15.58
N LEU B 697 -31.34 -76.41 16.40
CA LEU B 697 -31.18 -76.61 17.83
C LEU B 697 -32.51 -76.91 18.52
N GLN B 698 -33.61 -76.37 18.00
CA GLN B 698 -34.93 -76.60 18.59
C GLN B 698 -35.40 -78.03 18.34
N SER B 717 -38.67 -79.26 9.29
CA SER B 717 -40.03 -79.77 9.31
C SER B 717 -41.04 -78.67 9.62
N TRP B 718 -41.86 -78.34 8.62
CA TRP B 718 -42.88 -77.30 8.69
C TRP B 718 -42.36 -76.06 9.44
N TYR B 719 -41.31 -75.47 8.88
CA TYR B 719 -40.67 -74.31 9.47
C TYR B 719 -40.86 -73.04 8.64
N LEU B 720 -41.71 -73.09 7.61
CA LEU B 720 -42.00 -71.88 6.83
C LEU B 720 -42.68 -70.83 7.70
N ASP B 721 -43.52 -71.27 8.64
CA ASP B 721 -44.14 -70.33 9.57
C ASP B 721 -43.09 -69.63 10.44
N TYR B 722 -42.01 -70.34 10.78
CA TYR B 722 -40.93 -69.70 11.54
C TYR B 722 -40.28 -68.60 10.72
N LEU B 723 -40.00 -68.87 9.44
CA LEU B 723 -39.42 -67.85 8.58
C LEU B 723 -40.37 -66.67 8.41
N PHE B 724 -41.67 -66.93 8.30
CA PHE B 724 -42.64 -65.85 8.17
C PHE B 724 -42.72 -65.02 9.44
N SER B 725 -42.61 -65.66 10.60
CA SER B 725 -42.63 -64.93 11.86
C SER B 725 -41.33 -64.14 12.07
N GLN B 726 -40.23 -64.60 11.47
CA GLN B 726 -38.97 -63.86 11.59
C GLN B 726 -39.02 -62.52 10.87
N GLY B 727 -39.95 -62.32 9.95
CA GLY B 727 -40.10 -61.03 9.29
C GLY B 727 -40.03 -61.10 7.78
N LEU B 728 -40.05 -62.30 7.21
CA LEU B 728 -39.97 -62.49 5.77
C LEU B 728 -41.37 -62.30 5.18
N GLN B 729 -41.76 -61.03 5.06
CA GLN B 729 -43.10 -60.70 4.57
C GLN B 729 -43.16 -60.75 3.05
N GLY B 730 -42.11 -60.28 2.38
CA GLY B 730 -42.11 -60.30 0.92
C GLY B 730 -42.13 -61.71 0.36
N LEU B 731 -41.37 -62.62 0.96
CA LEU B 731 -41.40 -64.02 0.53
C LEU B 731 -42.78 -64.62 0.76
N LYS B 732 -43.42 -64.28 1.88
CA LYS B 732 -44.77 -64.78 2.14
C LYS B 732 -45.76 -64.28 1.10
N LEU B 733 -45.68 -62.99 0.75
CA LEU B 733 -46.58 -62.45 -0.27
C LEU B 733 -46.32 -63.10 -1.62
N PHE B 734 -45.04 -63.31 -1.97
CA PHE B 734 -44.72 -63.94 -3.24
C PHE B 734 -45.25 -65.36 -3.30
N ILE B 735 -45.10 -66.12 -2.21
CA ILE B 735 -45.61 -67.49 -2.18
C ILE B 735 -47.13 -67.50 -2.29
N ARG B 736 -47.80 -66.61 -1.54
CA ARG B 736 -49.26 -66.57 -1.57
C ARG B 736 -49.79 -66.15 -2.94
N SER B 737 -49.04 -65.32 -3.67
CA SER B 737 -49.46 -64.89 -5.00
C SER B 737 -49.09 -65.88 -6.09
N SER B 738 -48.06 -66.71 -5.87
CA SER B 738 -47.66 -67.68 -6.88
C SER B 738 -48.40 -69.00 -6.75
N VAL B 739 -48.66 -69.47 -5.53
CA VAL B 739 -49.39 -70.72 -5.35
C VAL B 739 -50.84 -70.55 -5.76
N HIS B 740 -51.48 -69.48 -5.31
CA HIS B 740 -52.88 -69.21 -5.66
C HIS B 740 -52.99 -68.61 -7.05
N ASN D 19 -1.72 -81.21 -3.76
CA ASN D 19 -2.65 -80.17 -3.35
C ASN D 19 -2.95 -79.23 -4.51
N THR D 20 -3.93 -78.34 -4.30
CA THR D 20 -4.30 -77.38 -5.34
C THR D 20 -3.30 -76.24 -5.46
N GLU D 21 -2.43 -76.06 -4.47
CA GLU D 21 -1.44 -74.99 -4.55
C GLU D 21 -0.46 -75.24 -5.70
N GLU D 22 -0.02 -76.49 -5.88
CA GLU D 22 0.86 -76.80 -6.98
C GLU D 22 0.15 -76.60 -8.32
N GLU D 23 -1.15 -76.93 -8.38
CA GLU D 23 -1.91 -76.70 -9.59
C GLU D 23 -1.99 -75.22 -9.92
N LEU D 24 -2.25 -74.38 -8.92
CA LEU D 24 -2.30 -72.94 -9.15
C LEU D 24 -0.93 -72.41 -9.58
N ILE D 25 0.14 -72.90 -8.97
CA ILE D 25 1.48 -72.45 -9.34
C ILE D 25 1.78 -72.83 -10.79
N ARG D 26 1.45 -74.06 -11.19
CA ARG D 26 1.70 -74.48 -12.56
C ARG D 26 0.85 -73.69 -13.54
N GLU D 27 -0.40 -73.39 -13.18
CA GLU D 27 -1.24 -72.57 -14.05
C GLU D 27 -0.66 -71.17 -14.23
N CYS D 28 -0.18 -70.58 -13.14
CA CYS D 28 0.44 -69.26 -13.24
C CYS D 28 1.70 -69.30 -14.09
N GLU D 29 2.48 -70.38 -13.97
CA GLU D 29 3.69 -70.50 -14.77
C GLU D 29 3.36 -70.62 -16.25
N GLU D 30 2.35 -71.42 -16.59
CA GLU D 30 1.95 -71.56 -17.99
C GLU D 30 1.41 -70.23 -18.53
N MET D 31 0.63 -69.51 -17.72
CA MET D 31 0.12 -68.21 -18.16
C MET D 31 1.27 -67.22 -18.38
N TRP D 32 2.28 -67.25 -17.50
CA TRP D 32 3.42 -66.36 -17.67
C TRP D 32 4.23 -66.71 -18.91
N LYS D 33 4.40 -68.00 -19.19
CA LYS D 33 5.10 -68.39 -20.42
C LYS D 33 4.32 -67.95 -21.65
N ASP D 34 2.99 -68.12 -21.63
CA ASP D 34 2.17 -67.67 -22.75
C ASP D 34 2.27 -66.16 -22.94
N MET D 35 2.29 -65.42 -21.83
CA MET D 35 2.40 -63.96 -21.92
C MET D 35 3.76 -63.54 -22.45
N GLU D 36 4.82 -64.26 -22.05
CA GLU D 36 6.15 -63.97 -22.57
C GLU D 36 6.21 -64.21 -24.08
N GLU D 37 5.65 -65.33 -24.54
CA GLU D 37 5.62 -65.59 -25.98
C GLU D 37 4.79 -64.54 -26.71
N CYS D 38 3.68 -64.13 -26.11
CA CYS D 38 2.82 -63.11 -26.71
C CYS D 38 3.56 -61.79 -26.85
N GLN D 39 4.31 -61.40 -25.81
CA GLN D 39 5.08 -60.16 -25.87
C GLN D 39 6.21 -60.26 -26.90
N ASN D 40 6.87 -61.41 -26.97
CA ASN D 40 7.94 -61.58 -27.96
C ASN D 40 7.37 -61.51 -29.37
N LYS D 41 6.15 -62.00 -29.57
CA LYS D 41 5.54 -61.91 -30.90
C LYS D 41 5.10 -60.48 -31.21
N LEU D 42 4.58 -59.77 -30.21
CA LEU D 42 4.10 -58.41 -30.44
C LEU D 42 5.25 -57.41 -30.60
N SER D 43 6.43 -57.71 -30.07
CA SER D 43 7.55 -56.76 -30.15
C SER D 43 8.14 -56.63 -31.56
N LEU D 44 7.56 -57.19 -32.61
CA LEU D 44 8.09 -57.08 -33.96
C LEU D 44 7.32 -56.09 -34.82
N ILE D 45 6.45 -55.28 -34.22
CA ILE D 45 5.64 -54.32 -34.95
C ILE D 45 6.27 -52.94 -34.82
N GLY D 46 6.29 -52.18 -35.92
CA GLY D 46 6.86 -50.86 -35.90
C GLY D 46 5.95 -49.84 -35.25
N THR D 47 6.54 -48.71 -34.86
CA THR D 47 5.79 -47.64 -34.21
C THR D 47 5.04 -46.81 -35.23
N GLU D 48 3.90 -46.26 -34.81
CA GLU D 48 3.06 -45.41 -35.64
C GLU D 48 2.67 -44.18 -34.85
N THR D 49 3.16 -43.02 -35.27
CA THR D 49 2.84 -41.76 -34.62
C THR D 49 1.77 -41.01 -35.40
N LEU D 50 1.02 -40.18 -34.68
CA LEU D 50 -0.09 -39.43 -35.26
C LEU D 50 0.25 -37.94 -35.31
N THR D 51 -0.56 -37.21 -36.06
CA THR D 51 -0.47 -35.76 -36.17
C THR D 51 -1.81 -35.15 -35.82
N ASP D 52 -1.92 -33.83 -35.96
CA ASP D 52 -3.15 -33.12 -35.65
C ASP D 52 -4.22 -33.30 -36.71
N SER D 53 -3.85 -33.77 -37.90
CA SER D 53 -4.80 -33.88 -39.00
C SER D 53 -5.34 -35.29 -39.22
N ASN D 54 -4.55 -36.32 -38.94
CA ASN D 54 -4.95 -37.70 -39.20
C ASN D 54 -4.96 -38.53 -37.93
N ALA D 55 -5.54 -37.98 -36.85
CA ALA D 55 -5.62 -38.67 -35.57
C ALA D 55 -6.98 -39.28 -35.30
N GLN D 56 -8.06 -38.54 -35.55
CA GLN D 56 -9.39 -39.01 -35.17
C GLN D 56 -9.79 -40.26 -35.95
N LEU D 57 -9.65 -40.23 -37.28
CA LEU D 57 -10.04 -41.37 -38.09
C LEU D 57 -9.18 -42.59 -37.80
N SER D 58 -7.87 -42.38 -37.65
CA SER D 58 -6.97 -43.49 -37.34
C SER D 58 -7.33 -44.12 -35.99
N LEU D 59 -7.61 -43.29 -34.99
CA LEU D 59 -7.99 -43.83 -33.68
C LEU D 59 -9.32 -44.55 -33.75
N LEU D 60 -10.26 -44.07 -34.56
CA LEU D 60 -11.54 -44.77 -34.72
C LEU D 60 -11.34 -46.13 -35.36
N ILE D 61 -10.49 -46.21 -36.39
CA ILE D 61 -10.22 -47.50 -37.04
C ILE D 61 -9.55 -48.45 -36.07
N MET D 62 -8.59 -47.94 -35.29
CA MET D 62 -7.92 -48.79 -34.31
C MET D 62 -8.90 -49.28 -33.24
N GLN D 63 -9.83 -48.41 -32.81
CA GLN D 63 -10.83 -48.83 -31.85
C GLN D 63 -11.72 -49.92 -32.42
N VAL D 64 -12.12 -49.79 -33.69
CA VAL D 64 -12.93 -50.82 -34.32
C VAL D 64 -12.19 -52.16 -34.34
N LYS D 65 -10.92 -52.13 -34.75
CA LYS D 65 -10.14 -53.36 -34.81
C LYS D 65 -9.99 -53.99 -33.43
N CYS D 66 -9.69 -53.17 -32.42
CA CYS D 66 -9.49 -53.69 -31.07
C CYS D 66 -10.77 -54.26 -30.49
N LEU D 67 -11.92 -53.61 -30.74
CA LEU D 67 -13.18 -54.14 -30.26
C LEU D 67 -13.53 -55.44 -30.97
N THR D 68 -13.26 -55.52 -32.28
CA THR D 68 -13.52 -56.76 -33.01
C THR D 68 -12.67 -57.90 -32.47
N ALA D 69 -11.42 -57.60 -32.08
CA ALA D 69 -10.57 -58.64 -31.51
C ALA D 69 -11.06 -59.05 -30.12
N GLU D 70 -11.40 -58.07 -29.29
CA GLU D 70 -11.81 -58.36 -27.91
C GLU D 70 -13.13 -59.11 -27.86
N LEU D 71 -14.02 -58.87 -28.83
CA LEU D 71 -15.28 -59.61 -28.86
C LEU D 71 -15.02 -61.11 -29.00
N SER D 72 -14.17 -61.49 -29.96
CA SER D 72 -13.84 -62.90 -30.13
C SER D 72 -13.06 -63.44 -28.94
N GLN D 73 -12.16 -62.63 -28.38
CA GLN D 73 -11.41 -63.07 -27.22
C GLN D 73 -12.32 -63.36 -26.03
N TRP D 74 -13.38 -62.60 -25.86
CA TRP D 74 -14.33 -62.86 -24.78
C TRP D 74 -15.28 -63.99 -25.13
N GLN D 75 -15.63 -64.17 -26.40
CA GLN D 75 -16.47 -65.29 -26.80
C GLN D 75 -15.75 -66.62 -26.62
N LYS D 76 -14.43 -66.62 -26.76
CA LYS D 76 -13.67 -67.86 -26.58
C LYS D 76 -13.52 -68.26 -25.12
N LYS D 77 -13.96 -67.44 -24.18
CA LYS D 77 -13.76 -67.71 -22.76
C LYS D 77 -14.83 -68.66 -22.24
N THR D 78 -14.41 -69.61 -21.40
CA THR D 78 -15.28 -70.59 -20.78
C THR D 78 -15.04 -70.63 -19.28
N PRO D 79 -16.06 -70.91 -18.49
CA PRO D 79 -15.86 -71.00 -17.03
C PRO D 79 -14.96 -72.18 -16.67
N GLU D 80 -13.90 -71.88 -15.93
CA GLU D 80 -12.93 -72.91 -15.54
C GLU D 80 -13.43 -73.64 -14.29
N THR D 81 -13.27 -74.96 -14.30
CA THR D 81 -13.73 -75.77 -13.17
C THR D 81 -12.73 -75.71 -12.02
N ILE D 82 -11.52 -76.22 -12.26
CA ILE D 82 -10.41 -76.27 -11.29
C ILE D 82 -10.92 -76.50 -9.87
N PRO D 83 -11.52 -77.65 -9.58
CA PRO D 83 -12.17 -77.84 -8.28
C PRO D 83 -11.18 -77.75 -7.13
N LEU D 84 -11.57 -77.01 -6.10
CA LEU D 84 -10.77 -76.83 -4.90
C LEU D 84 -11.28 -77.76 -3.80
N THR D 85 -10.75 -77.59 -2.59
CA THR D 85 -11.19 -78.36 -1.44
C THR D 85 -12.39 -77.67 -0.79
N GLU D 86 -12.76 -78.11 0.41
CA GLU D 86 -13.92 -77.54 1.10
C GLU D 86 -13.53 -76.54 2.18
N ASP D 87 -12.35 -76.70 2.79
CA ASP D 87 -11.94 -75.78 3.86
C ASP D 87 -11.75 -74.36 3.32
N VAL D 88 -11.22 -74.23 2.11
CA VAL D 88 -11.07 -72.91 1.51
C VAL D 88 -12.43 -72.25 1.30
N LEU D 89 -13.42 -73.04 0.86
CA LEU D 89 -14.76 -72.50 0.69
C LEU D 89 -15.36 -72.09 2.03
N ILE D 90 -15.10 -72.87 3.08
CA ILE D 90 -15.59 -72.51 4.41
C ILE D 90 -15.00 -71.18 4.86
N THR D 91 -13.68 -71.03 4.70
CA THR D 91 -13.05 -69.77 5.11
C THR D 91 -13.55 -68.59 4.29
N LEU D 92 -13.75 -68.79 2.98
CA LEU D 92 -14.28 -67.72 2.15
C LEU D 92 -15.67 -67.31 2.61
N GLY D 93 -16.53 -68.28 2.91
CA GLY D 93 -17.84 -67.96 3.44
C GLY D 93 -17.77 -67.23 4.77
N LYS D 94 -16.82 -67.63 5.62
CA LYS D 94 -16.64 -66.94 6.90
C LYS D 94 -16.31 -65.47 6.68
N GLU D 95 -15.36 -65.19 5.79
CA GLU D 95 -15.00 -63.80 5.52
C GLU D 95 -16.17 -63.03 4.91
N GLU D 96 -16.93 -63.67 4.02
CA GLU D 96 -18.08 -63.00 3.40
C GLU D 96 -19.12 -62.63 4.45
N PHE D 97 -19.42 -63.54 5.38
CA PHE D 97 -20.37 -63.21 6.44
C PHE D 97 -19.84 -62.13 7.35
N GLN D 98 -18.53 -62.16 7.64
CA GLN D 98 -17.93 -61.14 8.49
C GLN D 98 -18.06 -59.75 7.89
N LYS D 99 -17.91 -59.63 6.57
CA LYS D 99 -18.12 -58.33 5.94
C LYS D 99 -19.59 -57.97 5.85
N LEU D 100 -20.45 -58.97 5.59
CA LEU D 100 -21.89 -58.73 5.51
C LEU D 100 -22.43 -58.18 6.82
N ARG D 101 -21.80 -58.52 7.95
CA ARG D 101 -22.23 -57.97 9.24
C ARG D 101 -22.18 -56.44 9.24
N GLN D 102 -21.01 -55.88 8.95
CA GLN D 102 -20.87 -54.42 8.93
C GLN D 102 -21.70 -53.79 7.82
N ASP D 103 -21.79 -54.47 6.67
CA ASP D 103 -22.66 -53.96 5.61
C ASP D 103 -24.10 -53.81 6.11
N LEU D 104 -24.60 -54.82 6.83
CA LEU D 104 -25.96 -54.78 7.32
C LEU D 104 -26.15 -53.69 8.38
N GLU D 105 -25.15 -53.50 9.24
CA GLU D 105 -25.29 -52.46 10.26
C GLU D 105 -25.34 -51.06 9.61
N MET D 106 -24.53 -50.84 8.57
CA MET D 106 -24.59 -49.56 7.88
C MET D 106 -25.92 -49.37 7.18
N VAL D 107 -26.43 -50.42 6.54
CA VAL D 107 -27.74 -50.36 5.90
C VAL D 107 -28.82 -50.00 6.92
N LEU D 108 -28.75 -50.60 8.10
CA LEU D 108 -29.73 -50.33 9.14
C LEU D 108 -29.71 -48.86 9.57
N SER D 109 -28.50 -48.33 9.79
CA SER D 109 -28.38 -46.93 10.16
C SER D 109 -28.98 -46.01 9.09
N THR D 110 -28.67 -46.29 7.83
CA THR D 110 -29.21 -45.48 6.74
C THR D 110 -30.73 -45.56 6.69
N LYS D 111 -31.29 -46.75 6.91
CA LYS D 111 -32.75 -46.90 6.90
C LYS D 111 -33.39 -46.10 8.02
N GLU D 112 -32.76 -46.10 9.20
CA GLU D 112 -33.29 -45.30 10.32
C GLU D 112 -33.32 -43.82 9.96
N SER D 113 -32.22 -43.31 9.41
CA SER D 113 -32.18 -41.90 9.01
C SER D 113 -33.27 -41.60 7.98
N LYS D 114 -33.44 -42.49 7.00
CA LYS D 114 -34.46 -42.31 5.98
C LYS D 114 -35.86 -42.23 6.59
N ASN D 115 -36.15 -43.12 7.55
CA ASN D 115 -37.47 -43.10 8.18
C ASN D 115 -37.71 -41.81 8.94
N GLU D 116 -36.70 -41.33 9.68
CA GLU D 116 -36.86 -40.07 10.40
C GLU D 116 -37.17 -38.92 9.44
N LYS D 117 -36.38 -38.81 8.36
CA LYS D 117 -36.62 -37.74 7.39
C LYS D 117 -38.00 -37.87 6.76
N LEU D 118 -38.45 -39.09 6.49
CA LEU D 118 -39.76 -39.30 5.90
C LEU D 118 -40.86 -38.80 6.83
N LYS D 119 -40.76 -39.10 8.13
CA LYS D 119 -41.77 -38.64 9.07
C LYS D 119 -41.80 -37.12 9.14
N GLU D 120 -40.63 -36.48 9.20
CA GLU D 120 -40.59 -35.02 9.25
C GLU D 120 -41.23 -34.40 8.00
N ASP D 121 -40.87 -34.93 6.83
CA ASP D 121 -41.44 -34.42 5.58
C ASP D 121 -42.95 -34.63 5.53
N LEU D 122 -43.42 -35.76 6.08
CA LEU D 122 -44.86 -36.02 6.11
C LEU D 122 -45.58 -34.95 6.91
N GLU D 123 -45.06 -34.63 8.11
CA GLU D 123 -45.68 -33.59 8.92
C GLU D 123 -45.71 -32.25 8.19
N ARG D 124 -44.58 -31.87 7.61
CA ARG D 124 -44.51 -30.57 6.93
C ARG D 124 -45.48 -30.52 5.74
N GLU D 125 -45.55 -31.60 4.96
CA GLU D 125 -46.46 -31.63 3.82
C GLU D 125 -47.92 -31.57 4.26
N GLN D 126 -48.25 -32.22 5.39
CA GLN D 126 -49.62 -32.14 5.90
C GLN D 126 -49.99 -30.70 6.24
N ARG D 127 -49.09 -30.00 6.95
CA ARG D 127 -49.37 -28.60 7.29
C ARG D 127 -49.53 -27.75 6.03
N TRP D 128 -48.64 -27.92 5.06
CA TRP D 128 -48.73 -27.15 3.82
C TRP D 128 -50.03 -27.43 3.09
N LEU D 129 -50.46 -28.70 3.07
CA LEU D 129 -51.71 -29.05 2.41
C LEU D 129 -52.90 -28.38 3.08
N ASP D 130 -52.92 -28.36 4.41
CA ASP D 130 -54.00 -27.68 5.13
C ASP D 130 -54.05 -26.20 4.75
N GLU D 131 -52.89 -25.52 4.79
CA GLU D 131 -52.86 -24.10 4.47
C GLU D 131 -53.30 -23.84 3.02
N GLN D 132 -52.88 -24.71 2.10
CA GLN D 132 -53.24 -24.51 0.70
C GLN D 132 -54.73 -24.75 0.47
N GLN D 133 -55.31 -25.72 1.18
CA GLN D 133 -56.76 -25.91 1.11
C GLN D 133 -57.49 -24.67 1.60
N GLN D 134 -57.05 -24.09 2.71
CA GLN D 134 -57.67 -22.86 3.20
C GLN D 134 -57.58 -21.75 2.16
N ILE D 135 -56.40 -21.56 1.58
CA ILE D 135 -56.22 -20.50 0.59
C ILE D 135 -57.11 -20.72 -0.62
N MET D 136 -57.19 -21.95 -1.11
CA MET D 136 -58.01 -22.23 -2.28
C MET D 136 -59.49 -22.01 -2.00
N GLU D 137 -59.95 -22.41 -0.81
CA GLU D 137 -61.35 -22.18 -0.46
C GLU D 137 -61.66 -20.69 -0.40
N SER D 138 -60.77 -19.91 0.24
CA SER D 138 -60.98 -18.48 0.33
C SER D 138 -61.00 -17.84 -1.06
N LEU D 139 -60.08 -18.25 -1.94
CA LEU D 139 -60.03 -17.68 -3.28
C LEU D 139 -61.28 -18.01 -4.08
N ASN D 140 -61.78 -19.24 -3.95
CA ASN D 140 -63.00 -19.62 -4.65
C ASN D 140 -64.20 -18.83 -4.14
N VAL D 141 -64.29 -18.66 -2.81
CA VAL D 141 -65.39 -17.86 -2.26
C VAL D 141 -65.32 -16.42 -2.77
N LEU D 142 -64.10 -15.85 -2.81
CA LEU D 142 -63.96 -14.49 -3.29
C LEU D 142 -64.33 -14.36 -4.76
N HIS D 143 -63.92 -15.34 -5.58
CA HIS D 143 -64.28 -15.30 -7.00
C HIS D 143 -65.79 -15.41 -7.18
N SER D 144 -66.44 -16.27 -6.41
CA SER D 144 -67.89 -16.40 -6.51
C SER D 144 -68.58 -15.10 -6.11
N GLU D 145 -68.11 -14.47 -5.02
CA GLU D 145 -68.71 -13.22 -4.57
C GLU D 145 -68.50 -12.11 -5.60
N LEU D 146 -67.34 -12.09 -6.25
CA LEU D 146 -67.08 -11.06 -7.24
C LEU D 146 -67.92 -11.29 -8.50
N LYS D 147 -68.08 -12.55 -8.92
CA LYS D 147 -68.89 -12.83 -10.10
C LYS D 147 -70.37 -12.59 -9.83
N ASN D 148 -70.82 -12.76 -8.59
CA ASN D 148 -72.21 -12.50 -8.26
C ASN D 148 -72.55 -11.02 -8.42
N LYS D 149 -71.61 -10.14 -8.12
CA LYS D 149 -71.83 -8.71 -8.25
C LYS D 149 -71.23 -8.17 -9.54
N SER D 154 -70.74 5.50 -19.42
CA SER D 154 -71.75 6.02 -18.50
C SER D 154 -71.16 7.09 -17.58
N GLU D 155 -70.95 8.28 -18.14
CA GLU D 155 -70.39 9.38 -17.37
C GLU D 155 -71.42 10.09 -16.51
N SER D 156 -72.70 9.76 -16.66
CA SER D 156 -73.73 10.44 -15.86
C SER D 156 -73.58 10.12 -14.38
N ARG D 157 -73.35 8.84 -14.03
CA ARG D 157 -73.18 8.48 -12.63
C ARG D 157 -71.89 9.07 -12.07
N ILE D 158 -70.82 9.14 -12.87
CA ILE D 158 -69.57 9.75 -12.41
C ILE D 158 -69.79 11.24 -12.13
N PHE D 159 -70.50 11.93 -13.01
CA PHE D 159 -70.78 13.34 -12.79
C PHE D 159 -71.67 13.55 -11.58
N ASN D 160 -72.65 12.66 -11.36
CA ASN D 160 -73.49 12.77 -10.17
C ASN D 160 -72.67 12.57 -8.90
N GLU D 161 -71.74 11.60 -8.92
CA GLU D 161 -70.88 11.38 -7.77
C GLU D 161 -70.01 12.60 -7.49
N LEU D 162 -69.42 13.18 -8.54
CA LEU D 162 -68.61 14.39 -8.36
C LEU D 162 -69.46 15.54 -7.83
N LYS D 163 -70.70 15.67 -8.31
CA LYS D 163 -71.56 16.74 -7.86
C LYS D 163 -71.92 16.60 -6.39
N THR D 164 -72.30 15.40 -5.97
CA THR D 164 -72.66 15.22 -4.56
C THR D 164 -71.43 15.34 -3.66
N LYS D 165 -70.25 14.93 -4.14
CA LYS D 165 -69.03 15.15 -3.37
C LYS D 165 -68.76 16.63 -3.18
N MET D 166 -68.87 17.41 -4.26
CA MET D 166 -68.68 18.85 -4.17
C MET D 166 -69.70 19.49 -3.23
N LEU D 167 -70.95 19.01 -3.29
CA LEU D 167 -71.99 19.56 -2.41
C LEU D 167 -71.67 19.27 -0.95
N ASN D 168 -71.25 18.04 -0.64
CA ASN D 168 -70.89 17.70 0.74
C ASN D 168 -69.71 18.55 1.21
N ILE D 169 -68.70 18.71 0.35
CA ILE D 169 -67.53 19.51 0.74
C ILE D 169 -67.94 20.95 1.00
N LYS D 170 -68.80 21.50 0.14
CA LYS D 170 -69.24 22.89 0.32
C LYS D 170 -70.05 23.06 1.59
N GLU D 171 -70.95 22.12 1.89
CA GLU D 171 -71.73 22.20 3.11
C GLU D 171 -70.83 22.13 4.35
N TYR D 172 -69.88 21.19 4.34
CA TYR D 172 -68.96 21.08 5.47
C TYR D 172 -68.14 22.35 5.65
N LYS D 173 -67.63 22.91 4.55
CA LYS D 173 -66.82 24.12 4.64
C LYS D 173 -67.65 25.30 5.15
N GLU D 174 -68.89 25.41 4.68
CA GLU D 174 -69.75 26.50 5.15
C GLU D 174 -70.05 26.38 6.63
N LYS D 175 -70.39 25.17 7.08
CA LYS D 175 -70.65 24.97 8.51
C LYS D 175 -69.42 25.29 9.35
N LEU D 176 -68.24 24.82 8.90
CA LEU D 176 -67.01 25.08 9.65
C LEU D 176 -66.69 26.57 9.70
N LEU D 177 -66.89 27.28 8.58
CA LEU D 177 -66.60 28.70 8.56
C LEU D 177 -67.56 29.47 9.46
N SER D 178 -68.84 29.10 9.45
CA SER D 178 -69.80 29.75 10.33
C SER D 178 -69.45 29.52 11.80
N THR D 179 -69.08 28.28 12.14
CA THR D 179 -68.71 27.99 13.52
C THR D 179 -67.44 28.74 13.93
N LEU D 180 -66.46 28.83 13.03
CA LEU D 180 -65.24 29.58 13.34
C LEU D 180 -65.54 31.06 13.54
N GLY D 181 -66.39 31.63 12.70
CA GLY D 181 -66.78 33.03 12.88
C GLY D 181 -67.48 33.26 14.19
N GLU D 182 -68.42 32.37 14.55
CA GLU D 182 -69.12 32.51 15.82
C GLU D 182 -68.17 32.40 16.99
N PHE D 183 -67.21 31.47 16.93
CA PHE D 183 -66.24 31.31 18.01
C PHE D 183 -65.37 32.56 18.16
N LEU D 184 -64.83 33.04 17.03
CA LEU D 184 -63.98 34.23 17.08
C LEU D 184 -64.75 35.47 17.52
N GLU D 185 -66.06 35.51 17.25
CA GLU D 185 -66.85 36.66 17.69
C GLU D 185 -67.17 36.60 19.18
N ASP D 186 -67.54 35.43 19.68
CA ASP D 186 -67.96 35.34 21.07
C ASP D 186 -66.79 35.23 22.04
N HIS D 187 -65.62 34.82 21.57
CA HIS D 187 -64.47 34.64 22.46
C HIS D 187 -63.46 35.78 22.39
N PHE D 188 -63.35 36.47 21.26
CA PHE D 188 -62.39 37.56 21.09
C PHE D 188 -63.13 38.78 20.55
N PRO D 189 -63.77 39.55 21.43
CA PRO D 189 -64.48 40.76 20.97
C PRO D 189 -63.52 41.86 20.54
N LEU D 190 -64.07 43.01 20.17
CA LEU D 190 -63.23 44.14 19.77
C LEU D 190 -62.49 44.69 20.99
N PRO D 191 -61.16 44.78 20.94
CA PRO D 191 -60.43 45.30 22.10
C PRO D 191 -60.61 46.79 22.26
N ASP D 192 -60.63 47.23 23.51
CA ASP D 192 -60.81 48.64 23.84
C ASP D 192 -59.46 49.32 24.05
N VAL D 207 -55.60 55.91 17.81
CA VAL D 207 -55.54 54.87 16.80
C VAL D 207 -56.51 53.75 17.15
N ASN D 208 -57.11 53.15 16.13
CA ASN D 208 -58.06 52.06 16.31
C ASN D 208 -57.44 50.74 15.86
N LEU D 209 -57.89 49.65 16.49
CA LEU D 209 -57.38 48.32 16.21
C LEU D 209 -58.49 47.45 15.66
N ILE D 210 -58.17 46.68 14.62
CA ILE D 210 -59.12 45.78 14.00
C ILE D 210 -59.13 44.46 14.75
N THR D 211 -60.18 43.66 14.52
CA THR D 211 -60.33 42.40 15.20
C THR D 211 -59.37 41.35 14.64
N LEU D 212 -59.29 40.21 15.33
CA LEU D 212 -58.43 39.13 14.89
C LEU D 212 -59.00 38.43 13.66
N HIS D 213 -60.32 38.41 13.52
CA HIS D 213 -60.93 37.78 12.35
C HIS D 213 -60.53 38.47 11.06
N GLU D 214 -60.47 39.81 11.07
CA GLU D 214 -60.05 40.55 9.89
C GLU D 214 -58.60 40.24 9.55
N MET D 215 -57.74 40.13 10.55
CA MET D 215 -56.33 39.80 10.30
C MET D 215 -56.20 38.40 9.72
N LEU D 216 -56.95 37.44 10.26
CA LEU D 216 -56.90 36.08 9.72
C LEU D 216 -57.40 36.05 8.28
N GLU D 217 -58.48 36.78 7.99
CA GLU D 217 -59.00 36.83 6.62
C GLU D 217 -57.98 37.45 5.67
N ILE D 218 -57.31 38.51 6.10
CA ILE D 218 -56.29 39.14 5.27
C ILE D 218 -55.15 38.18 5.00
N LEU D 219 -54.71 37.45 6.03
CA LEU D 219 -53.62 36.50 5.86
C LEU D 219 -54.02 35.38 4.89
N ILE D 220 -55.24 34.86 5.04
CA ILE D 220 -55.69 33.78 4.16
C ILE D 220 -55.80 34.27 2.73
N ASN D 221 -56.33 35.48 2.53
CA ASN D 221 -56.45 36.03 1.18
C ASN D 221 -55.08 36.24 0.56
N ARG D 222 -54.12 36.78 1.31
CA ARG D 222 -52.78 36.97 0.77
C ARG D 222 -52.11 35.64 0.47
N LEU D 223 -52.38 34.61 1.26
CA LEU D 223 -51.80 33.30 0.99
C LEU D 223 -52.39 32.67 -0.26
N PHE D 224 -53.70 32.84 -0.48
CA PHE D 224 -54.35 32.15 -1.59
C PHE D 224 -54.21 32.91 -2.92
N ASP D 225 -54.18 34.23 -2.88
CA ASP D 225 -54.09 34.99 -4.13
C ASP D 225 -52.66 35.04 -4.65
N VAL D 226 -51.71 35.40 -3.81
CA VAL D 226 -50.30 35.48 -4.22
C VAL D 226 -49.55 34.30 -3.61
N PRO D 227 -49.31 33.23 -4.37
CA PRO D 227 -48.69 32.04 -3.76
C PRO D 227 -47.21 32.22 -3.48
N HIS D 228 -46.48 32.97 -4.29
CA HIS D 228 -45.03 33.09 -4.12
C HIS D 228 -44.62 34.25 -3.23
N ASP D 229 -45.53 35.16 -2.90
CA ASP D 229 -45.25 36.29 -2.01
C ASP D 229 -46.44 36.48 -1.06
N PRO D 230 -46.57 35.63 -0.05
CA PRO D 230 -47.68 35.75 0.90
C PRO D 230 -47.40 36.61 2.13
N TYR D 231 -46.29 37.34 2.16
CA TYR D 231 -45.92 38.12 3.33
C TYR D 231 -46.71 39.43 3.39
N VAL D 232 -47.10 39.82 4.60
CA VAL D 232 -47.84 41.05 4.84
C VAL D 232 -47.08 41.87 5.87
N LYS D 233 -46.91 43.16 5.61
CA LYS D 233 -46.22 44.04 6.54
C LYS D 233 -47.09 44.34 7.75
N ILE D 234 -46.49 44.27 8.93
CA ILE D 234 -47.23 44.52 10.17
C ILE D 234 -47.56 46.00 10.26
N SER D 235 -48.84 46.29 10.54
CA SER D 235 -49.33 47.66 10.64
C SER D 235 -49.63 48.00 12.09
N ASP D 236 -50.10 49.24 12.29
CA ASP D 236 -50.44 49.69 13.64
C ASP D 236 -51.69 48.99 14.14
N SER D 237 -52.61 48.62 13.23
CA SER D 237 -53.84 47.94 13.64
C SER D 237 -53.54 46.58 14.25
N PHE D 238 -52.48 45.91 13.82
CA PHE D 238 -52.07 44.63 14.38
C PHE D 238 -51.31 44.90 15.66
N TRP D 239 -52.02 44.90 16.79
CA TRP D 239 -51.33 45.20 18.03
C TRP D 239 -50.57 43.96 18.53
N PRO D 240 -49.51 44.17 19.32
CA PRO D 240 -48.60 43.08 19.69
C PRO D 240 -49.31 41.87 20.31
N PRO D 241 -50.37 42.04 21.10
CA PRO D 241 -51.03 40.85 21.67
C PRO D 241 -51.47 39.82 20.63
N TYR D 242 -52.24 40.24 19.63
CA TYR D 242 -52.76 39.27 18.65
C TYR D 242 -51.65 38.69 17.80
N VAL D 243 -50.67 39.51 17.41
CA VAL D 243 -49.55 39.02 16.62
C VAL D 243 -48.77 37.99 17.41
N GLU D 244 -48.52 38.25 18.68
CA GLU D 244 -47.81 37.29 19.52
C GLU D 244 -48.61 36.01 19.70
N LEU D 245 -49.93 36.11 19.85
CA LEU D 245 -50.78 34.92 19.94
C LEU D 245 -50.66 34.07 18.68
N LEU D 246 -50.77 34.71 17.51
CA LEU D 246 -50.69 33.97 16.26
C LEU D 246 -49.31 33.36 16.05
N LEU D 247 -48.26 34.06 16.45
CA LEU D 247 -46.91 33.52 16.28
C LEU D 247 -46.63 32.40 17.27
N ARG D 248 -47.23 32.44 18.46
CA ARG D 248 -47.00 31.41 19.45
C ARG D 248 -47.79 30.14 19.13
N ASN D 249 -49.01 30.29 18.60
CA ASN D 249 -49.83 29.14 18.26
C ASN D 249 -49.47 28.52 16.92
N GLY D 250 -48.38 28.95 16.29
CA GLY D 250 -47.94 28.37 15.04
C GLY D 250 -48.78 28.74 13.83
N ILE D 251 -49.72 29.68 13.97
CA ILE D 251 -50.57 30.03 12.85
C ILE D 251 -49.82 30.93 11.86
N ALA D 252 -49.03 31.88 12.38
CA ALA D 252 -48.29 32.80 11.54
C ALA D 252 -46.79 32.61 11.75
N LEU D 253 -46.01 33.09 10.78
CA LEU D 253 -44.56 32.98 10.82
C LEU D 253 -43.94 34.28 10.36
N ARG D 254 -42.91 34.73 11.08
CA ARG D 254 -42.21 35.95 10.69
C ARG D 254 -41.32 35.70 9.48
N HIS D 255 -41.05 36.78 8.74
CA HIS D 255 -40.12 36.69 7.63
C HIS D 255 -38.71 36.43 8.17
N PRO D 256 -37.95 35.53 7.55
CA PRO D 256 -36.61 35.21 8.07
C PRO D 256 -35.66 36.39 8.10
N GLU D 257 -35.88 37.41 7.27
CA GLU D 257 -34.95 38.52 7.16
C GLU D 257 -35.42 39.76 7.93
N ASP D 258 -36.71 40.05 7.93
CA ASP D 258 -37.26 41.21 8.64
C ASP D 258 -38.48 40.79 9.43
N PRO D 259 -38.50 40.96 10.74
CA PRO D 259 -39.70 40.60 11.52
C PRO D 259 -40.90 41.49 11.26
N THR D 260 -40.78 42.53 10.43
CA THR D 260 -41.92 43.40 10.12
C THR D 260 -42.88 42.79 9.13
N ARG D 261 -42.55 41.64 8.54
CA ARG D 261 -43.41 40.97 7.58
C ARG D 261 -43.73 39.57 8.09
N ILE D 262 -45.00 39.21 8.05
CA ILE D 262 -45.46 37.90 8.53
C ILE D 262 -46.28 37.23 7.44
N ARG D 263 -46.33 35.90 7.50
CA ARG D 263 -47.07 35.10 6.53
C ARG D 263 -47.83 34.02 7.28
N LEU D 264 -48.73 33.34 6.56
CA LEU D 264 -49.52 32.25 7.10
C LEU D 264 -48.87 30.92 6.79
N GLU D 265 -49.02 29.97 7.72
CA GLU D 265 -48.45 28.64 7.53
C GLU D 265 -49.23 27.89 6.46
N ALA D 266 -48.50 27.28 5.52
CA ALA D 266 -49.11 26.51 4.44
C ALA D 266 -49.51 25.15 4.98
N PHE D 267 -50.73 25.05 5.49
CA PHE D 267 -51.21 23.79 6.05
C PHE D 267 -51.60 22.79 4.97
N HIS D 268 -52.07 23.27 3.82
CA HIS D 268 -52.48 22.37 2.75
C HIS D 268 -51.29 21.74 2.04
N GLN D 269 -50.09 22.23 2.26
CA GLN D 269 -48.90 21.68 1.62
C GLN D 269 -47.95 21.09 2.66
N PRO E 26 -42.42 -17.62 -25.44
CA PRO E 26 -42.21 -16.66 -24.35
C PRO E 26 -40.75 -16.18 -24.27
N LEU E 27 -40.54 -15.00 -23.68
CA LEU E 27 -39.19 -14.46 -23.58
C LEU E 27 -38.32 -15.26 -22.62
N GLN E 28 -38.94 -15.88 -21.61
CA GLN E 28 -38.18 -16.71 -20.68
C GLN E 28 -37.63 -17.95 -21.39
N LYS E 29 -38.42 -18.55 -22.26
CA LYS E 29 -37.95 -19.72 -23.01
C LYS E 29 -36.80 -19.33 -23.95
N ARG E 30 -36.91 -18.18 -24.60
CA ARG E 30 -35.83 -17.72 -25.47
C ARG E 30 -34.57 -17.42 -24.66
N LEU E 31 -34.73 -16.84 -23.47
CA LEU E 31 -33.59 -16.58 -22.60
C LEU E 31 -32.91 -17.88 -22.19
N GLU E 32 -33.70 -18.87 -21.80
CA GLU E 32 -33.12 -20.16 -21.42
C GLU E 32 -32.43 -20.82 -22.61
N SER E 33 -33.01 -20.67 -23.81
CA SER E 33 -32.41 -21.26 -25.01
C SER E 33 -31.08 -20.62 -25.34
N VAL E 34 -31.01 -19.29 -25.31
CA VAL E 34 -29.74 -18.62 -25.62
C VAL E 34 -28.74 -18.84 -24.48
N ARG E 35 -29.23 -19.13 -23.27
CA ARG E 35 -28.32 -19.44 -22.18
C ARG E 35 -27.67 -20.81 -22.37
N LYS E 36 -28.48 -21.84 -22.55
CA LYS E 36 -27.95 -23.19 -22.69
C LYS E 36 -27.24 -23.41 -24.02
N GLN E 37 -27.30 -22.44 -24.94
CA GLN E 37 -26.62 -22.57 -26.23
C GLN E 37 -25.14 -22.22 -26.15
N SER E 38 -24.72 -21.53 -25.10
CA SER E 38 -23.33 -21.09 -24.95
C SER E 38 -22.49 -22.28 -24.50
N SER E 39 -22.07 -23.09 -25.47
CA SER E 39 -21.22 -24.24 -25.23
C SER E 39 -19.82 -23.97 -25.81
N PHE E 40 -18.89 -24.86 -25.48
CA PHE E 40 -17.51 -24.75 -25.93
C PHE E 40 -17.20 -25.71 -27.07
N ILE E 41 -18.17 -25.97 -27.94
CA ILE E 41 -17.97 -26.86 -29.08
C ILE E 41 -17.80 -26.07 -30.37
N LEU E 42 -18.56 -24.99 -30.55
CA LEU E 42 -18.48 -24.19 -31.76
C LEU E 42 -17.20 -23.38 -31.78
N THR E 43 -16.67 -23.19 -32.98
CA THR E 43 -15.43 -22.41 -33.14
C THR E 43 -15.74 -20.92 -33.01
N PRO E 44 -14.95 -20.17 -32.23
CA PRO E 44 -15.20 -18.73 -32.13
C PRO E 44 -14.95 -18.06 -33.47
N PRO E 45 -15.73 -17.03 -33.81
CA PRO E 45 -15.59 -16.39 -35.11
C PRO E 45 -14.45 -15.38 -35.17
N ARG E 46 -14.22 -14.81 -36.34
CA ARG E 46 -13.20 -13.78 -36.52
C ARG E 46 -13.82 -12.40 -36.29
N ARG E 47 -12.99 -11.37 -36.32
CA ARG E 47 -13.43 -10.00 -36.07
C ARG E 47 -13.00 -9.10 -37.22
N LYS E 48 -13.82 -8.08 -37.48
CA LYS E 48 -13.53 -7.12 -38.53
C LYS E 48 -12.60 -6.03 -38.01
N ILE E 49 -11.78 -5.50 -38.92
CA ILE E 49 -10.88 -4.40 -38.56
C ILE E 49 -11.71 -3.16 -38.27
N PRO E 50 -11.49 -2.50 -37.13
CA PRO E 50 -12.28 -1.30 -36.82
C PRO E 50 -12.02 -0.18 -37.83
N GLN E 51 -13.11 0.29 -38.45
CA GLN E 51 -13.04 1.35 -39.44
C GLN E 51 -13.44 2.67 -38.79
N CYS E 52 -12.63 3.71 -39.02
CA CYS E 52 -12.95 5.03 -38.49
C CYS E 52 -14.21 5.57 -39.17
N SER E 53 -15.10 6.15 -38.37
CA SER E 53 -16.37 6.66 -38.85
C SER E 53 -16.62 8.04 -38.27
N GLN E 54 -17.09 8.96 -39.12
CA GLN E 54 -17.44 10.29 -38.67
C GLN E 54 -18.66 10.22 -37.74
N LEU E 55 -18.49 10.71 -36.52
CA LEU E 55 -19.56 10.67 -35.55
C LEU E 55 -20.74 11.53 -36.00
N GLN E 56 -21.91 11.22 -35.45
CA GLN E 56 -23.10 12.02 -35.76
C GLN E 56 -22.92 13.45 -35.29
N GLU E 57 -23.60 14.37 -35.97
CA GLU E 57 -23.46 15.79 -35.70
C GLU E 57 -24.36 16.29 -34.58
N ASP E 58 -25.19 15.40 -34.01
CA ASP E 58 -26.09 15.81 -32.94
C ASP E 58 -25.46 15.72 -31.56
N VAL E 59 -24.23 15.19 -31.45
CA VAL E 59 -23.58 15.05 -30.16
C VAL E 59 -22.89 16.36 -29.79
N ASP E 60 -22.83 16.64 -28.50
CA ASP E 60 -22.18 17.85 -28.01
C ASP E 60 -20.66 17.64 -28.01
N PRO E 61 -19.90 18.44 -28.75
CA PRO E 61 -18.45 18.24 -28.77
C PRO E 61 -17.78 18.45 -27.41
N GLN E 62 -18.32 19.34 -26.57
CA GLN E 62 -17.72 19.56 -25.26
C GLN E 62 -17.82 18.29 -24.40
N LYS E 63 -18.94 17.58 -24.49
CA LYS E 63 -19.09 16.34 -23.73
C LYS E 63 -18.12 15.28 -24.24
N VAL E 64 -17.90 15.22 -25.55
CA VAL E 64 -16.95 14.26 -26.11
C VAL E 64 -15.54 14.58 -25.64
N ALA E 65 -15.18 15.86 -25.63
CA ALA E 65 -13.87 16.26 -25.14
C ALA E 65 -13.72 16.00 -23.65
N PHE E 66 -14.82 16.08 -22.89
CA PHE E 66 -14.76 15.81 -21.46
C PHE E 66 -14.64 14.32 -21.18
N LEU E 67 -15.21 13.47 -22.04
CA LEU E 67 -15.17 12.03 -21.82
C LEU E 67 -13.82 11.41 -22.16
N LEU E 68 -12.96 12.12 -22.90
CA LEU E 68 -11.67 11.58 -23.30
C LEU E 68 -10.60 11.90 -22.27
N HIS E 69 -9.50 11.15 -22.35
CA HIS E 69 -8.32 11.35 -21.49
C HIS E 69 -8.68 11.23 -20.01
N LYS E 70 -9.51 10.32 -19.56
CA LYS E 70 -9.74 10.16 -18.13
C LYS E 70 -9.83 8.71 -17.97
N GLN E 71 -9.56 8.18 -16.80
CA GLN E 71 -9.60 6.76 -16.56
C GLN E 71 -10.90 6.36 -15.99
N TRP E 72 -11.59 5.39 -16.58
CA TRP E 72 -12.87 4.94 -16.12
C TRP E 72 -12.86 3.54 -15.56
N THR E 73 -13.64 3.24 -14.54
CA THR E 73 -13.78 1.90 -13.95
C THR E 73 -15.04 1.27 -14.51
N LEU E 74 -14.93 0.02 -14.94
CA LEU E 74 -15.98 -0.67 -15.69
C LEU E 74 -16.84 -1.53 -14.77
N TYR E 75 -18.13 -1.60 -15.09
CA TYR E 75 -19.08 -2.41 -14.35
C TYR E 75 -20.15 -2.93 -15.29
N SER E 76 -20.66 -4.12 -14.99
CA SER E 76 -21.81 -4.69 -15.67
C SER E 76 -23.04 -4.53 -14.81
N LEU E 77 -24.18 -4.31 -15.46
CA LEU E 77 -25.41 -3.96 -14.78
C LEU E 77 -26.58 -4.71 -15.40
N THR E 78 -27.47 -5.22 -14.55
CA THR E 78 -28.68 -5.88 -14.98
C THR E 78 -29.71 -4.83 -15.42
N PRO E 79 -30.71 -5.23 -16.21
CA PRO E 79 -31.71 -4.26 -16.67
C PRO E 79 -32.42 -3.57 -15.51
N LEU E 80 -32.74 -2.30 -15.71
CA LEU E 80 -33.43 -1.50 -14.71
C LEU E 80 -34.93 -1.64 -14.86
N TYR E 81 -35.62 -1.78 -13.73
CA TYR E 81 -37.06 -1.98 -13.73
C TYR E 81 -37.77 -0.64 -13.57
N LYS E 82 -38.61 -0.30 -14.55
CA LYS E 82 -39.44 0.91 -14.51
C LYS E 82 -38.57 2.17 -14.39
N PHE E 83 -37.74 2.38 -15.40
CA PHE E 83 -36.95 3.59 -15.52
C PHE E 83 -37.54 4.48 -16.60
N SER E 84 -37.85 5.73 -16.24
CA SER E 84 -38.50 6.67 -17.14
C SER E 84 -37.56 7.83 -17.43
N TYR E 85 -37.41 8.16 -18.71
CA TYR E 85 -36.60 9.31 -19.13
C TYR E 85 -37.34 10.63 -19.00
N SER E 86 -38.61 10.61 -18.60
CA SER E 86 -39.39 11.84 -18.54
C SER E 86 -39.17 12.61 -17.24
N ASN E 87 -38.93 11.90 -16.14
CA ASN E 87 -38.74 12.53 -14.83
C ASN E 87 -37.30 12.28 -14.38
N LEU E 88 -36.40 13.18 -14.80
CA LEU E 88 -35.01 13.13 -14.40
C LEU E 88 -34.67 14.13 -13.30
N LYS E 89 -35.49 15.15 -13.10
CA LYS E 89 -35.22 16.13 -12.05
C LYS E 89 -35.54 15.56 -10.67
N GLU E 90 -36.65 14.83 -10.56
CA GLU E 90 -37.01 14.22 -9.28
C GLU E 90 -35.99 13.18 -8.85
N TYR E 91 -35.47 12.40 -9.80
CA TYR E 91 -34.42 11.44 -9.48
C TYR E 91 -33.20 12.15 -8.91
N SER E 92 -32.79 13.25 -9.54
CA SER E 92 -31.62 13.99 -9.07
C SER E 92 -31.87 14.58 -7.69
N ARG E 93 -33.07 15.11 -7.45
CA ARG E 93 -33.38 15.69 -6.15
C ARG E 93 -33.35 14.63 -5.05
N LEU E 94 -33.98 13.47 -5.31
CA LEU E 94 -33.99 12.40 -4.33
C LEU E 94 -32.59 11.87 -4.07
N LEU E 95 -31.78 11.74 -5.12
CA LEU E 95 -30.41 11.24 -4.94
C LEU E 95 -29.57 12.25 -4.17
N ASN E 96 -29.77 13.55 -4.42
CA ASN E 96 -29.05 14.57 -3.67
C ASN E 96 -29.42 14.51 -2.19
N ALA E 97 -30.71 14.40 -1.90
CA ALA E 97 -31.14 14.30 -0.50
C ALA E 97 -30.57 13.05 0.16
N PHE E 98 -30.55 11.92 -0.56
CA PHE E 98 -30.01 10.69 0.00
C PHE E 98 -28.52 10.81 0.28
N ILE E 99 -27.77 11.42 -0.65
CA ILE E 99 -26.33 11.57 -0.46
C ILE E 99 -26.05 12.50 0.72
N VAL E 100 -26.79 13.60 0.83
CA VAL E 100 -26.57 14.54 1.93
C VAL E 100 -26.91 13.88 3.27
N ALA E 101 -27.99 13.10 3.31
CA ALA E 101 -28.34 12.40 4.55
C ALA E 101 -27.32 11.32 4.89
N GLU E 102 -26.68 10.73 3.88
CA GLU E 102 -25.66 9.72 4.13
C GLU E 102 -24.35 10.35 4.58
N LYS E 103 -24.07 11.58 4.17
CA LYS E 103 -22.84 12.24 4.59
C LYS E 103 -22.83 12.53 6.08
N GLN E 104 -23.89 13.14 6.59
CA GLN E 104 -24.03 13.42 8.03
C GLN E 104 -24.96 12.36 8.61
N LYS E 105 -24.37 11.39 9.30
CA LYS E 105 -25.11 10.23 9.81
C LYS E 105 -26.00 10.56 11.00
N GLY E 106 -25.96 11.78 11.52
CA GLY E 106 -26.69 12.10 12.72
C GLY E 106 -28.04 12.77 12.53
N LEU E 107 -28.08 13.80 11.70
CA LEU E 107 -29.26 14.66 11.60
C LEU E 107 -30.11 14.31 10.38
N ALA E 108 -31.33 14.84 10.39
CA ALA E 108 -32.26 14.66 9.30
C ALA E 108 -31.98 15.66 8.19
N VAL E 109 -32.57 15.40 7.02
CA VAL E 109 -32.34 16.22 5.83
C VAL E 109 -33.64 16.31 5.05
N GLU E 110 -34.03 17.54 4.67
CA GLU E 110 -35.21 17.74 3.86
C GLU E 110 -34.88 17.55 2.39
N VAL E 111 -35.91 17.24 1.60
CA VAL E 111 -35.70 16.91 0.19
C VAL E 111 -35.46 18.17 -0.63
N GLY E 112 -36.37 19.14 -0.54
CA GLY E 112 -36.28 20.35 -1.33
C GLY E 112 -35.24 21.36 -0.91
N GLU E 113 -34.37 21.01 0.04
CA GLU E 113 -33.36 21.94 0.51
C GLU E 113 -32.18 21.99 -0.45
N ASP E 114 -31.52 23.15 -0.49
CA ASP E 114 -30.33 23.35 -1.30
C ASP E 114 -29.10 23.18 -0.42
N PHE E 115 -28.24 22.22 -0.78
CA PHE E 115 -27.07 21.87 0.00
C PHE E 115 -25.81 22.38 -0.68
N ASN E 116 -24.65 22.02 -0.11
CA ASN E 116 -23.38 22.45 -0.68
C ASN E 116 -23.05 21.66 -1.95
N ILE E 117 -23.57 20.45 -2.08
CA ILE E 117 -23.35 19.63 -3.26
C ILE E 117 -24.66 19.50 -4.03
N LYS E 118 -24.56 19.11 -5.29
CA LYS E 118 -25.71 18.97 -6.15
C LYS E 118 -25.53 17.76 -7.06
N VAL E 119 -26.64 17.14 -7.43
CA VAL E 119 -26.66 15.99 -8.32
C VAL E 119 -27.40 16.39 -9.59
N ILE E 120 -26.79 16.11 -10.74
CA ILE E 120 -27.33 16.51 -12.04
C ILE E 120 -27.47 15.27 -12.92
N PHE E 121 -28.67 15.07 -13.45
CA PHE E 121 -28.95 14.00 -14.41
C PHE E 121 -29.02 14.62 -15.80
N SER E 122 -28.05 14.30 -16.65
CA SER E 122 -28.00 14.82 -18.01
C SER E 122 -28.15 13.67 -19.00
N THR E 123 -28.54 14.00 -20.22
CA THR E 123 -28.78 13.02 -21.28
C THR E 123 -27.73 13.16 -22.37
N LEU E 124 -27.10 12.05 -22.73
CA LEU E 124 -26.15 12.02 -23.83
C LEU E 124 -26.85 11.66 -25.13
N LEU E 125 -26.27 12.13 -26.24
CA LEU E 125 -26.82 11.89 -27.56
C LEU E 125 -25.72 11.39 -28.49
N GLY E 126 -26.13 10.65 -29.52
CA GLY E 126 -25.19 10.15 -30.51
C GLY E 126 -24.22 9.12 -29.99
N MET E 127 -24.58 8.41 -28.91
CA MET E 127 -23.71 7.39 -28.33
C MET E 127 -24.22 5.98 -28.56
N LYS E 128 -25.39 5.82 -29.18
CA LYS E 128 -25.95 4.50 -29.44
C LYS E 128 -25.39 3.91 -30.73
N GLY E 129 -25.40 2.59 -30.82
CA GLY E 129 -24.94 1.90 -32.00
C GLY E 129 -25.99 1.79 -33.08
N THR E 130 -27.19 1.36 -32.68
CA THR E 130 -28.32 1.21 -33.59
C THR E 130 -29.51 1.99 -33.03
N GLN E 131 -30.53 2.16 -33.87
CA GLN E 131 -31.72 2.90 -33.44
C GLN E 131 -32.53 2.17 -32.37
N ARG E 132 -32.28 0.86 -32.20
CA ARG E 132 -32.99 0.08 -31.20
C ARG E 132 -32.37 0.16 -29.82
N ASP E 133 -31.15 0.70 -29.70
CA ASP E 133 -30.49 0.81 -28.41
C ASP E 133 -31.03 1.99 -27.62
N PRO E 134 -31.08 1.88 -26.29
CA PRO E 134 -31.55 3.00 -25.48
C PRO E 134 -30.54 4.15 -25.46
N GLU E 135 -31.01 5.30 -25.00
CA GLU E 135 -30.16 6.48 -24.91
C GLU E 135 -29.29 6.44 -23.66
N ALA E 136 -28.07 6.96 -23.78
CA ALA E 136 -27.16 7.04 -22.65
C ALA E 136 -27.43 8.30 -21.84
N PHE E 137 -26.99 8.28 -20.58
CA PHE E 137 -27.15 9.43 -19.71
C PHE E 137 -26.05 9.44 -18.67
N LEU E 138 -25.85 10.60 -18.05
CA LEU E 138 -24.80 10.83 -17.08
C LEU E 138 -25.39 11.34 -15.77
N VAL E 139 -24.75 10.94 -14.67
CA VAL E 139 -25.09 11.41 -13.33
C VAL E 139 -23.84 12.05 -12.75
N GLN E 140 -23.90 13.35 -12.47
CA GLN E 140 -22.74 14.11 -12.03
C GLN E 140 -22.98 14.71 -10.65
N ILE E 141 -21.92 14.75 -9.85
CA ILE E 141 -21.91 15.41 -8.55
C ILE E 141 -21.09 16.68 -8.69
N VAL E 142 -21.69 17.82 -8.33
CA VAL E 142 -21.08 19.13 -8.53
C VAL E 142 -21.05 19.85 -7.18
N SER E 143 -19.87 20.30 -6.79
CA SER E 143 -19.71 21.13 -5.60
C SER E 143 -19.80 22.59 -6.03
N LYS E 144 -20.81 23.29 -5.55
CA LYS E 144 -21.03 24.68 -5.92
C LYS E 144 -20.17 25.60 -5.06
N SER E 145 -19.78 26.73 -5.65
CA SER E 145 -18.95 27.71 -4.96
C SER E 145 -19.20 29.11 -5.50
N GLU E 153 -20.16 27.98 -12.62
CA GLU E 153 -20.52 26.64 -12.22
C GLU E 153 -19.55 26.11 -11.16
N GLY E 154 -19.88 24.95 -10.58
CA GLY E 154 -19.06 24.34 -9.56
C GLY E 154 -18.03 23.38 -10.13
N LYS E 155 -17.44 22.60 -9.25
CA LYS E 155 -16.42 21.62 -9.61
C LYS E 155 -17.03 20.23 -9.61
N VAL E 156 -16.75 19.45 -10.67
CA VAL E 156 -17.25 18.09 -10.76
C VAL E 156 -16.39 17.18 -9.91
N LEU E 157 -17.04 16.36 -9.08
CA LEU E 157 -16.33 15.47 -8.17
C LEU E 157 -16.47 13.99 -8.51
N TRP E 158 -17.52 13.61 -9.24
CA TRP E 158 -17.77 12.21 -9.55
C TRP E 158 -18.65 12.13 -10.79
N THR E 159 -18.40 11.14 -11.64
CA THR E 159 -19.13 11.00 -12.88
C THR E 159 -19.49 9.54 -13.11
N GLY E 160 -20.74 9.29 -13.47
CA GLY E 160 -21.22 7.97 -13.82
C GLY E 160 -21.80 7.98 -15.23
N TRP E 161 -21.58 6.89 -15.95
CA TRP E 161 -21.94 6.79 -17.36
C TRP E 161 -22.60 5.45 -17.62
N PHE E 162 -23.86 5.48 -18.04
CA PHE E 162 -24.61 4.29 -18.39
C PHE E 162 -24.76 4.22 -19.91
N CYS E 163 -24.33 3.10 -20.50
CA CYS E 163 -24.35 3.01 -21.96
C CYS E 163 -24.54 1.56 -22.39
N CYS E 164 -25.00 1.44 -23.64
CA CYS E 164 -25.28 0.16 -24.29
C CYS E 164 -25.10 0.34 -25.78
N VAL E 165 -24.06 -0.27 -26.35
CA VAL E 165 -23.73 -0.14 -27.77
C VAL E 165 -23.78 -1.51 -28.40
N PHE E 166 -24.66 -1.68 -29.40
CA PHE E 166 -24.84 -2.94 -30.12
C PHE E 166 -25.21 -4.07 -29.16
N GLY E 167 -26.36 -3.92 -28.51
CA GLY E 167 -26.83 -4.90 -27.56
C GLY E 167 -28.10 -5.60 -28.00
N ASP E 168 -28.19 -5.94 -29.29
CA ASP E 168 -29.39 -6.59 -29.81
C ASP E 168 -29.57 -8.00 -29.28
N SER E 169 -28.49 -8.65 -28.85
CA SER E 169 -28.61 -10.00 -28.30
C SER E 169 -29.32 -10.01 -26.95
N LEU E 170 -29.33 -8.87 -26.25
CA LEU E 170 -29.98 -8.77 -24.96
C LEU E 170 -31.38 -8.18 -25.04
N LEU E 171 -31.61 -7.26 -25.97
CA LEU E 171 -32.90 -6.58 -26.06
C LEU E 171 -34.04 -7.51 -26.46
N GLU E 172 -33.75 -8.69 -27.00
CA GLU E 172 -34.80 -9.58 -27.46
C GLU E 172 -35.40 -10.40 -26.33
N THR E 173 -34.61 -10.77 -25.32
CA THR E 173 -35.06 -11.63 -24.24
C THR E 173 -35.57 -10.85 -23.04
N VAL E 174 -35.90 -9.57 -23.20
CA VAL E 174 -36.35 -8.72 -22.11
C VAL E 174 -37.69 -8.11 -22.49
N SER E 175 -38.55 -7.93 -21.48
CA SER E 175 -39.88 -7.36 -21.69
C SER E 175 -39.75 -5.86 -21.90
N GLU E 176 -40.91 -5.17 -21.98
CA GLU E 176 -40.93 -3.75 -22.26
C GLU E 176 -40.84 -2.88 -21.02
N ASP E 177 -41.04 -3.45 -19.83
CA ASP E 177 -40.98 -2.69 -18.59
C ASP E 177 -39.56 -2.43 -18.12
N PHE E 178 -38.55 -2.98 -18.80
CA PHE E 178 -37.16 -2.85 -18.39
C PHE E 178 -36.39 -1.99 -19.38
N THR E 179 -35.23 -1.52 -18.93
CA THR E 179 -34.31 -0.74 -19.76
C THR E 179 -32.94 -1.39 -19.68
N CYS E 180 -32.37 -1.74 -20.83
CA CYS E 180 -31.12 -2.48 -20.90
C CYS E 180 -29.96 -1.50 -21.11
N LEU E 181 -29.15 -1.33 -20.07
CA LEU E 181 -27.93 -0.51 -20.13
C LEU E 181 -26.83 -1.30 -19.42
N PRO E 182 -26.25 -2.30 -20.10
CA PRO E 182 -25.33 -3.22 -19.40
C PRO E 182 -23.98 -2.61 -19.06
N LEU E 183 -23.55 -1.53 -19.71
CA LEU E 183 -22.22 -0.99 -19.46
C LEU E 183 -22.30 0.22 -18.54
N PHE E 184 -21.47 0.21 -17.50
CA PHE E 184 -21.41 1.32 -16.55
C PHE E 184 -19.95 1.73 -16.36
N LEU E 185 -19.70 3.02 -16.35
CA LEU E 185 -18.36 3.57 -16.20
C LEU E 185 -18.36 4.59 -15.07
N ALA E 186 -17.41 4.48 -14.16
CA ALA E 186 -17.32 5.36 -13.00
C ALA E 186 -15.98 6.09 -12.99
N ASN E 187 -16.02 7.39 -12.68
CA ASN E 187 -14.82 8.21 -12.56
C ASN E 187 -14.93 9.06 -11.30
N GLY E 188 -14.09 8.78 -10.33
CA GLY E 188 -14.10 9.49 -9.07
C GLY E 188 -13.70 8.57 -7.93
N ALA E 189 -14.13 8.95 -6.73
CA ALA E 189 -13.84 8.16 -5.55
C ALA E 189 -14.79 6.98 -5.42
N GLU E 190 -14.31 5.91 -4.79
CA GLU E 190 -15.13 4.72 -4.62
C GLU E 190 -16.20 4.91 -3.56
N SER E 191 -15.96 5.82 -2.60
CA SER E 191 -16.94 6.05 -1.54
C SER E 191 -18.25 6.60 -2.09
N ASN E 192 -18.19 7.42 -3.14
CA ASN E 192 -19.40 7.91 -3.77
C ASN E 192 -20.01 6.89 -4.72
N THR E 193 -19.17 6.10 -5.40
CA THR E 193 -19.67 5.04 -6.26
C THR E 193 -20.47 4.02 -5.48
N ALA E 194 -20.01 3.69 -4.27
CA ALA E 194 -20.75 2.74 -3.43
C ALA E 194 -22.14 3.27 -3.09
N ILE E 195 -22.24 4.55 -2.73
CA ILE E 195 -23.53 5.13 -2.37
C ILE E 195 -24.45 5.19 -3.59
N ILE E 196 -23.91 5.59 -4.74
CA ILE E 196 -24.73 5.67 -5.94
C ILE E 196 -25.24 4.28 -6.34
N GLY E 197 -24.36 3.27 -6.26
CA GLY E 197 -24.79 1.92 -6.59
C GLY E 197 -25.82 1.38 -5.61
N THR E 198 -25.65 1.67 -4.32
CA THR E 198 -26.63 1.25 -3.33
C THR E 198 -27.99 1.88 -3.61
N TRP E 199 -28.01 3.17 -3.90
CA TRP E 199 -29.28 3.85 -4.20
C TRP E 199 -29.93 3.27 -5.45
N PHE E 200 -29.12 3.03 -6.50
CA PHE E 200 -29.68 2.48 -7.73
C PHE E 200 -30.23 1.07 -7.52
N GLN E 201 -29.52 0.25 -6.76
CA GLN E 201 -29.99 -1.11 -6.49
C GLN E 201 -31.27 -1.10 -5.66
N LYS E 202 -31.37 -0.19 -4.69
CA LYS E 202 -32.55 -0.13 -3.85
C LYS E 202 -33.74 0.47 -4.59
N THR E 203 -33.48 1.31 -5.60
CA THR E 203 -34.58 1.98 -6.30
C THR E 203 -35.09 1.18 -7.50
N PHE E 204 -34.19 0.75 -8.39
CA PHE E 204 -34.60 0.11 -9.64
C PHE E 204 -34.39 -1.40 -9.64
N ASP E 205 -33.94 -1.98 -8.53
CA ASP E 205 -33.77 -3.42 -8.40
C ASP E 205 -32.82 -3.96 -9.48
N CYS E 206 -31.57 -3.49 -9.42
CA CYS E 206 -30.53 -3.89 -10.35
C CYS E 206 -29.37 -4.51 -9.58
N TYR E 207 -28.31 -4.86 -10.30
CA TYR E 207 -27.15 -5.52 -9.72
C TYR E 207 -25.89 -5.05 -10.44
N PHE E 208 -24.96 -4.47 -9.69
CA PHE E 208 -23.69 -4.03 -10.23
C PHE E 208 -22.63 -5.10 -9.97
N SER E 209 -21.82 -5.37 -10.99
CA SER E 209 -20.76 -6.37 -10.88
C SER E 209 -19.48 -5.86 -11.51
N PRO E 210 -18.33 -6.03 -10.85
CA PRO E 210 -17.07 -5.60 -11.45
C PRO E 210 -16.77 -6.40 -12.72
N LEU E 211 -16.20 -5.72 -13.71
CA LEU E 211 -15.87 -6.31 -15.00
C LEU E 211 -14.36 -6.34 -15.16
N ALA E 212 -13.82 -7.53 -15.43
CA ALA E 212 -12.39 -7.72 -15.60
C ALA E 212 -12.08 -8.15 -17.03
N ILE E 213 -10.83 -7.91 -17.43
CA ILE E 213 -10.34 -8.24 -18.76
C ILE E 213 -9.13 -9.15 -18.59
N ASN E 214 -9.20 -10.35 -19.18
CA ASN E 214 -8.12 -11.32 -19.08
C ASN E 214 -7.08 -11.10 -20.17
N ALA E 215 -6.04 -11.92 -20.16
CA ALA E 215 -4.94 -11.75 -21.12
C ALA E 215 -5.38 -12.08 -22.54
N PHE E 216 -6.37 -12.95 -22.70
CA PHE E 216 -6.87 -13.28 -24.03
C PHE E 216 -7.48 -12.06 -24.71
N ASN E 217 -8.41 -11.39 -24.02
CA ASN E 217 -9.04 -10.20 -24.58
C ASN E 217 -8.05 -9.07 -24.75
N LEU E 218 -7.05 -8.95 -23.85
CA LEU E 218 -6.04 -7.92 -24.01
C LEU E 218 -5.18 -8.17 -25.25
N SER E 219 -4.78 -9.42 -25.47
CA SER E 219 -4.01 -9.75 -26.66
C SER E 219 -4.81 -9.55 -27.92
N TRP E 220 -6.13 -9.75 -27.87
CA TRP E 220 -6.96 -9.46 -29.03
C TRP E 220 -7.07 -7.96 -29.26
N MET E 221 -7.25 -7.18 -28.19
CA MET E 221 -7.36 -5.72 -28.31
C MET E 221 -6.08 -5.12 -28.87
N ALA E 222 -4.93 -5.64 -28.46
CA ALA E 222 -3.66 -5.13 -28.97
C ALA E 222 -3.60 -5.22 -30.48
N ALA E 223 -3.90 -6.40 -31.02
CA ALA E 223 -3.86 -6.59 -32.47
C ALA E 223 -4.94 -5.77 -33.17
N MET E 224 -6.15 -5.72 -32.60
CA MET E 224 -7.22 -4.97 -33.24
C MET E 224 -6.92 -3.47 -33.28
N TRP E 225 -6.20 -2.95 -32.27
CA TRP E 225 -5.87 -1.54 -32.26
C TRP E 225 -4.63 -1.24 -33.08
N THR E 226 -3.72 -2.21 -33.22
CA THR E 226 -2.57 -2.01 -34.09
C THR E 226 -2.97 -2.08 -35.57
N ALA E 227 -3.97 -2.90 -35.90
CA ALA E 227 -4.40 -3.02 -37.28
C ALA E 227 -5.11 -1.75 -37.79
N CYS E 228 -5.57 -0.89 -36.90
CA CYS E 228 -6.25 0.33 -37.31
C CYS E 228 -5.26 1.29 -37.99
N LYS E 229 -5.81 2.18 -38.80
CA LYS E 229 -5.03 3.18 -39.50
C LYS E 229 -5.13 4.52 -38.79
N MET E 230 -3.98 5.18 -38.59
CA MET E 230 -3.93 6.45 -37.90
C MET E 230 -3.14 7.45 -38.75
N ASP E 231 -3.49 8.73 -38.61
CA ASP E 231 -2.79 9.76 -39.36
C ASP E 231 -1.52 10.21 -38.63
N HIS E 232 -1.58 10.36 -37.31
CA HIS E 232 -0.43 10.75 -36.50
C HIS E 232 -0.39 9.91 -35.24
N TYR E 233 0.82 9.46 -34.87
CA TYR E 233 1.03 8.65 -33.69
C TYR E 233 1.45 9.54 -32.53
N VAL E 234 0.66 9.56 -31.47
CA VAL E 234 0.96 10.43 -30.33
C VAL E 234 1.72 9.69 -29.23
N ALA E 235 1.52 8.39 -29.10
CA ALA E 235 2.17 7.61 -28.05
C ALA E 235 2.67 6.29 -28.60
N THR E 236 3.75 5.80 -28.03
CA THR E 236 4.30 4.51 -28.43
C THR E 236 3.42 3.37 -27.92
N THR E 237 3.65 2.17 -28.43
CA THR E 237 2.89 1.00 -28.05
C THR E 237 3.61 0.26 -26.94
N GLU E 238 2.91 0.04 -25.83
CA GLU E 238 3.53 -0.51 -24.63
C GLU E 238 2.71 -1.68 -24.09
N PHE E 239 3.42 -2.72 -23.65
CA PHE E 239 2.84 -3.89 -23.00
C PHE E 239 3.49 -4.06 -21.63
N LEU E 240 2.70 -4.57 -20.68
CA LEU E 240 3.17 -4.84 -19.33
C LEU E 240 2.95 -6.30 -18.99
N TRP E 241 3.98 -6.96 -18.46
CA TRP E 241 3.93 -8.37 -18.11
C TRP E 241 4.30 -8.55 -16.65
N SER E 242 3.61 -9.48 -15.99
CA SER E 242 3.87 -9.83 -14.60
C SER E 242 4.43 -11.24 -14.55
N VAL E 243 5.69 -11.36 -14.13
CA VAL E 243 6.37 -12.65 -14.10
C VAL E 243 5.96 -13.40 -12.83
N PRO E 244 5.42 -14.62 -12.94
CA PRO E 244 5.06 -15.36 -11.71
C PRO E 244 6.28 -15.91 -11.00
N CYS E 245 6.67 -15.24 -9.93
CA CYS E 245 7.81 -15.65 -9.09
C CYS E 245 7.45 -15.45 -7.63
N SER E 246 6.26 -15.93 -7.25
CA SER E 246 5.52 -15.62 -6.03
C SER E 246 6.38 -15.32 -4.80
N PRO E 247 7.42 -16.10 -4.50
CA PRO E 247 8.34 -15.66 -3.43
C PRO E 247 8.92 -14.27 -3.67
N GLN E 248 9.33 -13.97 -4.89
CA GLN E 248 9.84 -12.67 -5.27
C GLN E 248 8.76 -11.90 -6.05
N SER E 249 9.14 -10.76 -6.62
CA SER E 249 8.24 -9.97 -7.45
C SER E 249 9.04 -9.34 -8.59
N LEU E 250 8.40 -9.23 -9.75
CA LEU E 250 9.07 -8.69 -10.93
C LEU E 250 8.03 -8.32 -11.98
N ASP E 251 8.20 -7.16 -12.59
CA ASP E 251 7.36 -6.71 -13.70
C ASP E 251 8.25 -6.27 -14.86
N ILE E 252 7.76 -6.47 -16.08
CA ILE E 252 8.52 -6.17 -17.29
C ILE E 252 7.68 -5.26 -18.17
N SER E 253 8.30 -4.21 -18.70
CA SER E 253 7.66 -3.30 -19.63
C SER E 253 8.31 -3.41 -20.99
N PHE E 254 7.50 -3.38 -22.04
CA PHE E 254 7.98 -3.50 -23.42
C PHE E 254 7.36 -2.38 -24.23
N ALA E 255 8.17 -1.38 -24.59
CA ALA E 255 7.72 -0.24 -25.38
C ALA E 255 8.36 -0.32 -26.77
N ILE E 256 7.59 0.07 -27.79
CA ILE E 256 8.05 0.00 -29.16
C ILE E 256 7.38 1.12 -29.95
N HIS E 257 8.13 1.67 -30.92
CA HIS E 257 7.63 2.73 -31.76
C HIS E 257 6.41 2.26 -32.55
N PRO E 258 5.41 3.13 -32.75
CA PRO E 258 4.20 2.68 -33.46
C PRO E 258 4.46 2.28 -34.90
N GLU E 259 5.40 2.92 -35.60
CA GLU E 259 5.66 2.57 -36.98
C GLU E 259 6.28 1.18 -37.10
N ASP E 260 7.19 0.84 -36.20
CA ASP E 260 7.79 -0.50 -36.23
C ASP E 260 6.74 -1.56 -35.94
N ALA E 261 5.84 -1.30 -34.99
CA ALA E 261 4.77 -2.25 -34.71
C ALA E 261 3.82 -2.39 -35.90
N LYS E 262 3.53 -1.28 -36.58
CA LYS E 262 2.67 -1.35 -37.76
C LYS E 262 3.32 -2.15 -38.87
N ALA E 263 4.64 -1.98 -39.08
CA ALA E 263 5.34 -2.76 -40.08
C ALA E 263 5.36 -4.24 -39.71
N LEU E 264 5.60 -4.54 -38.43
CA LEU E 264 5.60 -5.94 -37.99
C LEU E 264 4.23 -6.58 -38.17
N TRP E 265 3.16 -5.80 -37.96
CA TRP E 265 1.82 -6.33 -38.16
C TRP E 265 1.52 -6.55 -39.64
N ASP E 266 1.90 -5.59 -40.49
CA ASP E 266 1.68 -5.74 -41.92
C ASP E 266 2.50 -6.89 -42.50
N SER E 267 3.61 -7.23 -41.87
CA SER E 267 4.42 -8.34 -42.36
C SER E 267 3.71 -9.67 -42.21
N VAL E 268 2.86 -9.82 -41.20
CA VAL E 268 2.16 -11.08 -40.93
C VAL E 268 0.70 -11.03 -41.33
N HIS E 269 0.15 -9.87 -41.64
CA HIS E 269 -1.26 -9.75 -42.00
C HIS E 269 -1.46 -10.19 -43.44
N LYS E 270 -2.37 -11.15 -43.65
CA LYS E 270 -2.67 -11.66 -44.97
C LYS E 270 -4.15 -11.75 -45.30
N THR E 271 -5.03 -11.68 -44.31
CA THR E 271 -6.47 -11.71 -44.57
C THR E 271 -6.98 -10.29 -44.75
N PRO E 272 -7.55 -9.94 -45.90
CA PRO E 272 -7.96 -8.55 -46.14
C PRO E 272 -9.19 -8.18 -45.31
N GLY E 273 -9.03 -7.16 -44.46
CA GLY E 273 -10.14 -6.60 -43.72
C GLY E 273 -10.62 -7.40 -42.54
N GLU E 274 -9.88 -8.44 -42.11
CA GLU E 274 -10.29 -9.27 -41.00
C GLU E 274 -9.08 -9.67 -40.18
N VAL E 275 -9.33 -10.01 -38.92
CA VAL E 275 -8.29 -10.44 -37.99
C VAL E 275 -8.60 -11.87 -37.55
N THR E 276 -7.61 -12.74 -37.64
CA THR E 276 -7.76 -14.15 -37.33
C THR E 276 -6.88 -14.51 -36.14
N GLN E 277 -7.25 -15.59 -35.45
CA GLN E 277 -6.51 -16.01 -34.26
C GLN E 277 -5.07 -16.34 -34.58
N GLU E 278 -4.82 -16.98 -35.73
CA GLU E 278 -3.45 -17.32 -36.11
C GLU E 278 -2.60 -16.08 -36.33
N GLU E 279 -3.20 -15.02 -36.86
CA GLU E 279 -2.46 -13.77 -37.06
C GLU E 279 -2.07 -13.16 -35.72
N VAL E 280 -2.97 -13.18 -34.74
CA VAL E 280 -2.64 -12.68 -33.41
C VAL E 280 -1.55 -13.53 -32.77
N ASP E 281 -1.63 -14.85 -32.95
CA ASP E 281 -0.60 -15.73 -32.41
C ASP E 281 0.77 -15.42 -33.01
N LEU E 282 0.81 -15.20 -34.33
CA LEU E 282 2.09 -14.87 -34.97
C LEU E 282 2.60 -13.51 -34.51
N PHE E 283 1.69 -12.53 -34.38
CA PHE E 283 2.09 -11.20 -33.94
C PHE E 283 2.68 -11.23 -32.54
N MET E 284 2.14 -12.09 -31.67
CA MET E 284 2.70 -12.21 -30.33
C MET E 284 3.98 -13.03 -30.31
N ASP E 285 4.07 -14.05 -31.16
CA ASP E 285 5.26 -14.89 -31.22
C ASP E 285 6.46 -14.10 -31.75
N CYS E 286 6.23 -13.13 -32.63
CA CYS E 286 7.31 -12.27 -33.09
C CYS E 286 7.97 -11.55 -31.92
N LEU E 287 7.16 -10.90 -31.08
CA LEU E 287 7.69 -10.20 -29.92
C LEU E 287 8.32 -11.17 -28.93
N TYR E 288 7.70 -12.34 -28.73
CA TYR E 288 8.28 -13.33 -27.83
C TYR E 288 9.68 -13.73 -28.27
N SER E 289 9.85 -14.02 -29.57
CA SER E 289 11.15 -14.42 -30.08
C SER E 289 12.14 -13.27 -30.02
N HIS E 290 11.70 -12.06 -30.33
CA HIS E 290 12.61 -10.92 -30.27
C HIS E 290 13.10 -10.67 -28.85
N PHE E 291 12.24 -10.92 -27.85
CA PHE E 291 12.67 -10.74 -26.47
C PHE E 291 13.57 -11.88 -26.01
N HIS E 292 13.27 -13.11 -26.44
CA HIS E 292 14.07 -14.26 -26.00
C HIS E 292 15.45 -14.25 -26.65
N ARG E 293 15.56 -13.72 -27.86
CA ARG E 293 16.87 -13.67 -28.52
C ARG E 293 17.84 -12.77 -27.78
N HIS E 294 17.33 -11.80 -27.01
CA HIS E 294 18.16 -10.85 -26.29
C HIS E 294 18.33 -11.19 -24.82
N PHE E 295 17.25 -11.59 -24.13
CA PHE E 295 17.32 -11.79 -22.70
C PHE E 295 17.18 -13.24 -22.26
N LYS E 296 16.93 -14.16 -23.19
CA LYS E 296 16.80 -15.59 -22.88
C LYS E 296 15.72 -15.86 -21.84
N ILE E 297 14.68 -15.03 -21.82
CA ILE E 297 13.56 -15.18 -20.90
C ILE E 297 12.31 -15.53 -21.69
N HIS E 298 11.63 -16.59 -21.29
CA HIS E 298 10.41 -17.04 -21.96
C HIS E 298 9.26 -16.13 -21.56
N LEU E 299 8.92 -15.18 -22.43
CA LEU E 299 7.83 -14.25 -22.14
C LEU E 299 6.46 -14.89 -22.30
N SER E 300 6.39 -16.11 -22.85
CA SER E 300 5.11 -16.80 -23.00
C SER E 300 4.61 -17.40 -21.70
N ALA E 301 5.47 -17.55 -20.70
CA ALA E 301 5.09 -18.09 -19.40
C ALA E 301 4.62 -17.02 -18.41
N THR E 302 4.60 -15.76 -18.83
CA THR E 302 4.18 -14.67 -17.97
C THR E 302 2.72 -14.32 -18.23
N ARG E 303 2.23 -13.26 -17.59
CA ARG E 303 0.84 -12.84 -17.68
C ARG E 303 0.78 -11.40 -18.17
N LEU E 304 0.02 -11.17 -19.24
CA LEU E 304 -0.17 -9.83 -19.75
C LEU E 304 -1.12 -9.05 -18.85
N VAL E 305 -0.75 -7.82 -18.50
CA VAL E 305 -1.48 -7.02 -17.53
C VAL E 305 -2.09 -5.78 -18.17
N ARG E 306 -1.27 -4.97 -18.85
CA ARG E 306 -1.73 -3.70 -19.40
C ARG E 306 -1.25 -3.55 -20.82
N VAL E 307 -2.10 -2.99 -21.68
CA VAL E 307 -1.77 -2.76 -23.09
C VAL E 307 -2.18 -1.34 -23.43
N SER E 308 -1.22 -0.53 -23.89
CA SER E 308 -1.48 0.85 -24.25
C SER E 308 -0.98 1.13 -25.66
N THR E 309 -1.78 1.87 -26.42
CA THR E 309 -1.45 2.23 -27.79
C THR E 309 -1.93 3.66 -28.04
N SER E 310 -1.97 4.05 -29.31
CA SER E 310 -2.29 5.42 -29.67
C SER E 310 -3.79 5.69 -29.71
N VAL E 311 -4.64 4.67 -29.60
CA VAL E 311 -6.08 4.83 -29.65
C VAL E 311 -6.71 4.66 -28.27
N ALA E 312 -6.22 3.72 -27.47
CA ALA E 312 -6.77 3.50 -26.14
C ALA E 312 -5.75 2.74 -25.31
N SER E 313 -6.03 2.64 -24.01
CA SER E 313 -5.19 1.92 -23.06
C SER E 313 -6.09 1.13 -22.12
N ALA E 314 -5.72 -0.13 -21.89
CA ALA E 314 -6.56 -1.04 -21.11
C ALA E 314 -5.73 -1.76 -20.07
N HIS E 315 -6.31 -1.92 -18.87
CA HIS E 315 -5.71 -2.66 -17.78
C HIS E 315 -6.55 -3.88 -17.46
N THR E 316 -5.92 -4.89 -16.87
CA THR E 316 -6.59 -6.16 -16.62
C THR E 316 -7.62 -6.05 -15.48
N ASP E 317 -7.51 -5.05 -14.62
CA ASP E 317 -8.46 -4.90 -13.53
C ASP E 317 -9.80 -4.32 -13.96
N GLY E 318 -9.92 -3.89 -15.21
CA GLY E 318 -11.16 -3.31 -15.70
C GLY E 318 -11.11 -1.79 -15.79
N LYS E 319 -9.99 -1.27 -16.28
CA LYS E 319 -9.80 0.17 -16.45
C LYS E 319 -9.47 0.46 -17.90
N ILE E 320 -10.13 1.48 -18.45
CA ILE E 320 -9.98 1.86 -19.85
C ILE E 320 -9.78 3.36 -19.94
N LYS E 321 -8.90 3.78 -20.84
CA LYS E 321 -8.65 5.20 -21.12
C LYS E 321 -8.66 5.39 -22.62
N ILE E 322 -9.56 6.24 -23.12
CA ILE E 322 -9.77 6.43 -24.54
C ILE E 322 -9.12 7.74 -24.96
N LEU E 323 -8.36 7.71 -26.06
CA LEU E 323 -7.62 8.87 -26.53
C LEU E 323 -8.14 9.44 -27.84
N CYS E 324 -8.51 8.59 -28.80
CA CYS E 324 -8.98 9.03 -30.10
C CYS E 324 -10.51 9.01 -30.12
N HIS E 325 -11.09 10.09 -30.63
CA HIS E 325 -12.54 10.22 -30.69
C HIS E 325 -13.15 9.60 -31.94
N LYS E 326 -12.33 9.00 -32.81
CA LYS E 326 -12.84 8.36 -34.01
C LYS E 326 -13.19 6.90 -33.79
N TYR E 327 -12.47 6.21 -32.90
CA TYR E 327 -12.68 4.79 -32.62
C TYR E 327 -13.35 4.57 -31.27
N LEU E 328 -14.27 5.47 -30.91
CA LEU E 328 -14.98 5.34 -29.65
C LEU E 328 -16.03 4.23 -29.69
N ILE E 329 -16.80 4.17 -30.79
CA ILE E 329 -17.89 3.22 -30.89
C ILE E 329 -17.38 1.78 -30.88
N GLY E 330 -16.22 1.52 -31.48
CA GLY E 330 -15.68 0.17 -31.49
C GLY E 330 -15.33 -0.32 -30.09
N VAL E 331 -14.61 0.51 -29.33
CA VAL E 331 -14.27 0.15 -27.96
C VAL E 331 -15.52 -0.01 -27.11
N LEU E 332 -16.50 0.89 -27.29
CA LEU E 332 -17.73 0.79 -26.54
C LEU E 332 -18.48 -0.49 -26.86
N ALA E 333 -18.50 -0.90 -28.13
CA ALA E 333 -19.18 -2.12 -28.52
C ALA E 333 -18.46 -3.35 -27.97
N TYR E 334 -17.13 -3.35 -27.99
CA TYR E 334 -16.38 -4.46 -27.40
C TYR E 334 -16.69 -4.60 -25.92
N LEU E 335 -16.63 -3.50 -25.18
CA LEU E 335 -16.91 -3.56 -23.74
C LEU E 335 -18.36 -3.94 -23.48
N THR E 336 -19.29 -3.49 -24.33
CA THR E 336 -20.69 -3.84 -24.16
C THR E 336 -20.91 -5.33 -24.38
N GLU E 337 -20.25 -5.92 -25.40
CA GLU E 337 -20.39 -7.35 -25.61
C GLU E 337 -19.76 -8.14 -24.48
N LEU E 338 -18.65 -7.64 -23.90
CA LEU E 338 -18.08 -8.30 -22.74
C LEU E 338 -19.03 -8.29 -21.56
N ALA E 339 -19.66 -7.13 -21.30
CA ALA E 339 -20.61 -7.03 -20.21
C ALA E 339 -21.83 -7.91 -20.44
N ILE E 340 -22.31 -7.99 -21.68
CA ILE E 340 -23.45 -8.84 -21.99
C ILE E 340 -23.10 -10.30 -21.78
N PHE E 341 -21.89 -10.70 -22.17
CA PHE E 341 -21.47 -12.07 -21.92
C PHE E 341 -21.35 -12.36 -20.43
N GLN E 342 -20.93 -11.36 -19.65
CA GLN E 342 -20.80 -11.59 -18.20
C GLN E 342 -22.16 -11.71 -17.54
N ILE E 343 -23.14 -10.89 -17.95
CA ILE E 343 -24.46 -10.93 -17.32
C ILE E 343 -25.35 -12.03 -17.88
N GLU E 344 -24.87 -12.79 -18.86
CA GLU E 344 -25.66 -13.88 -19.44
C GLU E 344 -24.81 -15.11 -19.67
N SER F 2 13.14 -41.29 -29.47
CA SER F 2 12.52 -42.57 -29.15
C SER F 2 11.01 -42.42 -28.96
N VAL F 3 10.28 -43.49 -29.26
CA VAL F 3 8.82 -43.51 -29.16
C VAL F 3 8.44 -44.45 -28.03
N LEU F 4 7.53 -43.99 -27.18
CA LEU F 4 7.08 -44.78 -26.04
C LEU F 4 6.00 -45.76 -26.48
N ARG F 5 6.14 -47.02 -26.06
CA ARG F 5 5.18 -48.05 -26.43
C ARG F 5 4.56 -48.68 -25.18
N PRO F 6 3.25 -48.93 -25.18
CA PRO F 6 2.58 -49.40 -23.95
C PRO F 6 3.04 -50.77 -23.47
N LEU F 7 3.23 -51.71 -24.39
CA LEU F 7 3.44 -53.12 -24.04
C LEU F 7 4.84 -53.58 -24.43
N ASP F 8 5.86 -52.77 -24.12
CA ASP F 8 7.23 -53.18 -24.40
C ASP F 8 7.78 -54.14 -23.35
N LYS F 9 7.32 -54.03 -22.10
CA LYS F 9 7.86 -54.83 -21.01
C LYS F 9 6.73 -55.57 -20.31
N LEU F 10 7.11 -56.61 -19.56
CA LEU F 10 6.17 -57.40 -18.79
C LEU F 10 5.79 -56.67 -17.50
N PRO F 11 4.57 -56.88 -17.02
CA PRO F 11 4.15 -56.21 -15.77
C PRO F 11 4.82 -56.83 -14.55
N GLY F 12 4.80 -56.06 -13.46
CA GLY F 12 5.36 -56.51 -12.21
C GLY F 12 4.32 -57.20 -11.34
N LEU F 13 4.77 -57.59 -10.14
CA LEU F 13 3.91 -58.29 -9.18
C LEU F 13 3.17 -57.25 -8.35
N ASN F 14 1.90 -57.02 -8.71
CA ASN F 14 1.03 -56.09 -7.99
C ASN F 14 1.64 -54.69 -7.94
N THR F 15 1.99 -54.17 -9.12
CA THR F 15 2.65 -52.88 -9.24
C THR F 15 1.98 -52.07 -10.34
N ALA F 16 1.67 -50.81 -10.03
CA ALA F 16 1.10 -49.87 -11.00
C ALA F 16 1.99 -48.64 -11.07
N THR F 17 2.22 -48.14 -12.29
CA THR F 17 3.11 -47.02 -12.52
C THR F 17 2.38 -45.93 -13.32
N ILE F 18 2.58 -44.69 -12.91
CA ILE F 18 1.96 -43.54 -13.58
C ILE F 18 3.06 -42.55 -13.94
N LEU F 19 2.83 -41.79 -15.01
CA LEU F 19 3.77 -40.79 -15.49
C LEU F 19 3.08 -39.45 -15.60
N LEU F 20 3.70 -38.41 -15.07
CA LEU F 20 3.15 -37.05 -15.08
C LEU F 20 4.09 -36.14 -15.85
N VAL F 21 3.58 -35.53 -16.92
CA VAL F 21 4.36 -34.66 -17.79
C VAL F 21 3.80 -33.24 -17.66
N GLY F 22 4.66 -32.30 -17.30
CA GLY F 22 4.24 -30.92 -17.15
C GLY F 22 5.45 -30.00 -17.02
N THR F 23 5.17 -28.70 -17.03
CA THR F 23 6.22 -27.70 -16.94
C THR F 23 6.45 -27.22 -15.50
N GLU F 24 5.38 -27.13 -14.71
CA GLU F 24 5.49 -26.70 -13.31
C GLU F 24 5.84 -27.91 -12.46
N ASP F 25 7.06 -27.92 -11.92
CA ASP F 25 7.51 -29.07 -11.15
C ASP F 25 6.91 -29.11 -9.75
N ALA F 26 6.62 -27.95 -9.16
CA ALA F 26 6.05 -27.92 -7.81
C ALA F 26 4.66 -28.53 -7.80
N LEU F 27 3.83 -28.22 -8.81
CA LEU F 27 2.50 -28.81 -8.88
C LEU F 27 2.57 -30.32 -9.06
N LEU F 28 3.50 -30.79 -9.88
CA LEU F 28 3.65 -32.23 -10.07
C LEU F 28 4.10 -32.91 -8.79
N GLN F 29 5.02 -32.28 -8.05
CA GLN F 29 5.47 -32.85 -6.78
C GLN F 29 4.32 -32.92 -5.78
N GLN F 30 3.53 -31.85 -5.70
CA GLN F 30 2.38 -31.84 -4.79
C GLN F 30 1.36 -32.89 -5.17
N LEU F 31 1.11 -33.06 -6.47
CA LEU F 31 0.17 -34.08 -6.93
C LEU F 31 0.68 -35.48 -6.61
N ALA F 32 1.97 -35.73 -6.80
CA ALA F 32 2.53 -37.03 -6.45
C ALA F 32 2.43 -37.30 -4.96
N ASP F 33 2.70 -36.28 -4.14
CA ASP F 33 2.56 -36.46 -2.69
C ASP F 33 1.11 -36.75 -2.31
N SER F 34 0.16 -36.05 -2.92
CA SER F 34 -1.25 -36.31 -2.62
C SER F 34 -1.67 -37.70 -3.09
N MET F 35 -1.09 -38.19 -4.19
CA MET F 35 -1.42 -39.53 -4.67
C MET F 35 -0.86 -40.60 -3.76
N LEU F 36 0.37 -40.40 -3.25
CA LEU F 36 1.03 -41.42 -2.44
C LEU F 36 0.75 -41.28 -0.95
N LYS F 37 0.03 -40.25 -0.52
CA LYS F 37 -0.19 -40.06 0.91
C LYS F 37 -1.16 -41.07 1.49
N GLU F 38 -1.96 -41.75 0.66
CA GLU F 38 -2.94 -42.70 1.13
C GLU F 38 -2.41 -44.13 0.97
N ASP F 39 -3.19 -45.10 1.45
CA ASP F 39 -2.84 -46.50 1.37
C ASP F 39 -3.85 -47.22 0.48
N CYS F 40 -3.35 -48.08 -0.41
CA CYS F 40 -4.20 -48.85 -1.30
C CYS F 40 -3.69 -50.29 -1.32
N ALA F 41 -4.37 -51.13 -2.11
CA ALA F 41 -4.01 -52.55 -2.17
C ALA F 41 -2.82 -52.81 -3.07
N SER F 42 -2.55 -51.92 -4.02
CA SER F 42 -1.47 -52.09 -4.99
C SER F 42 -0.22 -51.33 -4.54
N GLU F 43 0.86 -51.52 -5.29
CA GLU F 43 2.11 -50.80 -5.07
C GLU F 43 2.24 -49.75 -6.15
N LEU F 44 2.15 -48.48 -5.75
CA LEU F 44 2.12 -47.37 -6.69
C LEU F 44 3.51 -46.80 -6.92
N LYS F 45 3.76 -46.37 -8.15
CA LYS F 45 4.99 -45.69 -8.51
C LYS F 45 4.65 -44.50 -9.40
N VAL F 46 5.32 -43.37 -9.16
CA VAL F 46 5.05 -42.13 -9.87
C VAL F 46 6.35 -41.64 -10.49
N HIS F 47 6.30 -41.31 -11.78
CA HIS F 47 7.42 -40.72 -12.49
C HIS F 47 7.05 -39.31 -12.94
N LEU F 48 8.02 -38.41 -12.89
CA LEU F 48 7.82 -37.01 -13.26
C LEU F 48 8.71 -36.68 -14.45
N ALA F 49 8.17 -35.90 -15.39
CA ALA F 49 8.93 -35.50 -16.56
C ALA F 49 8.46 -34.12 -17.02
N LYS F 50 9.32 -33.46 -17.78
CA LYS F 50 9.01 -32.14 -18.32
C LYS F 50 8.41 -32.23 -19.72
N SER F 51 8.98 -33.08 -20.58
CA SER F 51 8.48 -33.23 -21.94
C SER F 51 8.94 -34.59 -22.47
N LEU F 52 8.51 -34.91 -23.68
CA LEU F 52 8.86 -36.14 -24.36
C LEU F 52 9.77 -35.84 -25.56
N PRO F 53 10.67 -36.77 -25.92
CA PRO F 53 10.88 -38.08 -25.31
C PRO F 53 11.70 -38.03 -24.02
N LEU F 54 11.70 -39.15 -23.29
CA LEU F 54 12.44 -39.26 -22.04
C LEU F 54 13.89 -39.63 -22.32
N PRO F 55 14.78 -39.38 -21.36
CA PRO F 55 16.17 -39.87 -21.50
C PRO F 55 16.19 -41.39 -21.57
N SER F 56 17.03 -41.92 -22.47
CA SER F 56 17.06 -43.35 -22.72
C SER F 56 17.48 -44.12 -21.48
N SER F 57 16.74 -45.19 -21.18
CA SER F 57 17.03 -46.04 -20.03
C SER F 57 16.29 -47.36 -20.21
N VAL F 58 16.87 -48.42 -19.64
CA VAL F 58 16.30 -49.76 -19.76
C VAL F 58 15.67 -50.14 -18.42
N ASN F 59 16.21 -49.58 -17.33
CA ASN F 59 15.71 -49.89 -15.99
C ASN F 59 14.28 -49.41 -15.78
N ARG F 60 13.78 -48.52 -16.62
CA ARG F 60 12.43 -48.00 -16.45
C ARG F 60 11.40 -49.09 -16.72
N PRO F 61 10.51 -49.40 -15.78
CA PRO F 61 9.46 -50.38 -16.03
C PRO F 61 8.41 -49.86 -17.00
N ARG F 62 7.42 -50.68 -17.34
CA ARG F 62 6.40 -50.27 -18.29
C ARG F 62 5.46 -49.26 -17.65
N ILE F 63 4.92 -48.38 -18.49
CA ILE F 63 4.03 -47.30 -18.06
C ILE F 63 2.59 -47.72 -18.34
N ASP F 64 1.70 -47.46 -17.37
CA ASP F 64 0.30 -47.82 -17.49
C ASP F 64 -0.62 -46.65 -17.79
N LEU F 65 -0.24 -45.44 -17.40
CA LEU F 65 -1.09 -44.27 -17.61
C LEU F 65 -0.22 -43.04 -17.80
N ILE F 66 -0.66 -42.13 -18.67
CA ILE F 66 0.04 -40.89 -18.95
C ILE F 66 -0.95 -39.74 -18.80
N VAL F 67 -0.59 -38.76 -17.97
CA VAL F 67 -1.44 -37.60 -17.72
C VAL F 67 -0.68 -36.35 -18.16
N PHE F 68 -1.28 -35.59 -19.07
CA PHE F 68 -0.70 -34.34 -19.56
C PHE F 68 -1.35 -33.18 -18.82
N VAL F 69 -0.54 -32.43 -18.06
CA VAL F 69 -1.01 -31.30 -17.28
C VAL F 69 -0.86 -30.04 -18.12
N VAL F 70 -1.95 -29.30 -18.30
CA VAL F 70 -1.97 -28.08 -19.10
C VAL F 70 -2.37 -26.93 -18.21
N ASN F 71 -1.47 -25.95 -18.06
CA ASN F 71 -1.74 -24.76 -17.27
C ASN F 71 -2.34 -23.69 -18.17
N LEU F 72 -3.58 -23.29 -17.88
CA LEU F 72 -4.29 -22.32 -18.69
C LEU F 72 -3.76 -20.90 -18.53
N HIS F 73 -2.79 -20.67 -17.65
CA HIS F 73 -2.24 -19.34 -17.42
C HIS F 73 -0.95 -19.09 -18.19
N SER F 74 -0.53 -20.03 -19.04
CA SER F 74 0.72 -19.87 -19.78
C SER F 74 0.63 -20.66 -21.08
N LYS F 75 1.00 -20.01 -22.19
CA LYS F 75 1.04 -20.69 -23.47
C LYS F 75 2.26 -21.59 -23.62
N TYR F 76 3.29 -21.39 -22.80
CA TYR F 76 4.48 -22.23 -22.85
C TYR F 76 4.13 -23.68 -22.56
N SER F 77 3.28 -23.92 -21.57
CA SER F 77 2.88 -25.29 -21.25
C SER F 77 2.06 -25.91 -22.37
N LEU F 78 1.19 -25.11 -23.01
CA LEU F 78 0.42 -25.62 -24.13
C LEU F 78 1.32 -26.01 -25.29
N GLN F 79 2.31 -25.17 -25.61
CA GLN F 79 3.25 -25.50 -26.67
C GLN F 79 4.06 -26.74 -26.32
N ASN F 80 4.46 -26.86 -25.04
CA ASN F 80 5.21 -28.03 -24.62
C ASN F 80 4.39 -29.31 -24.78
N THR F 81 3.11 -29.26 -24.40
CA THR F 81 2.26 -30.44 -24.56
C THR F 81 2.02 -30.77 -26.04
N GLU F 82 1.83 -29.73 -26.86
CA GLU F 82 1.65 -29.97 -28.30
C GLU F 82 2.89 -30.59 -28.91
N GLU F 83 4.07 -30.20 -28.44
CA GLU F 83 5.29 -30.81 -28.95
C GLU F 83 5.47 -32.23 -28.44
N SER F 84 5.10 -32.48 -27.18
CA SER F 84 5.28 -33.81 -26.61
C SER F 84 4.29 -34.81 -27.17
N LEU F 85 3.13 -34.36 -27.63
CA LEU F 85 2.11 -35.27 -28.18
C LEU F 85 2.52 -35.93 -29.47
N ARG F 86 3.71 -35.65 -30.01
CA ARG F 86 4.15 -36.22 -31.27
C ARG F 86 5.20 -37.32 -31.09
N HIS F 87 5.42 -37.77 -29.85
CA HIS F 87 6.42 -38.80 -29.57
C HIS F 87 5.83 -40.01 -28.87
N VAL F 88 4.52 -40.23 -29.02
CA VAL F 88 3.85 -41.40 -28.47
C VAL F 88 3.07 -42.08 -29.60
N ASP F 89 3.07 -43.41 -29.59
CA ASP F 89 2.38 -44.15 -30.63
C ASP F 89 0.87 -44.08 -30.42
N ALA F 90 0.14 -44.40 -31.50
CA ALA F 90 -1.32 -44.33 -31.44
C ALA F 90 -1.89 -45.36 -30.48
N SER F 91 -1.22 -46.51 -30.33
CA SER F 91 -1.72 -47.56 -29.45
C SER F 91 -1.79 -47.12 -27.99
N PHE F 92 -1.13 -46.03 -27.63
CA PHE F 92 -1.21 -45.52 -26.27
C PHE F 92 -2.45 -44.69 -26.03
N PHE F 93 -3.13 -44.24 -27.09
CA PHE F 93 -4.31 -43.40 -26.96
C PHE F 93 -5.59 -44.21 -26.81
N LEU F 94 -5.50 -45.52 -26.59
CA LEU F 94 -6.68 -46.36 -26.44
C LEU F 94 -7.03 -46.53 -24.96
N GLY F 95 -7.32 -45.40 -24.32
CA GLY F 95 -7.73 -45.41 -22.94
C GLY F 95 -6.61 -45.33 -21.92
N LYS F 96 -5.42 -44.88 -22.31
CA LYS F 96 -4.29 -44.79 -21.39
C LYS F 96 -3.71 -43.38 -21.33
N VAL F 97 -4.40 -42.38 -21.85
CA VAL F 97 -3.93 -41.00 -21.86
C VAL F 97 -5.05 -40.10 -21.34
N CYS F 98 -4.68 -39.17 -20.45
CA CYS F 98 -5.62 -38.24 -19.87
C CYS F 98 -5.05 -36.83 -19.93
N PHE F 99 -5.95 -35.83 -19.97
CA PHE F 99 -5.58 -34.43 -19.96
C PHE F 99 -6.14 -33.79 -18.69
N LEU F 100 -5.32 -32.98 -18.02
CA LEU F 100 -5.71 -32.32 -16.78
C LEU F 100 -5.43 -30.82 -16.93
N ALA F 101 -6.50 -30.03 -17.00
CA ALA F 101 -6.39 -28.59 -17.14
C ALA F 101 -6.41 -27.93 -15.77
N THR F 102 -5.46 -27.03 -15.53
CA THR F 102 -5.33 -26.35 -14.26
C THR F 102 -5.44 -24.84 -14.45
N GLY F 103 -6.20 -24.19 -13.58
CA GLY F 103 -6.32 -22.75 -13.59
C GLY F 103 -7.64 -22.20 -14.10
N ALA F 104 -8.65 -23.05 -14.31
CA ALA F 104 -9.94 -22.57 -14.81
C ALA F 104 -10.75 -21.84 -13.75
N GLY F 105 -10.34 -21.88 -12.48
CA GLY F 105 -11.09 -21.19 -11.46
C GLY F 105 -10.94 -19.68 -11.55
N ARG F 106 -9.71 -19.20 -11.71
CA ARG F 106 -9.43 -17.78 -11.84
C ARG F 106 -9.46 -17.43 -13.32
N GLU F 107 -10.62 -16.97 -13.79
CA GLU F 107 -10.78 -16.67 -15.21
C GLU F 107 -9.99 -15.42 -15.61
N SER F 108 -9.78 -14.49 -14.68
CA SER F 108 -9.05 -13.26 -14.99
C SER F 108 -7.59 -13.52 -15.34
N HIS F 109 -7.02 -14.64 -14.89
CA HIS F 109 -5.64 -14.97 -15.16
C HIS F 109 -5.46 -15.83 -16.41
N CYS F 110 -6.54 -16.40 -16.94
CA CYS F 110 -6.42 -17.34 -18.04
C CYS F 110 -5.99 -16.65 -19.32
N SER F 111 -4.99 -17.21 -19.98
CA SER F 111 -4.52 -16.73 -21.27
C SER F 111 -4.91 -17.65 -22.43
N ILE F 112 -5.52 -18.80 -22.12
CA ILE F 112 -5.91 -19.79 -23.13
C ILE F 112 -7.40 -20.03 -22.99
N HIS F 113 -8.11 -20.00 -24.11
CA HIS F 113 -9.54 -20.27 -24.10
C HIS F 113 -9.80 -21.75 -23.83
N ARG F 114 -10.94 -22.02 -23.19
CA ARG F 114 -11.29 -23.41 -22.87
C ARG F 114 -11.65 -24.20 -24.12
N HIS F 115 -12.12 -23.52 -25.18
CA HIS F 115 -12.42 -24.21 -26.43
C HIS F 115 -11.17 -24.87 -27.01
N THR F 116 -10.00 -24.26 -26.80
CA THR F 116 -8.76 -24.83 -27.33
C THR F 116 -8.48 -26.19 -26.71
N VAL F 117 -8.50 -26.28 -25.37
CA VAL F 117 -8.22 -27.55 -24.73
C VAL F 117 -9.36 -28.54 -24.95
N VAL F 118 -10.60 -28.06 -25.09
CA VAL F 118 -11.71 -28.96 -25.39
C VAL F 118 -11.49 -29.62 -26.75
N LYS F 119 -11.13 -28.83 -27.76
CA LYS F 119 -10.88 -29.37 -29.09
C LYS F 119 -9.65 -30.27 -29.09
N LEU F 120 -8.63 -29.92 -28.31
CA LEU F 120 -7.44 -30.76 -28.24
C LEU F 120 -7.75 -32.12 -27.62
N ALA F 121 -8.60 -32.14 -26.59
CA ALA F 121 -8.98 -33.41 -25.99
C ALA F 121 -9.89 -34.21 -26.91
N HIS F 122 -10.77 -33.53 -27.64
CA HIS F 122 -11.67 -34.25 -28.54
C HIS F 122 -10.94 -34.82 -29.74
N THR F 123 -9.86 -34.15 -30.19
CA THR F 123 -9.15 -34.62 -31.37
C THR F 123 -8.46 -35.95 -31.11
N TYR F 124 -7.83 -36.12 -29.95
CA TYR F 124 -7.09 -37.33 -29.64
C TYR F 124 -7.92 -38.37 -28.90
N GLN F 125 -9.23 -38.14 -28.75
CA GLN F 125 -10.15 -39.10 -28.14
C GLN F 125 -9.69 -39.49 -26.73
N SER F 126 -9.64 -38.49 -25.86
CA SER F 126 -9.18 -38.68 -24.49
C SER F 126 -10.01 -37.83 -23.55
N PRO F 127 -10.16 -38.24 -22.29
CA PRO F 127 -10.94 -37.44 -21.34
C PRO F 127 -10.22 -36.15 -20.96
N LEU F 128 -10.99 -35.23 -20.40
CA LEU F 128 -10.48 -33.93 -19.97
C LEU F 128 -10.96 -33.67 -18.54
N LEU F 129 -10.03 -33.40 -17.64
CA LEU F 129 -10.33 -33.16 -16.24
C LEU F 129 -9.99 -31.73 -15.85
N TYR F 130 -10.73 -31.20 -14.89
CA TYR F 130 -10.52 -29.84 -14.39
C TYR F 130 -10.22 -29.89 -12.89
N CYS F 131 -9.21 -29.15 -12.47
CA CYS F 131 -8.83 -29.09 -11.07
C CYS F 131 -7.87 -27.93 -10.85
N ASP F 132 -8.01 -27.26 -9.71
CA ASP F 132 -7.09 -26.20 -9.30
C ASP F 132 -6.09 -26.83 -8.34
N LEU F 133 -4.88 -27.12 -8.84
CA LEU F 133 -3.89 -27.84 -8.05
C LEU F 133 -3.31 -27.01 -6.92
N GLU F 134 -3.60 -25.71 -6.85
CA GLU F 134 -3.10 -24.88 -5.76
C GLU F 134 -3.83 -25.12 -4.45
N VAL F 135 -5.05 -25.64 -4.50
CA VAL F 135 -5.84 -25.94 -3.31
C VAL F 135 -5.69 -27.41 -2.98
N GLU F 136 -5.45 -27.71 -1.70
CA GLU F 136 -5.21 -29.08 -1.27
C GLU F 136 -6.49 -29.90 -1.25
N GLY F 137 -7.62 -29.28 -0.89
CA GLY F 137 -8.87 -30.01 -0.79
C GLY F 137 -9.29 -30.64 -2.11
N PHE F 138 -9.18 -29.88 -3.20
CA PHE F 138 -9.49 -30.42 -4.52
C PHE F 138 -8.41 -31.35 -5.02
N ARG F 139 -7.15 -31.07 -4.67
CA ARG F 139 -6.03 -31.89 -5.14
C ARG F 139 -6.12 -33.30 -4.57
N ALA F 140 -6.58 -33.43 -3.32
CA ALA F 140 -6.72 -34.77 -2.73
C ALA F 140 -7.75 -35.60 -3.49
N THR F 141 -8.89 -35.00 -3.81
CA THR F 141 -9.93 -35.72 -4.55
C THR F 141 -9.45 -36.07 -5.95
N MET F 142 -8.77 -35.14 -6.62
CA MET F 142 -8.23 -35.43 -7.95
C MET F 142 -7.21 -36.56 -7.88
N ALA F 143 -6.38 -36.58 -6.84
CA ALA F 143 -5.39 -37.64 -6.68
C ALA F 143 -6.07 -38.99 -6.47
N GLN F 144 -7.13 -39.03 -5.68
CA GLN F 144 -7.84 -40.29 -5.47
C GLN F 144 -8.48 -40.78 -6.77
N ARG F 145 -9.08 -39.87 -7.54
CA ARG F 145 -9.66 -40.26 -8.82
C ARG F 145 -8.58 -40.79 -9.77
N LEU F 146 -7.42 -40.13 -9.81
CA LEU F 146 -6.34 -40.59 -10.67
C LEU F 146 -5.82 -41.96 -10.22
N VAL F 147 -5.77 -42.20 -8.92
CA VAL F 147 -5.32 -43.50 -8.41
C VAL F 147 -6.31 -44.59 -8.83
N ARG F 148 -7.61 -44.29 -8.75
CA ARG F 148 -8.60 -45.28 -9.18
C ARG F 148 -8.49 -45.56 -10.68
N VAL F 149 -8.29 -44.51 -11.49
CA VAL F 149 -8.14 -44.71 -12.93
C VAL F 149 -6.89 -45.52 -13.23
N LEU F 150 -5.80 -45.27 -12.49
CA LEU F 150 -4.58 -46.04 -12.68
C LEU F 150 -4.77 -47.50 -12.31
N GLN F 151 -5.48 -47.77 -11.22
CA GLN F 151 -5.75 -49.15 -10.83
C GLN F 151 -6.61 -49.85 -11.87
N ILE F 152 -7.55 -49.13 -12.49
CA ILE F 152 -8.37 -49.72 -13.54
C ILE F 152 -7.51 -50.04 -14.77
N CYS F 153 -6.64 -49.09 -15.16
CA CYS F 153 -5.86 -49.27 -16.38
C CYS F 153 -4.75 -50.31 -16.20
N ALA F 154 -4.27 -50.52 -14.98
CA ALA F 154 -3.18 -51.46 -14.74
C ALA F 154 -3.61 -52.92 -14.82
N GLY F 155 -4.91 -53.19 -14.83
CA GLY F 155 -5.39 -54.56 -14.90
C GLY F 155 -5.66 -55.20 -13.57
N HIS F 156 -5.92 -54.43 -12.52
CA HIS F 156 -6.19 -54.96 -11.19
C HIS F 156 -7.68 -55.06 -10.90
N VAL F 157 -8.53 -54.80 -11.89
CA VAL F 157 -9.98 -54.93 -11.73
C VAL F 157 -10.48 -55.97 -12.71
N PRO F 158 -10.93 -57.14 -12.24
CA PRO F 158 -11.38 -58.20 -13.16
C PRO F 158 -12.64 -57.79 -13.90
N GLY F 159 -12.58 -57.86 -15.23
CA GLY F 159 -13.72 -57.56 -16.07
C GLY F 159 -13.70 -56.18 -16.72
N VAL F 160 -12.83 -55.28 -16.25
CA VAL F 160 -12.74 -53.92 -16.78
C VAL F 160 -11.30 -53.67 -17.21
N SER F 161 -11.14 -53.20 -18.44
CA SER F 161 -9.85 -52.88 -19.02
C SER F 161 -9.83 -51.42 -19.49
N ALA F 162 -8.71 -51.01 -20.07
CA ALA F 162 -8.59 -49.64 -20.57
C ALA F 162 -9.50 -49.42 -21.77
N LEU F 163 -9.68 -50.44 -22.61
CA LEU F 163 -10.57 -50.30 -23.76
C LEU F 163 -12.02 -50.13 -23.32
N ASN F 164 -12.40 -50.71 -22.18
CA ASN F 164 -13.73 -50.48 -21.63
C ASN F 164 -13.84 -49.10 -21.01
N LEU F 165 -12.80 -48.65 -20.32
CA LEU F 165 -12.79 -47.30 -19.77
C LEU F 165 -12.89 -46.25 -20.88
N LEU F 166 -12.39 -46.57 -22.07
CA LEU F 166 -12.53 -45.66 -23.20
C LEU F 166 -13.99 -45.46 -23.56
N SER F 167 -14.81 -46.52 -23.43
CA SER F 167 -16.22 -46.40 -23.73
C SER F 167 -17.02 -45.86 -22.55
N LEU F 168 -16.52 -46.02 -21.32
CA LEU F 168 -17.24 -45.52 -20.16
C LEU F 168 -17.18 -44.01 -20.07
N LEU F 169 -16.05 -43.41 -20.45
CA LEU F 169 -15.84 -41.97 -20.35
C LEU F 169 -16.07 -41.26 -21.68
N ARG F 170 -16.80 -41.87 -22.61
CA ARG F 170 -17.04 -41.25 -23.90
C ARG F 170 -18.07 -40.14 -23.79
N SER F 171 -17.86 -39.07 -24.55
CA SER F 171 -18.79 -37.94 -24.56
C SER F 171 -19.75 -38.06 -25.73
N SER F 172 -20.96 -37.53 -25.53
CA SER F 172 -21.97 -37.59 -26.58
C SER F 172 -21.63 -36.66 -27.74
N GLU F 173 -21.43 -35.38 -27.45
CA GLU F 173 -21.07 -34.41 -28.48
C GLU F 173 -19.64 -33.93 -28.31
N ASP G 2 12.88 36.17 12.22
CA ASP G 2 11.78 36.39 11.30
C ASP G 2 10.77 35.26 11.35
N GLU G 3 9.83 35.27 10.40
CA GLU G 3 8.79 34.25 10.34
C GLU G 3 9.13 33.12 9.39
N THR G 4 9.96 33.36 8.37
CA THR G 4 10.32 32.31 7.43
C THR G 4 11.12 31.21 8.12
N VAL G 5 12.04 31.59 9.02
CA VAL G 5 12.81 30.59 9.76
C VAL G 5 11.89 29.75 10.63
N ALA G 6 10.93 30.39 11.30
CA ALA G 6 9.99 29.66 12.14
C ALA G 6 9.16 28.69 11.30
N GLU G 7 8.69 29.14 10.13
CA GLU G 7 7.91 28.26 9.27
C GLU G 7 8.74 27.09 8.77
N PHE G 8 10.00 27.34 8.41
CA PHE G 8 10.89 26.26 7.97
C PHE G 8 11.09 25.24 9.08
N ILE G 9 11.37 25.71 10.30
CA ILE G 9 11.57 24.79 11.42
C ILE G 9 10.30 24.01 11.71
N LYS G 10 9.14 24.68 11.64
CA LYS G 10 7.87 24.01 11.91
C LYS G 10 7.59 22.93 10.87
N ARG G 11 7.82 23.21 9.59
CA ARG G 11 7.61 22.21 8.56
C ARG G 11 8.57 21.04 8.72
N THR G 12 9.84 21.33 9.03
CA THR G 12 10.81 20.26 9.23
C THR G 12 10.41 19.37 10.41
N ILE G 13 9.91 19.97 11.49
CA ILE G 13 9.48 19.18 12.64
C ILE G 13 8.24 18.37 12.30
N LEU G 14 7.31 18.95 11.54
CA LEU G 14 6.12 18.22 11.15
C LEU G 14 6.45 17.04 10.23
N LYS G 15 7.55 17.15 9.47
CA LYS G 15 7.98 16.02 8.65
C LYS G 15 8.50 14.86 9.51
N ILE G 16 9.04 15.17 10.68
CA ILE G 16 9.64 14.14 11.54
C ILE G 16 8.54 13.32 12.20
N PRO G 17 8.65 11.99 12.24
CA PRO G 17 7.67 11.18 12.97
C PRO G 17 7.73 11.45 14.47
N MET G 18 6.79 10.83 15.19
CA MET G 18 6.67 11.08 16.62
C MET G 18 7.55 10.14 17.45
N ASN G 19 7.73 8.89 17.01
CA ASN G 19 8.47 7.92 17.81
C ASN G 19 9.96 8.23 17.85
N GLU G 20 10.50 8.88 16.82
CA GLU G 20 11.92 9.17 16.73
C GLU G 20 12.23 10.66 16.81
N LEU G 21 11.27 11.47 17.27
CA LEU G 21 11.49 12.90 17.37
C LEU G 21 12.50 13.24 18.46
N THR G 22 12.48 12.49 19.56
CA THR G 22 13.42 12.76 20.66
C THR G 22 14.86 12.55 20.22
N THR G 23 15.11 11.51 19.43
CA THR G 23 16.48 11.25 18.97
C THR G 23 16.96 12.38 18.05
N ILE G 24 16.10 12.86 17.16
CA ILE G 24 16.48 13.95 16.27
C ILE G 24 16.73 15.22 17.08
N LEU G 25 15.89 15.49 18.07
CA LEU G 25 16.08 16.68 18.90
C LEU G 25 17.35 16.59 19.73
N LYS G 26 17.72 15.39 20.16
CA LYS G 26 18.96 15.22 20.91
C LYS G 26 20.18 15.36 19.99
N ALA G 27 20.07 14.88 18.76
CA ALA G 27 21.18 15.01 17.81
C ALA G 27 21.34 16.45 17.33
N TRP G 28 20.25 17.22 17.30
CA TRP G 28 20.34 18.61 16.88
C TRP G 28 21.15 19.43 17.88
N ASP G 29 20.88 19.26 19.17
CA ASP G 29 21.62 19.93 20.24
C ASP G 29 21.56 21.45 20.13
N PHE G 30 20.44 21.98 19.66
CA PHE G 30 20.25 23.43 19.63
C PHE G 30 19.62 23.93 20.92
N LEU G 31 18.52 23.31 21.34
CA LEU G 31 17.90 23.63 22.63
C LEU G 31 18.64 22.90 23.74
N SER G 32 18.72 23.54 24.90
CA SER G 32 19.42 22.94 26.03
C SER G 32 18.70 21.68 26.50
N GLU G 33 19.45 20.83 27.19
CA GLU G 33 18.89 19.57 27.68
C GLU G 33 17.84 19.81 28.77
N ASN G 34 18.03 20.85 29.58
CA ASN G 34 17.07 21.14 30.65
C ASN G 34 15.76 21.70 30.13
N GLN G 35 15.64 21.99 28.84
CA GLN G 35 14.41 22.50 28.26
C GLN G 35 13.59 21.41 27.56
N LEU G 36 14.10 20.17 27.50
CA LEU G 36 13.39 19.11 26.81
C LEU G 36 12.38 18.42 27.72
N GLN G 37 12.74 18.19 28.99
CA GLN G 37 11.84 17.50 29.90
C GLN G 37 10.63 18.35 30.27
N THR G 38 10.70 19.67 30.06
CA THR G 38 9.54 20.52 30.33
C THR G 38 8.41 20.25 29.36
N VAL G 39 8.72 19.81 28.14
CA VAL G 39 7.72 19.46 27.14
C VAL G 39 7.27 18.02 27.37
N ASN G 40 5.97 17.78 27.24
CA ASN G 40 5.39 16.46 27.43
C ASN G 40 5.12 15.84 26.06
N PHE G 41 5.83 14.76 25.75
CA PHE G 41 5.66 14.06 24.48
C PHE G 41 4.50 13.06 24.51
N ARG G 42 3.67 13.10 25.55
CA ARG G 42 2.52 12.20 25.64
C ARG G 42 1.26 12.77 25.02
N GLN G 43 1.17 14.10 24.89
CA GLN G 43 -0.02 14.74 24.34
C GLN G 43 0.00 14.66 22.83
N ARG G 44 -0.89 15.40 22.18
CA ARG G 44 -1.00 15.38 20.73
C ARG G 44 0.25 15.95 20.07
N LYS G 45 0.45 15.57 18.80
CA LYS G 45 1.60 16.06 18.06
C LYS G 45 1.53 17.56 17.83
N GLU G 46 0.32 18.09 17.63
CA GLU G 46 0.15 19.51 17.35
C GLU G 46 0.60 20.37 18.53
N SER G 47 0.21 19.99 19.75
CA SER G 47 0.59 20.76 20.92
C SER G 47 2.10 20.69 21.16
N VAL G 48 2.69 19.52 20.93
CA VAL G 48 4.13 19.38 21.10
C VAL G 48 4.88 20.27 20.10
N VAL G 49 4.43 20.27 18.85
CA VAL G 49 5.06 21.10 17.84
C VAL G 49 4.88 22.58 18.15
N GLN G 50 3.72 22.96 18.69
CA GLN G 50 3.50 24.35 19.06
C GLN G 50 4.42 24.77 20.19
N HIS G 51 4.56 23.91 21.21
CA HIS G 51 5.46 24.23 22.31
C HIS G 51 6.91 24.31 21.85
N LEU G 52 7.31 23.42 20.94
CA LEU G 52 8.68 23.46 20.42
C LEU G 52 8.91 24.73 19.60
N ILE G 53 7.92 25.14 18.82
CA ILE G 53 8.04 26.39 18.05
C ILE G 53 8.14 27.58 18.99
N HIS G 54 7.34 27.58 20.06
CA HIS G 54 7.43 28.67 21.04
C HIS G 54 8.81 28.71 21.69
N LEU G 55 9.36 27.54 22.04
CA LEU G 55 10.68 27.49 22.66
C LEU G 55 11.76 27.98 21.69
N CYS G 56 11.67 27.56 20.43
CA CYS G 56 12.65 27.97 19.43
C CYS G 56 12.50 29.45 19.05
N GLU G 57 11.33 30.03 19.25
CA GLU G 57 11.13 31.45 18.98
C GLU G 57 11.57 32.33 20.15
N GLU G 58 11.43 31.84 21.39
CA GLU G 58 11.92 32.59 22.53
C GLU G 58 13.44 32.77 22.48
N LYS G 59 14.14 31.79 21.91
CA LYS G 59 15.57 31.89 21.70
C LYS G 59 15.86 32.37 20.28
N ARG G 60 17.05 32.95 20.10
CA ARG G 60 17.45 33.45 18.79
C ARG G 60 17.67 32.28 17.84
N ALA G 61 16.81 32.17 16.83
CA ALA G 61 16.86 31.08 15.86
C ALA G 61 17.33 31.65 14.52
N SER G 62 18.52 31.23 14.09
CA SER G 62 19.09 31.69 12.83
C SER G 62 18.67 30.73 11.71
N ILE G 63 19.23 30.93 10.51
CA ILE G 63 18.91 30.07 9.38
C ILE G 63 19.83 28.86 9.30
N SER G 64 20.98 28.88 9.98
CA SER G 64 21.88 27.74 9.95
C SER G 64 21.37 26.57 10.79
N ASP G 65 20.65 26.86 11.88
CA ASP G 65 20.13 25.78 12.72
C ASP G 65 19.05 25.00 12.01
N ALA G 66 18.16 25.69 11.28
CA ALA G 66 17.14 24.98 10.50
C ALA G 66 17.78 24.13 9.41
N ALA G 67 18.83 24.64 8.77
CA ALA G 67 19.53 23.86 7.76
C ALA G 67 20.20 22.63 8.37
N LEU G 68 20.77 22.78 9.56
CA LEU G 68 21.37 21.63 10.24
C LEU G 68 20.33 20.59 10.60
N LEU G 69 19.16 21.04 11.08
CA LEU G 69 18.07 20.11 11.38
C LEU G 69 17.60 19.39 10.12
N ASP G 70 17.51 20.10 9.00
CA ASP G 70 17.11 19.48 7.75
C ASP G 70 18.15 18.44 7.31
N ILE G 71 19.44 18.77 7.46
CA ILE G 71 20.49 17.82 7.10
C ILE G 71 20.40 16.58 7.97
N ILE G 72 20.15 16.76 9.27
CA ILE G 72 20.04 15.62 10.18
C ILE G 72 18.87 14.74 9.78
N TYR G 73 17.71 15.35 9.51
CA TYR G 73 16.55 14.58 9.09
C TYR G 73 16.80 13.82 7.79
N MET G 74 17.43 14.48 6.82
CA MET G 74 17.69 13.85 5.53
C MET G 74 18.67 12.68 5.67
N GLN G 75 19.74 12.87 6.46
CA GLN G 75 20.69 11.78 6.65
C GLN G 75 20.12 10.68 7.53
N PHE G 76 19.07 10.97 8.30
CA PHE G 76 18.41 9.92 9.05
C PHE G 76 17.46 9.10 8.17
N HIS G 77 16.82 9.75 7.19
CA HIS G 77 15.92 9.02 6.29
C HIS G 77 16.66 8.52 5.04
N GLN G 78 17.22 9.45 4.26
CA GLN G 78 18.11 9.17 3.13
C GLN G 78 17.53 8.18 2.11
N HIS G 79 16.23 7.92 2.17
CA HIS G 79 15.59 7.02 1.22
C HIS G 79 14.42 7.69 0.50
N GLN G 80 14.25 8.99 0.65
CA GLN G 80 13.16 9.73 0.00
C GLN G 80 13.57 10.34 -1.33
N LYS G 81 14.84 10.23 -1.72
CA LYS G 81 15.34 10.84 -2.95
C LYS G 81 16.07 9.79 -3.77
N VAL G 82 16.27 10.10 -5.04
CA VAL G 82 17.03 9.26 -5.97
C VAL G 82 18.45 9.80 -6.04
N TRP G 83 19.41 8.90 -5.87
CA TRP G 83 20.82 9.28 -5.78
C TRP G 83 21.57 8.89 -7.05
N GLU G 84 22.50 9.75 -7.44
CA GLU G 84 23.40 9.52 -8.57
C GLU G 84 24.84 9.66 -8.10
N VAL G 85 25.77 9.15 -8.91
CA VAL G 85 27.18 9.08 -8.56
C VAL G 85 27.99 9.88 -9.57
N PHE G 86 29.05 10.52 -9.10
CA PHE G 86 30.01 11.21 -9.94
C PHE G 86 31.37 10.52 -9.83
N GLN G 87 32.25 10.83 -10.79
CA GLN G 87 33.60 10.31 -10.80
C GLN G 87 34.56 11.36 -11.31
N MET G 88 35.58 11.68 -10.53
CA MET G 88 36.55 12.70 -10.86
C MET G 88 37.89 12.06 -11.22
N SER G 89 38.55 12.62 -12.22
CA SER G 89 39.84 12.13 -12.68
C SER G 89 40.92 13.16 -12.39
N LYS G 90 42.16 12.67 -12.32
CA LYS G 90 43.33 13.50 -12.04
C LYS G 90 44.40 13.23 -13.08
N GLY G 91 45.25 14.23 -13.29
CA GLY G 91 46.33 14.12 -14.24
C GLY G 91 47.38 13.10 -13.81
N PRO G 92 48.23 12.70 -14.75
CA PRO G 92 49.25 11.69 -14.40
C PRO G 92 50.39 12.25 -13.57
N GLY G 93 50.79 13.48 -13.82
CA GLY G 93 51.92 14.09 -13.13
C GLY G 93 51.60 14.76 -11.81
N GLU G 94 50.40 14.55 -11.27
CA GLU G 94 50.01 15.17 -10.01
C GLU G 94 50.26 14.21 -8.85
N ASP G 95 50.72 14.76 -7.73
CA ASP G 95 51.02 13.96 -6.55
C ASP G 95 49.79 13.85 -5.64
N VAL G 96 49.88 12.95 -4.67
CA VAL G 96 48.81 12.79 -3.69
C VAL G 96 48.74 14.03 -2.82
N ASP G 97 47.53 14.59 -2.70
CA ASP G 97 47.33 15.82 -1.96
C ASP G 97 47.10 15.55 -0.48
N LEU G 98 47.37 16.56 0.33
CA LEU G 98 47.11 16.51 1.78
C LEU G 98 45.78 17.19 2.02
N PHE G 99 44.74 16.38 2.19
CA PHE G 99 43.38 16.90 2.29
C PHE G 99 43.21 17.70 3.56
N ASP G 100 42.59 18.88 3.44
CA ASP G 100 42.27 19.74 4.56
C ASP G 100 40.81 20.15 4.47
N MET G 101 40.09 20.05 5.58
CA MET G 101 38.64 20.29 5.54
C MET G 101 38.33 21.78 5.41
N LYS G 102 39.09 22.63 6.11
CA LYS G 102 38.81 24.06 6.08
C LYS G 102 39.02 24.65 4.70
N GLN G 103 40.12 24.28 4.03
CA GLN G 103 40.38 24.79 2.69
C GLN G 103 39.33 24.29 1.71
N PHE G 104 38.91 23.03 1.85
CA PHE G 104 37.86 22.49 0.99
C PHE G 104 36.56 23.27 1.17
N LYS G 105 36.15 23.50 2.41
CA LYS G 105 34.93 24.26 2.67
C LYS G 105 35.04 25.67 2.09
N ASN G 106 36.18 26.33 2.30
CA ASN G 106 36.36 27.70 1.84
C ASN G 106 36.29 27.78 0.32
N SER G 107 36.96 26.85 -0.37
CA SER G 107 36.94 26.87 -1.83
C SER G 107 35.56 26.56 -2.38
N PHE G 108 34.90 25.53 -1.83
CA PHE G 108 33.57 25.17 -2.30
C PHE G 108 32.57 26.29 -2.05
N LYS G 109 32.76 27.08 -0.99
CA LYS G 109 31.87 28.20 -0.74
C LYS G 109 32.19 29.37 -1.67
N LYS G 110 33.48 29.68 -1.86
CA LYS G 110 33.86 30.84 -2.65
C LYS G 110 33.50 30.67 -4.12
N ILE G 111 33.60 29.44 -4.64
CA ILE G 111 33.25 29.21 -6.04
C ILE G 111 31.78 29.57 -6.29
N LEU G 112 30.88 29.06 -5.45
CA LEU G 112 29.47 29.35 -5.62
C LEU G 112 29.15 30.81 -5.26
N GLN G 113 29.92 31.41 -4.36
CA GLN G 113 29.67 32.80 -4.00
C GLN G 113 30.10 33.76 -5.11
N ARG G 114 31.11 33.40 -5.88
CA ARG G 114 31.55 34.25 -6.98
C ARG G 114 30.79 33.95 -8.28
N ALA G 115 30.28 32.73 -8.44
CA ALA G 115 29.49 32.42 -9.62
C ALA G 115 28.10 33.01 -9.51
N LEU G 116 27.34 32.60 -8.50
CA LEU G 116 26.02 33.16 -8.22
C LEU G 116 26.18 34.31 -7.22
N LYS G 117 25.06 34.81 -6.71
CA LYS G 117 25.08 35.87 -5.70
C LYS G 117 24.49 35.43 -4.38
N ASN G 118 23.27 34.89 -4.39
CA ASN G 118 22.58 34.43 -3.19
C ASN G 118 22.50 32.92 -3.22
N VAL G 119 23.20 32.26 -2.30
CA VAL G 119 23.23 30.80 -2.25
C VAL G 119 23.59 30.40 -0.82
N THR G 120 22.88 29.41 -0.29
CA THR G 120 23.09 28.94 1.07
C THR G 120 23.80 27.59 1.03
N VAL G 121 24.88 27.47 1.80
CA VAL G 121 25.66 26.24 1.88
C VAL G 121 25.79 25.84 3.34
N SER G 122 25.48 24.58 3.64
CA SER G 122 25.56 24.05 4.99
C SER G 122 26.36 22.75 4.97
N PHE G 123 27.32 22.61 5.87
CA PHE G 123 28.21 21.47 5.92
C PHE G 123 27.97 20.65 7.19
N ARG G 124 28.27 19.35 7.08
CA ARG G 124 28.23 18.47 8.25
C ARG G 124 29.26 17.36 8.03
N GLU G 125 30.32 17.36 8.83
CA GLU G 125 31.43 16.41 8.69
C GLU G 125 31.22 15.27 9.67
N THR G 126 30.92 14.09 9.16
CA THR G 126 30.69 12.91 9.98
C THR G 126 31.70 11.82 9.65
N GLU G 127 31.84 10.88 10.58
CA GLU G 127 32.76 9.76 10.43
C GLU G 127 32.28 8.87 9.28
N GLU G 128 33.07 7.84 8.98
CA GLU G 128 33.05 7.05 7.75
C GLU G 128 33.68 7.93 6.67
N ASN G 129 34.32 9.03 7.08
CA ASN G 129 34.96 9.99 6.19
C ASN G 129 33.95 10.57 5.21
N ALA G 130 32.90 11.17 5.76
CA ALA G 130 31.80 11.67 4.95
C ALA G 130 31.55 13.14 5.24
N VAL G 131 31.21 13.89 4.20
CA VAL G 131 30.83 15.29 4.33
C VAL G 131 29.48 15.45 3.63
N TRP G 132 28.48 15.89 4.39
CA TRP G 132 27.15 16.18 3.86
C TRP G 132 27.05 17.67 3.59
N ILE G 133 26.61 18.02 2.39
CA ILE G 133 26.50 19.41 1.96
C ILE G 133 25.07 19.66 1.49
N ARG G 134 24.43 20.67 2.08
CA ARG G 134 23.10 21.11 1.68
C ARG G 134 23.21 22.46 1.00
N ILE G 135 22.66 22.56 -0.21
CA ILE G 135 22.79 23.75 -1.04
C ILE G 135 21.40 24.27 -1.38
N ALA G 136 21.16 25.54 -1.10
CA ALA G 136 19.95 26.26 -1.51
C ALA G 136 20.35 27.26 -2.59
N TRP G 137 19.77 27.11 -3.78
CA TRP G 137 20.20 27.85 -4.96
C TRP G 137 19.47 29.19 -5.07
N GLY G 138 20.09 30.11 -5.81
CA GLY G 138 19.52 31.41 -6.07
C GLY G 138 20.41 32.16 -7.04
N THR G 139 19.94 33.35 -7.42
CA THR G 139 20.71 34.17 -8.35
C THR G 139 20.73 35.63 -7.91
N GLN G 140 21.21 36.51 -8.80
CA GLN G 140 21.39 37.92 -8.43
C GLN G 140 20.08 38.65 -8.19
N TYR G 141 18.96 38.11 -8.67
CA TYR G 141 17.68 38.80 -8.56
C TYR G 141 16.63 38.03 -7.77
N THR G 142 16.97 36.88 -7.19
CA THR G 142 16.04 36.11 -6.38
C THR G 142 16.73 35.66 -5.10
N LYS G 143 15.92 35.39 -4.08
CA LYS G 143 16.40 34.88 -2.81
C LYS G 143 16.55 33.36 -2.86
N PRO G 144 17.41 32.80 -2.02
CA PRO G 144 17.58 31.33 -2.01
C PRO G 144 16.29 30.62 -1.68
N ASN G 145 15.96 29.61 -2.49
CA ASN G 145 14.72 28.84 -2.32
C ASN G 145 15.01 27.68 -1.37
N GLN G 146 14.39 27.72 -0.19
CA GLN G 146 14.57 26.68 0.81
C GLN G 146 13.68 25.47 0.59
N TYR G 147 12.79 25.51 -0.40
CA TYR G 147 11.89 24.39 -0.65
C TYR G 147 12.51 23.30 -1.52
N LYS G 148 13.50 23.65 -2.34
CA LYS G 148 14.14 22.71 -3.26
C LYS G 148 15.64 22.73 -3.01
N PRO G 149 16.11 22.04 -1.98
CA PRO G 149 17.54 21.98 -1.70
C PRO G 149 18.22 20.84 -2.47
N THR G 150 19.54 20.85 -2.44
CA THR G 150 20.36 19.83 -3.09
C THR G 150 21.30 19.24 -2.06
N TYR G 151 21.35 17.91 -2.00
CA TYR G 151 22.17 17.20 -1.03
C TYR G 151 23.33 16.50 -1.73
N VAL G 152 24.53 16.63 -1.16
CA VAL G 152 25.73 16.02 -1.69
C VAL G 152 26.44 15.30 -0.56
N VAL G 153 26.93 14.09 -0.85
CA VAL G 153 27.71 13.30 0.09
C VAL G 153 29.08 13.07 -0.55
N TYR G 154 30.12 13.63 0.06
CA TYR G 154 31.48 13.53 -0.46
C TYR G 154 32.35 12.72 0.48
N TYR G 155 33.16 11.83 -0.09
CA TYR G 155 34.11 11.02 0.66
C TYR G 155 35.51 11.54 0.38
N SER G 156 36.22 11.92 1.45
CA SER G 156 37.51 12.58 1.30
C SER G 156 38.54 11.65 0.68
N GLN G 157 39.41 12.22 -0.15
CA GLN G 157 40.52 11.51 -0.78
C GLN G 157 40.05 10.36 -1.67
N THR G 158 38.81 10.41 -2.14
CA THR G 158 38.28 9.43 -3.08
C THR G 158 37.70 10.14 -4.29
N PRO G 159 37.72 9.51 -5.47
CA PRO G 159 37.20 10.15 -6.68
C PRO G 159 35.69 10.09 -6.83
N TYR G 160 34.94 9.70 -5.80
CA TYR G 160 33.50 9.50 -5.92
C TYR G 160 32.75 10.47 -5.02
N ALA G 161 31.54 10.83 -5.46
CA ALA G 161 30.67 11.73 -4.71
C ALA G 161 29.23 11.47 -5.14
N PHE G 162 28.34 11.35 -4.17
CA PHE G 162 26.94 11.06 -4.43
C PHE G 162 26.12 12.34 -4.33
N THR G 163 25.06 12.42 -5.14
CA THR G 163 24.24 13.63 -5.19
C THR G 163 22.77 13.25 -5.32
N SER G 164 21.91 14.08 -4.74
CA SER G 164 20.47 13.90 -4.85
C SER G 164 19.94 14.71 -6.01
N SER G 165 19.29 14.03 -6.97
CA SER G 165 18.78 14.68 -8.18
C SER G 165 17.46 15.37 -7.85
N SER G 166 17.55 16.64 -7.45
CA SER G 166 16.37 17.43 -7.14
C SER G 166 16.21 18.61 -8.09
N MET G 167 17.21 19.50 -8.18
CA MET G 167 17.10 20.67 -9.02
C MET G 167 18.41 21.01 -9.73
N LEU G 168 19.45 20.18 -9.61
CA LEU G 168 20.75 20.53 -10.18
C LEU G 168 20.78 20.42 -11.70
N ARG G 169 19.67 20.09 -12.35
CA ARG G 169 19.64 20.05 -13.81
C ARG G 169 19.92 21.41 -14.43
N ARG G 170 19.70 22.49 -13.69
CA ARG G 170 19.99 23.83 -14.17
C ARG G 170 21.43 24.27 -13.85
N ASN G 171 21.97 23.82 -12.73
CA ASN G 171 23.30 24.22 -12.28
C ASN G 171 24.21 23.01 -12.09
N THR G 172 24.19 22.09 -13.07
CA THR G 172 25.04 20.90 -13.02
C THR G 172 26.49 21.25 -13.34
N PRO G 173 26.79 22.00 -14.41
CA PRO G 173 28.20 22.34 -14.65
C PRO G 173 28.83 23.15 -13.54
N LEU G 174 28.06 24.04 -12.90
CA LEU G 174 28.61 24.83 -11.80
C LEU G 174 28.94 23.95 -10.60
N LEU G 175 28.05 23.02 -10.25
CA LEU G 175 28.33 22.11 -9.14
C LEU G 175 29.52 21.22 -9.46
N GLY G 176 29.62 20.75 -10.71
CA GLY G 176 30.78 19.95 -11.10
C GLY G 176 32.07 20.73 -11.00
N GLN G 177 32.06 21.99 -11.45
CA GLN G 177 33.24 22.83 -11.34
C GLN G 177 33.63 23.05 -9.89
N ALA G 178 32.66 23.34 -9.03
CA ALA G 178 32.94 23.53 -7.61
C ALA G 178 33.54 22.27 -7.00
N LEU G 179 32.99 21.11 -7.33
CA LEU G 179 33.49 19.87 -6.76
C LEU G 179 34.90 19.56 -7.26
N THR G 180 35.17 19.79 -8.54
CA THR G 180 36.49 19.47 -9.09
C THR G 180 37.54 20.51 -8.73
N ILE G 181 37.13 21.70 -8.32
CA ILE G 181 38.10 22.71 -7.87
C ILE G 181 38.39 22.58 -6.38
N ALA G 182 37.36 22.38 -5.57
CA ALA G 182 37.56 22.29 -4.12
C ALA G 182 38.32 21.04 -3.73
N SER G 183 38.24 19.97 -4.54
CA SER G 183 38.89 18.71 -4.24
C SER G 183 40.20 18.53 -5.00
N LYS G 184 40.65 19.55 -5.72
CA LYS G 184 41.92 19.53 -6.45
C LYS G 184 41.95 18.40 -7.48
N HIS G 185 41.00 18.44 -8.40
CA HIS G 185 40.92 17.50 -9.51
C HIS G 185 40.88 18.26 -10.82
N HIS G 186 40.84 17.51 -11.93
CA HIS G 186 40.85 18.10 -13.27
C HIS G 186 39.56 17.87 -14.03
N GLN G 187 39.07 16.63 -14.08
CA GLN G 187 37.89 16.29 -14.85
C GLN G 187 36.83 15.66 -13.93
N ILE G 188 35.61 15.58 -14.44
CA ILE G 188 34.50 14.97 -13.72
C ILE G 188 33.50 14.45 -14.74
N VAL G 189 32.93 13.27 -14.44
CA VAL G 189 31.97 12.63 -15.33
C VAL G 189 30.90 11.97 -14.47
N LYS G 190 29.73 11.75 -15.08
CA LYS G 190 28.59 11.14 -14.41
C LYS G 190 28.47 9.69 -14.84
N MET G 191 28.33 8.80 -13.87
CA MET G 191 28.20 7.37 -14.13
C MET G 191 26.73 7.00 -14.38
N ASP G 192 26.54 5.98 -15.22
CA ASP G 192 25.20 5.49 -15.53
C ASP G 192 24.73 4.55 -14.42
N LEU G 193 24.49 5.14 -13.26
CA LEU G 193 24.11 4.36 -12.08
C LEU G 193 23.28 5.27 -11.16
N ARG G 194 21.97 5.11 -11.19
CA ARG G 194 21.05 5.86 -10.33
C ARG G 194 20.25 4.88 -9.48
N SER G 195 20.07 5.21 -8.21
CA SER G 195 19.32 4.32 -7.33
C SER G 195 18.87 5.07 -6.09
N ARG G 196 17.77 4.61 -5.51
CA ARG G 196 17.22 5.19 -4.30
C ARG G 196 17.91 4.67 -3.04
N TYR G 197 18.54 3.51 -3.11
CA TYR G 197 19.24 2.92 -1.97
C TYR G 197 20.69 3.39 -2.00
N LEU G 198 21.04 4.28 -1.06
CA LEU G 198 22.39 4.84 -1.06
C LEU G 198 23.43 3.81 -0.62
N ASP G 199 23.08 2.92 0.29
CA ASP G 199 24.03 1.92 0.75
C ASP G 199 24.38 0.93 -0.36
N SER G 200 23.40 0.58 -1.19
CA SER G 200 23.68 -0.31 -2.32
C SER G 200 24.63 0.34 -3.31
N LEU G 201 24.41 1.63 -3.60
CA LEU G 201 25.34 2.35 -4.47
C LEU G 201 26.72 2.44 -3.86
N LYS G 202 26.79 2.64 -2.54
CA LYS G 202 28.08 2.70 -1.86
C LYS G 202 28.82 1.38 -1.95
N ALA G 203 28.09 0.27 -1.81
CA ALA G 203 28.72 -1.05 -1.88
C ALA G 203 29.11 -1.41 -3.31
N ILE G 204 28.35 -0.96 -4.30
CA ILE G 204 28.65 -1.29 -5.69
C ILE G 204 29.82 -0.47 -6.21
N VAL G 205 29.81 0.84 -5.94
CA VAL G 205 30.87 1.72 -6.45
C VAL G 205 32.20 1.35 -5.81
N PHE G 206 32.22 1.12 -4.49
CA PHE G 206 33.43 0.70 -3.80
C PHE G 206 33.72 -0.78 -3.98
N LYS G 207 32.89 -1.50 -4.74
CA LYS G 207 33.01 -2.94 -5.01
C LYS G 207 33.47 -3.72 -3.78
N GLN G 208 32.67 -3.61 -2.72
CA GLN G 208 32.92 -4.33 -1.47
C GLN G 208 31.69 -5.10 -1.04
N TYR G 209 30.91 -5.60 -2.00
CA TYR G 209 29.72 -6.40 -1.69
C TYR G 209 30.04 -7.87 -1.47
N ASN G 210 31.24 -8.32 -1.82
CA ASN G 210 31.67 -9.70 -1.62
C ASN G 210 32.84 -9.69 -0.65
N GLN G 211 32.60 -10.12 0.58
CA GLN G 211 33.58 -10.07 1.65
C GLN G 211 33.86 -11.46 2.20
N THR G 212 34.03 -12.44 1.32
CA THR G 212 34.33 -13.82 1.70
C THR G 212 35.66 -14.22 1.06
N PHE G 213 36.63 -14.58 1.89
CA PHE G 213 37.95 -14.97 1.43
C PHE G 213 38.35 -16.30 2.05
N GLU G 214 39.01 -17.14 1.26
CA GLU G 214 39.42 -18.46 1.71
C GLU G 214 40.78 -18.39 2.38
N THR G 215 40.88 -18.93 3.59
CA THR G 215 42.13 -18.95 4.33
C THR G 215 42.06 -20.05 5.37
N HIS G 216 43.22 -20.60 5.71
CA HIS G 216 43.35 -21.64 6.73
C HIS G 216 44.07 -21.03 7.93
N ASN G 217 43.30 -20.43 8.82
CA ASN G 217 43.85 -19.80 10.01
C ASN G 217 42.78 -19.66 11.09
N MET G 233 13.83 -40.13 1.16
CA MET G 233 12.68 -39.24 1.19
C MET G 233 11.69 -39.58 0.09
N ASP G 234 10.74 -40.47 0.41
CA ASP G 234 9.69 -40.91 -0.52
C ASP G 234 10.32 -41.51 -1.78
N SER G 235 11.00 -42.64 -1.56
CA SER G 235 11.70 -43.33 -2.65
C SER G 235 10.77 -43.82 -3.74
N ARG G 236 9.45 -43.83 -3.52
CA ARG G 236 8.52 -44.26 -4.55
C ARG G 236 8.42 -43.27 -5.69
N ILE G 237 8.77 -42.01 -5.46
CA ILE G 237 8.75 -40.99 -6.51
C ILE G 237 10.10 -41.00 -7.23
N ILE G 238 10.06 -41.06 -8.55
CA ILE G 238 11.26 -41.08 -9.38
C ILE G 238 11.33 -39.75 -10.13
N HIS G 239 12.36 -38.97 -9.84
CA HIS G 239 12.55 -37.66 -10.46
C HIS G 239 13.43 -37.83 -11.70
N GLU G 240 12.84 -37.68 -12.87
CA GLU G 240 13.61 -37.67 -14.11
C GLU G 240 14.08 -36.26 -14.41
N ASN G 241 14.99 -36.16 -15.39
CA ASN G 241 15.64 -34.90 -15.75
C ASN G 241 16.35 -34.28 -14.56
N ILE G 242 16.86 -35.12 -13.65
CA ILE G 242 17.55 -34.61 -12.47
C ILE G 242 18.92 -34.06 -12.85
N VAL G 243 19.53 -34.58 -13.91
CA VAL G 243 20.81 -34.07 -14.35
C VAL G 243 20.67 -32.64 -14.88
N GLU G 244 19.57 -32.37 -15.59
CA GLU G 244 19.34 -31.00 -16.04
C GLU G 244 19.10 -30.06 -14.88
N LYS G 245 18.42 -30.53 -13.84
CA LYS G 245 18.18 -29.70 -12.66
C LYS G 245 19.49 -29.38 -11.94
N GLU G 246 20.34 -30.38 -11.74
CA GLU G 246 21.61 -30.12 -11.08
C GLU G 246 22.51 -29.24 -11.95
N ARG G 247 22.42 -29.38 -13.28
CA ARG G 247 23.22 -28.54 -14.17
C ARG G 247 22.77 -27.08 -14.09
N VAL G 248 21.46 -26.83 -14.14
CA VAL G 248 20.99 -25.45 -14.06
C VAL G 248 21.27 -24.86 -12.68
N GLN G 249 21.22 -25.69 -11.63
CA GLN G 249 21.56 -25.20 -10.30
C GLN G 249 23.03 -24.81 -10.22
N ARG G 250 23.93 -25.64 -10.78
CA ARG G 250 25.34 -25.32 -10.79
C ARG G 250 25.61 -24.06 -11.60
N ILE G 251 24.95 -23.92 -12.75
CA ILE G 251 25.15 -22.74 -13.59
C ILE G 251 24.69 -21.48 -12.87
N THR G 252 23.54 -21.55 -12.20
CA THR G 252 23.05 -20.39 -11.47
C THR G 252 23.99 -20.03 -10.32
N GLN G 253 24.47 -21.03 -9.59
CA GLN G 253 25.39 -20.78 -8.48
C GLN G 253 26.71 -20.19 -8.97
N GLU G 254 27.18 -20.61 -10.14
CA GLU G 254 28.42 -20.08 -10.67
C GLU G 254 28.25 -18.67 -11.23
N THR G 255 27.08 -18.37 -11.80
CA THR G 255 26.88 -17.06 -12.42
C THR G 255 26.53 -15.99 -11.39
N PHE G 256 25.61 -16.28 -10.47
CA PHE G 256 25.15 -15.29 -9.51
C PHE G 256 25.93 -15.32 -8.20
N GLY G 257 26.88 -16.23 -8.06
CA GLY G 257 27.66 -16.31 -6.84
C GLY G 257 26.85 -16.78 -5.65
N ASP G 258 27.47 -16.64 -4.47
CA ASP G 258 26.85 -17.05 -3.22
C ASP G 258 26.76 -15.92 -2.20
N TYR G 259 27.24 -14.72 -2.53
CA TYR G 259 27.17 -13.59 -1.63
C TYR G 259 25.78 -12.97 -1.65
N PRO G 260 25.40 -12.27 -0.58
CA PRO G 260 24.11 -11.56 -0.59
C PRO G 260 24.09 -10.48 -1.67
N GLN G 261 23.05 -10.51 -2.49
CA GLN G 261 22.96 -9.59 -3.62
C GLN G 261 22.61 -8.18 -3.12
N PRO G 262 23.22 -7.15 -3.68
CA PRO G 262 22.82 -5.78 -3.33
C PRO G 262 21.40 -5.50 -3.78
N GLN G 263 20.73 -4.62 -3.05
CA GLN G 263 19.30 -4.36 -3.26
C GLN G 263 19.15 -3.22 -4.26
N LEU G 264 18.64 -3.55 -5.44
CA LEU G 264 18.27 -2.58 -6.46
C LEU G 264 16.78 -2.69 -6.75
N GLU G 265 16.26 -1.72 -7.50
CA GLU G 265 14.83 -1.70 -7.79
C GLU G 265 14.48 -1.34 -9.22
N PHE G 266 15.45 -1.09 -10.09
CA PHE G 266 15.13 -0.64 -11.44
C PHE G 266 16.31 -0.91 -12.37
N ALA G 267 15.99 -1.22 -13.62
CA ALA G 267 16.98 -1.37 -14.68
C ALA G 267 16.35 -0.99 -16.01
N GLN G 268 17.16 -0.39 -16.89
CA GLN G 268 16.64 0.13 -18.15
C GLN G 268 17.59 -0.25 -19.28
N TYR G 269 17.00 -0.72 -20.39
CA TYR G 269 17.74 -1.10 -21.59
C TYR G 269 17.12 -0.42 -22.80
N LYS G 270 17.97 0.11 -23.67
CA LYS G 270 17.56 0.63 -24.96
C LYS G 270 18.16 -0.24 -26.05
N LEU G 271 17.35 -0.61 -27.03
CA LEU G 271 17.75 -1.56 -28.06
C LEU G 271 17.54 -0.95 -29.43
N GLU G 272 18.57 -1.01 -30.27
CA GLU G 272 18.54 -0.54 -31.66
C GLU G 272 19.06 -1.62 -32.59
N THR G 273 18.68 -2.87 -32.33
CA THR G 273 19.13 -4.01 -33.11
C THR G 273 18.10 -4.38 -34.17
N LYS G 274 18.56 -5.17 -35.14
CA LYS G 274 17.72 -5.58 -36.26
C LYS G 274 16.91 -6.83 -35.88
N PHE G 275 15.73 -6.94 -36.49
CA PHE G 275 14.87 -8.09 -36.28
C PHE G 275 15.30 -9.23 -37.19
N LYS G 276 15.71 -10.36 -36.59
CA LYS G 276 16.21 -11.52 -37.32
C LYS G 276 15.38 -12.74 -36.92
N SER G 277 14.46 -13.14 -37.79
CA SER G 277 13.62 -14.30 -37.54
C SER G 277 13.15 -14.93 -38.85
N SER G 282 11.89 -14.38 -44.19
CA SER G 282 10.46 -14.71 -44.22
C SER G 282 9.63 -13.57 -43.63
N ILE G 283 10.05 -13.07 -42.48
CA ILE G 283 9.36 -11.98 -41.79
C ILE G 283 10.35 -10.82 -41.67
N LEU G 284 10.05 -9.73 -42.38
CA LEU G 284 10.88 -8.53 -42.37
C LEU G 284 12.32 -8.83 -42.78
N ALA G 285 12.47 -9.71 -43.77
CA ALA G 285 13.82 -10.05 -44.26
C ALA G 285 14.40 -8.93 -45.10
N GLU G 286 13.57 -8.22 -45.86
CA GLU G 286 14.04 -7.12 -46.69
C GLU G 286 14.26 -5.83 -45.91
N ARG G 287 13.80 -5.76 -44.67
CA ARG G 287 13.97 -4.55 -43.86
C ARG G 287 15.44 -4.35 -43.50
N GLU G 288 15.94 -3.14 -43.70
CA GLU G 288 17.33 -2.80 -43.38
C GLU G 288 17.44 -1.79 -42.25
N GLU G 289 16.32 -1.45 -41.60
CA GLU G 289 16.32 -0.51 -40.50
C GLU G 289 16.17 -1.24 -39.16
N PRO G 290 16.78 -0.72 -38.10
CA PRO G 290 16.69 -1.40 -36.81
C PRO G 290 15.31 -1.24 -36.18
N LEU G 291 15.10 -2.00 -35.11
CA LEU G 291 13.85 -1.97 -34.35
C LEU G 291 14.12 -1.27 -33.02
N ARG G 292 13.56 -0.08 -32.86
CA ARG G 292 13.80 0.74 -31.67
C ARG G 292 12.93 0.24 -30.53
N CYS G 293 13.54 -0.14 -29.41
CA CYS G 293 12.82 -0.67 -28.27
C CYS G 293 13.39 -0.12 -26.98
N LEU G 294 12.53 -0.04 -25.96
CA LEU G 294 12.92 0.41 -24.63
C LEU G 294 12.28 -0.51 -23.60
N ILE G 295 13.12 -1.20 -22.81
CA ILE G 295 12.66 -2.20 -21.86
C ILE G 295 13.05 -1.78 -20.46
N LYS G 296 12.15 -2.00 -19.50
CA LYS G 296 12.38 -1.61 -18.12
C LYS G 296 12.06 -2.78 -17.20
N PHE G 297 13.02 -3.13 -16.34
CA PHE G 297 12.83 -4.14 -15.32
C PHE G 297 12.61 -3.46 -13.98
N SER G 298 11.50 -3.79 -13.32
CA SER G 298 11.12 -3.19 -12.05
C SER G 298 10.79 -4.29 -11.05
N SER G 299 11.26 -4.14 -9.81
CA SER G 299 11.05 -5.14 -8.77
C SER G 299 11.37 -4.51 -7.43
N PRO G 300 10.71 -4.95 -6.35
CA PRO G 300 11.09 -4.43 -5.02
C PRO G 300 12.50 -4.78 -4.62
N HIS G 301 12.98 -5.98 -4.99
CA HIS G 301 14.34 -6.41 -4.72
C HIS G 301 14.87 -7.05 -6.00
N LEU G 302 15.47 -6.23 -6.86
CA LEU G 302 16.09 -6.75 -8.07
C LEU G 302 17.35 -7.53 -7.72
N LEU G 303 17.85 -8.28 -8.70
CA LEU G 303 18.99 -9.18 -8.60
C LEU G 303 18.70 -10.39 -7.70
N GLU G 304 17.53 -10.45 -7.08
CA GLU G 304 17.08 -11.62 -6.33
C GLU G 304 15.94 -12.35 -7.00
N ALA G 305 15.07 -11.63 -7.72
CA ALA G 305 14.03 -12.28 -8.51
C ALA G 305 14.60 -12.90 -9.78
N LEU G 306 15.63 -12.30 -10.37
CA LEU G 306 16.25 -12.86 -11.56
C LEU G 306 16.96 -14.17 -11.23
N LYS G 307 17.64 -14.22 -10.08
CA LYS G 307 18.37 -15.42 -9.69
C LYS G 307 17.46 -16.63 -9.59
N SER G 308 16.19 -16.42 -9.29
CA SER G 308 15.22 -17.49 -9.16
C SER G 308 14.43 -17.74 -10.44
N LEU G 309 14.87 -17.17 -11.57
CA LEU G 309 14.13 -17.37 -12.82
C LEU G 309 14.49 -18.70 -13.47
N ALA G 310 15.77 -19.07 -13.47
CA ALA G 310 16.18 -20.31 -14.12
C ALA G 310 15.69 -21.55 -13.37
N PRO G 311 15.83 -21.66 -12.04
CA PRO G 311 15.29 -22.85 -11.36
C PRO G 311 13.78 -22.96 -11.43
N ALA G 312 13.06 -21.85 -11.60
CA ALA G 312 11.61 -21.90 -11.69
C ALA G 312 11.10 -22.34 -13.06
N GLY G 313 11.96 -22.31 -14.07
CA GLY G 313 11.57 -22.74 -15.40
C GLY G 313 11.11 -21.65 -16.33
N ILE G 314 11.39 -20.38 -16.01
CA ILE G 314 10.97 -19.27 -16.85
C ILE G 314 12.06 -18.80 -17.79
N ALA G 315 13.32 -19.17 -17.54
CA ALA G 315 14.42 -18.78 -18.39
C ALA G 315 15.37 -19.96 -18.57
N ASP G 316 16.33 -19.81 -19.48
CA ASP G 316 17.31 -20.85 -19.72
C ASP G 316 18.32 -20.91 -18.58
N ALA G 317 19.19 -21.93 -18.64
CA ALA G 317 20.18 -22.09 -17.56
C ALA G 317 21.18 -20.95 -17.53
N PRO G 318 21.87 -20.60 -18.63
CA PRO G 318 22.70 -19.38 -18.59
C PRO G 318 21.90 -18.15 -19.00
N LEU G 319 21.84 -17.16 -18.12
CA LEU G 319 21.12 -15.94 -18.44
C LEU G 319 21.96 -15.08 -19.38
N SER G 320 21.30 -14.09 -19.99
CA SER G 320 22.00 -13.18 -20.88
C SER G 320 23.01 -12.36 -20.10
N PRO G 321 24.18 -12.08 -20.67
CA PRO G 321 25.18 -11.27 -19.95
C PRO G 321 24.70 -9.87 -19.61
N LEU G 322 23.65 -9.38 -20.26
CA LEU G 322 23.12 -8.06 -19.97
C LEU G 322 22.45 -7.99 -18.61
N LEU G 323 22.04 -9.12 -18.05
CA LEU G 323 21.34 -9.15 -16.77
C LEU G 323 22.21 -9.57 -15.60
N THR G 324 23.37 -10.18 -15.85
CA THR G 324 24.24 -10.67 -14.79
C THR G 324 25.51 -9.84 -14.66
N CYS G 325 25.50 -8.59 -15.13
CA CYS G 325 26.66 -7.72 -15.06
C CYS G 325 26.34 -6.39 -14.41
N ILE G 326 25.27 -6.32 -13.61
CA ILE G 326 24.86 -5.07 -12.97
C ILE G 326 25.87 -4.64 -11.91
N PRO G 327 26.23 -5.51 -10.92
CA PRO G 327 27.16 -5.04 -9.88
C PRO G 327 28.61 -5.04 -10.34
N ASN G 328 28.94 -5.89 -11.32
CA ASN G 328 30.33 -6.00 -11.76
C ASN G 328 30.74 -4.82 -12.65
N LYS G 329 29.84 -4.37 -13.52
CA LYS G 329 30.14 -3.26 -14.41
C LYS G 329 29.74 -1.91 -13.84
N ARG G 330 29.07 -1.89 -12.69
CA ARG G 330 28.62 -0.64 -12.05
C ARG G 330 27.78 0.21 -13.00
N MET G 331 26.80 -0.45 -13.64
CA MET G 331 25.94 0.21 -14.61
C MET G 331 24.49 -0.21 -14.35
N ASN G 332 23.57 0.72 -14.62
CA ASN G 332 22.15 0.46 -14.39
C ASN G 332 21.35 0.75 -15.66
N TYR G 333 21.86 1.61 -16.52
CA TYR G 333 21.21 1.97 -17.76
C TYR G 333 22.09 1.51 -18.92
N PHE G 334 21.49 0.81 -19.88
CA PHE G 334 22.24 0.19 -20.97
C PHE G 334 21.70 0.64 -22.32
N LYS G 335 22.61 0.74 -23.29
CA LYS G 335 22.27 1.02 -24.68
C LYS G 335 22.96 -0.02 -25.55
N ILE G 336 22.20 -0.69 -26.42
CA ILE G 336 22.69 -1.76 -27.26
C ILE G 336 22.34 -1.46 -28.70
N ARG G 337 23.34 -1.56 -29.58
CA ARG G 337 23.17 -1.35 -31.01
C ARG G 337 23.57 -2.61 -31.77
N ASP G 338 23.23 -2.64 -33.04
CA ASP G 338 23.54 -3.79 -33.90
C ASP G 338 25.04 -3.87 -34.18
N GLY H 16 -30.90 -36.34 6.93
CA GLY H 16 -31.28 -37.04 5.71
C GLY H 16 -30.35 -38.16 5.33
N VAL H 17 -30.58 -38.74 4.16
CA VAL H 17 -29.73 -39.84 3.71
C VAL H 17 -28.42 -39.32 3.12
N LEU H 18 -28.47 -38.18 2.42
CA LEU H 18 -27.26 -37.62 1.83
C LEU H 18 -26.31 -37.12 2.92
N ALA H 19 -26.84 -36.46 3.94
CA ALA H 19 -25.99 -36.01 5.05
C ALA H 19 -25.40 -37.20 5.80
N HIS H 20 -26.16 -38.29 5.92
CA HIS H 20 -25.63 -39.48 6.58
C HIS H 20 -24.52 -40.11 5.75
N LEU H 21 -24.69 -40.16 4.43
CA LEU H 21 -23.62 -40.65 3.57
C LEU H 21 -22.39 -39.77 3.67
N GLU H 22 -22.58 -38.45 3.77
CA GLU H 22 -21.46 -37.55 3.93
C GLU H 22 -20.71 -37.83 5.23
N ARG H 23 -21.45 -37.91 6.34
CA ARG H 23 -20.80 -38.14 7.63
C ARG H 23 -20.20 -39.53 7.75
N LEU H 24 -20.68 -40.50 6.96
CA LEU H 24 -20.01 -41.79 6.88
C LEU H 24 -18.75 -41.70 6.06
N GLU H 25 -18.74 -40.84 5.03
CA GLU H 25 -17.54 -40.65 4.23
C GLU H 25 -16.45 -39.92 5.01
N THR H 26 -16.82 -38.98 5.87
CA THR H 26 -15.81 -38.22 6.62
C THR H 26 -14.99 -39.13 7.52
N GLN H 27 -15.64 -40.07 8.21
CA GLN H 27 -14.92 -40.98 9.10
C GLN H 27 -14.08 -41.97 8.31
N ASN H 89 49.23 -48.18 12.67
CA ASN H 89 49.81 -48.50 11.38
C ASN H 89 50.18 -47.23 10.60
N GLU H 90 49.90 -47.23 9.30
CA GLU H 90 50.22 -46.07 8.47
C GLU H 90 49.30 -44.88 8.76
N GLN H 91 48.12 -45.12 9.33
CA GLN H 91 47.20 -44.02 9.62
C GLN H 91 47.80 -43.06 10.64
N GLU H 92 48.54 -43.59 11.62
CA GLU H 92 49.16 -42.73 12.63
C GLU H 92 50.19 -41.81 11.99
N ALA H 93 51.06 -42.35 11.14
CA ALA H 93 52.06 -41.52 10.47
C ALA H 93 51.41 -40.53 9.52
N LEU H 94 50.33 -40.93 8.85
CA LEU H 94 49.64 -40.01 7.95
C LEU H 94 49.01 -38.85 8.70
N GLU H 95 48.36 -39.13 9.84
CA GLU H 95 47.81 -38.06 10.66
C GLU H 95 48.91 -37.18 11.24
N GLU H 96 50.07 -37.77 11.56
CA GLU H 96 51.19 -36.98 12.05
C GLU H 96 51.69 -36.02 10.97
N LYS H 97 51.82 -36.52 9.74
CA LYS H 97 52.24 -35.64 8.63
C LYS H 97 51.21 -34.55 8.38
N LEU H 98 49.91 -34.90 8.48
CA LEU H 98 48.86 -33.92 8.27
C LEU H 98 48.93 -32.80 9.31
N GLU H 99 48.99 -33.17 10.59
CA GLU H 99 49.08 -32.14 11.63
C GLU H 99 50.38 -31.37 11.53
N ASN H 100 51.46 -32.00 11.08
CA ASN H 100 52.73 -31.30 10.91
C ASN H 100 52.63 -30.22 9.85
N VAL H 101 52.09 -30.57 8.68
CA VAL H 101 51.98 -29.56 7.62
C VAL H 101 50.95 -28.50 7.99
N LYS H 102 49.90 -28.86 8.74
CA LYS H 102 48.95 -27.86 9.20
C LYS H 102 49.60 -26.86 10.15
N ALA H 103 50.39 -27.36 11.11
CA ALA H 103 51.11 -26.46 12.00
C ALA H 103 52.11 -25.60 11.24
N ILE H 104 52.76 -26.19 10.22
CA ILE H 104 53.71 -25.42 9.42
C ILE H 104 53.01 -24.28 8.70
N LEU H 105 51.82 -24.54 8.15
CA LEU H 105 51.08 -23.47 7.47
C LEU H 105 50.60 -22.42 8.47
N GLN H 106 50.13 -22.85 9.64
CA GLN H 106 49.70 -21.90 10.66
C GLN H 106 50.84 -21.02 11.14
N ALA H 107 52.06 -21.56 11.18
CA ALA H 107 53.22 -20.76 11.55
C ALA H 107 53.67 -19.86 10.40
N TYR H 108 53.54 -20.34 9.17
CA TYR H 108 53.83 -19.50 8.01
C TYR H 108 52.90 -18.30 7.95
N HIS H 109 51.69 -18.45 8.48
CA HIS H 109 50.77 -17.31 8.56
C HIS H 109 51.36 -16.17 9.39
N PHE H 110 52.28 -16.47 10.31
CA PHE H 110 52.86 -15.47 11.21
C PHE H 110 53.93 -14.61 10.56
N THR H 111 54.39 -14.95 9.35
CA THR H 111 55.51 -14.23 8.75
C THR H 111 55.13 -12.83 8.27
N GLY H 112 53.84 -12.53 8.16
CA GLY H 112 53.41 -11.22 7.71
C GLY H 112 52.47 -11.29 6.52
N LEU H 113 52.70 -12.25 5.63
CA LEU H 113 51.85 -12.47 4.48
C LEU H 113 51.68 -13.96 4.26
N SER H 114 50.44 -14.38 4.01
CA SER H 114 50.12 -15.78 3.79
C SER H 114 49.32 -15.92 2.51
N GLY H 115 49.19 -17.15 2.04
CA GLY H 115 48.46 -17.41 0.80
C GLY H 115 47.81 -18.77 0.82
N LYS H 116 46.68 -18.88 0.11
CA LYS H 116 45.96 -20.13 -0.01
C LYS H 116 45.51 -20.32 -1.45
N LEU H 117 45.66 -21.55 -1.96
CA LEU H 117 45.24 -21.87 -3.32
C LEU H 117 43.74 -22.10 -3.36
N THR H 118 43.06 -21.39 -4.25
CA THR H 118 41.62 -21.55 -4.46
C THR H 118 41.36 -21.96 -5.91
N SER H 119 40.08 -21.98 -6.28
CA SER H 119 39.71 -22.41 -7.62
C SER H 119 40.24 -21.46 -8.68
N ARG H 120 39.95 -20.17 -8.54
CA ARG H 120 40.36 -19.20 -9.55
C ARG H 120 41.86 -18.94 -9.51
N GLY H 121 42.50 -19.11 -8.35
CA GLY H 121 43.90 -18.79 -8.22
C GLY H 121 44.41 -18.84 -6.80
N VAL H 122 45.08 -17.78 -6.36
CA VAL H 122 45.63 -17.67 -5.03
C VAL H 122 44.96 -16.51 -4.31
N CYS H 123 44.70 -16.68 -3.02
CA CYS H 123 44.18 -15.62 -2.16
C CYS H 123 45.24 -15.29 -1.13
N VAL H 124 45.65 -14.02 -1.08
CA VAL H 124 46.75 -13.58 -0.23
C VAL H 124 46.18 -12.77 0.93
N CYS H 125 46.78 -12.94 2.11
CA CYS H 125 46.39 -12.24 3.32
C CYS H 125 47.59 -11.47 3.85
N ILE H 126 47.39 -10.18 4.10
CA ILE H 126 48.43 -9.27 4.59
C ILE H 126 48.08 -8.85 6.00
N SER H 127 49.03 -8.98 6.92
CA SER H 127 48.85 -8.59 8.31
C SER H 127 49.67 -7.35 8.61
N THR H 128 49.18 -6.55 9.56
CA THR H 128 49.81 -5.30 9.94
C THR H 128 50.05 -5.27 11.44
N ALA H 129 51.12 -4.60 11.85
CA ALA H 129 51.46 -4.47 13.26
C ALA H 129 52.42 -3.29 13.42
N PHE H 130 52.31 -2.62 14.57
CA PHE H 130 53.16 -1.48 14.90
C PHE H 130 53.68 -1.64 16.31
N GLU H 131 55.01 -1.72 16.44
CA GLU H 131 55.67 -1.84 17.74
C GLU H 131 55.17 -3.07 18.52
N GLY H 132 55.00 -4.18 17.80
CA GLY H 132 54.56 -5.42 18.40
C GLY H 132 53.07 -5.51 18.64
N ASN H 133 52.31 -4.43 18.44
CA ASN H 133 50.86 -4.44 18.64
C ASN H 133 50.20 -4.89 17.33
N LEU H 134 49.61 -6.08 17.34
CA LEU H 134 48.95 -6.59 16.16
C LEU H 134 47.71 -5.77 15.82
N LEU H 135 47.40 -5.69 14.53
CA LEU H 135 46.30 -4.87 14.03
C LEU H 135 45.52 -5.68 13.01
N ASP H 136 44.64 -4.99 12.28
CA ASP H 136 43.75 -5.66 11.33
C ASP H 136 44.54 -6.25 10.16
N SER H 137 43.86 -7.09 9.39
CA SER H 137 44.44 -7.75 8.23
C SER H 137 43.58 -7.47 7.00
N TYR H 138 44.16 -7.69 5.82
CA TYR H 138 43.49 -7.45 4.56
C TYR H 138 43.71 -8.63 3.63
N PHE H 139 42.84 -8.75 2.62
CA PHE H 139 42.87 -9.86 1.70
C PHE H 139 42.86 -9.37 0.25
N VAL H 140 43.47 -10.15 -0.62
CA VAL H 140 43.53 -9.87 -2.06
C VAL H 140 43.36 -11.16 -2.82
N ASP H 141 42.38 -11.22 -3.72
CA ASP H 141 42.09 -12.40 -4.52
C ASP H 141 42.62 -12.18 -5.93
N LEU H 142 43.51 -13.06 -6.38
CA LEU H 142 44.14 -12.96 -7.69
C LEU H 142 43.68 -14.09 -8.59
N VAL H 143 43.93 -13.91 -9.89
CA VAL H 143 43.62 -14.90 -10.92
C VAL H 143 44.90 -15.19 -11.68
N ILE H 144 45.16 -16.48 -11.94
CA ILE H 144 46.43 -16.88 -12.54
C ILE H 144 46.43 -16.82 -14.07
N GLN H 145 45.26 -16.92 -14.70
CA GLN H 145 45.21 -16.89 -16.16
C GLN H 145 45.74 -15.57 -16.69
N LYS H 146 46.36 -15.63 -17.86
CA LYS H 146 46.98 -14.44 -18.46
C LYS H 146 45.92 -13.63 -19.21
N PRO H 147 45.84 -12.31 -18.99
CA PRO H 147 46.68 -11.56 -18.04
C PRO H 147 46.14 -11.60 -16.62
N LEU H 148 47.01 -11.42 -15.63
CA LEU H 148 46.60 -11.48 -14.24
C LEU H 148 45.62 -10.36 -13.92
N ARG H 149 44.54 -10.72 -13.23
CA ARG H 149 43.50 -9.79 -12.80
C ARG H 149 43.32 -9.87 -11.29
N ILE H 150 42.40 -9.06 -10.78
CA ILE H 150 42.05 -9.05 -9.37
C ILE H 150 40.54 -9.23 -9.27
N HIS H 151 40.13 -10.33 -8.63
CA HIS H 151 38.70 -10.61 -8.50
C HIS H 151 38.04 -9.66 -7.51
N HIS H 152 38.50 -9.67 -6.26
CA HIS H 152 37.99 -8.77 -5.24
C HIS H 152 38.99 -8.72 -4.09
N HIS H 153 38.92 -7.64 -3.31
CA HIS H 153 39.85 -7.43 -2.21
C HIS H 153 39.14 -6.65 -1.12
N SER H 154 39.91 -6.31 -0.07
CA SER H 154 39.40 -5.54 1.05
C SER H 154 40.29 -4.33 1.36
N VAL H 155 41.14 -3.94 0.43
CA VAL H 155 42.01 -2.77 0.63
C VAL H 155 41.15 -1.51 0.62
N PRO H 156 41.41 -0.55 1.52
CA PRO H 156 40.63 0.69 1.51
C PRO H 156 40.73 1.43 0.18
N VAL H 157 39.78 2.34 -0.03
CA VAL H 157 39.67 3.01 -1.32
C VAL H 157 40.77 4.06 -1.48
N PHE H 158 41.08 4.79 -0.41
CA PHE H 158 42.08 5.85 -0.51
C PHE H 158 43.50 5.33 -0.67
N ILE H 159 43.73 4.03 -0.49
CA ILE H 159 45.06 3.46 -0.69
C ILE H 159 45.31 3.33 -2.19
N PRO H 160 46.43 3.86 -2.71
CA PRO H 160 46.68 3.77 -4.15
C PRO H 160 47.05 2.36 -4.60
N LEU H 161 46.05 1.49 -4.75
CA LEU H 161 46.30 0.13 -5.18
C LEU H 161 46.37 0.01 -6.70
N GLU H 162 45.59 0.82 -7.42
CA GLU H 162 45.54 0.70 -8.87
C GLU H 162 46.87 1.02 -9.52
N GLU H 163 47.59 2.03 -9.00
CA GLU H 163 48.88 2.39 -9.56
C GLU H 163 49.90 1.28 -9.34
N ILE H 164 49.99 0.77 -8.12
CA ILE H 164 50.93 -0.31 -7.81
C ILE H 164 50.61 -1.53 -8.65
N ALA H 165 49.32 -1.82 -8.86
CA ALA H 165 48.94 -2.94 -9.69
C ALA H 165 49.37 -2.72 -11.14
N ALA H 166 49.03 -1.56 -11.70
CA ALA H 166 49.38 -1.28 -13.09
C ALA H 166 50.88 -1.26 -13.33
N LYS H 167 51.68 -0.97 -12.30
CA LYS H 167 53.12 -0.90 -12.49
C LYS H 167 53.86 -2.17 -12.09
N TYR H 168 53.25 -3.06 -11.30
CA TYR H 168 53.98 -4.20 -10.77
C TYR H 168 53.24 -5.53 -10.81
N LEU H 169 51.98 -5.58 -11.28
CA LEU H 169 51.24 -6.83 -11.24
C LEU H 169 51.74 -7.80 -12.30
N GLN H 170 52.08 -7.30 -13.49
CA GLN H 170 52.49 -8.17 -14.59
C GLN H 170 53.96 -8.54 -14.54
N THR H 171 54.74 -7.93 -13.65
CA THR H 171 56.17 -8.22 -13.54
C THR H 171 56.58 -8.14 -12.07
N ASN H 172 57.24 -9.18 -11.58
CA ASN H 172 57.74 -9.23 -10.21
C ASN H 172 56.59 -9.07 -9.21
N ILE H 173 55.72 -10.09 -9.21
CA ILE H 173 54.52 -10.07 -8.37
C ILE H 173 54.90 -9.95 -6.89
N GLN H 174 56.01 -10.55 -6.49
CA GLN H 174 56.42 -10.48 -5.09
C GLN H 174 56.80 -9.05 -4.70
N HIS H 175 57.37 -8.27 -5.62
CA HIS H 175 57.65 -6.88 -5.34
C HIS H 175 56.36 -6.10 -5.12
N PHE H 176 55.33 -6.40 -5.92
CA PHE H 176 54.02 -5.78 -5.73
C PHE H 176 53.45 -6.13 -4.36
N LEU H 177 53.56 -7.41 -3.96
CA LEU H 177 53.07 -7.82 -2.66
C LEU H 177 53.81 -7.10 -1.53
N PHE H 178 55.13 -6.99 -1.63
CA PHE H 178 55.89 -6.32 -0.57
C PHE H 178 55.61 -4.82 -0.53
N SER H 179 55.39 -4.20 -1.69
CA SER H 179 55.03 -2.78 -1.70
C SER H 179 53.67 -2.56 -1.04
N LEU H 180 52.69 -3.42 -1.35
CA LEU H 180 51.40 -3.32 -0.68
C LEU H 180 51.54 -3.53 0.82
N CYS H 181 52.40 -4.47 1.23
CA CYS H 181 52.66 -4.69 2.64
C CYS H 181 53.20 -3.43 3.31
N GLU H 182 54.19 -2.79 2.67
CA GLU H 182 54.77 -1.57 3.23
C GLU H 182 53.73 -0.47 3.36
N TYR H 183 52.92 -0.27 2.31
CA TYR H 183 51.89 0.76 2.35
C TYR H 183 50.90 0.52 3.48
N LEU H 184 50.40 -0.72 3.58
CA LEU H 184 49.42 -1.03 4.62
C LEU H 184 50.02 -0.89 6.02
N ASN H 185 51.27 -1.32 6.20
CA ASN H 185 51.90 -1.20 7.50
C ASN H 185 52.08 0.26 7.90
N ALA H 186 52.52 1.10 6.96
CA ALA H 186 52.68 2.52 7.26
C ALA H 186 51.35 3.17 7.62
N TYR H 187 50.30 2.87 6.85
CA TYR H 187 48.98 3.43 7.14
C TYR H 187 48.49 2.99 8.51
N SER H 188 48.63 1.70 8.82
CA SER H 188 48.19 1.20 10.12
C SER H 188 48.97 1.85 11.26
N GLY H 189 50.28 2.01 11.10
CA GLY H 189 51.07 2.65 12.14
C GLY H 189 50.66 4.08 12.37
N ARG H 190 50.46 4.85 11.30
CA ARG H 190 50.06 6.24 11.46
C ARG H 190 48.69 6.34 12.13
N LYS H 191 47.74 5.50 11.71
CA LYS H 191 46.40 5.55 12.30
C LYS H 191 46.45 5.15 13.77
N TYR H 192 47.28 4.16 14.12
CA TYR H 192 47.40 3.75 15.51
C TYR H 192 48.00 4.86 16.36
N GLN H 193 49.04 5.53 15.85
CA GLN H 193 49.62 6.66 16.58
C GLN H 193 48.57 7.74 16.83
N ALA H 194 47.82 8.10 15.79
CA ALA H 194 46.81 9.15 15.93
C ALA H 194 45.74 8.75 16.95
N ASP H 195 45.25 7.51 16.86
CA ASP H 195 44.21 7.06 17.76
C ASP H 195 44.69 7.00 19.20
N ARG H 196 45.93 6.55 19.42
CA ARG H 196 46.46 6.49 20.77
C ARG H 196 46.65 7.89 21.36
N LEU H 197 47.16 8.83 20.55
CA LEU H 197 47.29 10.20 21.03
C LEU H 197 45.93 10.79 21.37
N GLN H 198 44.91 10.50 20.56
CA GLN H 198 43.58 11.04 20.84
C GLN H 198 42.98 10.42 22.09
N SER H 199 43.19 9.12 22.30
CA SER H 199 42.52 8.42 23.39
C SER H 199 43.21 8.64 24.74
N ASP H 200 44.52 8.41 24.79
CA ASP H 200 45.21 8.41 26.08
C ASP H 200 45.33 9.82 26.66
N PHE H 201 46.02 10.70 25.95
CA PHE H 201 46.32 12.04 26.47
C PHE H 201 45.27 13.04 25.97
N ALA H 202 44.09 12.94 26.58
CA ALA H 202 42.99 13.85 26.27
C ALA H 202 42.96 15.09 27.15
N ALA H 203 43.74 15.11 28.23
CA ALA H 203 43.73 16.26 29.13
C ALA H 203 44.57 17.40 28.59
N LEU H 204 45.74 17.10 28.02
CA LEU H 204 46.61 18.15 27.50
C LEU H 204 46.04 18.80 26.25
N LEU H 205 45.22 18.07 25.49
CA LEU H 205 44.61 18.63 24.29
C LEU H 205 43.41 19.49 24.66
N THR H 206 43.32 20.64 24.01
CA THR H 206 42.20 21.55 24.26
C THR H 206 40.98 21.16 23.45
N GLY H 207 41.14 21.05 22.13
CA GLY H 207 40.05 20.66 21.26
C GLY H 207 40.39 19.45 20.42
N PRO H 208 39.40 18.94 19.69
CA PRO H 208 39.67 17.77 18.83
C PRO H 208 40.66 18.11 17.73
N LEU H 209 41.58 17.18 17.48
CA LEU H 209 42.58 17.37 16.45
C LEU H 209 42.00 17.09 15.07
N GLN H 210 42.59 17.72 14.06
CA GLN H 210 42.16 17.54 12.68
C GLN H 210 42.91 16.38 12.05
N ARG H 211 42.19 15.56 11.27
CA ARG H 211 42.78 14.36 10.69
C ARG H 211 42.03 14.01 9.42
N ASN H 212 42.76 13.48 8.45
CA ASN H 212 42.23 13.02 7.18
C ASN H 212 42.18 11.50 7.12
N PRO H 213 41.40 10.92 6.20
CA PRO H 213 41.32 9.45 6.15
C PRO H 213 42.66 8.76 5.97
N LEU H 214 43.54 9.30 5.13
CA LEU H 214 44.84 8.68 4.90
C LEU H 214 45.80 8.91 6.06
N CYS H 215 45.48 9.82 6.98
CA CYS H 215 46.31 10.11 8.15
C CYS H 215 47.72 10.55 7.73
N ASN H 216 47.78 11.57 6.87
CA ASN H 216 49.04 12.13 6.40
C ASN H 216 49.13 13.63 6.66
N LEU H 217 48.25 14.17 7.52
CA LEU H 217 48.27 15.59 7.85
C LEU H 217 47.61 15.74 9.22
N LEU H 218 48.41 16.10 10.22
CA LEU H 218 47.91 16.30 11.57
C LEU H 218 48.10 17.76 11.97
N SER H 219 47.19 18.25 12.82
CA SER H 219 47.27 19.62 13.30
C SER H 219 46.50 19.71 14.61
N PHE H 220 47.18 20.17 15.65
CA PHE H 220 46.54 20.23 16.97
C PHE H 220 47.25 21.25 17.84
N THR H 221 46.47 21.88 18.72
CA THR H 221 46.99 22.81 19.71
C THR H 221 46.91 22.19 21.09
N TYR H 222 47.91 22.47 21.93
CA TYR H 222 48.03 21.85 23.23
C TYR H 222 48.69 22.79 24.22
N LYS H 223 48.24 22.73 25.47
CA LYS H 223 48.81 23.49 26.57
C LYS H 223 49.15 22.54 27.70
N LEU H 224 50.44 22.46 28.05
CA LEU H 224 50.89 21.57 29.11
C LEU H 224 50.89 22.30 30.44
N ASP H 225 50.75 21.53 31.51
CA ASP H 225 50.73 22.08 32.87
C ASP H 225 52.09 21.93 33.55
N GLN H 229 54.00 25.93 34.13
CA GLN H 229 53.03 27.00 33.89
C GLN H 229 52.16 26.69 32.68
N SER H 230 51.66 27.74 32.03
CA SER H 230 50.80 27.61 30.86
C SER H 230 51.63 27.93 29.62
N PHE H 231 51.78 26.93 28.75
CA PHE H 231 52.57 27.06 27.52
C PHE H 231 51.74 26.55 26.34
N PRO H 232 50.88 27.40 25.78
CA PRO H 232 50.07 26.96 24.63
C PRO H 232 50.88 26.98 23.33
N PHE H 233 50.86 25.86 22.62
CA PHE H 233 51.50 25.75 21.32
C PHE H 233 50.50 25.18 20.33
N CYS H 234 50.80 25.35 19.04
CA CYS H 234 50.04 24.71 17.98
C CYS H 234 51.01 24.07 17.00
N ALA H 235 50.77 22.81 16.66
CA ALA H 235 51.69 22.03 15.85
C ALA H 235 50.98 21.48 14.61
N ARG H 236 51.71 21.45 13.50
CA ARG H 236 51.25 20.89 12.24
C ARG H 236 52.31 19.94 11.72
N LEU H 237 51.91 18.70 11.48
CA LEU H 237 52.81 17.63 11.04
C LEU H 237 52.34 17.12 9.68
N LEU H 238 53.26 17.03 8.73
CA LEU H 238 52.96 16.59 7.38
C LEU H 238 53.85 15.41 7.01
N TYR H 239 53.22 14.34 6.52
CA TYR H 239 53.89 13.13 6.05
C TYR H 239 53.80 13.14 4.53
N LYS H 240 54.90 13.50 3.87
CA LYS H 240 54.94 13.50 2.41
C LYS H 240 55.38 12.18 1.82
N ASP H 241 55.84 11.24 2.65
CA ASP H 241 56.21 9.90 2.21
C ASP H 241 55.20 8.91 2.79
N LEU H 242 54.45 8.25 1.92
CA LEU H 242 53.40 7.32 2.34
C LEU H 242 53.95 5.96 2.76
N THR H 243 55.26 5.78 2.80
CA THR H 243 55.87 4.53 3.25
C THR H 243 56.60 4.69 4.57
N ALA H 244 56.27 5.71 5.36
CA ALA H 244 56.91 5.96 6.64
C ALA H 244 55.85 6.34 7.66
N THR H 245 56.23 6.25 8.93
CA THR H 245 55.35 6.58 10.04
C THR H 245 55.74 7.87 10.74
N LEU H 246 56.82 8.53 10.32
CA LEU H 246 57.24 9.78 10.91
C LEU H 246 56.95 10.94 9.97
N PRO H 247 56.60 12.12 10.51
CA PRO H 247 56.23 13.24 9.64
C PRO H 247 57.42 13.75 8.84
N THR H 248 57.17 14.12 7.59
CA THR H 248 58.22 14.69 6.75
C THR H 248 58.58 16.11 7.15
N ASP H 249 57.66 16.85 7.74
CA ASP H 249 58.02 18.14 8.31
C ASP H 249 57.00 18.57 9.36
N VAL H 250 57.49 19.19 10.43
CA VAL H 250 56.65 19.61 11.55
C VAL H 250 56.95 21.06 11.86
N THR H 251 55.89 21.85 12.10
CA THR H 251 56.04 23.25 12.48
C THR H 251 55.22 23.51 13.74
N VAL H 252 55.83 24.19 14.70
CA VAL H 252 55.18 24.53 15.97
C VAL H 252 55.26 26.03 16.17
N THR H 253 54.13 26.63 16.52
CA THR H 253 54.02 28.08 16.69
C THR H 253 53.39 28.39 18.04
N CYS H 254 53.71 29.57 18.56
CA CYS H 254 53.16 30.08 19.81
C CYS H 254 52.04 31.05 19.48
N GLN H 255 50.80 30.60 19.69
CA GLN H 255 49.63 31.43 19.42
C GLN H 255 49.07 31.99 20.73
N GLY H 256 48.50 33.18 20.63
CA GLY H 256 47.91 33.86 21.77
C GLY H 256 48.89 34.41 22.78
N VAL H 257 50.18 34.10 22.66
CA VAL H 257 51.20 34.57 23.60
C VAL H 257 52.46 34.88 22.81
N GLU H 258 53.03 36.06 23.03
CA GLU H 258 54.25 36.47 22.35
C GLU H 258 55.46 35.78 22.97
N VAL H 259 56.63 36.01 22.37
CA VAL H 259 57.88 35.47 22.90
C VAL H 259 58.38 36.39 24.00
N LEU H 260 58.47 35.86 25.22
CA LEU H 260 58.87 36.64 26.38
C LEU H 260 60.13 36.14 27.06
N SER H 261 60.50 34.87 26.88
CA SER H 261 61.70 34.33 27.49
C SER H 261 62.27 33.25 26.58
N THR H 262 63.51 32.86 26.86
CA THR H 262 64.16 31.81 26.07
C THR H 262 63.56 30.44 26.35
N SER H 263 62.85 30.29 27.47
CA SER H 263 62.25 28.99 27.80
C SER H 263 61.26 28.56 26.72
N TRP H 264 60.45 29.49 26.23
CA TRP H 264 59.51 29.16 25.16
C TRP H 264 60.25 28.74 23.89
N GLU H 265 61.37 29.40 23.57
CA GLU H 265 62.13 29.05 22.39
C GLU H 265 62.70 27.65 22.50
N GLU H 266 63.35 27.34 23.63
CA GLU H 266 63.89 25.99 23.81
C GLU H 266 62.77 24.95 23.81
N GLN H 267 61.61 25.28 24.39
CA GLN H 267 60.50 24.33 24.42
C GLN H 267 59.98 24.04 23.02
N ARG H 268 59.79 25.08 22.21
CA ARG H 268 59.28 24.86 20.86
C ARG H 268 60.31 24.14 20.00
N ALA H 269 61.60 24.43 20.19
CA ALA H 269 62.63 23.72 19.43
C ALA H 269 62.65 22.24 19.80
N SER H 270 62.61 21.95 21.10
CA SER H 270 62.60 20.55 21.54
C SER H 270 61.35 19.84 21.05
N HIS H 271 60.20 20.51 21.08
CA HIS H 271 58.96 19.90 20.60
C HIS H 271 59.05 19.60 19.11
N GLU H 272 59.57 20.55 18.31
CA GLU H 272 59.72 20.30 16.89
C GLU H 272 60.64 19.12 16.62
N THR H 273 61.78 19.08 17.31
CA THR H 273 62.73 17.98 17.09
C THR H 273 62.11 16.64 17.50
N LEU H 274 61.42 16.60 18.63
CA LEU H 274 60.83 15.35 19.10
C LEU H 274 59.69 14.89 18.18
N PHE H 275 58.93 15.84 17.63
CA PHE H 275 57.91 15.47 16.65
C PHE H 275 58.54 14.96 15.37
N CYS H 276 59.71 15.50 14.99
CA CYS H 276 60.32 15.09 13.74
C CYS H 276 61.05 13.75 13.86
N THR H 277 61.54 13.40 15.04
CA THR H 277 62.32 12.17 15.21
C THR H 277 61.58 11.06 15.94
N LYS H 278 60.97 11.34 17.08
CA LYS H 278 60.37 10.30 17.91
C LYS H 278 58.89 10.12 17.56
N PRO H 279 58.29 8.98 17.93
CA PRO H 279 56.86 8.77 17.63
C PRO H 279 55.97 9.80 18.31
N LEU H 280 54.69 9.72 17.96
CA LEU H 280 53.73 10.75 18.39
C LEU H 280 53.41 10.63 19.87
N HIS H 281 52.94 9.45 20.30
CA HIS H 281 52.52 9.30 21.70
C HIS H 281 53.72 9.23 22.64
N GLN H 282 54.89 8.82 22.13
CA GLN H 282 56.05 8.67 23.01
C GLN H 282 56.55 10.01 23.51
N VAL H 283 56.56 11.04 22.66
CA VAL H 283 57.01 12.35 23.11
C VAL H 283 56.05 12.92 24.14
N PHE H 284 54.75 12.64 23.99
CA PHE H 284 53.78 13.10 24.98
C PHE H 284 53.97 12.39 26.31
N ALA H 285 54.14 11.07 26.28
CA ALA H 285 54.39 10.32 27.50
C ALA H 285 55.72 10.68 28.14
N SER H 286 56.67 11.20 27.36
CA SER H 286 57.97 11.58 27.92
C SER H 286 57.91 12.97 28.55
N PHE H 287 57.31 13.94 27.86
CA PHE H 287 57.28 15.31 28.35
C PHE H 287 56.13 15.57 29.33
N THR H 288 55.20 14.63 29.47
CA THR H 288 54.12 14.81 30.44
C THR H 288 54.59 14.70 31.87
N ARG H 289 55.80 14.19 32.09
CA ARG H 289 56.34 14.04 33.44
C ARG H 289 57.67 14.79 33.58
N SER I 53 43.74 -45.92 0.92
CA SER I 53 44.37 -44.72 1.45
C SER I 53 44.97 -43.88 0.33
N LYS I 54 44.44 -44.05 -0.89
CA LYS I 54 44.93 -43.27 -2.02
C LYS I 54 44.52 -41.80 -1.91
N ASP I 55 43.32 -41.55 -1.39
CA ASP I 55 42.87 -40.17 -1.20
C ASP I 55 43.75 -39.44 -0.20
N LEU I 56 44.18 -40.14 0.86
CA LEU I 56 45.06 -39.52 1.85
C LEU I 56 46.43 -39.20 1.24
N LYS I 57 46.96 -40.09 0.40
CA LYS I 57 48.22 -39.82 -0.27
C LYS I 57 48.08 -38.64 -1.23
N ASN I 58 46.95 -38.55 -1.94
CA ASN I 58 46.71 -37.42 -2.82
C ASN I 58 46.63 -36.11 -2.03
N GLN I 59 45.96 -36.15 -0.87
CA GLN I 59 45.89 -34.96 -0.03
C GLN I 59 47.27 -34.55 0.47
N LEU I 60 48.08 -35.53 0.90
CA LEU I 60 49.44 -35.22 1.34
C LEU I 60 50.26 -34.59 0.22
N GLY I 61 50.17 -35.15 -1.00
CA GLY I 61 50.90 -34.59 -2.12
C GLY I 61 50.44 -33.18 -2.46
N HIS I 62 49.12 -32.95 -2.44
CA HIS I 62 48.60 -31.62 -2.72
C HIS I 62 49.07 -30.61 -1.68
N LEU I 63 49.05 -31.00 -0.40
CA LEU I 63 49.49 -30.10 0.65
C LEU I 63 50.98 -29.80 0.55
N GLU I 64 51.79 -30.81 0.21
CA GLU I 64 53.21 -30.58 0.02
C GLU I 64 53.48 -29.66 -1.16
N SER I 65 52.74 -29.84 -2.25
CA SER I 65 52.89 -28.97 -3.41
C SER I 65 52.49 -27.54 -3.09
N GLU I 66 51.40 -27.36 -2.35
CA GLU I 66 50.98 -26.02 -1.97
C GLU I 66 51.99 -25.37 -1.04
N LEU I 67 52.56 -26.15 -0.12
CA LEU I 67 53.59 -25.62 0.78
C LEU I 67 54.81 -25.16 -0.02
N SER I 68 55.27 -25.99 -0.96
CA SER I 68 56.41 -25.60 -1.78
C SER I 68 56.11 -24.37 -2.61
N PHE I 69 54.89 -24.28 -3.17
CA PHE I 69 54.52 -23.13 -3.97
C PHE I 69 54.52 -21.86 -3.13
N LEU I 70 53.93 -21.91 -1.94
CA LEU I 70 53.93 -20.74 -1.06
C LEU I 70 55.34 -20.37 -0.65
N SER I 71 56.19 -21.36 -0.41
CA SER I 71 57.56 -21.08 0.01
C SER I 71 58.36 -20.40 -1.11
N THR I 72 58.20 -20.86 -2.35
CA THR I 72 58.93 -20.23 -3.45
C THR I 72 58.29 -18.93 -3.91
N LEU I 73 57.01 -18.70 -3.58
CA LEU I 73 56.37 -17.44 -3.92
C LEU I 73 56.76 -16.34 -2.93
N THR I 74 56.57 -16.60 -1.63
CA THR I 74 56.92 -15.60 -0.62
C THR I 74 58.43 -15.42 -0.51
N GLY I 75 59.18 -16.51 -0.54
CA GLY I 75 60.62 -16.47 -0.43
C GLY I 75 61.18 -16.94 0.89
N ILE I 76 60.34 -17.45 1.80
CA ILE I 76 60.78 -17.92 3.11
C ILE I 76 60.49 -19.40 3.21
N ASN I 77 61.51 -20.17 3.57
CA ASN I 77 61.37 -21.60 3.81
C ASN I 77 61.38 -21.83 5.32
N ILE I 78 60.23 -22.21 5.87
CA ILE I 78 60.06 -22.31 7.31
C ILE I 78 60.36 -23.73 7.77
N ARG I 79 61.02 -23.84 8.92
CA ARG I 79 61.30 -25.12 9.55
C ARG I 79 60.19 -25.42 10.56
N ASN I 80 60.43 -26.40 11.44
CA ASN I 80 59.45 -26.79 12.45
C ASN I 80 59.09 -25.59 13.33
N HIS I 81 57.94 -25.71 14.00
CA HIS I 81 57.41 -24.66 14.85
C HIS I 81 56.88 -25.26 16.13
N SER I 82 57.18 -24.62 17.26
CA SER I 82 56.77 -25.08 18.57
C SER I 82 56.01 -23.98 19.29
N LYS I 83 54.98 -24.38 20.04
CA LYS I 83 54.13 -23.44 20.76
C LYS I 83 53.85 -23.98 22.16
N GLN I 84 53.92 -23.09 23.14
CA GLN I 84 53.63 -23.42 24.54
C GLN I 84 52.61 -22.42 25.07
N THR I 85 51.53 -22.92 25.67
CA THR I 85 50.44 -22.09 26.13
C THR I 85 50.39 -22.10 27.66
N GLU I 86 50.14 -20.92 28.24
CA GLU I 86 50.00 -20.78 29.68
C GLU I 86 48.78 -19.91 29.97
N ASP I 87 47.92 -20.38 30.87
CA ASP I 87 46.70 -19.66 31.23
C ASP I 87 46.94 -18.92 32.55
N LEU I 88 47.11 -17.61 32.46
CA LEU I 88 47.28 -16.74 33.63
C LEU I 88 46.08 -15.81 33.67
N THR I 89 45.01 -16.28 34.30
CA THR I 89 43.76 -15.53 34.37
C THR I 89 43.63 -14.83 35.71
N SER I 90 43.10 -13.62 35.69
CA SER I 90 42.90 -12.82 36.89
C SER I 90 41.84 -13.44 37.79
N ILE I 98 37.38 -11.09 31.28
CA ILE I 98 38.76 -10.77 31.59
C ILE I 98 39.60 -12.04 31.65
N ARG I 99 40.48 -12.23 30.66
CA ARG I 99 41.32 -13.41 30.59
C ARG I 99 42.63 -13.03 29.90
N LYS I 100 43.73 -13.59 30.40
CA LYS I 100 45.06 -13.33 29.85
C LYS I 100 45.74 -14.67 29.60
N VAL I 101 46.25 -14.85 28.38
CA VAL I 101 46.97 -16.06 28.00
C VAL I 101 48.34 -15.67 27.48
N LEU I 102 49.33 -16.51 27.78
CA LEU I 102 50.70 -16.29 27.34
C LEU I 102 51.12 -17.42 26.40
N GLN I 103 51.51 -17.06 25.18
CA GLN I 103 51.85 -18.03 24.16
C GLN I 103 53.30 -17.83 23.74
N ARG I 104 54.14 -18.82 23.98
CA ARG I 104 55.54 -18.80 23.60
C ARG I 104 55.72 -19.59 22.32
N HIS I 105 56.12 -18.91 21.25
CA HIS I 105 56.34 -19.53 19.96
C HIS I 105 57.83 -19.57 19.64
N ARG I 106 58.23 -20.59 18.89
CA ARG I 106 59.62 -20.75 18.46
C ARG I 106 59.63 -21.37 17.08
N LEU I 107 60.43 -20.80 16.17
CA LEU I 107 60.49 -21.32 14.82
C LEU I 107 61.81 -20.93 14.17
N SER I 108 62.29 -21.81 13.29
CA SER I 108 63.50 -21.59 12.53
C SER I 108 63.18 -21.57 11.04
N GLY I 109 64.15 -21.15 10.25
CA GLY I 109 63.97 -21.10 8.82
C GLY I 109 65.17 -20.49 8.13
N ASN I 110 64.99 -20.16 6.86
CA ASN I 110 66.07 -19.56 6.09
C ASN I 110 65.48 -18.79 4.91
N CYS I 111 66.24 -17.80 4.46
CA CYS I 111 65.95 -17.01 3.26
C CYS I 111 67.13 -17.19 2.31
N HIS I 112 67.11 -18.29 1.56
CA HIS I 112 67.78 -18.48 0.27
C HIS I 112 69.29 -18.31 0.35
N MET I 113 69.77 -17.64 1.40
CA MET I 113 71.18 -17.60 1.75
C MET I 113 71.43 -17.62 3.25
N VAL I 114 70.48 -17.20 4.08
CA VAL I 114 70.74 -16.91 5.49
C VAL I 114 69.75 -17.68 6.35
N THR I 115 70.27 -18.42 7.32
CA THR I 115 69.43 -19.15 8.26
C THR I 115 69.17 -18.31 9.51
N PHE I 116 68.04 -18.59 10.16
CA PHE I 116 67.65 -17.83 11.34
C PHE I 116 66.79 -18.72 12.24
N GLN I 117 66.80 -18.38 13.53
CA GLN I 117 65.99 -19.08 14.53
C GLN I 117 65.46 -18.04 15.51
N LEU I 118 64.14 -17.92 15.59
CA LEU I 118 63.53 -16.90 16.44
C LEU I 118 62.64 -17.56 17.49
N GLU I 119 62.52 -16.88 18.63
CA GLU I 119 61.70 -17.34 19.74
C GLU I 119 61.10 -16.11 20.40
N PHE I 120 59.77 -16.06 20.47
CA PHE I 120 59.09 -14.90 21.03
C PHE I 120 57.92 -15.37 21.89
N GLN I 121 57.27 -14.41 22.54
CA GLN I 121 56.12 -14.70 23.36
C GLN I 121 55.14 -13.55 23.28
N ILE I 122 53.85 -13.89 23.15
CA ILE I 122 52.78 -12.91 23.03
C ILE I 122 51.83 -13.08 24.21
N LEU I 123 51.17 -11.98 24.57
CA LEU I 123 50.22 -11.94 25.68
C LEU I 123 48.86 -11.55 25.11
N GLU I 124 47.99 -12.54 24.93
CA GLU I 124 46.65 -12.31 24.41
C GLU I 124 45.72 -11.97 25.57
N ILE I 125 45.17 -10.76 25.54
CA ILE I 125 44.26 -10.27 26.58
C ILE I 125 42.86 -10.27 25.99
N GLN I 126 42.09 -11.32 26.25
CA GLN I 126 40.73 -11.42 25.77
C GLN I 126 39.78 -10.87 26.83
N ASN I 127 38.85 -10.04 26.40
CA ASN I 127 37.92 -9.39 27.33
C ASN I 127 36.58 -9.22 26.64
N LYS I 128 35.73 -8.35 27.19
CA LYS I 128 34.36 -8.25 26.70
C LYS I 128 34.29 -7.77 25.26
N GLU I 129 35.09 -6.76 24.90
CA GLU I 129 35.00 -6.19 23.55
C GLU I 129 36.32 -6.12 22.80
N ARG I 130 37.46 -6.41 23.44
CA ARG I 130 38.75 -6.28 22.79
C ARG I 130 39.59 -7.53 22.99
N LEU I 131 40.47 -7.79 22.02
CA LEU I 131 41.43 -8.89 22.06
C LEU I 131 42.80 -8.30 21.71
N SER I 132 43.52 -7.83 22.71
CA SER I 132 44.80 -7.17 22.51
C SER I 132 45.92 -8.21 22.51
N SER I 133 46.70 -8.25 21.43
CA SER I 133 47.83 -9.14 21.31
C SER I 133 49.08 -8.30 21.06
N ALA I 134 50.05 -8.41 21.96
CA ALA I 134 51.29 -7.65 21.89
C ALA I 134 52.47 -8.56 22.13
N VAL I 135 53.51 -8.42 21.30
CA VAL I 135 54.73 -9.21 21.44
C VAL I 135 55.52 -8.62 22.60
N THR I 136 55.50 -9.30 23.76
CA THR I 136 56.18 -8.78 24.94
C THR I 136 57.67 -9.04 24.90
N ASP I 137 58.10 -10.18 24.35
CA ASP I 137 59.52 -10.52 24.30
C ASP I 137 59.81 -11.25 22.99
N LEU I 138 60.98 -10.99 22.44
CA LEU I 138 61.44 -11.59 21.19
C LEU I 138 62.95 -11.79 21.27
N ASN I 139 63.44 -12.82 20.57
CA ASN I 139 64.88 -13.07 20.52
C ASN I 139 65.18 -13.88 19.27
N ILE I 140 66.01 -13.33 18.39
CA ILE I 140 66.39 -13.99 17.15
C ILE I 140 67.89 -14.26 17.17
N ILE I 141 68.31 -15.34 16.51
CA ILE I 141 69.71 -15.70 16.40
C ILE I 141 69.98 -16.22 15.00
N MET I 142 71.13 -15.81 14.46
CA MET I 142 71.55 -16.20 13.12
C MET I 142 73.02 -16.59 13.16
N GLU I 143 73.51 -17.12 12.04
CA GLU I 143 74.88 -17.58 11.97
C GLU I 143 75.83 -16.38 12.00
N PRO I 144 76.97 -16.49 12.69
CA PRO I 144 77.92 -15.36 12.84
C PRO I 144 78.76 -15.09 11.58
N THR I 145 78.19 -14.32 10.66
CA THR I 145 78.90 -13.89 9.47
C THR I 145 79.73 -12.66 9.79
N GLU I 146 80.30 -12.02 8.76
CA GLU I 146 81.10 -10.83 8.92
C GLU I 146 80.33 -9.55 8.65
N CYS I 147 79.03 -9.64 8.42
CA CYS I 147 78.20 -8.47 8.16
C CYS I 147 77.80 -7.84 9.49
N SER I 148 78.32 -6.65 9.76
CA SER I 148 78.05 -5.99 11.04
C SER I 148 76.73 -5.26 11.03
N GLU I 149 76.34 -4.70 9.88
CA GLU I 149 75.06 -4.00 9.79
C GLU I 149 73.89 -4.95 9.95
N LEU I 150 74.05 -6.21 9.53
CA LEU I 150 73.00 -7.20 9.74
C LEU I 150 72.75 -7.44 11.23
N SER I 151 73.82 -7.62 12.01
CA SER I 151 73.67 -7.76 13.45
C SER I 151 73.18 -6.47 14.09
N GLU I 152 73.55 -5.32 13.53
CA GLU I 152 73.05 -4.05 14.04
C GLU I 152 71.53 -3.97 13.90
N PHE I 153 71.02 -4.30 12.71
CA PHE I 153 69.57 -4.32 12.53
C PHE I 153 68.91 -5.41 13.36
N VAL I 154 69.61 -6.53 13.58
CA VAL I 154 69.07 -7.58 14.45
C VAL I 154 68.85 -7.03 15.85
N SER I 155 69.84 -6.33 16.40
CA SER I 155 69.69 -5.73 17.72
C SER I 155 68.62 -4.65 17.72
N ARG I 156 68.52 -3.89 16.63
CA ARG I 156 67.50 -2.84 16.55
C ARG I 156 66.09 -3.44 16.59
N ALA I 157 65.86 -4.47 15.79
CA ALA I 157 64.55 -5.14 15.79
C ALA I 157 64.31 -5.87 17.11
N GLU I 158 65.38 -6.30 17.78
CA GLU I 158 65.24 -6.93 19.09
C GLU I 158 64.74 -5.91 20.11
N GLU I 159 65.35 -4.71 20.13
CA GLU I 159 64.94 -3.68 21.07
C GLU I 159 63.62 -3.03 20.69
N ARG I 160 63.22 -3.12 19.43
CA ARG I 160 61.96 -2.54 18.98
C ARG I 160 60.79 -3.53 19.05
N LYS I 161 61.08 -4.83 19.07
CA LYS I 161 60.06 -5.88 19.18
C LYS I 161 59.06 -5.80 18.02
N ASP I 162 59.58 -5.99 16.81
CA ASP I 162 58.77 -6.01 15.60
C ASP I 162 59.13 -7.23 14.77
N LEU I 163 58.12 -7.82 14.12
CA LEU I 163 58.30 -9.08 13.41
C LEU I 163 58.21 -8.94 11.90
N PHE I 164 57.27 -8.15 11.38
CA PHE I 164 57.08 -8.06 9.93
C PHE I 164 58.16 -7.23 9.26
N MET I 165 58.51 -6.10 9.88
CA MET I 165 59.56 -5.24 9.32
C MET I 165 60.87 -6.00 9.20
N PHE I 166 61.16 -6.89 10.15
CA PHE I 166 62.35 -7.71 10.07
C PHE I 166 62.36 -8.55 8.80
N PHE I 167 61.24 -9.23 8.52
CA PHE I 167 61.17 -10.08 7.33
C PHE I 167 61.27 -9.24 6.05
N ARG I 168 60.60 -8.09 6.02
CA ARG I 168 60.65 -7.25 4.82
C ARG I 168 62.07 -6.76 4.56
N SER I 169 62.75 -6.26 5.60
CA SER I 169 64.12 -5.78 5.43
C SER I 169 65.06 -6.93 5.06
N LEU I 170 64.85 -8.11 5.62
CA LEU I 170 65.68 -9.26 5.27
C LEU I 170 65.49 -9.64 3.81
N HIS I 171 64.25 -9.63 3.33
CA HIS I 171 64.00 -9.91 1.92
C HIS I 171 64.69 -8.90 1.02
N PHE I 172 64.55 -7.61 1.32
CA PHE I 172 65.18 -6.59 0.49
C PHE I 172 66.70 -6.69 0.54
N PHE I 173 67.25 -6.98 1.72
CA PHE I 173 68.70 -7.09 1.88
C PHE I 173 69.24 -8.27 1.08
N VAL I 174 68.60 -9.43 1.19
CA VAL I 174 69.09 -10.59 0.45
C VAL I 174 68.89 -10.40 -1.05
N GLU I 175 67.86 -9.65 -1.46
CA GLU I 175 67.67 -9.36 -2.87
C GLU I 175 68.81 -8.48 -3.40
N TRP I 176 69.14 -7.42 -2.68
CA TRP I 176 70.26 -6.58 -3.11
C TRP I 176 71.59 -7.33 -3.05
N PHE I 177 71.74 -8.24 -2.08
CA PHE I 177 72.96 -9.03 -1.98
C PHE I 177 73.13 -9.95 -3.19
N GLU I 178 72.05 -10.65 -3.55
CA GLU I 178 72.12 -11.52 -4.73
C GLU I 178 72.29 -10.70 -6.00
N TYR I 179 71.72 -9.49 -6.05
CA TYR I 179 71.95 -8.61 -7.19
C TYR I 179 73.43 -8.28 -7.35
N ARG I 180 74.06 -7.83 -6.25
CA ARG I 180 75.48 -7.51 -6.29
C ARG I 180 76.31 -8.74 -6.64
N LYS I 181 75.93 -9.90 -6.12
CA LYS I 181 76.70 -11.13 -6.38
C LYS I 181 76.61 -11.52 -7.85
N ARG I 182 75.41 -11.49 -8.43
CA ARG I 182 75.27 -11.84 -9.84
C ARG I 182 75.81 -10.76 -10.76
N THR I 183 75.97 -9.53 -10.27
CA THR I 183 76.56 -8.48 -11.09
C THR I 183 78.08 -8.54 -11.10
N PHE I 184 78.69 -8.83 -9.94
CA PHE I 184 80.14 -8.88 -9.87
C PHE I 184 80.72 -10.06 -10.65
N LYS I 185 80.08 -11.23 -10.54
CA LYS I 185 80.61 -12.41 -11.21
C LYS I 185 80.39 -12.37 -12.72
N HIS I 186 79.42 -11.61 -13.19
CA HIS I 186 79.18 -11.54 -14.63
C HIS I 186 80.30 -10.80 -15.33
N LEU I 187 80.67 -9.61 -14.83
CA LEU I 187 81.77 -8.85 -15.41
C LEU I 187 83.14 -9.46 -15.09
N LYS I 188 83.20 -10.45 -14.19
CA LYS I 188 84.47 -11.08 -13.87
C LYS I 188 84.92 -11.99 -15.01
N GLU I 189 84.07 -12.93 -15.42
CA GLU I 189 84.44 -13.86 -16.48
C GLU I 189 84.37 -13.22 -17.87
N LYS I 190 83.64 -12.12 -18.02
CA LYS I 190 83.58 -11.44 -19.31
C LYS I 190 84.89 -10.73 -19.61
N TYR I 191 85.46 -10.05 -18.62
CA TYR I 191 86.75 -9.38 -18.74
C TYR I 191 87.69 -9.90 -17.67
N PRO I 192 88.20 -11.13 -17.82
CA PRO I 192 89.09 -11.70 -16.81
C PRO I 192 90.49 -11.12 -16.82
N ASP I 193 90.81 -10.23 -17.76
CA ASP I 193 92.13 -9.61 -17.85
C ASP I 193 92.13 -8.15 -17.43
N ALA I 194 90.99 -7.61 -17.00
CA ALA I 194 90.90 -6.21 -16.60
C ALA I 194 90.33 -6.01 -15.22
N VAL I 195 89.98 -7.07 -14.50
CA VAL I 195 89.43 -6.98 -13.16
C VAL I 195 90.12 -8.02 -12.27
N TYR I 196 90.27 -7.69 -11.00
CA TYR I 196 90.92 -8.56 -10.02
C TYR I 196 90.06 -8.58 -8.76
N LEU I 197 89.22 -9.62 -8.64
CA LEU I 197 88.34 -9.78 -7.50
C LEU I 197 89.16 -10.40 -6.36
N SER I 198 89.69 -9.53 -5.51
CA SER I 198 90.65 -9.98 -4.49
C SER I 198 89.96 -10.75 -3.37
N GLU I 199 88.70 -10.46 -3.08
CA GLU I 199 88.01 -11.09 -1.96
C GLU I 199 86.92 -12.07 -2.37
N GLY I 200 86.31 -11.89 -3.53
CA GLY I 200 85.30 -12.81 -4.00
C GLY I 200 84.02 -12.11 -4.42
N PRO I 201 83.14 -12.85 -5.10
CA PRO I 201 81.88 -12.24 -5.56
C PRO I 201 80.91 -11.93 -4.44
N SER I 202 81.07 -12.53 -3.26
CA SER I 202 80.21 -12.26 -2.12
C SER I 202 80.77 -11.20 -1.20
N SER I 203 81.54 -10.25 -1.74
CA SER I 203 82.18 -9.21 -0.96
C SER I 203 81.64 -7.84 -1.40
N CYS I 204 82.24 -6.78 -0.85
CA CYS I 204 81.81 -5.41 -1.12
C CYS I 204 82.74 -4.64 -2.04
N SER I 205 84.05 -4.88 -1.94
CA SER I 205 85.00 -4.14 -2.75
C SER I 205 85.16 -4.80 -4.12
N MET I 206 85.84 -4.08 -5.01
CA MET I 206 86.13 -4.58 -6.35
C MET I 206 87.37 -3.86 -6.86
N GLY I 207 88.30 -4.62 -7.43
CA GLY I 207 89.55 -4.03 -7.88
C GLY I 207 89.76 -4.13 -9.38
N ILE I 208 89.77 -2.99 -10.07
CA ILE I 208 90.00 -2.93 -11.50
C ILE I 208 91.47 -2.58 -11.74
N ARG I 209 92.13 -3.39 -12.56
CA ARG I 209 93.56 -3.31 -12.79
C ARG I 209 93.89 -3.95 -14.13
N SER I 210 94.84 -3.37 -14.84
CA SER I 210 95.32 -3.92 -16.10
C SER I 210 96.63 -4.68 -15.87
N ALA I 211 96.78 -5.79 -16.58
CA ALA I 211 97.97 -6.63 -16.43
C ALA I 211 99.22 -5.99 -17.02
N SER I 212 99.09 -4.89 -17.77
CA SER I 212 100.26 -4.23 -18.34
C SER I 212 101.10 -3.59 -17.23
N ARG I 213 100.48 -2.81 -16.36
CA ARG I 213 101.18 -2.15 -15.28
C ARG I 213 100.40 -2.26 -13.98
N PRO I 214 101.00 -2.83 -12.93
CA PRO I 214 100.30 -2.94 -11.64
C PRO I 214 100.24 -1.65 -10.85
N GLY I 215 100.75 -0.54 -11.39
CA GLY I 215 100.74 0.73 -10.67
C GLY I 215 99.45 1.50 -10.83
N PHE I 216 98.93 1.55 -12.06
CA PHE I 216 97.69 2.27 -12.36
C PHE I 216 96.52 1.30 -12.21
N GLU I 217 95.82 1.40 -11.09
CA GLU I 217 94.68 0.55 -10.81
C GLU I 217 93.84 1.22 -9.74
N LEU I 218 92.53 0.95 -9.76
CA LEU I 218 91.63 1.59 -8.81
C LEU I 218 90.64 0.57 -8.27
N VAL I 219 89.79 1.03 -7.36
CA VAL I 219 88.81 0.19 -6.68
C VAL I 219 87.44 0.83 -6.76
N ILE I 220 86.42 -0.01 -6.92
CA ILE I 220 85.02 0.39 -6.86
C ILE I 220 84.40 -0.25 -5.63
N VAL I 221 83.60 0.53 -4.90
CA VAL I 221 83.03 0.11 -3.63
C VAL I 221 81.52 0.01 -3.79
N TRP I 222 80.96 -1.12 -3.36
CA TRP I 222 79.52 -1.36 -3.39
C TRP I 222 79.11 -1.84 -2.01
N ARG I 223 78.35 -1.03 -1.28
CA ARG I 223 77.90 -1.35 0.06
C ARG I 223 76.38 -1.34 0.12
N ILE I 224 75.84 -2.03 1.12
CA ILE I 224 74.40 -2.10 1.37
C ILE I 224 74.13 -1.47 2.73
N GLN I 225 73.21 -0.51 2.75
CA GLN I 225 72.91 0.26 3.96
C GLN I 225 71.47 0.03 4.38
N ILE I 226 71.26 -0.05 5.69
CA ILE I 226 69.93 -0.18 6.28
C ILE I 226 69.75 0.97 7.25
N ASP I 227 68.77 1.83 6.98
CA ASP I 227 68.57 3.04 7.76
C ASP I 227 67.84 2.73 9.06
N GLU I 228 67.61 3.77 9.86
CA GLU I 228 66.93 3.59 11.15
C GLU I 228 65.47 3.21 10.95
N ASP I 229 64.84 3.64 9.85
CA ASP I 229 63.45 3.30 9.61
C ASP I 229 63.28 1.81 9.33
N GLY I 230 64.21 1.22 8.57
CA GLY I 230 64.15 -0.19 8.25
C GLY I 230 64.35 -0.48 6.78
N LYS I 231 64.31 0.56 5.96
CA LYS I 231 64.47 0.39 4.51
C LYS I 231 65.93 0.10 4.17
N VAL I 232 66.15 -0.34 2.94
CA VAL I 232 67.46 -0.73 2.44
C VAL I 232 67.78 0.09 1.20
N PHE I 233 68.98 0.66 1.16
CA PHE I 233 69.44 1.41 0.00
C PHE I 233 70.93 1.20 -0.17
N PRO I 234 71.41 0.96 -1.40
CA PRO I 234 72.84 0.75 -1.62
C PRO I 234 73.61 2.05 -1.74
N LYS I 235 74.90 1.96 -2.06
CA LYS I 235 75.73 3.13 -2.29
C LYS I 235 76.92 2.72 -3.14
N LEU I 236 77.27 3.57 -4.11
CA LEU I 236 78.34 3.28 -5.07
C LEU I 236 79.35 4.42 -5.04
N ASP I 237 80.60 4.09 -4.71
CA ASP I 237 81.70 5.03 -4.71
C ASP I 237 82.92 4.37 -5.33
N LEU I 238 83.99 5.15 -5.50
CA LEU I 238 85.26 4.60 -5.97
C LEU I 238 86.40 5.37 -5.32
N LEU I 239 87.52 4.68 -5.15
CA LEU I 239 88.74 5.26 -4.60
C LEU I 239 89.87 5.01 -5.58
N THR I 240 90.69 6.04 -5.79
CA THR I 240 91.73 6.01 -6.83
C THR I 240 93.10 5.92 -6.17
N LYS I 241 93.80 4.82 -6.42
CA LYS I 241 95.17 4.62 -5.99
C LYS I 241 96.05 4.76 -7.22
N VAL I 242 96.46 6.00 -7.51
CA VAL I 242 97.27 6.28 -8.70
C VAL I 242 98.58 6.91 -8.25
N PRO I 243 99.73 6.46 -8.75
CA PRO I 243 101.00 7.04 -8.34
C PRO I 243 101.10 8.50 -8.73
N GLN I 244 102.05 9.19 -8.09
CA GLN I 244 102.26 10.62 -8.34
C GLN I 244 102.84 10.89 -9.72
N ARG I 245 103.28 9.86 -10.44
CA ARG I 245 103.80 10.08 -11.78
C ARG I 245 102.71 10.55 -12.73
N ALA I 246 101.52 9.97 -12.63
CA ALA I 246 100.39 10.45 -13.43
C ALA I 246 99.95 11.84 -13.02
N LEU I 247 100.22 12.25 -11.79
CA LEU I 247 99.87 13.59 -11.34
C LEU I 247 100.87 14.62 -11.85
N GLU I 248 102.16 14.28 -11.83
CA GLU I 248 103.16 15.20 -12.39
C GLU I 248 103.13 15.19 -13.91
N LEU I 249 102.57 14.15 -14.52
CA LEU I 249 102.46 14.10 -15.97
C LEU I 249 101.33 15.01 -16.46
N ASP I 250 100.15 14.88 -15.86
CA ASP I 250 98.97 15.60 -16.31
C ASP I 250 98.71 16.80 -15.41
N LYS I 251 98.62 17.97 -16.01
CA LYS I 251 98.27 19.21 -15.30
C LYS I 251 96.82 19.61 -15.49
N ASN I 252 96.03 18.83 -16.23
CA ASN I 252 94.63 19.17 -16.41
C ASN I 252 93.83 18.92 -15.13
N ARG I 253 94.30 18.01 -14.28
CA ARG I 253 93.70 17.76 -12.96
C ARG I 253 92.23 17.34 -13.10
N ALA I 254 92.04 16.19 -13.74
CA ALA I 254 90.72 15.63 -13.96
C ALA I 254 90.50 14.32 -13.21
N ILE I 255 91.32 14.03 -12.20
CA ILE I 255 91.22 12.77 -11.47
C ILE I 255 90.61 13.00 -10.09
N GLU I 256 90.89 14.16 -9.48
CA GLU I 256 90.35 14.42 -8.14
C GLU I 256 88.84 14.60 -8.18
N THR I 257 88.29 15.05 -9.30
CA THR I 257 86.86 15.11 -9.51
C THR I 257 86.30 13.82 -10.11
N ALA I 258 87.07 12.74 -10.08
CA ALA I 258 86.62 11.49 -10.68
C ALA I 258 85.42 10.87 -9.97
N PRO I 259 85.36 10.75 -8.62
CA PRO I 259 84.20 10.10 -8.00
C PRO I 259 82.88 10.77 -8.33
N LEU I 260 82.76 12.06 -8.04
CA LEU I 260 81.52 12.80 -8.28
C LEU I 260 81.04 12.60 -9.71
N SER I 261 81.90 12.94 -10.69
CA SER I 261 81.56 12.73 -12.09
C SER I 261 81.15 11.29 -12.36
N PHE I 262 81.89 10.34 -11.77
CA PHE I 262 81.55 8.93 -11.93
C PHE I 262 80.11 8.66 -11.52
N ARG I 263 79.67 9.26 -10.42
CA ARG I 263 78.28 9.10 -10.00
C ARG I 263 77.34 9.63 -11.08
N THR I 264 77.65 10.81 -11.63
CA THR I 264 76.90 11.29 -12.78
C THR I 264 76.83 10.23 -13.86
N LEU I 265 77.97 9.57 -14.12
CA LEU I 265 78.00 8.49 -15.10
C LEU I 265 77.00 7.40 -14.75
N VAL I 266 77.01 6.94 -13.50
CA VAL I 266 76.07 5.87 -13.13
C VAL I 266 74.67 6.43 -13.03
N GLY I 267 74.53 7.76 -12.93
CA GLY I 267 73.23 8.39 -13.03
C GLY I 267 72.80 8.72 -14.44
N LEU I 268 73.58 8.32 -15.44
CA LEU I 268 73.29 8.65 -16.84
C LEU I 268 72.65 7.49 -17.59
N LEU I 269 73.31 6.33 -17.60
CA LEU I 269 72.84 5.24 -18.45
C LEU I 269 72.83 3.87 -17.76
N GLY I 270 73.02 3.81 -16.45
CA GLY I 270 72.93 2.57 -15.72
C GLY I 270 74.17 2.32 -14.88
N ILE I 271 74.18 1.14 -14.26
CA ILE I 271 75.27 0.73 -13.37
C ILE I 271 76.27 -0.12 -14.14
N GLU I 272 75.81 -1.25 -14.66
CA GLU I 272 76.70 -2.14 -15.41
C GLU I 272 77.21 -1.47 -16.68
N ALA I 273 76.41 -0.60 -17.29
CA ALA I 273 76.87 0.14 -18.46
C ALA I 273 78.04 1.05 -18.10
N ALA I 274 77.93 1.77 -16.97
CA ALA I 274 79.04 2.61 -16.52
C ALA I 274 80.26 1.77 -16.17
N LEU I 275 80.04 0.61 -15.56
CA LEU I 275 81.15 -0.27 -15.19
C LEU I 275 81.90 -0.74 -16.43
N GLU I 276 81.17 -1.24 -17.43
CA GLU I 276 81.82 -1.72 -18.64
C GLU I 276 82.45 -0.57 -19.43
N SER I 277 81.85 0.63 -19.37
CA SER I 277 82.49 1.78 -20.01
C SER I 277 83.81 2.12 -19.34
N LEU I 278 83.86 2.08 -18.01
CA LEU I 278 85.12 2.31 -17.31
C LEU I 278 86.14 1.24 -17.64
N ILE I 279 85.70 -0.01 -17.74
CA ILE I 279 86.61 -1.10 -18.10
C ILE I 279 87.18 -0.88 -19.51
N LYS I 280 86.32 -0.48 -20.46
CA LYS I 280 86.79 -0.27 -21.81
C LYS I 280 87.72 0.95 -21.91
N SER I 281 87.45 1.98 -21.11
CA SER I 281 88.32 3.16 -21.13
C SER I 281 89.68 2.85 -20.52
N LEU I 282 89.70 2.08 -19.42
CA LEU I 282 90.98 1.71 -18.82
C LEU I 282 91.71 0.69 -19.68
N CYS I 283 91.00 -0.07 -20.49
CA CYS I 283 91.62 -1.05 -21.37
C CYS I 283 92.39 -0.38 -22.50
N GLN J 74 -10.58 55.73 -30.40
CA GLN J 74 -10.95 54.91 -29.25
C GLN J 74 -10.78 55.69 -27.95
N PRO J 75 -11.89 55.93 -27.25
CA PRO J 75 -11.81 56.65 -25.98
C PRO J 75 -11.04 55.86 -24.93
N LEU J 76 -10.63 56.58 -23.88
CA LEU J 76 -9.86 55.96 -22.82
C LEU J 76 -10.75 55.09 -21.94
N SER J 77 -10.12 54.27 -21.11
CA SER J 77 -10.84 53.47 -20.13
C SER J 77 -11.29 54.35 -18.97
N LYS J 78 -12.32 53.89 -18.26
CA LYS J 78 -12.91 54.66 -17.17
C LYS J 78 -12.07 54.65 -15.91
N SER J 79 -10.97 53.89 -15.87
CA SER J 79 -10.11 53.85 -14.69
C SER J 79 -9.42 55.20 -14.48
N THR J 80 -8.71 55.68 -15.51
CA THR J 80 -8.11 57.01 -15.42
C THR J 80 -9.18 58.08 -15.25
N ARG J 81 -10.37 57.84 -15.78
CA ARG J 81 -11.47 58.79 -15.60
C ARG J 81 -11.83 58.94 -14.13
N ASP J 82 -12.06 57.83 -13.45
CA ASP J 82 -12.42 57.92 -12.03
C ASP J 82 -11.24 58.40 -11.19
N HIS J 83 -10.02 58.06 -11.60
CA HIS J 83 -8.83 58.60 -10.93
C HIS J 83 -8.82 60.12 -11.00
N LEU J 84 -9.01 60.67 -12.20
CA LEU J 84 -9.06 62.12 -12.37
C LEU J 84 -10.22 62.73 -11.60
N GLN J 85 -11.37 62.06 -11.56
CA GLN J 85 -12.52 62.65 -10.88
C GLN J 85 -12.31 62.69 -9.37
N THR J 86 -11.72 61.65 -8.78
CA THR J 86 -11.48 61.71 -7.35
C THR J 86 -10.33 62.67 -7.01
N MET J 87 -9.33 62.77 -7.90
CA MET J 87 -8.28 63.76 -7.69
C MET J 87 -8.86 65.18 -7.72
N MET J 88 -9.76 65.46 -8.66
CA MET J 88 -10.35 66.78 -8.76
C MET J 88 -11.28 67.05 -7.57
N GLU J 89 -12.01 66.04 -7.12
CA GLU J 89 -12.80 66.21 -5.90
C GLU J 89 -11.92 66.54 -4.71
N SER J 90 -10.77 65.86 -4.59
CA SER J 90 -9.87 66.11 -3.48
C SER J 90 -9.29 67.53 -3.55
N VAL J 91 -8.88 67.97 -4.74
CA VAL J 91 -8.28 69.31 -4.83
C VAL J 91 -9.35 70.38 -4.62
N ILE J 92 -10.58 70.13 -5.07
CA ILE J 92 -11.67 71.07 -4.80
C ILE J 92 -11.93 71.15 -3.29
N MET J 93 -11.92 70.00 -2.61
CA MET J 93 -12.15 70.00 -1.18
C MET J 93 -11.05 70.74 -0.43
N THR J 94 -9.79 70.54 -0.84
CA THR J 94 -8.69 71.18 -0.11
C THR J 94 -8.63 72.68 -0.39
N ILE J 95 -8.97 73.11 -1.62
CA ILE J 95 -9.02 74.55 -1.87
C ILE J 95 -10.26 75.18 -1.23
N LEU J 96 -11.30 74.40 -0.96
CA LEU J 96 -12.46 74.91 -0.23
C LEU J 96 -12.22 74.94 1.27
N SER J 97 -11.29 74.12 1.78
CA SER J 97 -10.99 74.13 3.21
C SER J 97 -10.52 75.51 3.67
N ASN J 98 -9.82 76.23 2.81
CA ASN J 98 -9.34 77.57 3.13
C ASN J 98 -10.30 78.67 2.69
N SER J 99 -11.30 78.35 1.88
CA SER J 99 -12.27 79.34 1.44
C SER J 99 -13.25 79.66 2.57
N ILE J 100 -13.51 80.96 2.77
CA ILE J 100 -14.34 81.43 3.86
C ILE J 100 -15.60 82.12 3.37
N LYS J 101 -15.50 82.95 2.34
CA LYS J 101 -16.61 83.75 1.86
C LYS J 101 -17.15 83.17 0.55
N GLU J 102 -18.46 83.28 0.36
CA GLU J 102 -19.15 82.80 -0.84
C GLU J 102 -18.95 81.29 -1.02
N LYS J 103 -19.49 80.55 -0.06
CA LYS J 103 -19.18 79.12 0.05
C LYS J 103 -19.87 78.30 -1.04
N GLU J 104 -21.20 78.36 -1.11
CA GLU J 104 -21.94 77.36 -1.88
C GLU J 104 -21.86 77.58 -3.38
N GLU J 105 -21.87 78.84 -3.83
CA GLU J 105 -21.91 79.06 -5.28
C GLU J 105 -20.57 78.79 -5.94
N ILE J 106 -19.46 79.02 -5.26
CA ILE J 106 -18.17 78.74 -5.87
C ILE J 106 -17.98 77.23 -6.04
N GLN J 107 -18.41 76.43 -5.06
CA GLN J 107 -18.31 74.99 -5.21
C GLN J 107 -19.34 74.47 -6.21
N TYR J 108 -20.49 75.13 -6.32
CA TYR J 108 -21.43 74.79 -7.39
C TYR J 108 -20.78 74.98 -8.76
N HIS J 109 -20.15 76.13 -8.97
CA HIS J 109 -19.45 76.38 -10.23
C HIS J 109 -18.29 75.39 -10.42
N LEU J 110 -17.63 75.00 -9.33
CA LEU J 110 -16.53 74.05 -9.42
C LEU J 110 -17.02 72.70 -9.92
N ASN J 111 -18.09 72.18 -9.32
CA ASN J 111 -18.65 70.91 -9.81
C ASN J 111 -19.20 71.03 -11.22
N PHE J 112 -19.76 72.19 -11.57
CA PHE J 112 -20.26 72.38 -12.94
C PHE J 112 -19.11 72.29 -13.95
N LEU J 113 -18.04 73.04 -13.72
CA LEU J 113 -16.91 73.01 -14.64
C LEU J 113 -16.20 71.66 -14.60
N LYS J 114 -16.26 70.95 -13.47
CA LYS J 114 -15.67 69.61 -13.40
C LYS J 114 -16.45 68.64 -14.28
N LYS J 115 -17.78 68.69 -14.21
CA LYS J 115 -18.59 67.86 -15.10
C LYS J 115 -18.37 68.25 -16.56
N ARG J 116 -18.18 69.55 -16.82
CA ARG J 116 -17.93 69.98 -18.19
C ARG J 116 -16.59 69.46 -18.71
N LEU J 117 -15.56 69.46 -17.85
CA LEU J 117 -14.28 68.89 -18.24
C LEU J 117 -14.39 67.38 -18.43
N LEU J 118 -15.24 66.73 -17.64
CA LEU J 118 -15.50 65.30 -17.86
C LEU J 118 -16.12 65.06 -19.22
N GLN J 119 -17.10 65.87 -19.61
CA GLN J 119 -17.69 65.75 -20.94
C GLN J 119 -16.65 65.99 -22.02
N GLN J 120 -15.82 67.02 -21.86
CA GLN J 120 -14.80 67.33 -22.86
C GLN J 120 -13.78 66.20 -22.99
N CYS J 121 -13.44 65.54 -21.88
CA CYS J 121 -12.56 64.39 -21.94
C CYS J 121 -13.26 63.21 -22.61
N GLU J 122 -14.58 63.08 -22.41
CA GLU J 122 -15.33 62.02 -23.05
C GLU J 122 -15.38 62.18 -24.57
N THR J 123 -15.51 63.42 -25.05
CA THR J 123 -15.58 63.65 -26.49
C THR J 123 -14.23 63.51 -27.17
N LEU J 124 -13.13 63.64 -26.42
CA LEU J 124 -11.81 63.58 -27.01
C LEU J 124 -11.45 62.16 -27.44
N LYS J 125 -10.55 62.07 -28.41
CA LYS J 125 -10.06 60.79 -28.92
C LYS J 125 -8.54 60.74 -28.79
N VAL J 126 -8.02 59.53 -28.55
CA VAL J 126 -6.59 59.33 -28.33
C VAL J 126 -6.24 57.89 -28.67
N PRO J 127 -5.07 57.64 -29.27
CA PRO J 127 -4.64 56.26 -29.47
C PRO J 127 -4.55 55.53 -28.15
N PRO J 128 -4.79 54.23 -28.14
CA PRO J 128 -4.87 53.49 -26.88
C PRO J 128 -3.50 53.33 -26.22
N LYS J 129 -3.52 53.24 -24.90
CA LYS J 129 -2.34 52.97 -24.10
C LYS J 129 -2.76 52.18 -22.87
N LYS J 130 -1.77 51.71 -22.11
CA LYS J 130 -2.04 50.78 -21.01
C LYS J 130 -1.12 51.07 -19.83
N MET J 131 -1.70 51.03 -18.62
CA MET J 131 -0.97 51.01 -17.36
C MET J 131 -1.94 50.57 -16.27
N GLU J 132 -1.52 50.69 -15.02
CA GLU J 132 -2.26 50.22 -13.86
C GLU J 132 -2.65 51.39 -12.96
N ASP J 133 -3.15 51.06 -11.77
CA ASP J 133 -3.63 52.04 -10.81
C ASP J 133 -2.50 53.00 -10.39
N LEU J 134 -2.91 54.16 -9.86
CA LEU J 134 -1.97 55.23 -9.52
C LEU J 134 -1.44 55.16 -8.09
N THR J 135 -1.95 54.27 -7.25
CA THR J 135 -1.47 54.19 -5.88
C THR J 135 -0.12 53.49 -5.79
N ASN J 136 0.22 52.64 -6.76
CA ASN J 136 1.46 51.88 -6.74
C ASN J 136 2.52 52.46 -7.70
N VAL J 137 2.53 53.78 -7.89
CA VAL J 137 3.51 54.38 -8.78
C VAL J 137 4.86 54.51 -8.10
N SER J 138 4.88 55.12 -6.90
CA SER J 138 6.14 55.37 -6.21
C SER J 138 6.76 54.06 -5.72
N SER J 139 5.95 53.14 -5.22
CA SER J 139 6.47 51.86 -4.76
C SER J 139 7.12 51.09 -5.91
N LEU J 140 6.42 51.02 -7.04
CA LEU J 140 6.99 50.31 -8.20
C LEU J 140 8.24 51.01 -8.71
N LEU J 141 8.26 52.34 -8.68
CA LEU J 141 9.45 53.07 -9.09
C LEU J 141 10.63 52.73 -8.19
N ASN J 142 10.41 52.69 -6.87
CA ASN J 142 11.49 52.36 -5.95
C ASN J 142 11.97 50.93 -6.15
N MET J 143 11.04 49.98 -6.32
CA MET J 143 11.47 48.60 -6.58
C MET J 143 12.27 48.49 -7.88
N GLU J 144 11.86 49.21 -8.92
CA GLU J 144 12.60 49.17 -10.18
C GLU J 144 13.97 49.81 -10.03
N ARG J 145 14.07 50.89 -9.26
CA ARG J 145 15.38 51.51 -9.00
C ARG J 145 16.30 50.53 -8.29
N ALA J 146 15.78 49.88 -7.24
CA ALA J 146 16.59 48.91 -6.51
C ALA J 146 17.04 47.76 -7.39
N ARG J 147 16.11 47.22 -8.20
CA ARG J 147 16.45 46.13 -9.10
C ARG J 147 17.49 46.56 -10.13
N ASP J 148 17.38 47.79 -10.64
CA ASP J 148 18.35 48.29 -11.60
C ASP J 148 19.73 48.39 -10.97
N LYS J 149 19.82 48.94 -9.76
CA LYS J 149 21.12 49.05 -9.10
C LYS J 149 21.72 47.67 -8.84
N ALA J 150 20.89 46.73 -8.37
CA ALA J 150 21.38 45.39 -8.09
C ALA J 150 21.89 44.69 -9.36
N ASN J 151 21.12 44.78 -10.44
CA ASN J 151 21.54 44.16 -11.68
C ASN J 151 22.81 44.81 -12.22
N GLU J 152 22.93 46.13 -12.08
CA GLU J 152 24.13 46.82 -12.56
C GLU J 152 25.36 46.36 -11.80
N GLU J 153 25.28 46.32 -10.46
CA GLU J 153 26.46 45.91 -9.69
C GLU J 153 26.80 44.45 -9.94
N GLY J 154 25.79 43.58 -10.09
CA GLY J 154 26.06 42.19 -10.40
C GLY J 154 26.74 42.02 -11.75
N LEU J 155 26.24 42.73 -12.77
CA LEU J 155 26.86 42.67 -14.09
C LEU J 155 28.29 43.19 -14.05
N ALA J 156 28.53 44.25 -13.28
CA ALA J 156 29.89 44.78 -13.16
C ALA J 156 30.83 43.76 -12.56
N LEU J 157 30.40 43.10 -11.47
CA LEU J 157 31.23 42.08 -10.84
C LEU J 157 31.51 40.93 -11.81
N LEU J 158 30.47 40.44 -12.49
CA LEU J 158 30.66 39.35 -13.43
C LEU J 158 31.61 39.74 -14.56
N GLN J 159 31.49 40.96 -15.07
CA GLN J 159 32.35 41.41 -16.15
C GLN J 159 33.80 41.52 -15.68
N GLU J 160 34.02 42.02 -14.47
CA GLU J 160 35.39 42.10 -13.95
C GLU J 160 36.01 40.72 -13.82
N GLU J 161 35.24 39.76 -13.29
CA GLU J 161 35.74 38.40 -13.18
C GLU J 161 36.06 37.82 -14.55
N ILE J 162 35.19 38.06 -15.53
CA ILE J 162 35.44 37.54 -16.88
C ILE J 162 36.70 38.14 -17.47
N ASP J 163 36.91 39.45 -17.29
CA ASP J 163 38.11 40.09 -17.81
C ASP J 163 39.37 39.51 -17.18
N LYS J 164 39.38 39.36 -15.86
CA LYS J 164 40.59 38.81 -15.23
C LYS J 164 40.85 37.38 -15.67
N MET J 165 39.79 36.57 -15.82
CA MET J 165 39.97 35.20 -16.27
C MET J 165 40.50 35.15 -17.70
N VAL J 166 40.00 36.05 -18.56
CA VAL J 166 40.45 36.08 -19.95
C VAL J 166 41.92 36.47 -20.02
N GLU J 167 42.33 37.48 -19.24
CA GLU J 167 43.74 37.85 -19.19
C GLU J 167 44.60 36.67 -18.74
N THR J 168 44.18 35.99 -17.68
CA THR J 168 44.95 34.86 -17.18
C THR J 168 45.09 33.76 -18.23
N THR J 169 43.98 33.39 -18.90
CA THR J 169 44.06 32.27 -19.83
C THR J 169 44.82 32.64 -21.09
N GLU J 170 44.75 33.91 -21.52
CA GLU J 170 45.51 34.29 -22.71
C GLU J 170 47.00 34.32 -22.41
N LEU J 171 47.40 34.82 -21.24
CA LEU J 171 48.80 34.75 -20.85
C LEU J 171 49.26 33.29 -20.77
N MET J 172 48.42 32.43 -20.20
CA MET J 172 48.78 31.03 -20.05
C MET J 172 48.97 30.34 -21.40
N THR J 173 48.07 30.58 -22.35
CA THR J 173 48.21 29.91 -23.64
C THR J 173 49.38 30.48 -24.43
N GLY J 174 49.67 31.77 -24.29
CA GLY J 174 50.87 32.31 -24.92
C GLY J 174 52.14 31.65 -24.39
N ASN J 175 52.25 31.56 -23.06
CA ASN J 175 53.40 30.88 -22.47
C ASN J 175 53.45 29.42 -22.87
N ILE J 176 52.28 28.77 -23.01
CA ILE J 176 52.25 27.37 -23.42
C ILE J 176 52.82 27.20 -24.82
N GLN J 177 52.39 28.06 -25.76
CA GLN J 177 52.91 27.96 -27.12
C GLN J 177 54.41 28.22 -27.16
N SER J 178 54.88 29.23 -26.43
CA SER J 178 56.31 29.53 -26.39
C SER J 178 57.10 28.34 -25.86
N LEU J 179 56.69 27.80 -24.71
CA LEU J 179 57.41 26.68 -24.13
C LEU J 179 57.32 25.43 -24.99
N LYS J 180 56.21 25.25 -25.72
CA LYS J 180 56.09 24.11 -26.62
C LYS J 180 57.09 24.20 -27.75
N ASN J 181 57.20 25.38 -28.37
CA ASN J 181 58.19 25.56 -29.43
C ASN J 181 59.60 25.36 -28.89
N LYS J 182 59.86 25.86 -27.67
CA LYS J 182 61.19 25.74 -27.08
C LYS J 182 61.56 24.29 -26.81
N ILE J 183 60.64 23.52 -26.21
CA ILE J 183 60.94 22.13 -25.92
C ILE J 183 61.06 21.33 -27.22
N GLN J 184 60.29 21.70 -28.26
CA GLN J 184 60.41 21.02 -29.54
C GLN J 184 61.79 21.22 -30.14
N ILE J 185 62.25 22.47 -30.20
CA ILE J 185 63.57 22.70 -30.80
C ILE J 185 64.67 22.08 -29.96
N LEU J 186 64.53 22.11 -28.62
CA LEU J 186 65.57 21.51 -27.79
C LEU J 186 65.61 20.00 -27.94
N ALA J 187 64.45 19.35 -28.03
CA ALA J 187 64.42 17.91 -28.21
C ALA J 187 64.95 17.52 -29.58
N SER J 188 64.68 18.33 -30.61
CA SER J 188 65.24 18.04 -31.91
C SER J 188 66.75 18.24 -31.94
N GLU J 189 67.25 19.17 -31.13
CA GLU J 189 68.70 19.43 -31.11
C GLU J 189 69.46 18.38 -30.30
N VAL J 190 68.87 17.89 -29.20
CA VAL J 190 69.62 17.01 -28.29
C VAL J 190 69.96 15.66 -28.92
N GLU J 191 69.29 15.29 -30.01
CA GLU J 191 69.44 13.95 -30.56
C GLU J 191 70.84 13.74 -31.12
N GLU J 192 71.39 14.74 -31.81
CA GLU J 192 72.69 14.58 -32.43
C GLU J 192 73.78 14.37 -31.39
N GLU J 193 73.69 15.09 -30.26
CA GLU J 193 74.72 14.92 -29.24
C GLU J 193 74.51 13.64 -28.43
N GLU J 194 73.26 13.24 -28.20
CA GLU J 194 73.08 11.96 -27.50
C GLU J 194 73.41 10.77 -28.39
N GLU J 195 73.49 10.97 -29.70
CA GLU J 195 73.99 9.92 -30.59
C GLU J 195 75.51 9.97 -30.72
N ARG J 196 76.10 11.16 -30.76
CA ARG J 196 77.55 11.28 -30.84
C ARG J 196 78.23 10.82 -29.56
N VAL J 197 77.56 10.97 -28.42
CA VAL J 197 78.16 10.58 -27.15
C VAL J 197 78.48 9.09 -27.13
N LYS J 198 77.75 8.29 -27.90
CA LYS J 198 77.95 6.84 -27.95
C LYS J 198 78.63 6.38 -29.24
N GLN J 199 79.56 7.18 -29.75
CA GLN J 199 80.28 6.79 -30.97
C GLN J 199 81.28 5.69 -30.68
N MET J 200 82.20 5.92 -29.75
CA MET J 200 83.20 4.94 -29.38
C MET J 200 82.75 4.05 -28.21
N HIS J 201 81.56 4.30 -27.67
CA HIS J 201 81.04 3.56 -26.53
C HIS J 201 79.77 2.84 -26.93
N GLN J 202 79.58 1.63 -26.40
CA GLN J 202 78.38 0.86 -26.66
C GLN J 202 77.15 1.59 -26.12
N ILE J 203 75.99 1.30 -26.72
CA ILE J 203 74.76 1.97 -26.33
C ILE J 203 74.42 1.65 -24.88
N ASN J 204 74.19 0.37 -24.59
CA ASN J 204 73.95 -0.10 -23.23
C ASN J 204 74.55 -1.49 -23.04
N LEU J 209 70.36 -8.69 -17.84
CA LEU J 209 70.56 -8.08 -16.53
C LEU J 209 69.63 -6.89 -16.33
N SER J 210 68.45 -7.16 -15.76
CA SER J 210 67.46 -6.12 -15.52
C SER J 210 67.62 -5.58 -14.09
N LEU J 211 68.69 -4.81 -13.92
CA LEU J 211 68.98 -4.21 -12.62
C LEU J 211 68.22 -2.91 -12.46
N PRO J 212 67.43 -2.74 -11.40
CA PRO J 212 66.71 -1.48 -11.20
C PRO J 212 67.69 -0.33 -10.99
N GLU J 213 67.33 0.83 -11.51
CA GLU J 213 68.17 2.01 -11.39
C GLU J 213 68.13 2.56 -9.97
N LEU J 214 69.29 2.98 -9.48
CA LEU J 214 69.37 3.55 -8.14
C LEU J 214 68.71 4.93 -8.10
N SER J 215 68.09 5.23 -6.97
CA SER J 215 67.41 6.51 -6.81
C SER J 215 68.41 7.64 -6.67
N GLN J 216 67.91 8.87 -6.83
CA GLN J 216 68.75 10.06 -6.70
C GLN J 216 69.27 10.27 -5.29
N LYS J 217 68.63 9.65 -4.28
CA LYS J 217 69.14 9.74 -2.92
C LYS J 217 70.53 9.10 -2.82
N THR J 218 70.74 8.01 -3.55
CA THR J 218 72.06 7.38 -3.58
C THR J 218 73.07 8.24 -4.33
N LEU J 219 72.63 8.86 -5.44
CA LEU J 219 73.55 9.66 -6.25
C LEU J 219 73.92 10.96 -5.56
N LYS J 220 73.06 11.46 -4.67
CA LYS J 220 73.32 12.70 -3.95
C LYS J 220 73.79 12.45 -2.53
N ALA J 221 74.05 11.19 -2.16
CA ALA J 221 74.54 10.87 -0.84
C ALA J 221 75.99 11.34 -0.69
N PRO J 222 76.45 11.60 0.53
CA PRO J 222 77.84 11.98 0.73
C PRO J 222 78.79 10.86 0.33
N THR J 223 79.73 11.18 -0.57
CA THR J 223 80.63 10.17 -1.11
C THR J 223 81.65 9.73 -0.05
N LEU J 224 82.36 8.66 -0.39
CA LEU J 224 83.23 7.98 0.58
C LEU J 224 84.60 8.68 0.70
N GLN J 225 85.15 9.15 -0.41
CA GLN J 225 86.54 9.61 -0.39
C GLN J 225 86.71 10.85 0.47
N LYS J 226 85.82 11.83 0.33
CA LYS J 226 85.96 13.06 1.12
C LYS J 226 85.73 12.79 2.60
N GLU J 227 84.80 11.89 2.92
CA GLU J 227 84.58 11.52 4.31
C GLU J 227 85.83 10.87 4.90
N ILE J 228 86.46 9.97 4.14
CA ILE J 228 87.69 9.33 4.61
C ILE J 228 88.78 10.37 4.81
N LEU J 229 88.93 11.29 3.84
CA LEU J 229 90.03 12.25 3.91
C LEU J 229 89.85 13.24 5.04
N ALA J 230 88.64 13.76 5.24
CA ALA J 230 88.38 14.72 6.30
C ALA J 230 88.06 14.06 7.63
N LEU J 231 88.04 12.73 7.69
CA LEU J 231 87.71 12.02 8.91
C LEU J 231 88.93 11.51 9.67
N ILE J 232 90.03 11.25 8.98
CA ILE J 232 91.23 10.69 9.62
C ILE J 232 92.33 11.76 9.64
N PRO J 233 93.09 11.85 10.73
CA PRO J 233 94.26 12.75 10.73
C PRO J 233 95.49 12.11 10.11
N ASN J 234 96.64 12.80 10.23
CA ASN J 234 97.98 12.31 9.92
C ASN J 234 98.08 11.40 8.70
N GLN J 235 97.72 11.94 7.53
CA GLN J 235 97.71 11.18 6.28
C GLN J 235 99.07 10.55 5.97
N ASN J 236 100.09 11.38 5.74
CA ASN J 236 101.39 10.85 5.41
C ASN J 236 102.05 10.17 6.60
N ALA J 237 101.75 10.63 7.82
CA ALA J 237 102.25 9.95 9.00
C ALA J 237 101.65 8.56 9.17
N LEU J 238 100.56 8.26 8.46
CA LEU J 238 100.07 6.89 8.41
C LEU J 238 100.57 6.16 7.17
N LEU J 239 100.82 6.90 6.08
CA LEU J 239 101.30 6.27 4.86
C LEU J 239 102.76 5.82 4.99
N LYS J 240 103.52 6.47 5.89
CA LYS J 240 104.97 6.23 5.99
C LYS J 240 105.32 4.75 6.12
N ASP J 241 104.48 3.96 6.78
CA ASP J 241 104.67 2.52 6.83
C ASP J 241 103.53 1.76 6.14
N LEU J 242 102.44 2.46 5.80
CA LEU J 242 101.42 1.82 4.98
C LEU J 242 101.99 1.41 3.62
N ASP J 243 102.82 2.26 3.03
CA ASP J 243 103.48 1.88 1.78
C ASP J 243 104.41 0.70 2.00
N ILE J 244 105.13 0.67 3.12
CA ILE J 244 106.05 -0.42 3.39
C ILE J 244 105.30 -1.75 3.51
N LEU J 245 104.21 -1.75 4.28
CA LEU J 245 103.41 -2.97 4.42
C LEU J 245 102.70 -3.34 3.13
N HIS J 246 102.45 -2.37 2.25
CA HIS J 246 102.00 -2.71 0.90
C HIS J 246 103.14 -3.26 0.06
N ASN J 247 104.39 -3.02 0.45
CA ASN J 247 105.51 -3.65 -0.23
C ASN J 247 105.98 -4.94 0.43
N SER J 248 105.56 -5.18 1.67
CA SER J 248 105.97 -6.40 2.36
C SER J 248 105.30 -7.62 1.74
N SER J 249 106.10 -8.66 1.49
CA SER J 249 105.60 -9.87 0.86
C SER J 249 104.90 -10.81 1.83
N GLN J 250 105.04 -10.59 3.14
CA GLN J 250 104.36 -11.42 4.12
C GLN J 250 102.84 -11.29 3.96
N MET J 251 102.34 -10.06 3.96
CA MET J 251 100.92 -9.84 3.72
C MET J 251 100.50 -10.28 2.32
N LYS J 252 101.40 -10.20 1.34
CA LYS J 252 101.04 -10.67 0.00
C LYS J 252 100.81 -12.18 -0.01
N SER J 253 101.69 -12.94 0.64
CA SER J 253 101.48 -14.38 0.76
C SER J 253 100.23 -14.68 1.58
N MET J 254 99.97 -13.89 2.62
CA MET J 254 98.74 -14.04 3.40
C MET J 254 97.51 -13.86 2.51
N SER J 255 97.53 -12.83 1.67
CA SER J 255 96.40 -12.56 0.79
C SER J 255 96.25 -13.65 -0.27
N THR J 256 97.37 -14.19 -0.75
CA THR J 256 97.29 -15.31 -1.69
C THR J 256 96.66 -16.52 -1.01
N PHE J 257 97.02 -16.79 0.25
CA PHE J 257 96.39 -17.88 0.97
C PHE J 257 94.90 -17.65 1.14
N ILE J 258 94.51 -16.43 1.51
CA ILE J 258 93.10 -16.11 1.70
C ILE J 258 92.33 -16.30 0.39
N GLU J 259 92.86 -15.76 -0.70
CA GLU J 259 92.18 -15.88 -1.99
C GLU J 259 92.16 -17.31 -2.52
N GLU J 260 93.21 -18.09 -2.25
CA GLU J 260 93.19 -19.51 -2.63
C GLU J 260 92.10 -20.24 -1.87
N ALA J 261 92.01 -20.02 -0.56
CA ALA J 261 90.95 -20.63 0.22
C ALA J 261 89.57 -20.20 -0.30
N TYR J 262 89.43 -18.93 -0.67
CA TYR J 262 88.15 -18.44 -1.17
C TYR J 262 87.77 -19.13 -2.47
N LYS J 263 88.68 -19.16 -3.45
CA LYS J 263 88.35 -19.78 -4.73
C LYS J 263 88.11 -21.28 -4.56
N LYS J 264 88.80 -21.91 -3.60
CA LYS J 264 88.49 -23.29 -3.26
C LYS J 264 87.07 -23.43 -2.74
N LEU J 265 86.62 -22.44 -1.96
CA LEU J 265 85.24 -22.47 -1.48
C LEU J 265 84.24 -22.24 -2.62
N ASP J 266 84.58 -21.40 -3.60
CA ASP J 266 83.66 -21.16 -4.71
C ASP J 266 83.64 -22.33 -5.68
N ALA J 267 84.67 -23.17 -5.68
CA ALA J 267 84.71 -24.30 -6.61
C ALA J 267 83.64 -25.33 -6.30
N SER J 268 83.26 -25.47 -5.03
CA SER J 268 82.23 -26.42 -4.64
C SER J 268 80.84 -25.82 -4.83
N ASN K 252 -0.33 62.52 -24.17
CA ASN K 252 0.56 63.53 -24.75
C ASN K 252 -0.21 64.46 -25.68
N ILE K 253 -1.24 63.92 -26.31
CA ILE K 253 -2.07 64.71 -27.21
C ILE K 253 -3.26 65.34 -26.48
N VAL K 254 -3.74 64.68 -25.41
CA VAL K 254 -4.86 65.23 -24.65
C VAL K 254 -4.42 66.42 -23.82
N LEU K 255 -3.14 66.49 -23.46
CA LEU K 255 -2.65 67.54 -22.58
C LEU K 255 -2.77 68.94 -23.19
N PRO K 256 -2.39 69.20 -24.45
CA PRO K 256 -2.55 70.56 -24.98
C PRO K 256 -3.98 71.05 -24.96
N GLU K 257 -4.92 70.26 -25.49
CA GLU K 257 -6.33 70.65 -25.51
C GLU K 257 -6.81 71.05 -24.13
N PHE K 258 -6.72 70.12 -23.17
CA PHE K 258 -7.09 70.44 -21.79
C PHE K 258 -6.42 71.72 -21.33
N GLU K 259 -5.15 71.91 -21.72
CA GLU K 259 -4.42 73.13 -21.36
C GLU K 259 -5.23 74.37 -21.72
N LYS K 260 -5.63 74.49 -23.00
CA LYS K 260 -6.32 75.72 -23.38
C LYS K 260 -7.72 75.81 -22.76
N THR K 261 -8.27 74.71 -22.25
CA THR K 261 -9.51 74.81 -21.50
C THR K 261 -9.38 75.76 -20.32
N HIS K 262 -8.16 75.95 -19.82
CA HIS K 262 -7.90 77.00 -18.83
C HIS K 262 -8.51 78.32 -19.29
N LEU K 263 -8.05 78.81 -20.46
CA LEU K 263 -8.58 80.07 -20.95
C LEU K 263 -9.99 79.96 -21.49
N GLU K 264 -10.56 78.75 -21.56
CA GLU K 264 -11.98 78.65 -21.85
C GLU K 264 -12.84 78.92 -20.62
N HIS K 265 -12.23 78.95 -19.43
CA HIS K 265 -12.93 79.31 -18.20
C HIS K 265 -12.75 80.78 -17.84
N GLN K 266 -11.56 81.33 -18.09
CA GLN K 266 -11.26 82.70 -17.70
C GLN K 266 -12.23 83.68 -18.33
N GLN K 267 -12.73 83.38 -19.53
CA GLN K 267 -13.64 84.28 -20.22
C GLN K 267 -15.05 84.30 -19.64
N ARG K 268 -15.37 83.39 -18.72
CA ARG K 268 -16.71 83.34 -18.14
C ARG K 268 -16.75 83.82 -16.69
N ILE K 269 -15.92 83.26 -15.83
CA ILE K 269 -15.89 83.68 -14.42
C ILE K 269 -15.09 84.96 -14.31
N GLU K 270 -15.49 85.83 -13.37
CA GLU K 270 -14.84 87.11 -13.19
C GLU K 270 -14.52 87.47 -11.75
N SER K 271 -15.05 86.74 -10.77
CA SER K 271 -14.81 87.08 -9.37
C SER K 271 -13.38 86.74 -8.96
N LYS K 272 -12.89 87.48 -7.97
CA LYS K 272 -11.50 87.37 -7.52
C LYS K 272 -11.17 86.01 -6.93
N VAL K 273 -11.85 85.63 -5.84
CA VAL K 273 -11.54 84.37 -5.17
C VAL K 273 -11.85 83.16 -6.03
N CYS K 274 -12.89 83.24 -6.87
CA CYS K 274 -13.17 82.15 -7.80
C CYS K 274 -12.04 82.00 -8.80
N LYS K 275 -11.53 83.11 -9.33
CA LYS K 275 -10.40 83.06 -10.25
C LYS K 275 -9.15 82.50 -9.58
N ALA K 276 -8.92 82.87 -8.32
CA ALA K 276 -7.77 82.35 -7.58
C ALA K 276 -7.88 80.84 -7.40
N ALA K 277 -9.06 80.36 -6.98
CA ALA K 277 -9.27 78.93 -6.83
C ALA K 277 -9.11 78.22 -8.17
N ILE K 278 -9.61 78.82 -9.25
CA ILE K 278 -9.46 78.23 -10.59
C ILE K 278 -7.98 78.04 -10.92
N ALA K 279 -7.20 79.12 -10.80
CA ALA K 279 -5.78 79.04 -11.12
C ALA K 279 -5.07 78.00 -10.25
N THR K 280 -5.34 78.03 -8.95
CA THR K 280 -4.64 77.12 -8.03
C THR K 280 -4.95 75.67 -8.35
N PHE K 281 -6.23 75.31 -8.40
CA PHE K 281 -6.56 73.90 -8.63
C PHE K 281 -6.20 73.46 -10.05
N TYR K 282 -6.18 74.39 -11.00
CA TYR K 282 -5.77 74.03 -12.36
C TYR K 282 -4.28 73.71 -12.42
N VAL K 283 -3.44 74.55 -11.82
CA VAL K 283 -2.01 74.22 -11.80
C VAL K 283 -1.77 72.98 -10.96
N ASN K 284 -2.60 72.72 -9.94
CA ASN K 284 -2.45 71.49 -9.17
C ASN K 284 -2.71 70.26 -10.03
N VAL K 285 -3.84 70.24 -10.74
CA VAL K 285 -4.15 69.07 -11.57
C VAL K 285 -3.16 68.96 -12.73
N LYS K 286 -2.63 70.08 -13.21
CA LYS K 286 -1.61 70.02 -14.25
C LYS K 286 -0.34 69.38 -13.74
N GLU K 287 0.10 69.77 -12.54
CA GLU K 287 1.27 69.13 -11.93
C GLU K 287 1.04 67.64 -11.74
N GLN K 288 -0.16 67.26 -11.29
CA GLN K 288 -0.47 65.85 -11.12
C GLN K 288 -0.40 65.10 -12.45
N PHE K 289 -0.97 65.69 -13.51
CA PHE K 289 -0.89 65.08 -14.84
C PHE K 289 0.55 64.85 -15.25
N ILE K 290 1.38 65.90 -15.18
CA ILE K 290 2.76 65.79 -15.65
C ILE K 290 3.51 64.74 -14.83
N LYS K 291 3.35 64.77 -13.50
CA LYS K 291 4.11 63.84 -12.68
C LYS K 291 3.68 62.40 -12.91
N MET K 292 2.37 62.16 -13.08
CA MET K 292 1.91 60.79 -13.28
C MET K 292 2.33 60.25 -14.64
N LEU K 293 2.30 61.08 -15.69
CA LEU K 293 2.74 60.60 -16.99
C LEU K 293 4.24 60.37 -17.02
N LYS K 294 5.02 61.25 -16.38
CA LYS K 294 6.45 61.03 -16.30
C LYS K 294 6.77 59.75 -15.53
N GLU K 295 6.06 59.51 -14.43
CA GLU K 295 6.26 58.28 -13.67
C GLU K 295 5.92 57.06 -14.51
N SER K 296 4.85 57.14 -15.31
CA SER K 296 4.48 56.02 -16.18
C SER K 296 5.60 55.71 -17.17
N GLN K 297 6.10 56.75 -17.85
CA GLN K 297 7.17 56.54 -18.82
C GLN K 297 8.42 55.95 -18.17
N MET K 298 8.84 56.52 -17.04
CA MET K 298 10.01 56.01 -16.35
C MET K 298 9.81 54.57 -15.87
N LEU K 299 8.59 54.24 -15.45
CA LEU K 299 8.31 52.87 -14.98
C LEU K 299 8.44 51.88 -16.13
N THR K 300 7.84 52.20 -17.29
CA THR K 300 7.96 51.31 -18.43
C THR K 300 9.42 51.13 -18.86
N ASN K 301 10.16 52.25 -18.93
CA ASN K 301 11.56 52.17 -19.32
C ASN K 301 12.38 51.35 -18.33
N LEU K 302 12.12 51.52 -17.04
CA LEU K 302 12.86 50.78 -16.03
C LEU K 302 12.53 49.29 -16.11
N LYS K 303 11.27 48.94 -16.38
CA LYS K 303 10.91 47.53 -16.52
C LYS K 303 11.64 46.89 -17.68
N ARG K 304 11.62 47.54 -18.85
CA ARG K 304 12.30 46.94 -20.00
C ARG K 304 13.81 46.89 -19.79
N LYS K 305 14.37 47.89 -19.12
CA LYS K 305 15.81 47.89 -18.84
C LYS K 305 16.17 46.75 -17.89
N ASN K 306 15.35 46.52 -16.86
CA ASN K 306 15.59 45.42 -15.94
C ASN K 306 15.54 44.08 -16.66
N ALA K 307 14.56 43.90 -17.55
CA ALA K 307 14.48 42.66 -18.33
C ALA K 307 15.75 42.46 -19.15
N LYS K 308 16.17 43.50 -19.88
CA LYS K 308 17.36 43.38 -20.71
C LYS K 308 18.60 43.08 -19.86
N MET K 309 18.70 43.68 -18.68
CA MET K 309 19.89 43.51 -17.86
C MET K 309 19.95 42.11 -17.25
N ILE K 310 18.81 41.59 -16.81
CA ILE K 310 18.82 40.22 -16.28
C ILE K 310 19.12 39.23 -17.39
N SER K 311 18.62 39.47 -18.61
CA SER K 311 19.01 38.62 -19.73
C SER K 311 20.52 38.69 -19.97
N ASP K 312 21.10 39.88 -19.89
CA ASP K 312 22.53 40.04 -20.12
C ASP K 312 23.35 39.29 -19.09
N ILE K 313 22.97 39.37 -17.82
CA ILE K 313 23.75 38.69 -16.79
C ILE K 313 23.59 37.17 -16.90
N GLU K 314 22.38 36.70 -17.24
CA GLU K 314 22.18 35.29 -17.47
C GLU K 314 23.01 34.79 -18.65
N LYS K 315 23.25 35.65 -19.64
CA LYS K 315 24.12 35.28 -20.75
C LYS K 315 25.58 35.26 -20.32
N LYS K 316 26.00 36.22 -19.49
CA LYS K 316 27.41 36.31 -19.11
C LYS K 316 27.83 35.19 -18.17
N ARG K 317 26.88 34.64 -17.41
CA ARG K 317 27.23 33.55 -16.49
C ARG K 317 27.86 32.37 -17.23
N GLN K 318 27.29 31.97 -18.37
CA GLN K 318 27.81 30.83 -19.11
C GLN K 318 29.20 31.12 -19.67
N ARG K 319 29.42 32.36 -20.11
CA ARG K 319 30.76 32.74 -20.57
C ARG K 319 31.78 32.61 -19.46
N MET K 320 31.44 33.07 -18.25
CA MET K 320 32.33 32.89 -17.11
C MET K 320 32.63 31.42 -16.87
N ILE K 321 31.59 30.59 -16.88
CA ILE K 321 31.77 29.16 -16.62
C ILE K 321 32.71 28.53 -17.66
N GLU K 322 32.50 28.86 -18.94
CA GLU K 322 33.31 28.23 -19.98
C GLU K 322 34.75 28.72 -19.95
N VAL K 323 34.98 29.99 -19.58
CA VAL K 323 36.35 30.46 -19.47
C VAL K 323 37.06 29.78 -18.30
N GLN K 324 36.35 29.57 -17.18
CA GLN K 324 36.94 28.82 -16.07
C GLN K 324 37.29 27.40 -16.50
N ASP K 325 36.40 26.75 -17.24
CA ASP K 325 36.68 25.41 -17.75
C ASP K 325 37.93 25.42 -18.64
N GLU K 326 38.04 26.41 -19.50
CA GLU K 326 39.20 26.49 -20.40
C GLU K 326 40.50 26.62 -19.60
N LEU K 327 40.52 27.50 -18.61
CA LEU K 327 41.74 27.67 -17.82
C LEU K 327 42.10 26.39 -17.06
N LEU K 328 41.09 25.76 -16.46
CA LEU K 328 41.33 24.52 -15.71
C LEU K 328 41.84 23.41 -16.62
N ARG K 329 41.40 23.39 -17.88
CA ARG K 329 41.90 22.39 -18.81
C ARG K 329 43.30 22.74 -19.32
N LEU K 330 43.64 24.03 -19.37
CA LEU K 330 44.90 24.43 -19.99
C LEU K 330 46.09 24.37 -19.04
N GLU K 331 45.87 24.51 -17.74
CA GLU K 331 47.00 24.54 -16.80
C GLU K 331 47.91 23.31 -16.85
N PRO K 332 47.41 22.06 -16.77
CA PRO K 332 48.33 20.91 -16.63
C PRO K 332 49.23 20.68 -17.83
N GLN K 333 48.83 21.11 -19.03
CA GLN K 333 49.71 21.00 -20.18
C GLN K 333 50.96 21.85 -19.98
N LEU K 334 50.78 23.09 -19.53
CA LEU K 334 51.92 23.94 -19.18
C LEU K 334 52.77 23.29 -18.10
N LYS K 335 52.13 22.71 -17.08
CA LYS K 335 52.90 22.03 -16.03
C LYS K 335 53.80 20.95 -16.62
N GLN K 336 53.22 20.05 -17.41
CA GLN K 336 53.98 18.93 -17.96
C GLN K 336 55.09 19.40 -18.89
N LEU K 337 54.81 20.44 -19.70
CA LEU K 337 55.83 20.97 -20.58
C LEU K 337 57.00 21.53 -19.79
N GLN K 338 56.72 22.25 -18.71
CA GLN K 338 57.80 22.79 -17.89
C GLN K 338 58.65 21.67 -17.29
N THR K 339 58.00 20.61 -16.79
CA THR K 339 58.76 19.50 -16.23
C THR K 339 59.65 18.85 -17.28
N LYS K 340 59.11 18.60 -18.48
CA LYS K 340 59.91 18.00 -19.54
C LYS K 340 61.10 18.88 -19.89
N TYR K 341 60.88 20.20 -19.98
CA TYR K 341 61.96 21.10 -20.35
C TYR K 341 63.08 21.08 -19.31
N ASP K 342 62.74 21.33 -18.04
CA ASP K 342 63.80 21.44 -17.05
C ASP K 342 64.36 20.09 -16.62
N GLU K 343 63.80 18.98 -17.09
CA GLU K 343 64.52 17.73 -16.94
C GLU K 343 65.44 17.44 -18.13
N LEU K 344 65.01 17.78 -19.35
CA LEU K 344 65.84 17.53 -20.52
C LEU K 344 67.09 18.39 -20.49
N LYS K 345 66.99 19.62 -19.97
CA LYS K 345 68.16 20.49 -19.88
C LYS K 345 69.27 19.84 -19.06
N GLU K 346 68.93 19.44 -17.82
CA GLU K 346 69.95 18.82 -16.97
C GLU K 346 70.39 17.47 -17.50
N ARG K 347 69.51 16.73 -18.19
CA ARG K 347 69.93 15.51 -18.84
C ARG K 347 71.05 15.77 -19.84
N LYS K 348 70.85 16.75 -20.72
CA LYS K 348 71.88 17.09 -21.71
C LYS K 348 73.16 17.55 -21.04
N SER K 349 73.05 18.39 -20.00
CA SER K 349 74.23 18.89 -19.33
C SER K 349 75.04 17.75 -18.72
N SER K 350 74.37 16.84 -18.01
CA SER K 350 75.05 15.71 -17.40
C SER K 350 75.68 14.81 -18.45
N LEU K 351 74.99 14.59 -19.57
CA LEU K 351 75.56 13.77 -20.64
C LEU K 351 76.84 14.39 -21.18
N ARG K 352 76.83 15.71 -21.42
CA ARG K 352 78.03 16.36 -21.93
C ARG K 352 79.18 16.28 -20.93
N ASN K 353 78.90 16.52 -19.65
CA ASN K 353 79.94 16.44 -18.64
C ASN K 353 80.53 15.04 -18.56
N ALA K 354 79.68 14.02 -18.57
CA ALA K 354 80.16 12.65 -18.50
C ALA K 354 81.02 12.29 -19.72
N ALA K 355 80.59 12.71 -20.91
CA ALA K 355 81.38 12.46 -22.11
C ALA K 355 82.75 13.12 -22.02
N TYR K 356 82.78 14.38 -21.57
CA TYR K 356 84.07 15.08 -21.45
C TYR K 356 84.99 14.36 -20.48
N PHE K 357 84.48 14.00 -19.30
CA PHE K 357 85.32 13.35 -18.30
C PHE K 357 85.82 11.99 -18.80
N LEU K 358 84.93 11.22 -19.46
CA LEU K 358 85.32 9.91 -19.95
C LEU K 358 86.41 10.02 -21.01
N SER K 359 86.24 10.93 -21.97
CA SER K 359 87.26 11.11 -23.00
C SER K 359 88.59 11.57 -22.39
N ASN K 360 88.53 12.48 -21.42
CA ASN K 360 89.75 12.97 -20.79
C ASN K 360 90.50 11.84 -20.11
N LEU K 361 89.79 11.04 -19.31
CA LEU K 361 90.45 9.93 -18.61
C LEU K 361 90.96 8.88 -19.59
N LYS K 362 90.21 8.62 -20.67
CA LYS K 362 90.65 7.67 -21.67
C LYS K 362 91.98 8.09 -22.28
N GLN K 363 92.06 9.34 -22.76
CA GLN K 363 93.30 9.82 -23.35
C GLN K 363 94.43 9.88 -22.32
N LEU K 364 94.10 10.21 -21.06
CA LEU K 364 95.11 10.26 -20.03
C LEU K 364 95.75 8.91 -19.83
N TYR K 365 94.93 7.86 -19.68
CA TYR K 365 95.50 6.52 -19.52
C TYR K 365 96.20 6.06 -20.80
N GLN K 366 95.69 6.46 -21.96
CA GLN K 366 96.33 6.06 -23.21
C GLN K 366 97.75 6.60 -23.32
N ASP K 367 97.95 7.86 -22.96
CA ASP K 367 99.29 8.42 -22.98
C ASP K 367 100.12 7.99 -21.77
N TYR K 368 99.48 7.54 -20.70
CA TYR K 368 100.21 7.03 -19.53
C TYR K 368 100.71 5.61 -19.74
N SER K 369 100.09 4.85 -20.65
CA SER K 369 100.43 3.44 -20.80
C SER K 369 101.91 3.18 -21.11
N ASP K 370 102.63 4.17 -21.64
CA ASP K 370 104.03 3.99 -22.02
C ASP K 370 105.02 4.65 -21.06
N VAL K 371 104.60 5.68 -20.32
CA VAL K 371 105.50 6.29 -19.35
C VAL K 371 105.86 5.32 -18.24
N GLN K 372 104.98 4.36 -17.94
CA GLN K 372 105.35 3.27 -17.06
C GLN K 372 106.22 2.24 -17.76
N ALA K 373 106.10 2.14 -19.09
CA ALA K 373 106.95 1.23 -19.84
C ALA K 373 108.39 1.72 -19.93
N GLN K 374 108.62 3.04 -19.80
CA GLN K 374 109.99 3.54 -19.86
C GLN K 374 110.82 3.07 -18.68
N GLU K 375 110.24 3.06 -17.48
CA GLU K 375 110.87 2.44 -16.31
C GLU K 375 109.88 1.43 -15.74
N PRO K 376 110.17 0.13 -15.88
CA PRO K 376 109.15 -0.88 -15.53
C PRO K 376 108.80 -0.91 -14.04
N ASN K 377 109.79 -0.74 -13.15
CA ASN K 377 109.56 -0.86 -11.72
C ASN K 377 110.16 0.33 -11.00
N VAL K 378 109.89 1.54 -11.49
CA VAL K 378 110.35 2.75 -10.82
C VAL K 378 109.64 2.88 -9.48
N LYS K 379 110.37 3.41 -8.50
CA LYS K 379 109.83 3.59 -7.14
C LYS K 379 108.84 4.76 -7.18
N GLU K 380 107.60 4.44 -7.55
CA GLU K 380 106.56 5.45 -7.70
C GLU K 380 105.93 5.74 -6.34
N THR K 381 105.95 7.00 -5.93
CA THR K 381 105.28 7.42 -4.71
C THR K 381 103.80 7.65 -4.99
N TYR K 382 103.05 7.91 -3.92
CA TYR K 382 101.61 8.07 -4.01
C TYR K 382 101.19 9.38 -3.36
N ASP K 383 100.09 9.95 -3.85
CA ASP K 383 99.57 11.21 -3.38
C ASP K 383 98.67 10.99 -2.16
N SER K 384 98.09 12.08 -1.66
CA SER K 384 97.20 11.99 -0.51
C SER K 384 95.83 11.41 -0.89
N SER K 385 95.45 11.52 -2.16
CA SER K 385 94.15 11.02 -2.60
C SER K 385 94.11 9.50 -2.71
N SER K 386 95.26 8.81 -2.63
CA SER K 386 95.31 7.37 -2.77
C SER K 386 95.15 6.63 -1.45
N LEU K 387 95.10 7.34 -0.33
CA LEU K 387 94.96 6.72 0.99
C LEU K 387 93.61 6.03 1.20
N PRO K 388 92.49 6.53 0.66
CA PRO K 388 91.26 5.75 0.76
C PRO K 388 91.36 4.37 0.12
N ALA K 389 91.91 4.29 -1.09
CA ALA K 389 92.06 2.98 -1.74
C ALA K 389 93.08 2.12 -1.00
N LEU K 390 94.12 2.73 -0.45
CA LEU K 390 95.09 1.98 0.34
C LEU K 390 94.44 1.39 1.58
N LEU K 391 93.57 2.17 2.24
CA LEU K 391 92.86 1.67 3.41
C LEU K 391 91.86 0.58 3.04
N PHE K 392 91.21 0.71 1.90
CA PHE K 392 90.30 -0.36 1.46
C PHE K 392 91.07 -1.60 1.02
N LYS K 393 92.33 -1.46 0.64
CA LYS K 393 93.16 -2.64 0.38
C LYS K 393 93.64 -3.28 1.67
N ALA K 394 93.96 -2.47 2.69
CA ALA K 394 94.31 -2.97 4.01
C ALA K 394 93.09 -3.45 4.79
N ARG K 395 91.89 -3.21 4.28
CA ARG K 395 90.67 -3.73 4.90
C ARG K 395 90.78 -5.24 5.12
N THR K 396 91.01 -5.99 4.04
CA THR K 396 91.19 -7.43 4.19
C THR K 396 92.43 -7.77 4.99
N LEU K 397 93.47 -6.94 4.91
CA LEU K 397 94.67 -7.18 5.70
C LEU K 397 94.35 -7.24 7.18
N LEU K 398 93.61 -6.25 7.68
CA LEU K 398 93.27 -6.20 9.10
C LEU K 398 92.03 -7.03 9.45
N GLY K 399 91.27 -7.49 8.46
CA GLY K 399 90.15 -8.37 8.69
C GLY K 399 90.41 -9.83 8.36
N ALA K 400 91.66 -10.21 8.10
CA ALA K 400 92.00 -11.62 7.94
C ALA K 400 91.52 -12.46 9.11
N GLU K 401 91.44 -11.88 10.31
CA GLU K 401 90.92 -12.63 11.46
C GLU K 401 89.46 -13.03 11.23
N SER K 402 88.62 -12.07 10.84
CA SER K 402 87.23 -12.39 10.53
C SER K 402 87.13 -13.29 9.31
N HIS K 403 88.07 -13.18 8.37
CA HIS K 403 88.05 -14.04 7.19
C HIS K 403 88.31 -15.50 7.57
N LEU K 404 89.29 -15.74 8.46
CA LEU K 404 89.51 -17.10 8.96
C LEU K 404 88.35 -17.57 9.81
N ARG K 405 87.72 -16.67 10.57
CA ARG K 405 86.49 -17.05 11.28
C ARG K 405 85.43 -17.54 10.30
N ASN K 406 85.25 -16.81 9.20
CA ASN K 406 84.26 -17.18 8.19
C ASN K 406 84.60 -18.53 7.56
N ILE K 407 85.87 -18.75 7.21
CA ILE K 407 86.22 -20.01 6.57
C ILE K 407 86.10 -21.17 7.55
N ASN K 408 86.36 -20.93 8.84
CA ASN K 408 86.15 -21.99 9.82
C ASN K 408 84.66 -22.33 9.95
N HIS K 409 83.82 -21.31 10.01
CA HIS K 409 82.38 -21.54 10.09
C HIS K 409 81.90 -22.33 8.88
N GLN K 410 82.30 -21.91 7.68
CA GLN K 410 81.90 -22.60 6.47
C GLN K 410 82.55 -23.97 6.32
N LEU K 411 83.71 -24.19 6.93
CA LEU K 411 84.33 -25.52 6.86
C LEU K 411 83.59 -26.50 7.76
N GLU K 412 83.19 -26.06 8.95
CA GLU K 412 82.29 -26.89 9.75
C GLU K 412 80.98 -27.14 9.02
N LYS K 413 80.42 -26.10 8.40
CA LYS K 413 79.20 -26.27 7.61
C LYS K 413 79.37 -27.32 6.53
N LEU K 414 80.55 -27.34 5.89
CA LEU K 414 80.83 -28.35 4.88
C LEU K 414 80.94 -29.74 5.50
N LEU K 415 81.73 -29.87 6.56
CA LEU K 415 81.96 -31.16 7.19
C LEU K 415 80.83 -31.60 8.11
N ASP K 416 79.67 -30.95 8.05
CA ASP K 416 78.50 -31.46 8.77
C ASP K 416 78.07 -32.86 8.34
N GLN K 417 78.72 -33.46 7.35
CA GLN K 417 78.38 -34.82 6.92
C GLN K 417 78.33 -35.80 8.09
N ASP L 84 100.99 -33.05 -2.08
CA ASP L 84 100.02 -32.17 -1.43
C ASP L 84 100.71 -30.91 -0.93
N GLU L 85 100.68 -29.85 -1.73
CA GLU L 85 101.32 -28.59 -1.39
C GLU L 85 100.52 -27.76 -0.39
N PHE L 86 99.28 -28.16 -0.08
CA PHE L 86 98.51 -27.45 0.93
C PHE L 86 99.17 -27.57 2.30
N MET L 87 99.73 -28.73 2.60
CA MET L 87 100.45 -28.93 3.86
C MET L 87 101.57 -27.90 4.01
N MET L 88 102.42 -27.77 2.99
CA MET L 88 103.56 -26.88 3.10
C MET L 88 103.16 -25.41 3.04
N LEU L 89 102.11 -25.05 2.27
CA LEU L 89 101.68 -23.65 2.29
C LEU L 89 101.10 -23.29 3.65
N LEU L 90 100.35 -24.21 4.27
CA LEU L 90 99.88 -23.99 5.64
C LEU L 90 101.05 -23.87 6.61
N SER L 91 102.07 -24.72 6.45
CA SER L 91 103.22 -24.67 7.34
C SER L 91 103.91 -23.31 7.24
N LYS L 92 104.13 -22.84 6.01
CA LYS L 92 104.86 -21.58 5.86
C LYS L 92 104.02 -20.39 6.31
N VAL L 93 102.70 -20.42 6.12
CA VAL L 93 101.91 -19.30 6.64
C VAL L 93 101.86 -19.34 8.17
N GLU L 94 101.90 -20.53 8.77
CA GLU L 94 101.97 -20.60 10.21
C GLU L 94 103.29 -20.06 10.75
N LYS L 95 104.40 -20.38 10.10
CA LYS L 95 105.68 -19.77 10.49
C LYS L 95 105.65 -18.26 10.27
N LEU L 96 104.97 -17.81 9.21
CA LEU L 96 104.91 -16.40 8.89
C LEU L 96 103.98 -15.62 9.81
N SER L 97 103.12 -16.33 10.55
CA SER L 97 102.19 -15.68 11.47
C SER L 97 102.93 -14.84 12.52
N GLU L 98 104.02 -15.37 13.06
CA GLU L 98 104.75 -14.62 14.08
C GLU L 98 105.23 -13.28 13.53
N GLU L 99 105.91 -13.30 12.38
CA GLU L 99 106.45 -12.07 11.82
C GLU L 99 105.37 -11.13 11.30
N ILE L 100 104.23 -11.64 10.86
CA ILE L 100 103.18 -10.70 10.47
C ILE L 100 102.59 -10.03 11.70
N MET L 101 102.46 -10.77 12.81
CA MET L 101 102.06 -10.11 14.06
C MET L 101 103.08 -9.07 14.48
N GLU L 102 104.37 -9.35 14.31
CA GLU L 102 105.40 -8.35 14.64
C GLU L 102 105.21 -7.09 13.79
N ILE L 103 105.13 -7.24 12.47
CA ILE L 103 105.02 -6.06 11.60
C ILE L 103 103.69 -5.35 11.79
N MET L 104 102.69 -6.02 12.37
CA MET L 104 101.49 -5.29 12.79
C MET L 104 101.74 -4.50 14.06
N GLN L 105 102.44 -5.08 15.04
CA GLN L 105 102.76 -4.34 16.26
C GLN L 105 103.91 -3.35 16.10
N ASN L 106 104.44 -3.19 14.88
CA ASN L 106 105.50 -2.20 14.67
C ASN L 106 105.05 -0.80 15.05
N LEU L 107 103.82 -0.42 14.74
CA LEU L 107 103.35 0.95 14.90
C LEU L 107 102.27 1.05 15.95
N SER L 108 102.11 2.24 16.52
CA SER L 108 101.04 2.56 17.44
C SER L 108 99.89 3.30 16.77
N SER L 109 100.05 3.72 15.52
CA SER L 109 98.97 4.43 14.84
C SER L 109 97.84 3.50 14.44
N ILE L 110 98.19 2.29 13.98
CA ILE L 110 97.18 1.30 13.65
C ILE L 110 96.43 0.88 14.90
N GLN L 111 97.11 0.84 16.05
CA GLN L 111 96.42 0.60 17.32
C GLN L 111 95.60 1.82 17.73
N ALA L 112 96.00 3.01 17.30
CA ALA L 112 95.28 4.22 17.68
C ALA L 112 93.98 4.36 16.89
N LEU L 113 93.96 3.94 15.63
CA LEU L 113 92.72 4.00 14.86
C LEU L 113 91.69 3.00 15.38
N GLU L 114 92.10 2.01 16.16
CA GLU L 114 91.17 1.11 16.80
C GLU L 114 90.31 1.86 17.81
N GLY L 115 89.16 1.26 18.15
CA GLY L 115 88.20 1.88 19.04
C GLY L 115 87.35 2.96 18.41
N SER L 116 87.75 3.50 17.27
CA SER L 116 86.99 4.51 16.54
C SER L 116 86.18 3.79 15.46
N ARG L 117 84.90 3.59 15.73
CA ARG L 117 84.02 2.92 14.77
C ARG L 117 83.85 3.72 13.48
N GLU L 118 84.24 5.00 13.48
CA GLU L 118 84.04 5.84 12.31
C GLU L 118 84.80 5.36 11.09
N LEU L 119 85.85 4.56 11.27
CA LEU L 119 86.50 3.89 10.14
C LEU L 119 86.07 2.44 9.99
N GLU L 120 85.66 1.80 11.09
CA GLU L 120 85.26 0.39 11.03
C GLU L 120 83.91 0.18 10.36
N ASN L 121 83.00 1.15 10.44
CA ASN L 121 81.76 1.06 9.67
C ASN L 121 81.98 1.37 8.20
N LEU L 122 83.04 2.10 7.88
CA LEU L 122 83.34 2.42 6.49
C LEU L 122 84.05 1.27 5.80
N ILE L 123 85.02 0.65 6.47
CA ILE L 123 85.67 -0.52 5.89
C ILE L 123 84.74 -1.72 5.89
N GLY L 124 83.75 -1.75 6.78
CA GLY L 124 82.70 -2.75 6.71
C GLY L 124 82.48 -3.59 7.96
N ILE L 125 83.54 -4.04 8.63
CA ILE L 125 83.34 -4.81 9.86
C ILE L 125 84.11 -4.21 11.02
N SER L 126 85.44 -4.25 10.95
CA SER L 126 86.32 -3.77 12.01
C SER L 126 87.76 -3.96 11.56
N CYS L 127 88.68 -3.35 12.30
CA CYS L 127 90.12 -3.46 12.05
C CYS L 127 90.80 -3.80 13.37
N ALA L 128 90.87 -5.10 13.69
CA ALA L 128 91.47 -5.54 14.95
C ALA L 128 91.81 -7.02 14.82
N SER L 129 93.10 -7.35 14.95
CA SER L 129 93.58 -8.73 14.89
C SER L 129 94.52 -8.96 16.06
N HIS L 130 93.96 -9.35 17.20
CA HIS L 130 94.75 -9.67 18.39
C HIS L 130 94.65 -11.13 18.82
N PHE L 131 93.52 -11.79 18.54
CA PHE L 131 93.35 -13.22 18.79
C PHE L 131 93.77 -14.06 17.60
N LEU L 132 94.66 -13.53 16.75
CA LEU L 132 95.05 -14.24 15.53
C LEU L 132 95.70 -15.58 15.85
N LYS L 133 96.35 -15.70 17.01
CA LYS L 133 96.88 -16.99 17.45
C LYS L 133 95.78 -18.05 17.46
N ARG L 134 94.67 -17.75 18.12
CA ARG L 134 93.57 -18.71 18.28
C ARG L 134 93.05 -19.17 16.93
N GLU L 135 92.75 -18.22 16.04
CA GLU L 135 92.13 -18.59 14.77
C GLU L 135 93.11 -19.33 13.87
N MET L 136 94.35 -18.86 13.77
CA MET L 136 95.31 -19.51 12.89
C MET L 136 95.76 -20.87 13.42
N GLN L 137 95.64 -21.12 14.72
CA GLN L 137 95.88 -22.46 15.24
C GLN L 137 94.63 -23.33 15.20
N LYS L 138 93.44 -22.72 15.13
CA LYS L 138 92.21 -23.51 15.04
C LYS L 138 91.95 -24.01 13.62
N THR L 139 92.33 -23.22 12.61
CA THR L 139 92.14 -23.67 11.23
C THR L 139 92.92 -24.95 10.93
N LYS L 140 93.93 -25.27 11.75
CA LYS L 140 94.81 -26.40 11.43
C LYS L 140 94.09 -27.74 11.53
N GLU L 141 93.39 -28.00 12.64
CA GLU L 141 92.70 -29.28 12.77
C GLU L 141 91.58 -29.41 11.74
N LEU L 142 90.90 -28.31 11.43
CA LEU L 142 89.85 -28.37 10.42
C LEU L 142 90.41 -28.66 9.03
N MET L 143 91.53 -28.04 8.66
CA MET L 143 92.11 -28.30 7.35
C MET L 143 92.66 -29.72 7.27
N THR L 144 93.20 -30.23 8.38
CA THR L 144 93.66 -31.61 8.39
C THR L 144 92.49 -32.58 8.22
N LYS L 145 91.37 -32.31 8.91
CA LYS L 145 90.16 -33.11 8.72
C LYS L 145 89.70 -33.05 7.26
N VAL L 146 89.82 -31.89 6.63
CA VAL L 146 89.46 -31.76 5.22
C VAL L 146 90.35 -32.65 4.36
N ASN L 147 91.67 -32.58 4.58
CA ASN L 147 92.59 -33.42 3.79
C ASN L 147 92.42 -34.90 4.07
N LYS L 148 91.89 -35.27 5.24
CA LYS L 148 91.60 -36.69 5.47
C LYS L 148 90.33 -37.12 4.76
N GLN L 149 89.25 -36.36 4.89
CA GLN L 149 87.96 -36.76 4.36
C GLN L 149 87.78 -36.35 2.89
N LYS L 150 88.54 -35.36 2.42
CA LYS L 150 88.45 -34.87 1.04
C LYS L 150 87.05 -34.37 0.73
N LEU L 151 86.69 -33.29 1.45
CA LEU L 151 85.39 -32.64 1.29
C LEU L 151 85.17 -32.06 -0.10
N PHE L 152 86.18 -32.07 -0.96
CA PHE L 152 86.04 -31.56 -2.32
C PHE L 152 86.18 -32.69 -3.33
N ASP L 167 58.01 -13.04 -17.77
CA ASP L 167 57.39 -12.13 -16.82
C ASP L 167 56.89 -12.86 -15.56
N SER L 168 55.74 -12.42 -15.05
CA SER L 168 55.16 -13.00 -13.84
C SER L 168 54.30 -14.21 -14.14
N TYR L 169 53.60 -14.22 -15.27
CA TYR L 169 52.69 -15.33 -15.59
C TYR L 169 53.45 -16.63 -15.75
N GLU L 170 54.53 -16.61 -16.54
CA GLU L 170 55.31 -17.83 -16.76
C GLU L 170 56.03 -18.27 -15.49
N PHE L 171 56.54 -17.32 -14.71
CA PHE L 171 57.20 -17.66 -13.46
C PHE L 171 56.22 -18.28 -12.48
N LEU L 172 54.96 -17.84 -12.49
CA LEU L 172 53.96 -18.41 -11.60
C LEU L 172 53.50 -19.78 -12.09
N LYS L 173 53.35 -19.93 -13.41
CA LYS L 173 52.92 -21.21 -13.98
C LYS L 173 54.00 -22.28 -13.87
N ALA L 174 55.28 -21.91 -13.87
CA ALA L 174 56.36 -22.88 -13.73
C ALA L 174 56.46 -23.47 -12.33
N ILE L 175 55.60 -23.06 -11.40
CA ILE L 175 55.62 -23.55 -10.03
C ILE L 175 54.48 -24.53 -9.76
N LEU L 176 53.27 -24.21 -10.23
CA LEU L 176 52.12 -25.07 -9.98
C LEU L 176 52.26 -26.43 -10.65
N ASN L 177 53.12 -26.56 -11.65
CA ASN L 177 53.34 -27.84 -12.32
C ASN L 177 54.13 -28.80 -11.43
N ARG M 450 -17.19 9.85 46.60
CA ARG M 450 -17.61 11.03 47.35
C ARG M 450 -17.24 12.32 46.62
N PRO M 451 -18.08 12.70 45.65
CA PRO M 451 -17.80 13.92 44.89
C PRO M 451 -18.17 15.18 45.65
N ARG M 452 -17.48 16.27 45.31
CA ARG M 452 -17.72 17.56 45.93
C ARG M 452 -17.65 18.63 44.86
N GLN M 453 -18.74 19.38 44.67
CA GLN M 453 -18.83 20.42 43.67
C GLN M 453 -19.33 21.70 44.30
N ASP M 454 -18.58 22.79 44.13
CA ASP M 454 -19.02 24.07 44.64
C ASP M 454 -20.10 24.66 43.71
N PRO M 455 -21.03 25.46 44.27
CA PRO M 455 -22.10 26.01 43.43
C PRO M 455 -21.61 26.85 42.26
N HIS M 456 -20.45 27.50 42.41
CA HIS M 456 -19.94 28.35 41.33
C HIS M 456 -19.61 27.54 40.10
N LYS M 457 -18.84 26.46 40.25
CA LYS M 457 -18.51 25.61 39.12
C LYS M 457 -19.75 24.91 38.58
N ALA M 458 -20.67 24.51 39.46
CA ALA M 458 -21.90 23.88 39.02
C ALA M 458 -22.75 24.83 38.19
N GLY M 459 -22.70 26.13 38.48
CA GLY M 459 -23.42 27.11 37.70
C GLY M 459 -22.73 27.43 36.39
N LEU M 460 -21.40 27.49 36.41
CA LEU M 460 -20.64 27.82 35.21
C LEU M 460 -20.56 26.66 34.23
N SER M 461 -20.77 25.42 34.69
CA SER M 461 -20.67 24.27 33.80
C SER M 461 -21.71 24.31 32.70
N HIS M 462 -22.89 24.87 32.98
CA HIS M 462 -23.93 24.99 31.96
C HIS M 462 -23.45 25.84 30.79
N TYR M 463 -22.91 27.03 31.09
CA TYR M 463 -22.42 27.89 30.03
C TYR M 463 -21.16 27.32 29.37
N VAL M 464 -20.34 26.58 30.12
CA VAL M 464 -19.18 25.94 29.52
C VAL M 464 -19.61 24.90 28.50
N LYS M 465 -20.61 24.08 28.83
CA LYS M 465 -21.11 23.09 27.89
C LYS M 465 -21.82 23.74 26.72
N LEU M 466 -22.51 24.87 26.94
CA LEU M 466 -23.10 25.60 25.83
C LEU M 466 -22.03 26.12 24.88
N PHE M 467 -20.93 26.64 25.44
CA PHE M 467 -19.80 27.06 24.61
C PHE M 467 -19.23 25.90 23.81
N SER M 468 -19.06 24.75 24.46
CA SER M 468 -18.52 23.58 23.77
C SER M 468 -19.45 23.11 22.66
N PHE M 469 -20.76 23.27 22.85
CA PHE M 469 -21.71 22.88 21.81
C PHE M 469 -21.72 23.87 20.66
N TYR M 470 -21.61 25.17 20.96
CA TYR M 470 -21.60 26.18 19.92
C TYR M 470 -20.29 26.22 19.15
N ALA M 471 -19.20 25.71 19.74
CA ALA M 471 -17.91 25.74 19.06
C ALA M 471 -17.87 24.83 17.85
N LYS M 472 -18.54 23.67 17.92
CA LYS M 472 -18.58 22.70 16.82
C LYS M 472 -17.19 22.23 16.42
N MET M 473 -16.24 22.29 17.35
CA MET M 473 -14.86 21.88 17.11
C MET M 473 -14.32 21.26 18.39
N PRO M 474 -13.40 20.30 18.28
CA PRO M 474 -12.76 19.76 19.49
C PRO M 474 -11.95 20.83 20.21
N MET M 475 -12.08 20.87 21.54
CA MET M 475 -11.46 21.89 22.36
C MET M 475 -10.62 21.26 23.45
N GLU M 476 -9.46 21.83 23.70
CA GLU M 476 -8.59 21.34 24.76
C GLU M 476 -9.19 21.66 26.13
N ARG M 477 -8.82 20.84 27.12
CA ARG M 477 -9.35 21.02 28.46
C ARG M 477 -8.84 22.30 29.11
N LYS M 478 -7.68 22.80 28.68
CA LYS M 478 -7.10 24.00 29.26
C LYS M 478 -7.93 25.25 28.97
N ALA M 479 -8.90 25.18 28.06
CA ALA M 479 -9.73 26.33 27.74
C ALA M 479 -10.94 26.48 28.66
N LEU M 480 -11.26 25.45 29.45
CA LEU M 480 -12.43 25.51 30.31
C LEU M 480 -12.27 26.57 31.40
N GLU M 481 -11.14 26.55 32.10
CA GLU M 481 -10.90 27.55 33.14
C GLU M 481 -10.80 28.95 32.54
N MET M 482 -10.25 29.05 31.32
CA MET M 482 -10.20 30.35 30.64
C MET M 482 -11.60 30.88 30.38
N VAL M 483 -12.48 30.02 29.86
CA VAL M 483 -13.86 30.43 29.60
C VAL M 483 -14.56 30.80 30.91
N GLU M 484 -14.27 30.07 31.98
CA GLU M 484 -14.87 30.39 33.28
C GLU M 484 -14.41 31.75 33.78
N LYS M 485 -13.12 32.07 33.63
CA LYS M 485 -12.63 33.37 34.06
C LYS M 485 -13.20 34.50 33.22
N CYS M 486 -13.32 34.29 31.91
CA CYS M 486 -13.96 35.30 31.06
C CYS M 486 -15.42 35.49 31.45
N LEU M 487 -16.11 34.41 31.81
CA LEU M 487 -17.50 34.52 32.25
C LEU M 487 -17.59 35.31 33.56
N ASP M 488 -16.66 35.07 34.48
CA ASP M 488 -16.66 35.83 35.73
C ASP M 488 -16.42 37.31 35.47
N LYS M 489 -15.45 37.64 34.61
CA LYS M 489 -15.19 39.04 34.31
C LYS M 489 -16.40 39.69 33.62
N TYR M 490 -17.05 38.95 32.71
CA TYR M 490 -18.23 39.46 32.04
C TYR M 490 -19.36 39.71 33.02
N PHE M 491 -19.55 38.80 33.98
CA PHE M 491 -20.59 39.00 34.99
C PHE M 491 -20.30 40.21 35.87
N GLN M 492 -19.02 40.40 36.23
CA GLN M 492 -18.65 41.58 37.00
C GLN M 492 -18.96 42.86 36.23
N HIS M 493 -18.53 42.93 34.97
CA HIS M 493 -18.80 44.12 34.17
C HIS M 493 -20.30 44.33 33.94
N LEU M 494 -21.05 43.25 33.78
CA LEU M 494 -22.50 43.36 33.61
C LEU M 494 -23.15 43.92 34.87
N CYS M 495 -22.74 43.43 36.04
CA CYS M 495 -23.28 43.95 37.29
C CYS M 495 -22.95 45.43 37.46
N ASP M 496 -21.71 45.82 37.12
CA ASP M 496 -21.33 47.22 37.25
C ASP M 496 -22.14 48.10 36.30
N ASP M 497 -22.33 47.65 35.05
CA ASP M 497 -23.10 48.43 34.08
C ASP M 497 -24.55 48.55 34.51
N LEU M 498 -25.14 47.46 35.00
CA LEU M 498 -26.52 47.53 35.50
C LEU M 498 -26.63 48.48 36.69
N GLU M 499 -25.64 48.45 37.58
CA GLU M 499 -25.64 49.35 38.73
C GLU M 499 -25.62 50.81 38.28
N VAL M 500 -24.69 51.15 37.38
CA VAL M 500 -24.58 52.56 36.98
C VAL M 500 -25.80 52.99 36.18
N PHE M 501 -26.37 52.09 35.36
CA PHE M 501 -27.57 52.44 34.62
C PHE M 501 -28.76 52.68 35.54
N ALA M 502 -28.93 51.81 36.54
CA ALA M 502 -30.01 52.00 37.50
C ALA M 502 -29.81 53.28 38.31
N ALA M 503 -28.55 53.59 38.65
CA ALA M 503 -28.28 54.82 39.39
C ALA M 503 -28.61 56.05 38.55
N HIS M 504 -28.25 56.04 37.26
CA HIS M 504 -28.58 57.15 36.39
C HIS M 504 -30.08 57.26 36.16
N ALA M 505 -30.79 56.12 36.15
CA ALA M 505 -32.23 56.14 35.93
C ALA M 505 -32.99 56.83 37.04
N GLY M 506 -32.42 56.88 38.25
CA GLY M 506 -33.07 57.52 39.37
C GLY M 506 -33.80 56.59 40.32
N ARG M 507 -33.69 55.28 40.12
CA ARG M 507 -34.36 54.30 40.98
C ARG M 507 -33.35 53.28 41.46
N LYS M 508 -33.71 52.56 42.52
CA LYS M 508 -32.85 51.55 43.11
C LYS M 508 -33.05 50.17 42.51
N THR M 509 -34.21 49.89 41.94
CA THR M 509 -34.50 48.59 41.36
C THR M 509 -34.09 48.55 39.88
N VAL M 510 -33.87 47.34 39.39
CA VAL M 510 -33.47 47.10 38.00
C VAL M 510 -34.72 46.72 37.21
N LYS M 511 -34.95 47.42 36.11
CA LYS M 511 -36.10 47.22 35.24
C LYS M 511 -35.65 46.72 33.88
N PRO M 512 -36.54 46.07 33.12
CA PRO M 512 -36.12 45.52 31.82
C PRO M 512 -35.68 46.58 30.81
N GLU M 513 -36.11 47.85 30.98
CA GLU M 513 -35.64 48.88 30.06
C GLU M 513 -34.16 49.15 30.23
N ASP M 514 -33.62 48.97 31.44
CA ASP M 514 -32.18 49.12 31.63
C ASP M 514 -31.41 48.06 30.87
N LEU M 515 -31.85 46.80 30.96
CA LEU M 515 -31.22 45.73 30.20
C LEU M 515 -31.38 45.93 28.70
N GLU M 516 -32.53 46.46 28.27
CA GLU M 516 -32.72 46.76 26.86
C GLU M 516 -31.75 47.84 26.39
N LEU M 517 -31.56 48.89 27.19
CA LEU M 517 -30.60 49.92 26.87
C LEU M 517 -29.18 49.37 26.80
N LEU M 518 -28.83 48.49 27.75
CA LEU M 518 -27.50 47.88 27.74
C LEU M 518 -27.28 47.03 26.51
N MET M 519 -28.27 46.20 26.14
CA MET M 519 -28.15 45.38 24.95
C MET M 519 -28.13 46.22 23.67
N ARG M 520 -28.80 47.38 23.69
CA ARG M 520 -28.73 48.28 22.55
C ARG M 520 -27.34 48.91 22.43
N ARG M 521 -26.74 49.27 23.55
CA ARG M 521 -25.36 49.78 23.52
C ARG M 521 -24.38 48.68 23.11
N GLN M 522 -24.71 47.43 23.40
CA GLN M 522 -23.87 46.30 22.99
C GLN M 522 -23.99 45.98 21.51
N GLY M 523 -24.97 46.54 20.82
CA GLY M 523 -25.17 46.27 19.40
C GLY M 523 -26.06 45.09 19.10
N LEU M 524 -26.73 44.51 20.10
CA LEU M 524 -27.57 43.34 19.89
C LEU M 524 -29.03 43.70 19.61
N VAL M 525 -29.57 44.70 20.32
CA VAL M 525 -30.97 45.09 20.18
C VAL M 525 -31.03 46.45 19.50
N THR M 526 -31.93 46.57 18.52
CA THR M 526 -32.16 47.81 17.81
C THR M 526 -33.65 48.13 17.84
N ASP M 527 -34.07 49.20 17.15
CA ASP M 527 -35.49 49.53 17.11
C ASP M 527 -36.26 48.52 16.25
N GLN M 528 -35.67 48.09 15.13
CA GLN M 528 -36.33 47.13 14.26
C GLN M 528 -36.27 45.73 14.86
N VAL M 529 -35.06 45.25 15.17
CA VAL M 529 -34.89 43.97 15.85
C VAL M 529 -34.97 44.22 17.35
N SER M 530 -36.18 44.11 17.90
CA SER M 530 -36.42 44.42 19.30
C SER M 530 -36.02 43.23 20.18
N LEU M 531 -36.31 43.32 21.48
CA LEU M 531 -35.97 42.23 22.39
C LEU M 531 -36.91 41.04 22.21
N HIS M 532 -38.14 41.28 21.77
CA HIS M 532 -39.09 40.19 21.58
C HIS M 532 -38.60 39.21 20.51
N VAL M 533 -37.95 39.71 19.47
CA VAL M 533 -37.43 38.83 18.42
C VAL M 533 -36.36 37.90 18.99
N LEU M 534 -35.44 38.46 19.78
CA LEU M 534 -34.40 37.64 20.39
C LEU M 534 -34.98 36.63 21.38
N VAL M 535 -36.00 37.04 22.13
CA VAL M 535 -36.65 36.12 23.06
C VAL M 535 -37.29 34.96 22.31
N GLU M 536 -37.97 35.26 21.20
CA GLU M 536 -38.57 34.20 20.39
C GLU M 536 -37.52 33.31 19.75
N ARG M 537 -36.37 33.87 19.40
CA ARG M 537 -35.35 33.09 18.71
C ARG M 537 -34.57 32.18 19.65
N HIS M 538 -34.25 32.66 20.85
CA HIS M 538 -33.30 31.97 21.72
C HIS M 538 -33.90 31.41 22.99
N LEU M 539 -35.19 31.62 23.25
CA LEU M 539 -35.74 31.15 24.51
C LEU M 539 -36.91 30.21 24.29
N PRO M 540 -37.08 29.22 25.17
CA PRO M 540 -38.20 28.27 25.03
C PRO M 540 -39.55 28.90 25.33
N LEU M 541 -40.61 28.08 25.31
CA LEU M 541 -41.96 28.59 25.49
C LEU M 541 -42.24 28.97 26.94
N GLU M 542 -41.69 28.23 27.90
CA GLU M 542 -41.98 28.51 29.31
C GLU M 542 -41.48 29.89 29.72
N TYR M 543 -40.42 30.38 29.09
CA TYR M 543 -39.92 31.72 29.37
C TYR M 543 -40.60 32.77 28.52
N ARG M 544 -40.98 32.43 27.28
CA ARG M 544 -41.72 33.36 26.44
C ARG M 544 -43.09 33.68 27.03
N GLN M 545 -43.71 32.71 27.71
CA GLN M 545 -44.99 32.96 28.36
C GLN M 545 -44.86 33.97 29.49
N LEU M 546 -43.68 34.07 30.10
CA LEU M 546 -43.46 35.00 31.20
C LEU M 546 -42.92 36.34 30.73
N LEU M 547 -42.21 36.38 29.60
CA LEU M 547 -41.58 37.62 29.14
C LEU M 547 -42.48 38.40 28.19
N ILE M 548 -42.87 37.80 27.09
CA ILE M 548 -43.62 38.50 26.05
C ILE M 548 -45.10 38.49 26.42
N PRO M 549 -45.79 39.64 26.38
CA PRO M 549 -47.22 39.65 26.71
C PRO M 549 -48.06 39.02 25.61
N CYS M 550 -49.12 38.33 26.01
CA CYS M 550 -50.03 37.68 25.08
C CYS M 550 -51.46 37.80 25.57
N ALA M 551 -52.40 37.91 24.64
CA ALA M 551 -53.81 38.06 24.96
C ALA M 551 -54.57 36.79 24.61
N TYR M 552 -55.57 36.48 25.44
CA TYR M 552 -56.39 35.29 25.26
C TYR M 552 -57.62 35.40 26.15
N SER M 553 -58.66 34.66 25.78
CA SER M 553 -59.86 34.48 26.59
C SER M 553 -60.50 35.81 26.98
N GLY M 554 -60.96 36.53 25.96
CA GLY M 554 -61.65 37.79 26.20
C GLY M 554 -60.70 38.95 26.43
N ASN M 555 -59.65 39.05 25.61
CA ASN M 555 -58.68 40.13 25.67
C ASN M 555 -57.92 40.16 27.01
N SER M 556 -57.86 39.02 27.69
CA SER M 556 -57.08 38.91 28.92
C SER M 556 -55.61 38.86 28.55
N VAL M 557 -54.86 39.88 28.93
CA VAL M 557 -53.46 40.05 28.53
C VAL M 557 -52.57 39.70 29.72
N PHE M 558 -51.54 38.88 29.48
CA PHE M 558 -50.59 38.49 30.51
C PHE M 558 -49.21 38.33 29.87
N PRO M 559 -48.18 38.97 30.42
CA PRO M 559 -48.27 39.92 31.55
C PRO M 559 -48.87 41.26 31.14
N ALA M 560 -49.26 42.08 32.11
CA ALA M 560 -49.91 43.35 31.83
C ALA M 560 -48.91 44.31 31.20
N GLN M 561 -49.06 44.56 29.90
CA GLN M 561 -48.19 45.47 29.18
C GLN M 561 -49.00 46.41 28.28
N MET N 1 -9.68 9.05 22.80
CA MET N 1 -9.47 10.49 22.89
C MET N 1 -8.72 10.85 24.17
N ALA N 2 -7.69 11.67 24.05
CA ALA N 2 -6.93 12.09 25.22
C ALA N 2 -7.81 12.90 26.16
N LEU N 3 -7.50 12.80 27.46
CA LEU N 3 -8.27 13.55 28.45
C LEU N 3 -8.10 15.06 28.29
N SER N 4 -7.02 15.50 27.63
CA SER N 4 -6.81 16.92 27.41
C SER N 4 -7.74 17.49 26.35
N THR N 5 -8.17 16.67 25.39
CA THR N 5 -9.03 17.11 24.30
C THR N 5 -10.45 16.64 24.54
N ILE N 6 -11.41 17.53 24.31
CA ILE N 6 -12.83 17.25 24.49
C ILE N 6 -13.52 17.41 23.15
N VAL N 7 -14.26 16.38 22.73
CA VAL N 7 -14.99 16.42 21.47
C VAL N 7 -16.24 17.27 21.63
N SER N 8 -16.68 17.88 20.53
CA SER N 8 -17.86 18.73 20.56
C SER N 8 -19.09 17.93 20.96
N GLN N 9 -19.98 18.55 21.73
CA GLN N 9 -21.21 17.90 22.17
C GLN N 9 -22.16 17.74 20.99
N ARG N 10 -22.50 16.49 20.67
CA ARG N 10 -23.43 16.25 19.58
C ARG N 10 -24.85 16.67 19.95
N LYS N 11 -25.24 16.45 21.21
CA LYS N 11 -26.56 16.83 21.70
C LYS N 11 -26.42 17.93 22.74
N GLN N 12 -27.27 18.95 22.63
CA GLN N 12 -27.25 20.05 23.57
C GLN N 12 -28.05 19.70 24.82
N ILE N 13 -27.53 20.14 25.97
CA ILE N 13 -28.26 19.91 27.23
C ILE N 13 -29.57 20.69 27.20
N LYS N 14 -30.44 20.36 28.15
CA LYS N 14 -31.74 21.01 28.24
C LYS N 14 -31.58 22.52 28.38
N ARG N 15 -32.51 23.25 27.79
CA ARG N 15 -32.46 24.71 27.76
C ARG N 15 -32.93 25.35 29.07
N LYS N 16 -33.01 24.58 30.15
CA LYS N 16 -33.37 25.15 31.45
C LYS N 16 -32.24 26.03 31.97
N ALA N 17 -32.62 27.20 32.49
CA ALA N 17 -31.60 28.14 32.96
C ALA N 17 -31.46 28.08 34.48
N PRO N 18 -30.23 28.15 34.98
CA PRO N 18 -30.00 28.16 36.45
C PRO N 18 -30.32 29.52 37.07
N ARG N 19 -31.61 29.72 37.35
CA ARG N 19 -32.06 31.00 37.89
C ARG N 19 -31.53 31.22 39.30
N GLY N 20 -31.46 30.16 40.11
CA GLY N 20 -30.97 30.32 41.47
C GLY N 20 -29.53 30.75 41.52
N PHE N 21 -28.69 30.19 40.64
CA PHE N 21 -27.29 30.58 40.60
C PHE N 21 -27.14 32.05 40.23
N LEU N 22 -27.89 32.51 39.23
CA LEU N 22 -27.82 33.91 38.83
C LEU N 22 -28.31 34.83 39.94
N LYS N 23 -29.38 34.44 40.63
CA LYS N 23 -29.88 35.24 41.75
C LYS N 23 -28.83 35.32 42.87
N ARG N 24 -28.21 34.20 43.21
CA ARG N 24 -27.20 34.20 44.26
C ARG N 24 -25.99 35.04 43.87
N VAL N 25 -25.60 34.98 42.59
CA VAL N 25 -24.47 35.79 42.12
C VAL N 25 -24.80 37.27 42.21
N PHE N 26 -25.97 37.66 41.72
CA PHE N 26 -26.37 39.07 41.77
C PHE N 26 -26.54 39.55 43.20
N LYS N 27 -26.88 38.66 44.12
CA LYS N 27 -27.02 39.05 45.52
C LYS N 27 -25.66 39.21 46.18
N ARG N 28 -24.73 38.28 45.93
CA ARG N 28 -23.42 38.36 46.55
C ARG N 28 -22.55 39.46 45.94
N LYS N 29 -22.83 39.86 44.70
CA LYS N 29 -22.05 40.94 44.09
C LYS N 29 -22.54 42.30 44.58
N LYS N 30 -23.81 42.61 44.34
CA LYS N 30 -24.42 43.89 44.74
C LYS N 30 -25.61 43.59 45.64
N PRO N 31 -25.39 43.45 46.95
CA PRO N 31 -26.52 43.12 47.85
C PRO N 31 -27.44 44.29 48.11
N GLN N 32 -27.01 45.53 47.82
CA GLN N 32 -27.85 46.69 48.10
C GLN N 32 -29.00 46.85 47.11
N LEU N 33 -28.90 46.24 45.93
CA LEU N 33 -29.94 46.35 44.91
C LEU N 33 -30.85 45.12 44.95
N ARG N 34 -32.03 45.27 44.35
CA ARG N 34 -33.02 44.21 44.27
C ARG N 34 -33.42 44.00 42.83
N LEU N 35 -33.31 42.77 42.35
CA LEU N 35 -33.69 42.42 40.99
C LEU N 35 -35.21 42.24 40.89
N GLU N 36 -35.73 42.46 39.69
CA GLU N 36 -37.16 42.38 39.46
C GLU N 36 -37.59 40.92 39.33
N LYS N 37 -38.82 40.70 38.84
CA LYS N 37 -39.40 39.37 38.86
C LYS N 37 -38.66 38.42 37.93
N SER N 38 -38.45 38.82 36.67
CA SER N 38 -37.86 37.95 35.67
C SER N 38 -36.63 38.58 35.03
N GLY N 39 -35.86 39.35 35.80
CA GLY N 39 -34.63 39.90 35.27
C GLY N 39 -33.56 38.84 35.05
N ASP N 40 -33.61 37.76 35.82
CA ASP N 40 -32.64 36.68 35.66
C ASP N 40 -32.77 36.04 34.28
N LEU N 41 -33.98 36.02 33.71
CA LEU N 41 -34.14 35.48 32.36
C LEU N 41 -33.44 36.34 31.32
N LEU N 42 -33.55 37.66 31.46
CA LEU N 42 -32.85 38.56 30.55
C LEU N 42 -31.34 38.46 30.73
N VAL N 43 -30.89 38.30 31.98
CA VAL N 43 -29.46 38.10 32.22
C VAL N 43 -28.99 36.81 31.55
N HIS N 44 -29.80 35.75 31.64
CA HIS N 44 -29.46 34.49 30.99
C HIS N 44 -29.41 34.65 29.48
N LEU N 45 -30.34 35.40 28.90
CA LEU N 45 -30.32 35.64 27.46
C LEU N 45 -29.07 36.40 27.04
N ASN N 46 -28.71 37.44 27.80
CA ASN N 46 -27.49 38.18 27.51
C ASN N 46 -26.26 37.29 27.61
N CYS N 47 -26.24 36.39 28.60
CA CYS N 47 -25.12 35.46 28.73
C CYS N 47 -25.07 34.49 27.56
N LEU N 48 -26.23 34.03 27.10
CA LEU N 48 -26.27 33.15 25.93
C LEU N 48 -25.69 33.85 24.71
N LEU N 49 -26.08 35.11 24.48
CA LEU N 49 -25.57 35.85 23.34
C LEU N 49 -24.06 36.08 23.45
N PHE N 50 -23.59 36.41 24.66
CA PHE N 50 -22.15 36.60 24.87
C PHE N 50 -21.39 35.30 24.59
N VAL N 51 -21.91 34.17 25.08
CA VAL N 51 -21.23 32.89 24.86
C VAL N 51 -21.22 32.54 23.39
N HIS N 52 -22.31 32.84 22.67
CA HIS N 52 -22.35 32.57 21.24
C HIS N 52 -21.31 33.40 20.49
N ARG N 53 -21.22 34.69 20.82
CA ARG N 53 -20.21 35.54 20.20
C ARG N 53 -18.80 35.03 20.48
N LEU N 54 -18.52 34.71 21.75
CA LEU N 54 -17.20 34.20 22.11
C LEU N 54 -16.90 32.90 21.39
N ALA N 55 -17.90 32.03 21.25
CA ALA N 55 -17.69 30.74 20.60
C ALA N 55 -17.35 30.92 19.12
N GLU N 56 -18.12 31.75 18.42
CA GLU N 56 -17.84 31.94 16.99
C GLU N 56 -16.49 32.63 16.78
N GLU N 57 -16.15 33.58 17.65
CA GLU N 57 -14.87 34.26 17.51
C GLU N 57 -13.71 33.31 17.78
N SER N 58 -13.81 32.50 18.82
CA SER N 58 -12.76 31.52 19.10
C SER N 58 -12.65 30.50 17.98
N ARG N 59 -13.78 30.10 17.39
CA ARG N 59 -13.76 29.13 16.31
C ARG N 59 -13.05 29.70 15.08
N THR N 60 -13.38 30.93 14.70
CA THR N 60 -12.72 31.50 13.52
C THR N 60 -11.25 31.80 13.80
N ASN N 61 -10.91 32.18 15.02
CA ASN N 61 -9.50 32.42 15.36
C ASN N 61 -8.71 31.12 15.34
N ALA N 62 -9.31 30.02 15.79
CA ALA N 62 -8.61 28.74 15.78
C ALA N 62 -8.48 28.19 14.37
N CYS N 63 -9.51 28.35 13.55
CA CYS N 63 -9.45 27.86 12.17
C CYS N 63 -8.57 28.73 11.28
N ALA N 64 -8.37 30.00 11.63
CA ALA N 64 -7.52 30.88 10.85
C ALA N 64 -6.05 30.82 11.26
N SER N 65 -5.74 30.30 12.44
CA SER N 65 -4.38 30.27 12.95
C SER N 65 -3.73 28.90 12.80
N LYS N 66 -4.11 28.15 11.77
CA LYS N 66 -3.54 26.84 11.46
C LYS N 66 -3.70 25.88 12.64
N CYS N 67 -4.94 25.59 12.98
CA CYS N 67 -5.26 24.71 14.10
C CYS N 67 -6.62 24.05 13.87
N ARG N 68 -6.68 22.75 14.12
CA ARG N 68 -7.94 22.01 14.07
C ARG N 68 -8.57 21.82 15.45
N VAL N 69 -7.85 22.13 16.52
CA VAL N 69 -8.34 22.03 17.89
C VAL N 69 -8.18 23.38 18.55
N ILE N 70 -9.24 23.86 19.20
CA ILE N 70 -9.20 25.16 19.86
C ILE N 70 -8.21 25.12 21.01
N ASN N 71 -7.28 26.08 21.01
CA ASN N 71 -6.22 26.15 22.01
C ASN N 71 -6.52 27.29 22.99
N LYS N 72 -5.58 27.53 23.91
CA LYS N 72 -5.79 28.56 24.93
C LYS N 72 -5.58 29.96 24.37
N GLU N 73 -4.57 30.15 23.52
CA GLU N 73 -4.32 31.48 22.98
C GLU N 73 -5.43 31.95 22.06
N HIS N 74 -6.10 31.02 21.36
CA HIS N 74 -7.20 31.40 20.48
C HIS N 74 -8.34 32.01 21.29
N VAL N 75 -8.83 31.29 22.31
CA VAL N 75 -9.91 31.81 23.12
C VAL N 75 -9.45 33.03 23.91
N LEU N 76 -8.17 33.11 24.25
CA LEU N 76 -7.64 34.29 24.93
C LEU N 76 -7.76 35.53 24.05
N ALA N 77 -7.26 35.44 22.82
CA ALA N 77 -7.34 36.56 21.90
C ALA N 77 -8.79 36.89 21.53
N ALA N 78 -9.66 35.89 21.51
CA ALA N 78 -11.07 36.16 21.25
C ALA N 78 -11.70 36.91 22.42
N ALA N 79 -11.38 36.52 23.65
CA ALA N 79 -11.94 37.18 24.82
C ALA N 79 -11.43 38.61 24.93
N LYS N 80 -10.16 38.84 24.59
CA LYS N 80 -9.61 40.19 24.70
C LYS N 80 -10.36 41.22 23.87
N VAL N 81 -11.16 40.80 22.89
CA VAL N 81 -11.95 41.74 22.11
C VAL N 81 -13.42 41.60 22.46
N ILE N 82 -13.85 40.38 22.78
CA ILE N 82 -15.27 40.15 23.08
C ILE N 82 -15.66 40.82 24.39
N LEU N 83 -14.80 40.75 25.40
CA LEU N 83 -15.11 41.39 26.69
C LEU N 83 -15.16 42.90 26.54
N LYS N 84 -14.32 43.47 25.69
CA LYS N 84 -14.35 44.91 25.46
C LYS N 84 -15.58 45.33 24.65
N LYS N 85 -16.02 44.47 23.73
CA LYS N 85 -17.20 44.77 22.94
C LYS N 85 -18.50 44.56 23.71
N SER N 86 -18.49 43.71 24.74
CA SER N 86 -19.70 43.37 25.47
C SER N 86 -20.09 44.40 26.51
N ARG N 87 -19.21 45.35 26.84
CA ARG N 87 -19.50 46.37 27.82
C ARG N 87 -19.95 47.66 27.14
N GLY N 88 -20.78 48.42 27.84
CA GLY N 88 -21.29 49.68 27.30
C GLY N 88 -22.00 50.51 28.34
N MET O 1 -42.44 69.07 -7.36
CA MET O 1 -42.26 68.64 -5.97
C MET O 1 -40.93 67.91 -5.81
N GLU O 2 -40.59 67.07 -6.78
CA GLU O 2 -39.34 66.32 -6.71
C GLU O 2 -38.13 67.22 -6.97
N GLU O 3 -38.30 68.24 -7.82
CA GLU O 3 -37.20 69.14 -8.13
C GLU O 3 -36.80 69.96 -6.90
N GLU O 4 -37.79 70.49 -6.18
CA GLU O 4 -37.48 71.27 -4.99
C GLU O 4 -36.90 70.39 -3.89
N ALA O 5 -37.39 69.15 -3.77
CA ALA O 5 -36.82 68.21 -2.81
C ALA O 5 -35.36 67.91 -3.16
N GLU O 6 -35.07 67.74 -4.44
CA GLU O 6 -33.69 67.45 -4.84
C GLU O 6 -32.79 68.66 -4.64
N THR O 7 -33.31 69.87 -4.85
CA THR O 7 -32.50 71.06 -4.58
C THR O 7 -32.23 71.22 -3.10
N GLU O 8 -33.21 70.90 -2.26
CA GLU O 8 -32.97 70.90 -0.82
C GLU O 8 -31.97 69.83 -0.42
N GLU O 9 -32.03 68.66 -1.06
CA GLU O 9 -31.04 67.61 -0.80
C GLU O 9 -29.64 68.07 -1.18
N GLN O 10 -29.51 68.75 -2.32
CA GLN O 10 -28.21 69.25 -2.74
C GLN O 10 -27.72 70.39 -1.83
N GLN O 11 -28.65 71.20 -1.31
CA GLN O 11 -28.25 72.22 -0.34
C GLN O 11 -27.74 71.59 0.94
N ARG O 12 -28.41 70.54 1.42
CA ARG O 12 -27.92 69.81 2.59
C ARG O 12 -26.57 69.15 2.30
N PHE O 13 -26.38 68.69 1.07
CA PHE O 13 -25.10 68.08 0.69
C PHE O 13 -23.99 69.12 0.69
N SER O 14 -24.27 70.32 0.20
CA SER O 14 -23.28 71.40 0.24
C SER O 14 -22.98 71.81 1.67
N TYR O 15 -24.01 71.82 2.53
CA TYR O 15 -23.79 72.07 3.95
C TYR O 15 -22.87 71.02 4.56
N GLN O 16 -23.12 69.75 4.23
CA GLN O 16 -22.27 68.67 4.71
C GLN O 16 -20.85 68.81 4.19
N GLN O 17 -20.69 69.27 2.95
CA GLN O 17 -19.36 69.46 2.39
C GLN O 17 -18.62 70.60 3.09
N ARG O 18 -19.34 71.68 3.42
CA ARG O 18 -18.71 72.77 4.17
C ARG O 18 -18.29 72.30 5.56
N LEU O 19 -19.16 71.52 6.23
CA LEU O 19 -18.80 70.97 7.53
C LEU O 19 -17.59 70.05 7.42
N LYS O 20 -17.53 69.26 6.34
CA LYS O 20 -16.39 68.38 6.11
C LYS O 20 -15.11 69.20 5.93
N ALA O 21 -15.17 70.29 5.16
CA ALA O 21 -14.00 71.11 4.94
C ALA O 21 -13.54 71.76 6.24
N ALA O 22 -14.48 72.24 7.06
CA ALA O 22 -14.12 72.87 8.33
C ALA O 22 -13.48 71.86 9.28
N VAL O 23 -14.10 70.69 9.44
CA VAL O 23 -13.54 69.69 10.34
C VAL O 23 -12.20 69.17 9.79
N HIS O 24 -12.03 69.17 8.47
CA HIS O 24 -10.77 68.75 7.88
C HIS O 24 -9.67 69.77 8.18
N TYR O 25 -9.98 71.05 8.06
CA TYR O 25 -9.01 72.08 8.45
C TYR O 25 -8.64 71.94 9.93
N THR O 26 -9.63 71.69 10.79
CA THR O 26 -9.35 71.58 12.22
C THR O 26 -8.46 70.37 12.52
N VAL O 27 -8.80 69.20 11.95
CA VAL O 27 -8.00 68.01 12.22
C VAL O 27 -6.63 68.13 11.58
N GLY O 28 -6.52 68.84 10.46
CA GLY O 28 -5.20 69.08 9.89
C GLY O 28 -4.34 69.93 10.79
N CYS O 29 -4.92 71.00 11.35
CA CYS O 29 -4.20 71.82 12.31
C CYS O 29 -3.73 70.98 13.49
N LEU O 30 -4.62 70.17 14.06
CA LEU O 30 -4.26 69.35 15.22
C LEU O 30 -3.17 68.35 14.88
N CYS O 31 -3.33 67.62 13.77
CA CYS O 31 -2.37 66.58 13.41
C CYS O 31 -1.01 67.17 13.06
N GLU O 32 -0.99 68.30 12.36
CA GLU O 32 0.27 68.93 11.98
C GLU O 32 0.89 69.73 13.12
N GLU O 33 0.17 69.97 14.21
CA GLU O 33 0.82 70.50 15.39
C GLU O 33 1.29 69.40 16.34
N VAL O 34 0.73 68.19 16.24
CA VAL O 34 1.22 67.09 17.07
C VAL O 34 2.36 66.32 16.37
N ALA O 35 2.38 66.29 15.04
CA ALA O 35 3.39 65.51 14.33
C ALA O 35 4.78 66.11 14.50
N LEU O 36 4.89 67.44 14.41
CA LEU O 36 6.21 68.07 14.47
C LEU O 36 6.87 67.84 15.83
N ASP O 37 6.14 68.04 16.92
CA ASP O 37 6.71 67.77 18.24
C ASP O 37 6.63 66.30 18.62
N LYS O 38 6.10 65.44 17.76
CA LYS O 38 6.25 64.00 17.93
C LYS O 38 7.14 63.44 16.82
N GLU O 39 8.08 64.27 16.34
CA GLU O 39 9.23 63.93 15.50
C GLU O 39 8.86 63.10 14.27
N MET O 40 7.60 63.13 13.83
CA MET O 40 7.20 62.37 12.65
C MET O 40 6.41 63.27 11.72
N GLN O 41 6.26 62.82 10.47
CA GLN O 41 5.53 63.55 9.44
C GLN O 41 4.32 62.75 8.98
N PHE O 42 3.27 63.47 8.58
CA PHE O 42 2.01 62.85 8.20
C PHE O 42 1.76 63.01 6.70
N SER O 43 0.97 62.09 6.15
CA SER O 43 0.55 62.15 4.76
C SER O 43 -0.89 62.63 4.67
N LYS O 44 -1.21 63.28 3.55
CA LYS O 44 -2.52 63.91 3.39
C LYS O 44 -3.66 62.90 3.42
N GLN O 45 -3.41 61.68 2.93
CA GLN O 45 -4.44 60.65 2.96
C GLN O 45 -4.85 60.31 4.38
N THR O 46 -3.88 60.28 5.30
CA THR O 46 -4.21 60.03 6.70
C THR O 46 -5.04 61.16 7.29
N ILE O 47 -4.73 62.40 6.92
CA ILE O 47 -5.50 63.54 7.39
C ILE O 47 -6.94 63.44 6.91
N ALA O 48 -7.13 63.13 5.62
CA ALA O 48 -8.48 62.99 5.07
C ALA O 48 -9.22 61.85 5.74
N ALA O 49 -8.53 60.73 5.99
CA ALA O 49 -9.17 59.59 6.64
C ALA O 49 -9.63 59.95 8.06
N ILE O 50 -8.75 60.60 8.83
CA ILE O 50 -9.13 60.97 10.19
C ILE O 50 -10.28 61.98 10.17
N SER O 51 -10.28 62.90 9.19
CA SER O 51 -11.37 63.85 9.06
C SER O 51 -12.69 63.12 8.83
N GLU O 52 -12.72 62.24 7.83
CA GLU O 52 -13.95 61.51 7.51
C GLU O 52 -14.41 60.68 8.70
N LEU O 53 -13.48 60.03 9.40
CA LEU O 53 -13.87 59.16 10.51
C LEU O 53 -14.38 59.96 11.70
N THR O 54 -13.80 61.12 11.96
CA THR O 54 -14.33 61.99 13.00
C THR O 54 -15.73 62.46 12.65
N PHE O 55 -15.95 62.82 11.39
CA PHE O 55 -17.29 63.24 10.95
C PHE O 55 -18.29 62.11 11.13
N ARG O 56 -17.91 60.89 10.78
CA ARG O 56 -18.83 59.75 10.95
C ARG O 56 -19.05 59.39 12.41
N GLN O 57 -18.04 59.56 13.26
CA GLN O 57 -18.17 59.21 14.68
C GLN O 57 -18.99 60.25 15.44
N CYS O 58 -19.01 61.49 14.97
CA CYS O 58 -19.86 62.49 15.62
C CYS O 58 -21.32 62.08 15.57
N GLU O 59 -21.75 61.42 14.49
CA GLU O 59 -23.13 60.96 14.40
C GLU O 59 -23.43 59.90 15.45
N ASN O 60 -22.51 58.94 15.64
CA ASN O 60 -22.70 57.93 16.67
C ASN O 60 -22.72 58.55 18.05
N PHE O 61 -21.87 59.56 18.28
CA PHE O 61 -21.90 60.28 19.55
C PHE O 61 -23.24 60.96 19.78
N ALA O 62 -23.78 61.60 18.74
CA ALA O 62 -25.09 62.24 18.86
C ALA O 62 -26.18 61.22 19.14
N LYS O 63 -26.12 60.07 18.48
CA LYS O 63 -27.11 59.02 18.70
C LYS O 63 -27.07 58.54 20.16
N ASP O 64 -25.87 58.26 20.67
CA ASP O 64 -25.73 57.80 22.04
C ASP O 64 -26.19 58.86 23.03
N LEU O 65 -25.87 60.13 22.76
CA LEU O 65 -26.29 61.20 23.65
C LEU O 65 -27.81 61.33 23.68
N GLU O 66 -28.46 61.28 22.52
CA GLU O 66 -29.92 61.35 22.49
C GLU O 66 -30.54 60.14 23.17
N MET O 67 -29.93 58.97 23.02
CA MET O 67 -30.44 57.78 23.70
C MET O 67 -30.35 57.93 25.21
N PHE O 68 -29.21 58.42 25.71
CA PHE O 68 -29.04 58.62 27.15
C PHE O 68 -30.00 59.68 27.66
N ALA O 69 -30.27 60.71 26.87
CA ALA O 69 -31.22 61.75 27.29
C ALA O 69 -32.63 61.19 27.35
N ARG O 70 -33.02 60.39 26.36
CA ARG O 70 -34.36 59.80 26.35
C ARG O 70 -34.54 58.79 27.48
N HIS O 71 -33.46 58.10 27.86
CA HIS O 71 -33.58 57.08 28.91
C HIS O 71 -33.98 57.70 30.25
N ALA O 72 -33.59 58.95 30.50
CA ALA O 72 -33.89 59.62 31.75
C ALA O 72 -35.07 60.59 31.64
N LYS O 73 -35.85 60.49 30.57
CA LYS O 73 -37.01 61.36 30.35
C LYS O 73 -36.62 62.83 30.34
N ARG O 74 -35.49 63.14 29.71
CA ARG O 74 -34.98 64.50 29.59
C ARG O 74 -34.80 64.82 28.12
N THR O 75 -35.47 65.87 27.65
CA THR O 75 -35.35 66.28 26.25
C THR O 75 -34.07 67.06 25.98
N THR O 76 -33.40 67.55 27.01
CA THR O 76 -32.14 68.27 26.87
C THR O 76 -31.00 67.45 27.45
N ILE O 77 -29.83 67.54 26.80
CA ILE O 77 -28.66 66.78 27.22
C ILE O 77 -27.88 67.59 28.25
N ASN O 78 -27.40 66.91 29.29
CA ASN O 78 -26.60 67.52 30.34
C ASN O 78 -25.25 66.80 30.44
N THR O 79 -24.48 67.15 31.48
CA THR O 79 -23.15 66.59 31.64
C THR O 79 -23.19 65.10 31.98
N GLU O 80 -24.28 64.64 32.60
CA GLU O 80 -24.35 63.23 32.99
C GLU O 80 -24.36 62.31 31.78
N ASP O 81 -25.01 62.71 30.69
CA ASP O 81 -25.00 61.88 29.48
C ASP O 81 -23.60 61.84 28.86
N VAL O 82 -22.89 62.97 28.87
CA VAL O 82 -21.53 62.98 28.34
C VAL O 82 -20.60 62.15 29.21
N LYS O 83 -20.86 62.10 30.52
CA LYS O 83 -20.05 61.26 31.40
C LYS O 83 -20.37 59.78 31.21
N LEU O 84 -21.64 59.45 30.93
CA LEU O 84 -22.00 58.07 30.64
C LEU O 84 -21.46 57.60 29.31
N LEU O 85 -21.39 58.49 28.32
CA LEU O 85 -20.87 58.12 27.00
C LEU O 85 -19.41 57.73 27.05
N ALA O 86 -18.66 58.19 28.06
CA ALA O 86 -17.24 57.93 28.19
C ALA O 86 -16.93 56.77 29.13
N ARG O 87 -17.93 55.96 29.48
CA ARG O 87 -17.74 54.90 30.46
C ARG O 87 -17.13 53.64 29.88
N ARG O 88 -16.74 53.63 28.60
CA ARG O 88 -16.19 52.42 28.01
C ARG O 88 -14.80 52.11 28.57
N SER O 89 -13.93 53.12 28.62
CA SER O 89 -12.60 52.98 29.21
C SER O 89 -12.45 54.02 30.31
N ASN O 90 -11.93 53.59 31.46
CA ASN O 90 -11.89 54.44 32.64
C ASN O 90 -10.89 55.58 32.56
N SER O 91 -9.90 55.50 31.66
CA SER O 91 -8.89 56.55 31.59
C SER O 91 -9.50 57.86 31.07
N LEU O 92 -10.05 57.83 29.86
CA LEU O 92 -10.76 59.01 29.36
C LEU O 92 -11.99 59.31 30.19
N LEU O 93 -12.53 58.32 30.92
CA LEU O 93 -13.62 58.60 31.85
C LEU O 93 -13.15 59.56 32.95
N LYS O 94 -12.01 59.26 33.57
CA LYS O 94 -11.47 60.15 34.58
C LYS O 94 -11.06 61.49 33.97
N TYR O 95 -10.54 61.46 32.74
CA TYR O 95 -10.18 62.71 32.08
C TYR O 95 -11.41 63.61 31.92
N ILE O 96 -12.51 63.06 31.43
CA ILE O 96 -13.72 63.86 31.24
C ILE O 96 -14.32 64.27 32.57
N THR O 97 -14.19 63.44 33.61
CA THR O 97 -14.75 63.83 34.90
C THR O 97 -13.96 64.97 35.51
N ASP O 98 -12.63 64.95 35.41
CA ASP O 98 -11.85 66.07 35.92
C ASP O 98 -12.10 67.32 35.08
N LYS O 99 -12.32 67.15 33.77
CA LYS O 99 -12.71 68.31 32.96
C LYS O 99 -14.06 68.86 33.39
N SER O 100 -14.99 68.00 33.80
CA SER O 100 -16.27 68.50 34.31
C SER O 100 -16.10 69.19 35.65
N GLU O 101 -15.14 68.73 36.47
CA GLU O 101 -14.81 69.47 37.69
C GLU O 101 -14.27 70.86 37.36
N GLU O 102 -13.45 70.97 36.31
CA GLU O 102 -12.99 72.28 35.88
C GLU O 102 -14.16 73.15 35.43
N ILE O 103 -15.05 72.60 34.62
CA ILE O 103 -16.24 73.35 34.21
C ILE O 103 -17.06 73.76 35.44
N ALA O 104 -17.10 72.90 36.46
CA ALA O 104 -17.89 73.20 37.65
C ALA O 104 -17.28 74.37 38.44
N GLN O 105 -15.95 74.39 38.56
CA GLN O 105 -15.34 75.52 39.26
C GLN O 105 -15.45 76.79 38.42
N ILE O 106 -15.49 76.67 37.09
CA ILE O 106 -15.76 77.85 36.26
C ILE O 106 -17.18 78.36 36.52
N ASN O 107 -18.15 77.46 36.60
CA ASN O 107 -19.52 77.89 36.92
C ASN O 107 -19.59 78.54 38.30
N LEU O 108 -18.83 78.00 39.25
CA LEU O 108 -18.76 78.62 40.58
C LEU O 108 -18.20 80.03 40.49
N GLU O 109 -17.17 80.23 39.66
CA GLU O 109 -16.61 81.56 39.47
C GLU O 109 -17.61 82.51 38.84
N ARG O 110 -18.35 82.04 37.83
CA ARG O 110 -19.38 82.89 37.21
C ARG O 110 -20.47 83.25 38.22
N LYS O 111 -20.90 82.29 39.03
CA LYS O 111 -21.93 82.57 40.03
C LYS O 111 -21.42 83.55 41.08
N ALA O 112 -20.17 83.41 41.51
CA ALA O 112 -19.60 84.35 42.47
C ALA O 112 -19.52 85.76 41.87
N GLN O 113 -19.09 85.86 40.61
CA GLN O 113 -19.00 87.17 39.96
C GLN O 113 -20.39 87.78 39.79
N LYS O 114 -21.39 86.97 39.46
CA LYS O 114 -22.75 87.48 39.31
C LYS O 114 -23.31 87.95 40.64
N LYS O 115 -23.04 87.21 41.72
CA LYS O 115 -23.49 87.65 43.04
C LYS O 115 -22.77 88.93 43.46
N LYS O 116 -21.48 89.05 43.15
CA LYS O 116 -20.75 90.27 43.47
C LYS O 116 -21.31 91.46 42.69
N LYS O 117 -21.65 91.25 41.42
CA LYS O 117 -22.26 92.32 40.63
C LYS O 117 -23.63 92.69 41.18
N SER O 118 -24.41 91.71 41.62
CA SER O 118 -25.71 92.01 42.22
C SER O 118 -25.57 92.73 43.55
N GLU O 119 -24.46 92.51 44.27
CA GLU O 119 -24.23 93.22 45.51
C GLU O 119 -24.04 94.72 45.27
N ASP O 120 -23.39 95.08 44.17
CA ASP O 120 -23.15 96.47 43.82
C ASP O 120 -24.44 97.17 43.42
N SER P 8 -6.64 76.83 18.24
CA SER P 8 -6.23 75.64 17.50
C SER P 8 -7.05 74.43 17.92
N GLY P 9 -8.37 74.57 17.90
CA GLY P 9 -9.25 73.50 18.28
C GLY P 9 -10.61 73.57 17.59
N PHE P 10 -11.54 72.74 18.03
CA PHE P 10 -12.88 72.74 17.46
C PHE P 10 -13.68 73.93 17.97
N ARG P 11 -14.62 74.39 17.14
CA ARG P 11 -15.49 75.51 17.48
C ARG P 11 -16.85 75.01 17.94
N LYS P 12 -17.56 75.86 18.67
CA LYS P 12 -18.86 75.47 19.22
C LYS P 12 -19.90 75.27 18.12
N GLU P 13 -19.97 76.21 17.17
CA GLU P 13 -20.97 76.11 16.12
C GLU P 13 -20.75 74.90 15.24
N LEU P 14 -19.48 74.53 15.03
CA LEU P 14 -19.17 73.35 14.22
C LEU P 14 -19.84 72.11 14.78
N VAL P 15 -19.49 71.73 16.02
CA VAL P 15 -20.08 70.55 16.62
C VAL P 15 -21.57 70.72 16.88
N SER P 16 -22.04 71.96 17.06
CA SER P 16 -23.48 72.17 17.22
C SER P 16 -24.22 71.75 15.96
N ARG P 17 -23.77 72.23 14.80
CA ARG P 17 -24.35 71.78 13.53
C ARG P 17 -24.19 70.28 13.35
N LEU P 18 -23.02 69.75 13.69
CA LEU P 18 -22.76 68.32 13.52
C LEU P 18 -23.74 67.46 14.31
N LEU P 19 -24.04 67.87 15.54
CA LEU P 19 -24.96 67.12 16.39
C LEU P 19 -26.41 67.36 16.00
N HIS P 20 -26.75 68.57 15.54
CA HIS P 20 -28.14 68.87 15.23
C HIS P 20 -28.57 68.24 13.91
N LEU P 21 -27.68 68.22 12.91
CA LEU P 21 -28.04 67.65 11.63
C LEU P 21 -28.07 66.12 11.65
N HIS P 22 -27.53 65.50 12.70
CA HIS P 22 -27.50 64.05 12.82
C HIS P 22 -28.48 63.50 13.86
N PHE P 23 -29.23 64.37 14.54
CA PHE P 23 -30.15 63.91 15.56
C PHE P 23 -31.39 63.27 14.93
N LYS P 24 -32.13 62.52 15.76
CA LYS P 24 -33.39 61.94 15.31
C LYS P 24 -34.48 63.00 15.23
N ASP P 25 -34.54 63.89 16.20
CA ASP P 25 -35.51 64.96 16.23
C ASP P 25 -34.82 66.25 16.66
N ASP P 26 -35.20 67.36 16.01
CA ASP P 26 -34.65 68.66 16.36
C ASP P 26 -35.27 69.24 17.62
N LYS P 27 -36.26 68.56 18.22
CA LYS P 27 -36.82 69.02 19.47
C LYS P 27 -35.83 68.85 20.62
N THR P 28 -34.96 67.85 20.53
CA THR P 28 -33.94 67.62 21.56
C THR P 28 -32.85 68.69 21.44
N LYS P 29 -32.62 69.43 22.53
CA LYS P 29 -31.64 70.50 22.56
C LYS P 29 -30.38 70.05 23.28
N VAL P 30 -29.31 70.83 23.07
CA VAL P 30 -28.02 70.58 23.70
C VAL P 30 -27.69 71.78 24.58
N SER P 31 -27.30 71.51 25.83
CA SER P 31 -26.98 72.57 26.76
C SER P 31 -25.59 73.14 26.46
N GLY P 32 -25.17 74.11 27.27
CA GLY P 32 -23.87 74.74 27.05
C GLY P 32 -22.72 73.87 27.55
N ASP P 33 -22.89 73.24 28.71
CA ASP P 33 -21.83 72.39 29.26
C ASP P 33 -21.62 71.15 28.41
N ALA P 34 -22.71 70.58 27.89
CA ALA P 34 -22.57 69.43 26.99
C ALA P 34 -21.85 69.83 25.71
N LEU P 35 -22.18 71.00 25.15
CA LEU P 35 -21.49 71.48 23.96
C LEU P 35 -20.02 71.76 24.24
N GLN P 36 -19.71 72.22 25.46
CA GLN P 36 -18.31 72.44 25.82
C GLN P 36 -17.56 71.12 25.95
N LEU P 37 -18.21 70.10 26.53
CA LEU P 37 -17.57 68.80 26.67
C LEU P 37 -17.40 68.10 25.32
N MET P 38 -18.30 68.37 24.37
CA MET P 38 -18.25 67.67 23.09
C MET P 38 -16.99 68.03 22.30
N VAL P 39 -16.66 69.32 22.22
CA VAL P 39 -15.48 69.72 21.45
C VAL P 39 -14.22 69.15 22.07
N GLU P 40 -14.15 69.08 23.40
CA GLU P 40 -12.96 68.57 24.04
C GLU P 40 -12.88 67.05 23.91
N LEU P 41 -14.03 66.38 23.90
CA LEU P 41 -14.03 64.94 23.63
C LEU P 41 -13.55 64.64 22.22
N LEU P 42 -14.01 65.41 21.24
CA LEU P 42 -13.55 65.22 19.86
C LEU P 42 -12.05 65.49 19.74
N LYS P 43 -11.57 66.55 20.41
CA LYS P 43 -10.14 66.83 20.39
C LYS P 43 -9.34 65.72 21.04
N VAL P 44 -9.80 65.19 22.18
CA VAL P 44 -9.10 64.09 22.82
C VAL P 44 -9.09 62.87 21.92
N PHE P 45 -10.20 62.61 21.23
CA PHE P 45 -10.27 61.46 20.34
C PHE P 45 -9.29 61.58 19.18
N VAL P 46 -9.21 62.77 18.57
CA VAL P 46 -8.34 62.92 17.41
C VAL P 46 -6.87 62.90 17.83
N VAL P 47 -6.54 63.53 18.97
CA VAL P 47 -5.15 63.46 19.43
C VAL P 47 -4.79 62.03 19.84
N GLU P 48 -5.75 61.28 20.38
CA GLU P 48 -5.48 59.88 20.72
C GLU P 48 -5.23 59.06 19.47
N ALA P 49 -6.04 59.26 18.43
CA ALA P 49 -5.80 58.58 17.15
C ALA P 49 -4.41 58.92 16.61
N ALA P 50 -4.04 60.21 16.67
CA ALA P 50 -2.74 60.62 16.15
C ALA P 50 -1.59 59.97 16.92
N VAL P 51 -1.66 59.99 18.25
CA VAL P 51 -0.57 59.43 19.04
C VAL P 51 -0.53 57.91 18.90
N ARG P 52 -1.69 57.25 18.70
CA ARG P 52 -1.69 55.82 18.46
C ARG P 52 -1.01 55.51 17.13
N GLY P 53 -1.35 56.25 16.09
CA GLY P 53 -0.69 56.05 14.80
C GLY P 53 0.81 56.28 14.86
N VAL P 54 1.23 57.34 15.56
CA VAL P 54 2.67 57.61 15.65
C VAL P 54 3.39 56.59 16.53
N ARG P 55 2.73 56.06 17.56
CA ARG P 55 3.35 55.01 18.36
C ARG P 55 3.48 53.71 17.57
N GLN P 56 2.50 53.43 16.71
CA GLN P 56 2.64 52.29 15.81
C GLN P 56 3.80 52.51 14.84
N ALA P 57 3.93 53.72 14.30
CA ALA P 57 5.04 54.02 13.41
C ALA P 57 6.38 53.90 14.13
N GLN P 58 6.43 54.29 15.41
CA GLN P 58 7.65 54.11 16.20
C GLN P 58 7.91 52.64 16.44
N ALA P 59 6.86 51.85 16.64
CA ALA P 59 7.02 50.39 16.66
C ALA P 59 7.63 49.89 15.37
N GLU P 60 7.36 50.57 14.25
CA GLU P 60 8.08 50.28 13.01
C GLU P 60 9.37 51.08 12.87
N ASP P 61 9.42 52.29 13.42
CA ASP P 61 10.52 53.23 13.18
C ASP P 61 10.71 53.46 11.68
N ALA P 62 9.60 53.70 10.97
CA ALA P 62 9.63 53.95 9.55
C ALA P 62 10.01 55.40 9.28
N LEU P 63 9.89 55.82 8.02
CA LEU P 63 10.29 57.18 7.64
C LEU P 63 9.17 58.19 7.83
N ARG P 64 7.92 57.78 7.70
CA ARG P 64 6.79 58.69 7.83
C ARG P 64 5.54 57.89 8.17
N VAL P 65 4.50 58.62 8.55
CA VAL P 65 3.21 58.01 8.89
C VAL P 65 2.31 58.09 7.66
N ASP P 66 1.93 56.93 7.13
CA ASP P 66 0.99 56.86 6.02
C ASP P 66 -0.19 55.94 6.36
N VAL P 67 -1.00 55.60 5.36
CA VAL P 67 -2.28 54.94 5.58
C VAL P 67 -2.11 53.64 6.36
N ASP P 68 -0.98 52.96 6.18
CA ASP P 68 -0.82 51.62 6.74
C ASP P 68 -0.75 51.66 8.27
N GLN P 69 0.11 52.52 8.83
CA GLN P 69 0.19 52.62 10.29
C GLN P 69 -1.12 53.09 10.88
N LEU P 70 -1.87 53.93 10.16
CA LEU P 70 -3.17 54.36 10.63
C LEU P 70 -4.13 53.17 10.72
N GLU P 71 -4.29 52.44 9.62
CA GLU P 71 -5.25 51.34 9.58
C GLU P 71 -4.83 50.16 10.45
N LYS P 72 -3.55 50.06 10.85
CA LYS P 72 -3.17 48.97 11.76
C LYS P 72 -3.77 49.17 13.14
N VAL P 73 -3.91 50.42 13.60
CA VAL P 73 -4.45 50.71 14.91
C VAL P 73 -5.88 51.24 14.84
N LEU P 74 -6.39 51.48 13.64
CA LEU P 74 -7.72 52.08 13.47
C LEU P 74 -8.83 51.32 14.16
N PRO P 75 -9.01 50.00 13.97
CA PRO P 75 -10.22 49.35 14.51
C PRO P 75 -10.32 49.38 16.02
N GLN P 76 -9.24 49.05 16.73
CA GLN P 76 -9.29 48.99 18.19
C GLN P 76 -9.58 50.35 18.80
N LEU P 77 -9.18 51.44 18.13
CA LEU P 77 -9.45 52.79 18.63
C LEU P 77 -10.96 53.02 18.76
N LEU P 78 -11.69 52.87 17.66
CA LEU P 78 -13.14 53.02 17.70
C LEU P 78 -13.81 51.92 18.49
N LEU P 79 -13.18 50.74 18.61
CA LEU P 79 -13.70 49.72 19.51
C LEU P 79 -13.64 50.19 20.96
N ASP P 80 -12.64 51.01 21.29
CA ASP P 80 -12.55 51.58 22.63
C ASP P 80 -13.56 52.71 22.81
N PHE P 81 -13.66 53.61 21.83
CA PHE P 81 -14.60 54.72 21.91
C PHE P 81 -16.02 54.25 21.61
#